data_2LYD
#
_entry.id   2LYD
#
loop_
_entity.id
_entity.type
_entity.pdbx_description
1 polymer 'Decapping protein 1'
2 polymer 'Pacman protein'
#
loop_
_entity_poly.entity_id
_entity_poly.type
_entity_poly.pdbx_seq_one_letter_code
_entity_poly.pdbx_strand_id
1 'polypeptide(L)'
;GPHMADLMADESITRMNLAAIKKIDPYAKEIVDSSSHVAFYTFNSSQNEWEKTDVEGAFFIYHRNAEPFHSIFINNRLNT
TSFVEPITGSLELQSQPPFLLYRNERSRIRGFWFYNSEECDRISGLVNGLLKSK
;
A
2 'polypeptide(L)' GPQDPLLQQQRAPFPGQMPNLPKPPLFWQQEAQKQEAL B
#
# COMPACT_ATOMS: atom_id res chain seq x y z
N GLY A 1 -34.49 -17.08 1.01
CA GLY A 1 -34.45 -15.59 1.05
C GLY A 1 -32.99 -15.12 1.04
N PRO A 2 -32.30 -15.14 2.16
CA PRO A 2 -30.88 -14.69 2.21
C PRO A 2 -30.04 -15.31 1.10
N HIS A 3 -29.10 -14.54 0.57
CA HIS A 3 -28.24 -15.03 -0.50
C HIS A 3 -26.79 -14.61 -0.26
N MET A 4 -25.86 -15.51 -0.53
CA MET A 4 -24.44 -15.21 -0.34
C MET A 4 -23.76 -14.94 -1.68
N ALA A 5 -22.83 -13.99 -1.68
CA ALA A 5 -22.12 -13.65 -2.90
C ALA A 5 -21.21 -14.80 -3.34
N ASP A 6 -20.99 -14.91 -4.64
CA ASP A 6 -20.15 -15.97 -5.18
C ASP A 6 -18.68 -15.71 -4.84
N LEU A 7 -18.03 -16.71 -4.25
CA LEU A 7 -16.62 -16.58 -3.89
C LEU A 7 -15.73 -16.55 -5.12
N MET A 8 -16.08 -17.34 -6.12
CA MET A 8 -15.29 -17.40 -7.34
C MET A 8 -15.56 -16.20 -8.25
N ALA A 9 -14.51 -15.65 -8.84
CA ALA A 9 -14.65 -14.50 -9.72
C ALA A 9 -14.54 -14.93 -11.18
N ASP A 10 -15.18 -14.16 -12.06
CA ASP A 10 -15.16 -14.47 -13.48
C ASP A 10 -13.76 -14.24 -14.05
N GLU A 11 -13.35 -15.13 -14.96
CA GLU A 11 -12.03 -15.01 -15.58
C GLU A 11 -11.91 -13.73 -16.41
N SER A 12 -13.01 -13.29 -17.00
CA SER A 12 -12.98 -12.08 -17.83
C SER A 12 -12.45 -10.89 -17.05
N ILE A 13 -12.86 -10.79 -15.78
CA ILE A 13 -12.42 -9.68 -14.95
C ILE A 13 -10.90 -9.67 -14.82
N THR A 14 -10.32 -10.83 -14.56
CA THR A 14 -8.88 -10.92 -14.38
C THR A 14 -8.16 -10.44 -15.62
N ARG A 15 -8.62 -10.87 -16.78
CA ARG A 15 -7.99 -10.50 -18.04
C ARG A 15 -7.99 -8.98 -18.20
N MET A 16 -9.12 -8.35 -17.92
CA MET A 16 -9.23 -6.90 -18.09
C MET A 16 -8.18 -6.19 -17.24
N ASN A 17 -8.02 -6.65 -16.00
CA ASN A 17 -7.07 -6.02 -15.09
C ASN A 17 -5.67 -6.07 -15.68
N LEU A 18 -5.26 -7.25 -16.12
CA LEU A 18 -3.92 -7.42 -16.69
C LEU A 18 -3.73 -6.56 -17.93
N ALA A 19 -4.81 -6.30 -18.68
CA ALA A 19 -4.74 -5.45 -19.85
C ALA A 19 -4.33 -4.03 -19.46
N ALA A 20 -5.02 -3.46 -18.48
CA ALA A 20 -4.70 -2.11 -18.01
C ALA A 20 -3.25 -2.05 -17.54
N ILE A 21 -2.83 -3.08 -16.82
CA ILE A 21 -1.47 -3.18 -16.32
C ILE A 21 -0.46 -3.02 -17.47
N LYS A 22 -0.61 -3.81 -18.52
CA LYS A 22 0.33 -3.74 -19.66
C LYS A 22 0.49 -2.33 -20.20
N LYS A 23 -0.53 -1.49 -20.04
CA LYS A 23 -0.50 -0.14 -20.58
C LYS A 23 0.67 0.67 -20.03
N ILE A 24 1.05 0.42 -18.77
CA ILE A 24 2.11 1.18 -18.12
C ILE A 24 3.38 0.34 -18.05
N ASP A 25 3.21 -0.93 -17.68
CA ASP A 25 4.35 -1.84 -17.50
C ASP A 25 4.30 -2.96 -18.53
N PRO A 26 4.83 -2.77 -19.72
CA PRO A 26 4.75 -3.79 -20.80
C PRO A 26 5.22 -5.18 -20.35
N TYR A 27 6.04 -5.24 -19.31
CA TYR A 27 6.64 -6.50 -18.89
C TYR A 27 5.92 -7.16 -17.71
N ALA A 28 4.69 -6.74 -17.42
CA ALA A 28 3.88 -7.42 -16.40
C ALA A 28 3.00 -8.45 -17.09
N LYS A 29 3.16 -9.72 -16.73
CA LYS A 29 2.48 -10.80 -17.44
C LYS A 29 1.37 -11.42 -16.60
N GLU A 30 1.62 -11.56 -15.30
CA GLU A 30 0.67 -12.20 -14.40
C GLU A 30 0.37 -11.31 -13.19
N ILE A 31 -0.86 -11.41 -12.69
CA ILE A 31 -1.22 -10.72 -11.45
C ILE A 31 -1.26 -11.72 -10.30
N VAL A 32 -0.62 -11.36 -9.19
CA VAL A 32 -0.60 -12.23 -8.01
C VAL A 32 -1.76 -11.87 -7.08
N ASP A 33 -1.93 -10.57 -6.82
CA ASP A 33 -3.02 -10.11 -5.97
C ASP A 33 -3.35 -8.65 -6.31
N SER A 34 -4.58 -8.25 -6.01
CA SER A 34 -5.00 -6.88 -6.27
C SER A 34 -5.91 -6.38 -5.15
N SER A 35 -5.61 -5.18 -4.64
CA SER A 35 -6.44 -4.57 -3.61
C SER A 35 -7.25 -3.42 -4.22
N SER A 36 -8.55 -3.43 -3.95
CA SER A 36 -9.47 -2.49 -4.59
C SER A 36 -9.02 -1.05 -4.38
N HIS A 37 -8.50 -0.76 -3.19
CA HIS A 37 -8.06 0.60 -2.89
C HIS A 37 -6.95 0.62 -1.84
N VAL A 38 -5.86 1.30 -2.19
CA VAL A 38 -4.70 1.38 -1.33
C VAL A 38 -4.05 2.76 -1.47
N ALA A 39 -3.53 3.28 -0.37
CA ALA A 39 -2.91 4.61 -0.37
C ALA A 39 -1.53 4.58 0.30
N PHE A 40 -0.65 5.46 -0.16
CA PHE A 40 0.72 5.50 0.36
C PHE A 40 0.90 6.59 1.42
N TYR A 41 1.50 6.22 2.54
CA TYR A 41 1.73 7.17 3.63
C TYR A 41 3.20 7.15 4.05
N THR A 42 3.71 8.32 4.42
CA THR A 42 5.08 8.46 4.89
C THR A 42 5.07 9.06 6.30
N PHE A 43 6.05 8.69 7.13
CA PHE A 43 6.17 9.28 8.46
C PHE A 43 7.38 10.20 8.54
N ASN A 44 7.17 11.40 9.07
CA ASN A 44 8.26 12.34 9.27
C ASN A 44 8.66 12.38 10.74
N SER A 45 9.88 11.93 11.03
CA SER A 45 10.35 11.83 12.41
C SER A 45 10.56 13.21 13.04
N SER A 46 10.92 14.20 12.23
CA SER A 46 11.20 15.54 12.75
C SER A 46 9.96 16.14 13.41
N GLN A 47 8.79 15.90 12.81
CA GLN A 47 7.54 16.44 13.33
C GLN A 47 6.81 15.44 14.25
N ASN A 48 7.11 14.15 14.11
CA ASN A 48 6.44 13.12 14.89
C ASN A 48 4.99 12.98 14.44
N GLU A 49 4.80 12.98 13.12
CA GLU A 49 3.46 12.91 12.55
C GLU A 49 3.46 12.20 11.21
N TRP A 50 2.28 11.73 10.79
CA TRP A 50 2.15 11.07 9.49
C TRP A 50 1.71 12.07 8.43
N GLU A 51 2.27 11.95 7.23
CA GLU A 51 1.89 12.80 6.11
C GLU A 51 1.41 11.95 4.94
N LYS A 52 0.23 12.28 4.41
CA LYS A 52 -0.30 11.55 3.27
C LYS A 52 0.41 11.98 2.00
N THR A 53 0.70 11.03 1.12
CA THR A 53 1.39 11.34 -0.13
C THR A 53 0.37 11.62 -1.23
N ASP A 54 0.87 11.99 -2.41
CA ASP A 54 -0.01 12.28 -3.54
C ASP A 54 -0.36 11.02 -4.35
N VAL A 55 -0.07 9.83 -3.81
CA VAL A 55 -0.38 8.59 -4.51
C VAL A 55 -1.56 7.88 -3.85
N GLU A 56 -2.70 7.94 -4.53
CA GLU A 56 -3.90 7.21 -4.09
C GLU A 56 -4.46 6.44 -5.27
N GLY A 57 -4.39 5.11 -5.19
CA GLY A 57 -4.66 4.29 -6.37
C GLY A 57 -4.96 2.84 -6.01
N ALA A 58 -5.29 2.06 -7.03
CA ALA A 58 -5.48 0.63 -6.85
C ALA A 58 -4.12 -0.05 -6.81
N PHE A 59 -3.94 -0.98 -5.87
CA PHE A 59 -2.64 -1.62 -5.68
C PHE A 59 -2.62 -3.00 -6.33
N PHE A 60 -1.63 -3.26 -7.18
CA PHE A 60 -1.48 -4.57 -7.80
C PHE A 60 -0.05 -5.07 -7.66
N ILE A 61 0.10 -6.37 -7.44
CA ILE A 61 1.42 -7.00 -7.47
C ILE A 61 1.61 -7.72 -8.79
N TYR A 62 2.70 -7.42 -9.48
CA TYR A 62 2.95 -8.01 -10.80
C TYR A 62 4.07 -9.03 -10.75
N HIS A 63 3.87 -10.15 -11.45
CA HIS A 63 4.88 -11.19 -11.57
C HIS A 63 5.39 -11.26 -13.00
N ARG A 64 6.69 -11.52 -13.15
CA ARG A 64 7.30 -11.66 -14.46
C ARG A 64 8.30 -12.81 -14.46
N ASN A 65 8.42 -13.48 -15.60
CA ASN A 65 9.35 -14.61 -15.73
C ASN A 65 10.76 -14.14 -16.14
N ALA A 66 11.12 -12.91 -15.76
CA ALA A 66 12.44 -12.38 -16.08
C ALA A 66 12.78 -11.26 -15.10
N GLU A 67 14.07 -10.93 -15.00
CA GLU A 67 14.51 -9.92 -14.05
C GLU A 67 13.91 -8.54 -14.43
N PRO A 68 13.32 -7.78 -13.54
CA PRO A 68 13.09 -8.13 -12.10
C PRO A 68 12.03 -9.21 -11.95
N PHE A 69 12.25 -10.14 -11.02
CA PHE A 69 11.33 -11.25 -10.82
C PHE A 69 9.98 -10.76 -10.36
N HIS A 70 9.98 -9.77 -9.46
CA HIS A 70 8.73 -9.27 -8.89
C HIS A 70 8.79 -7.76 -8.70
N SER A 71 7.66 -7.10 -8.96
CA SER A 71 7.59 -5.65 -8.85
C SER A 71 6.18 -5.23 -8.46
N ILE A 72 6.07 -4.10 -7.77
CA ILE A 72 4.79 -3.63 -7.28
C ILE A 72 4.43 -2.30 -7.96
N PHE A 73 3.16 -2.17 -8.32
CA PHE A 73 2.68 -0.98 -9.02
C PHE A 73 1.42 -0.43 -8.37
N ILE A 74 1.30 0.89 -8.33
CA ILE A 74 0.06 1.53 -7.90
C ILE A 74 -0.46 2.43 -9.03
N ASN A 75 -1.74 2.23 -9.37
CA ASN A 75 -2.39 3.01 -10.42
C ASN A 75 -3.12 4.18 -9.79
N ASN A 76 -2.50 5.36 -9.84
CA ASN A 76 -3.03 6.55 -9.19
C ASN A 76 -4.25 7.08 -9.92
N ARG A 77 -5.42 6.87 -9.33
CA ARG A 77 -6.68 7.15 -10.01
C ARG A 77 -6.94 8.65 -10.09
N LEU A 78 -6.65 9.35 -9.00
CA LEU A 78 -6.96 10.78 -8.93
C LEU A 78 -6.05 11.59 -9.83
N ASN A 79 -4.75 11.30 -9.81
CA ASN A 79 -3.78 12.09 -10.58
C ASN A 79 -3.46 11.49 -11.95
N THR A 80 -4.01 10.32 -12.28
CA THR A 80 -3.78 9.72 -13.59
C THR A 80 -2.28 9.56 -13.86
N THR A 81 -1.57 9.10 -12.84
CA THR A 81 -0.12 8.93 -12.92
C THR A 81 0.28 7.52 -12.52
N SER A 82 1.37 7.02 -13.12
CA SER A 82 1.85 5.69 -12.83
C SER A 82 3.04 5.74 -11.87
N PHE A 83 3.00 4.92 -10.82
CA PHE A 83 4.13 4.82 -9.89
C PHE A 83 4.54 3.36 -9.70
N VAL A 84 5.79 3.05 -10.00
CA VAL A 84 6.28 1.67 -9.91
C VAL A 84 7.53 1.60 -9.03
N GLU A 85 7.73 0.46 -8.36
CA GLU A 85 8.94 0.25 -7.57
C GLU A 85 9.31 -1.24 -7.54
N PRO A 86 10.57 -1.61 -7.71
CA PRO A 86 10.97 -3.06 -7.66
C PRO A 86 10.99 -3.60 -6.22
N ILE A 87 10.75 -4.91 -6.07
CA ILE A 87 10.79 -5.51 -4.74
C ILE A 87 12.19 -6.01 -4.42
N THR A 88 12.73 -5.53 -3.30
CA THR A 88 14.03 -6.00 -2.83
C THR A 88 13.84 -7.04 -1.73
N GLY A 89 14.87 -7.86 -1.51
CA GLY A 89 14.77 -8.92 -0.51
C GLY A 89 15.42 -8.55 0.84
N SER A 90 15.83 -7.29 1.01
CA SER A 90 16.39 -6.84 2.28
C SER A 90 15.37 -6.12 3.17
N LEU A 91 14.17 -5.86 2.66
CA LEU A 91 13.16 -5.12 3.41
C LEU A 91 12.65 -5.91 4.61
N GLU A 92 12.44 -5.22 5.73
CA GLU A 92 11.85 -5.84 6.91
C GLU A 92 10.45 -5.27 7.15
N LEU A 93 9.50 -6.14 7.46
CA LEU A 93 8.11 -5.73 7.61
C LEU A 93 7.63 -5.90 9.05
N GLN A 94 6.58 -5.15 9.40
CA GLN A 94 5.96 -5.26 10.72
C GLN A 94 4.47 -4.97 10.58
N SER A 95 3.65 -5.64 11.38
CA SER A 95 2.20 -5.45 11.29
C SER A 95 1.63 -4.82 12.54
N GLN A 96 1.21 -3.56 12.42
CA GLN A 96 0.46 -2.90 13.49
C GLN A 96 -1.01 -2.78 13.04
N PRO A 97 -1.92 -3.59 13.51
CA PRO A 97 -3.31 -3.60 12.95
C PRO A 97 -4.00 -2.24 13.12
N PRO A 98 -4.78 -1.74 12.19
CA PRO A 98 -5.04 -2.35 10.84
C PRO A 98 -4.14 -1.80 9.73
N PHE A 99 -3.07 -1.11 10.10
CA PHE A 99 -2.18 -0.46 9.13
C PHE A 99 -0.86 -1.20 9.01
N LEU A 100 -0.37 -1.39 7.78
CA LEU A 100 0.86 -2.16 7.58
C LEU A 100 2.08 -1.23 7.56
N LEU A 101 3.14 -1.65 8.24
CA LEU A 101 4.31 -0.79 8.41
C LEU A 101 5.56 -1.52 7.90
N TYR A 102 6.44 -0.79 7.22
CA TYR A 102 7.70 -1.36 6.76
C TYR A 102 8.81 -0.33 6.84
N ARG A 103 10.05 -0.81 6.99
CA ARG A 103 11.20 0.08 7.12
C ARG A 103 11.96 0.17 5.79
N ASN A 104 12.53 1.35 5.52
CA ASN A 104 13.24 1.59 4.28
C ASN A 104 14.62 2.19 4.52
N GLU A 105 15.43 2.22 3.47
CA GLU A 105 16.82 2.70 3.56
C GLU A 105 16.92 4.02 4.31
N ARG A 106 18.02 4.18 5.04
CA ARG A 106 18.29 5.39 5.81
C ARG A 106 17.27 5.59 6.93
N SER A 107 16.72 4.50 7.47
CA SER A 107 15.96 4.58 8.72
C SER A 107 14.68 5.39 8.54
N ARG A 108 14.07 5.28 7.36
CA ARG A 108 12.83 6.00 7.08
C ARG A 108 11.65 5.06 7.28
N ILE A 109 10.49 5.59 7.64
CA ILE A 109 9.32 4.76 7.92
C ILE A 109 8.21 5.07 6.93
N ARG A 110 7.70 4.02 6.30
CA ARG A 110 6.62 4.17 5.33
C ARG A 110 5.61 3.04 5.53
N GLY A 111 4.35 3.31 5.23
CA GLY A 111 3.29 2.32 5.43
C GLY A 111 2.24 2.37 4.34
N PHE A 112 1.38 1.34 4.34
CA PHE A 112 0.31 1.25 3.36
C PHE A 112 -1.04 1.10 4.06
N TRP A 113 -2.03 1.85 3.58
CA TRP A 113 -3.38 1.77 4.12
C TRP A 113 -4.29 1.06 3.13
N PHE A 114 -5.06 0.08 3.61
CA PHE A 114 -5.96 -0.68 2.74
C PHE A 114 -7.40 -0.48 3.18
N TYR A 115 -8.33 -0.55 2.22
CA TYR A 115 -9.75 -0.44 2.52
C TYR A 115 -10.17 -1.43 3.61
N ASN A 116 -9.58 -2.63 3.58
CA ASN A 116 -9.91 -3.66 4.57
C ASN A 116 -8.63 -4.26 5.15
N SER A 117 -8.60 -4.41 6.47
CA SER A 117 -7.42 -4.94 7.16
C SER A 117 -7.10 -6.35 6.68
N GLU A 118 -8.13 -7.18 6.54
CA GLU A 118 -7.96 -8.55 6.09
C GLU A 118 -7.31 -8.57 4.71
N GLU A 119 -7.79 -7.70 3.84
CA GLU A 119 -7.25 -7.58 2.48
C GLU A 119 -5.76 -7.29 2.55
N CYS A 120 -5.39 -6.37 3.43
CA CYS A 120 -3.98 -6.04 3.63
C CYS A 120 -3.19 -7.27 4.08
N ASP A 121 -3.80 -8.10 4.92
CA ASP A 121 -3.12 -9.27 5.45
C ASP A 121 -2.68 -10.19 4.31
N ARG A 122 -3.58 -10.44 3.38
CA ARG A 122 -3.29 -11.34 2.28
C ARG A 122 -2.10 -10.84 1.48
N ILE A 123 -2.14 -9.56 1.11
CA ILE A 123 -1.07 -8.97 0.30
C ILE A 123 0.27 -9.12 1.04
N SER A 124 0.27 -8.79 2.33
CA SER A 124 1.49 -8.84 3.12
C SER A 124 2.08 -10.25 3.12
N GLY A 125 1.22 -11.25 3.23
CA GLY A 125 1.66 -12.64 3.25
C GLY A 125 2.48 -12.96 2.01
N LEU A 126 2.00 -12.48 0.86
CA LEU A 126 2.70 -12.73 -0.40
C LEU A 126 4.13 -12.20 -0.33
N VAL A 127 4.25 -10.95 0.10
CA VAL A 127 5.57 -10.32 0.16
C VAL A 127 6.50 -11.12 1.06
N ASN A 128 5.99 -11.56 2.21
CA ASN A 128 6.79 -12.32 3.16
C ASN A 128 7.36 -13.57 2.50
N GLY A 129 6.54 -14.24 1.69
CA GLY A 129 6.99 -15.45 1.01
C GLY A 129 8.14 -15.16 0.05
N LEU A 130 8.00 -14.08 -0.72
CA LEU A 130 9.03 -13.71 -1.68
C LEU A 130 10.36 -13.49 -0.98
N LEU A 131 10.31 -12.83 0.17
CA LEU A 131 11.52 -12.54 0.94
C LEU A 131 12.25 -13.83 1.31
N LYS A 132 11.48 -14.85 1.70
CA LYS A 132 12.07 -16.12 2.12
C LYS A 132 12.18 -17.14 0.97
N SER A 133 11.67 -16.82 -0.22
CA SER A 133 11.73 -17.73 -1.35
C SER A 133 12.26 -17.03 -2.59
N LYS A 134 13.18 -17.68 -3.30
CA LYS A 134 13.76 -17.10 -4.51
C LYS A 134 14.48 -18.17 -5.32
N GLY B 1 -13.25 24.24 3.49
CA GLY B 1 -14.29 25.30 3.63
C GLY B 1 -15.46 24.78 4.48
N PRO B 2 -16.13 23.73 4.05
CA PRO B 2 -17.28 23.17 4.83
C PRO B 2 -16.91 22.95 6.29
N GLN B 3 -17.86 23.24 7.19
CA GLN B 3 -17.63 23.06 8.61
C GLN B 3 -18.27 21.77 9.09
N ASP B 4 -17.47 20.92 9.74
CA ASP B 4 -17.97 19.65 10.25
C ASP B 4 -18.95 19.89 11.39
N PRO B 5 -19.88 18.98 11.63
CA PRO B 5 -20.87 19.15 12.74
C PRO B 5 -20.28 18.80 14.10
N LEU B 6 -20.62 19.59 15.11
CA LEU B 6 -20.12 19.34 16.46
C LEU B 6 -20.60 18.00 16.97
N LEU B 7 -21.87 17.68 16.72
CA LEU B 7 -22.44 16.41 17.14
C LEU B 7 -22.67 15.50 15.94
N GLN B 8 -22.34 14.22 16.09
CA GLN B 8 -22.50 13.25 15.02
C GLN B 8 -23.35 12.07 15.48
N GLN B 9 -24.31 11.67 14.66
CA GLN B 9 -25.16 10.54 15.00
C GLN B 9 -24.56 9.25 14.48
N GLN B 10 -24.34 9.18 13.17
CA GLN B 10 -23.75 8.00 12.55
C GLN B 10 -22.57 8.40 11.67
N ARG B 11 -21.66 7.46 11.43
CA ARG B 11 -20.49 7.74 10.61
C ARG B 11 -20.89 7.84 9.14
N ALA B 12 -20.78 9.05 8.58
CA ALA B 12 -21.12 9.27 7.18
C ALA B 12 -19.85 9.54 6.36
N PRO B 13 -19.88 9.29 5.07
CA PRO B 13 -18.67 9.54 4.21
C PRO B 13 -18.46 11.04 3.95
N PHE B 14 -17.20 11.47 3.96
CA PHE B 14 -16.88 12.87 3.74
C PHE B 14 -15.73 13.00 2.74
N PRO B 15 -15.97 13.28 1.47
CA PRO B 15 -14.87 13.41 0.47
C PRO B 15 -13.89 14.51 0.87
N GLY B 16 -12.60 14.16 0.88
CA GLY B 16 -11.56 15.12 1.24
C GLY B 16 -11.06 14.97 2.67
N GLN B 17 -11.68 14.09 3.47
CA GLN B 17 -11.22 13.87 4.84
C GLN B 17 -10.15 12.78 4.88
N MET B 18 -8.97 13.15 5.38
CA MET B 18 -7.86 12.20 5.46
C MET B 18 -8.07 11.26 6.66
N PRO B 19 -7.77 9.98 6.54
CA PRO B 19 -7.87 9.05 7.71
C PRO B 19 -6.77 9.32 8.73
N ASN B 20 -7.05 9.02 10.00
CA ASN B 20 -6.08 9.25 11.06
C ASN B 20 -5.39 7.94 11.46
N LEU B 21 -4.11 7.83 11.13
CA LEU B 21 -3.33 6.66 11.50
C LEU B 21 -3.11 6.64 13.01
N PRO B 22 -2.96 5.49 13.63
CA PRO B 22 -2.63 5.42 15.08
C PRO B 22 -1.14 5.67 15.30
N LYS B 23 -0.81 6.42 16.34
CA LYS B 23 0.59 6.70 16.66
C LYS B 23 1.10 5.74 17.73
N PRO B 24 2.18 5.01 17.53
CA PRO B 24 2.73 4.12 18.60
C PRO B 24 3.52 4.90 19.65
N PRO B 25 3.87 4.29 20.77
CA PRO B 25 4.71 4.99 21.80
C PRO B 25 6.10 5.30 21.26
N LEU B 26 6.76 6.29 21.86
CA LEU B 26 8.07 6.73 21.39
C LEU B 26 9.04 5.57 21.20
N PHE B 27 8.92 4.54 22.03
CA PHE B 27 9.84 3.41 21.99
C PHE B 27 9.92 2.81 20.58
N TRP B 28 8.80 2.80 19.88
CA TRP B 28 8.72 2.20 18.55
C TRP B 28 9.66 2.92 17.59
N GLN B 29 9.59 4.24 17.57
CA GLN B 29 10.42 5.03 16.66
C GLN B 29 11.90 4.82 16.95
N GLN B 30 12.26 4.91 18.23
CA GLN B 30 13.66 4.77 18.61
C GLN B 30 14.21 3.42 18.20
N GLU B 31 13.44 2.37 18.44
CA GLU B 31 13.90 1.01 18.15
C GLU B 31 14.25 0.86 16.68
N ALA B 32 13.36 1.36 15.81
CA ALA B 32 13.57 1.23 14.38
C ALA B 32 14.88 1.91 13.96
N GLN B 33 15.06 3.13 14.43
CA GLN B 33 16.24 3.91 14.04
C GLN B 33 17.53 3.20 14.43
N LYS B 34 17.54 2.61 15.63
CA LYS B 34 18.73 1.93 16.13
C LYS B 34 19.07 0.72 15.27
N GLN B 35 18.06 -0.11 15.00
CA GLN B 35 18.27 -1.31 14.21
C GLN B 35 18.93 -1.00 12.86
N GLU B 36 18.42 0.02 12.18
CA GLU B 36 18.99 0.43 10.91
C GLU B 36 20.41 0.95 11.08
N ALA B 37 20.67 1.64 12.18
CA ALA B 37 21.99 2.18 12.46
C ALA B 37 22.92 1.07 12.94
N LEU B 38 24.21 1.19 12.61
CA LEU B 38 25.19 0.20 13.02
C LEU B 38 26.50 0.86 13.41
N GLY A 1 -4.58 -25.52 2.84
CA GLY A 1 -4.87 -24.06 2.89
C GLY A 1 -6.22 -23.83 3.58
N PRO A 2 -6.48 -22.65 4.11
CA PRO A 2 -7.78 -22.36 4.78
C PRO A 2 -8.96 -22.41 3.81
N HIS A 3 -8.70 -22.04 2.56
CA HIS A 3 -9.75 -22.05 1.54
C HIS A 3 -9.27 -22.75 0.28
N MET A 4 -10.21 -23.12 -0.58
CA MET A 4 -9.88 -23.81 -1.83
C MET A 4 -10.26 -22.96 -3.03
N ALA A 5 -9.71 -23.29 -4.19
CA ALA A 5 -10.00 -22.54 -5.40
C ALA A 5 -11.49 -22.54 -5.69
N ASP A 6 -12.00 -21.40 -6.16
CA ASP A 6 -13.42 -21.29 -6.47
C ASP A 6 -13.71 -21.83 -7.87
N LEU A 7 -14.58 -22.83 -7.94
CA LEU A 7 -14.92 -23.45 -9.21
C LEU A 7 -15.45 -22.40 -10.19
N MET A 8 -16.27 -21.48 -9.68
CA MET A 8 -16.84 -20.43 -10.52
C MET A 8 -15.98 -19.18 -10.48
N ALA A 9 -15.61 -18.68 -11.67
CA ALA A 9 -14.79 -17.48 -11.76
C ALA A 9 -14.96 -16.82 -13.12
N ASP A 10 -14.82 -15.50 -13.15
CA ASP A 10 -14.96 -14.76 -14.41
C ASP A 10 -13.58 -14.48 -15.01
N GLU A 11 -13.26 -15.21 -16.08
CA GLU A 11 -11.98 -15.04 -16.75
C GLU A 11 -11.88 -13.67 -17.42
N SER A 12 -13.00 -13.18 -17.94
CA SER A 12 -13.00 -11.90 -18.65
C SER A 12 -12.47 -10.78 -17.76
N ILE A 13 -12.87 -10.80 -16.49
CA ILE A 13 -12.45 -9.77 -15.55
C ILE A 13 -10.93 -9.75 -15.43
N THR A 14 -10.34 -10.92 -15.25
CA THR A 14 -8.90 -11.01 -15.07
C THR A 14 -8.17 -10.43 -16.27
N ARG A 15 -8.65 -10.76 -17.47
CA ARG A 15 -8.01 -10.28 -18.69
C ARG A 15 -8.02 -8.76 -18.73
N MET A 16 -9.15 -8.16 -18.40
CA MET A 16 -9.28 -6.70 -18.44
C MET A 16 -8.24 -6.05 -17.54
N ASN A 17 -8.07 -6.60 -16.35
CA ASN A 17 -7.12 -6.03 -15.40
C ASN A 17 -5.71 -6.07 -15.97
N LEU A 18 -5.31 -7.22 -16.49
CA LEU A 18 -3.97 -7.36 -17.05
C LEU A 18 -3.75 -6.38 -18.21
N ALA A 19 -4.81 -6.09 -18.96
CA ALA A 19 -4.71 -5.16 -20.08
C ALA A 19 -4.34 -3.76 -19.61
N ALA A 20 -5.06 -3.26 -18.61
CA ALA A 20 -4.79 -1.92 -18.08
C ALA A 20 -3.34 -1.84 -17.57
N ILE A 21 -2.91 -2.90 -16.90
CA ILE A 21 -1.55 -2.99 -16.39
C ILE A 21 -0.54 -2.77 -17.53
N LYS A 22 -0.67 -3.51 -18.61
CA LYS A 22 0.26 -3.39 -19.73
C LYS A 22 0.40 -1.95 -20.23
N LYS A 23 -0.59 -1.10 -19.95
CA LYS A 23 -0.56 0.28 -20.43
C LYS A 23 0.70 1.02 -19.95
N ILE A 24 1.14 0.71 -18.74
CA ILE A 24 2.29 1.39 -18.14
C ILE A 24 3.47 0.42 -18.00
N ASP A 25 3.16 -0.81 -17.61
CA ASP A 25 4.19 -1.83 -17.38
C ASP A 25 4.00 -3.00 -18.36
N PRO A 26 4.38 -2.86 -19.61
CA PRO A 26 4.14 -3.91 -20.64
C PRO A 26 4.72 -5.28 -20.25
N TYR A 27 5.70 -5.28 -19.34
CA TYR A 27 6.38 -6.53 -18.99
C TYR A 27 5.71 -7.30 -17.85
N ALA A 28 4.52 -6.88 -17.42
CA ALA A 28 3.76 -7.63 -16.43
C ALA A 28 2.92 -8.69 -17.13
N LYS A 29 3.08 -9.96 -16.73
CA LYS A 29 2.41 -11.06 -17.43
C LYS A 29 1.25 -11.59 -16.63
N GLU A 30 1.43 -11.69 -15.31
CA GLU A 30 0.40 -12.26 -14.45
C GLU A 30 0.20 -11.39 -13.20
N ILE A 31 -1.05 -11.33 -12.74
CA ILE A 31 -1.35 -10.67 -11.47
C ILE A 31 -1.42 -11.72 -10.37
N VAL A 32 -0.74 -11.46 -9.26
CA VAL A 32 -0.73 -12.38 -8.13
C VAL A 32 -1.86 -12.03 -7.16
N ASP A 33 -1.95 -10.74 -6.84
CA ASP A 33 -3.00 -10.26 -5.94
C ASP A 33 -3.32 -8.80 -6.24
N SER A 34 -4.56 -8.39 -5.98
CA SER A 34 -4.96 -7.01 -6.22
C SER A 34 -5.84 -6.49 -5.10
N SER A 35 -5.51 -5.29 -4.61
CA SER A 35 -6.30 -4.64 -3.58
C SER A 35 -7.11 -3.51 -4.19
N SER A 36 -8.42 -3.52 -3.95
CA SER A 36 -9.32 -2.59 -4.60
C SER A 36 -8.89 -1.14 -4.38
N HIS A 37 -8.40 -0.85 -3.18
CA HIS A 37 -7.96 0.51 -2.86
C HIS A 37 -6.86 0.51 -1.81
N VAL A 38 -5.77 1.18 -2.15
CA VAL A 38 -4.60 1.25 -1.29
C VAL A 38 -3.94 2.62 -1.42
N ALA A 39 -3.44 3.15 -0.31
CA ALA A 39 -2.83 4.48 -0.29
C ALA A 39 -1.48 4.46 0.41
N PHE A 40 -0.58 5.34 -0.02
CA PHE A 40 0.78 5.38 0.52
C PHE A 40 0.95 6.49 1.55
N TYR A 41 1.52 6.16 2.70
CA TYR A 41 1.78 7.14 3.75
C TYR A 41 3.24 7.09 4.19
N THR A 42 3.79 8.26 4.52
CA THR A 42 5.15 8.37 5.00
C THR A 42 5.16 9.04 6.38
N PHE A 43 6.13 8.68 7.22
CA PHE A 43 6.26 9.34 8.52
C PHE A 43 7.50 10.23 8.54
N ASN A 44 7.33 11.46 9.01
CA ASN A 44 8.46 12.38 9.15
C ASN A 44 8.84 12.49 10.63
N SER A 45 10.05 12.02 10.94
CA SER A 45 10.53 11.99 12.33
C SER A 45 10.77 13.41 12.87
N SER A 46 11.16 14.33 11.99
CA SER A 46 11.47 15.69 12.42
C SER A 46 10.24 16.37 13.02
N GLN A 47 9.08 16.10 12.43
CA GLN A 47 7.83 16.72 12.90
C GLN A 47 7.07 15.81 13.88
N ASN A 48 7.33 14.51 13.85
CA ASN A 48 6.62 13.55 14.69
C ASN A 48 5.17 13.45 14.24
N GLU A 49 4.99 13.34 12.93
CA GLU A 49 3.64 13.30 12.35
C GLU A 49 3.62 12.51 11.05
N TRP A 50 2.47 11.89 10.76
CA TRP A 50 2.29 11.18 9.50
C TRP A 50 1.86 12.16 8.41
N GLU A 51 2.42 11.99 7.22
CA GLU A 51 2.04 12.82 6.08
C GLU A 51 1.54 11.95 4.94
N LYS A 52 0.34 12.26 4.44
CA LYS A 52 -0.21 11.52 3.32
C LYS A 52 0.51 11.92 2.03
N THR A 53 0.78 10.93 1.17
CA THR A 53 1.49 11.22 -0.07
C THR A 53 0.49 11.49 -1.19
N ASP A 54 1.01 11.85 -2.36
CA ASP A 54 0.15 12.13 -3.50
C ASP A 54 -0.20 10.87 -4.31
N VAL A 55 0.06 9.68 -3.75
CA VAL A 55 -0.25 8.43 -4.45
C VAL A 55 -1.44 7.74 -3.79
N GLU A 56 -2.59 7.79 -4.45
CA GLU A 56 -3.77 7.07 -4.02
C GLU A 56 -4.35 6.32 -5.21
N GLY A 57 -4.28 4.98 -5.15
CA GLY A 57 -4.58 4.19 -6.34
C GLY A 57 -4.85 2.73 -6.00
N ALA A 58 -5.20 1.97 -7.02
CA ALA A 58 -5.39 0.54 -6.87
C ALA A 58 -4.03 -0.14 -6.81
N PHE A 59 -3.85 -1.08 -5.88
CA PHE A 59 -2.55 -1.72 -5.69
C PHE A 59 -2.55 -3.12 -6.30
N PHE A 60 -1.56 -3.39 -7.17
CA PHE A 60 -1.44 -4.72 -7.76
C PHE A 60 0.00 -5.23 -7.62
N ILE A 61 0.13 -6.53 -7.37
CA ILE A 61 1.44 -7.17 -7.39
C ILE A 61 1.59 -7.93 -8.72
N TYR A 62 2.68 -7.66 -9.44
CA TYR A 62 2.88 -8.29 -10.75
C TYR A 62 3.99 -9.32 -10.71
N HIS A 63 3.75 -10.44 -11.39
CA HIS A 63 4.77 -11.47 -11.55
C HIS A 63 5.24 -11.50 -13.00
N ARG A 64 6.54 -11.75 -13.19
CA ARG A 64 7.11 -11.84 -14.52
C ARG A 64 8.13 -12.98 -14.58
N ASN A 65 8.22 -13.63 -15.75
CA ASN A 65 9.16 -14.73 -15.92
C ASN A 65 10.55 -14.23 -16.37
N ALA A 66 10.90 -13.00 -15.99
CA ALA A 66 12.19 -12.44 -16.36
C ALA A 66 12.56 -11.32 -15.39
N GLU A 67 13.83 -10.95 -15.34
CA GLU A 67 14.28 -9.92 -14.42
C GLU A 67 13.61 -8.57 -14.75
N PRO A 68 13.00 -7.84 -13.82
CA PRO A 68 12.86 -8.23 -12.38
C PRO A 68 11.84 -9.34 -12.19
N PHE A 69 12.13 -10.27 -11.29
CA PHE A 69 11.25 -11.41 -11.05
C PHE A 69 9.89 -10.94 -10.52
N HIS A 70 9.92 -9.96 -9.63
CA HIS A 70 8.69 -9.48 -9.01
C HIS A 70 8.74 -7.97 -8.80
N SER A 71 7.61 -7.31 -9.04
CA SER A 71 7.54 -5.86 -8.91
C SER A 71 6.14 -5.44 -8.50
N ILE A 72 6.05 -4.30 -7.81
CA ILE A 72 4.77 -3.81 -7.32
C ILE A 72 4.42 -2.48 -8.00
N PHE A 73 3.16 -2.32 -8.37
CA PHE A 73 2.70 -1.14 -9.08
C PHE A 73 1.45 -0.56 -8.45
N ILE A 74 1.35 0.76 -8.41
CA ILE A 74 0.11 1.42 -7.98
C ILE A 74 -0.40 2.33 -9.11
N ASN A 75 -1.70 2.18 -9.39
CA ASN A 75 -2.36 2.96 -10.42
C ASN A 75 -3.10 4.13 -9.77
N ASN A 76 -2.49 5.31 -9.81
CA ASN A 76 -3.03 6.49 -9.13
C ASN A 76 -4.26 7.03 -9.85
N ARG A 77 -5.43 6.84 -9.24
CA ARG A 77 -6.68 7.17 -9.91
C ARG A 77 -6.90 8.67 -9.96
N LEU A 78 -6.54 9.36 -8.88
CA LEU A 78 -6.82 10.79 -8.78
C LEU A 78 -5.90 11.61 -9.68
N ASN A 79 -4.62 11.28 -9.67
CA ASN A 79 -3.64 12.08 -10.42
C ASN A 79 -3.33 11.51 -11.82
N THR A 80 -3.90 10.35 -12.17
CA THR A 80 -3.70 9.79 -13.51
C THR A 80 -2.20 9.61 -13.79
N THR A 81 -1.49 9.11 -12.78
CA THR A 81 -0.04 8.92 -12.88
C THR A 81 0.34 7.52 -12.44
N SER A 82 1.40 6.98 -13.03
CA SER A 82 1.84 5.63 -12.71
C SER A 82 3.05 5.67 -11.79
N PHE A 83 3.07 4.75 -10.82
CA PHE A 83 4.21 4.64 -9.90
C PHE A 83 4.61 3.18 -9.73
N VAL A 84 5.86 2.86 -10.04
CA VAL A 84 6.36 1.49 -9.96
C VAL A 84 7.60 1.40 -9.09
N GLU A 85 7.78 0.26 -8.42
CA GLU A 85 8.99 0.02 -7.64
C GLU A 85 9.33 -1.48 -7.62
N PRO A 86 10.58 -1.87 -7.78
CA PRO A 86 10.97 -3.32 -7.73
C PRO A 86 10.98 -3.87 -6.31
N ILE A 87 10.71 -5.16 -6.15
CA ILE A 87 10.75 -5.79 -4.84
C ILE A 87 12.14 -6.30 -4.52
N THR A 88 12.73 -5.80 -3.43
CA THR A 88 14.03 -6.28 -2.99
C THR A 88 13.87 -7.29 -1.86
N GLY A 89 14.90 -8.10 -1.62
CA GLY A 89 14.82 -9.12 -0.58
C GLY A 89 15.44 -8.70 0.74
N SER A 90 15.83 -7.44 0.88
CA SER A 90 16.39 -6.94 2.14
C SER A 90 15.36 -6.18 2.99
N LEU A 91 14.14 -5.99 2.48
CA LEU A 91 13.13 -5.24 3.21
C LEU A 91 12.67 -5.99 4.45
N GLU A 92 12.37 -5.23 5.50
CA GLU A 92 11.84 -5.82 6.74
C GLU A 92 10.43 -5.30 6.98
N LEU A 93 9.52 -6.20 7.36
CA LEU A 93 8.12 -5.83 7.55
C LEU A 93 7.69 -6.04 9.00
N GLN A 94 6.63 -5.34 9.41
CA GLN A 94 6.11 -5.47 10.76
C GLN A 94 4.61 -5.20 10.74
N SER A 95 3.85 -5.93 11.55
CA SER A 95 2.41 -5.72 11.61
C SER A 95 2.05 -4.84 12.80
N GLN A 96 1.64 -3.61 12.51
CA GLN A 96 1.10 -2.72 13.53
C GLN A 96 -0.40 -2.60 13.33
N PRO A 97 -1.23 -3.25 14.13
CA PRO A 97 -2.71 -3.30 13.82
C PRO A 97 -3.38 -1.94 14.02
N PRO A 98 -4.35 -1.54 13.22
CA PRO A 98 -4.84 -2.27 12.00
C PRO A 98 -4.11 -1.87 10.71
N PHE A 99 -2.98 -1.19 10.84
CA PHE A 99 -2.23 -0.70 9.69
C PHE A 99 -1.10 -1.69 9.33
N LEU A 100 -0.43 -1.45 8.20
CA LEU A 100 0.75 -2.24 7.86
C LEU A 100 1.98 -1.34 7.88
N LEU A 101 3.07 -1.81 8.48
CA LEU A 101 4.27 -0.98 8.67
C LEU A 101 5.50 -1.68 8.10
N TYR A 102 6.36 -0.92 7.45
CA TYR A 102 7.62 -1.46 6.96
C TYR A 102 8.73 -0.42 7.03
N ARG A 103 9.96 -0.89 7.12
CA ARG A 103 11.11 0.02 7.25
C ARG A 103 11.88 0.10 5.94
N ASN A 104 12.48 1.26 5.68
CA ASN A 104 13.22 1.48 4.44
C ASN A 104 14.61 2.04 4.71
N GLU A 105 15.46 1.99 3.67
CA GLU A 105 16.85 2.42 3.79
C GLU A 105 16.96 3.80 4.45
N ARG A 106 18.04 3.98 5.21
CA ARG A 106 18.31 5.22 5.92
C ARG A 106 17.27 5.50 7.00
N SER A 107 16.72 4.44 7.61
CA SER A 107 15.96 4.58 8.85
C SER A 107 14.67 5.38 8.62
N ARG A 108 14.06 5.21 7.46
CA ARG A 108 12.83 5.91 7.15
C ARG A 108 11.65 4.98 7.41
N ILE A 109 10.51 5.54 7.82
CA ILE A 109 9.34 4.73 8.13
C ILE A 109 8.23 5.02 7.13
N ARG A 110 7.69 3.95 6.55
CA ARG A 110 6.59 4.09 5.60
C ARG A 110 5.57 2.99 5.84
N GLY A 111 4.31 3.28 5.54
CA GLY A 111 3.23 2.34 5.82
C GLY A 111 2.16 2.36 4.73
N PHE A 112 1.26 1.39 4.79
CA PHE A 112 0.22 1.25 3.78
C PHE A 112 -1.16 1.22 4.44
N TRP A 113 -2.11 1.90 3.79
CA TRP A 113 -3.50 1.88 4.22
C TRP A 113 -4.32 1.03 3.26
N PHE A 114 -5.03 0.04 3.80
CA PHE A 114 -5.85 -0.84 2.97
C PHE A 114 -7.32 -0.70 3.34
N TYR A 115 -8.19 -0.73 2.33
CA TYR A 115 -9.63 -0.63 2.54
C TYR A 115 -10.12 -1.61 3.60
N ASN A 116 -9.58 -2.83 3.59
CA ASN A 116 -9.97 -3.85 4.55
C ASN A 116 -8.74 -4.51 5.16
N SER A 117 -8.77 -4.72 6.48
CA SER A 117 -7.63 -5.29 7.19
C SER A 117 -7.32 -6.70 6.69
N GLU A 118 -8.36 -7.49 6.47
CA GLU A 118 -8.19 -8.85 5.96
C GLU A 118 -7.48 -8.81 4.61
N GLU A 119 -7.91 -7.89 3.76
CA GLU A 119 -7.31 -7.72 2.44
C GLU A 119 -5.80 -7.46 2.58
N CYS A 120 -5.46 -6.61 3.54
CA CYS A 120 -4.06 -6.29 3.81
C CYS A 120 -3.29 -7.55 4.19
N ASP A 121 -3.91 -8.39 5.00
CA ASP A 121 -3.24 -9.60 5.49
C ASP A 121 -2.81 -10.48 4.34
N ARG A 122 -3.71 -10.68 3.38
CA ARG A 122 -3.41 -11.56 2.25
C ARG A 122 -2.21 -11.05 1.46
N ILE A 123 -2.25 -9.76 1.12
CA ILE A 123 -1.17 -9.17 0.32
C ILE A 123 0.16 -9.33 1.06
N SER A 124 0.15 -9.06 2.35
CA SER A 124 1.38 -9.13 3.15
C SER A 124 1.98 -10.52 3.09
N GLY A 125 1.14 -11.54 3.23
CA GLY A 125 1.61 -12.92 3.22
C GLY A 125 2.35 -13.23 1.92
N LEU A 126 1.79 -12.79 0.81
CA LEU A 126 2.39 -13.05 -0.49
C LEU A 126 3.79 -12.46 -0.57
N VAL A 127 3.92 -11.20 -0.17
CA VAL A 127 5.21 -10.52 -0.22
C VAL A 127 6.24 -11.28 0.63
N ASN A 128 5.82 -11.71 1.81
CA ASN A 128 6.72 -12.42 2.71
C ASN A 128 7.29 -13.66 2.03
N GLY A 129 6.44 -14.39 1.33
CA GLY A 129 6.86 -15.61 0.64
C GLY A 129 7.93 -15.30 -0.41
N LEU A 130 7.73 -14.23 -1.15
CA LEU A 130 8.69 -13.84 -2.18
C LEU A 130 10.05 -13.51 -1.56
N LEU A 131 10.03 -12.78 -0.46
CA LEU A 131 11.25 -12.33 0.19
C LEU A 131 12.09 -13.51 0.69
N LYS A 132 11.44 -14.46 1.33
CA LYS A 132 12.15 -15.60 1.90
C LYS A 132 12.66 -16.54 0.80
N SER A 133 11.88 -16.69 -0.27
CA SER A 133 12.27 -17.56 -1.38
C SER A 133 13.15 -16.81 -2.36
N LYS A 134 14.16 -17.49 -2.89
CA LYS A 134 15.07 -16.88 -3.85
C LYS A 134 14.51 -16.95 -5.26
N GLY B 1 -26.30 3.25 -16.79
CA GLY B 1 -25.06 2.45 -16.61
C GLY B 1 -23.87 3.39 -16.36
N PRO B 2 -23.32 4.01 -17.39
CA PRO B 2 -22.16 4.94 -17.20
C PRO B 2 -22.44 5.98 -16.12
N GLN B 3 -21.42 6.28 -15.32
CA GLN B 3 -21.56 7.26 -14.24
C GLN B 3 -20.66 8.47 -14.51
N ASP B 4 -21.09 9.64 -14.06
CA ASP B 4 -20.31 10.86 -14.25
C ASP B 4 -19.04 10.81 -13.41
N PRO B 5 -17.99 11.52 -13.80
CA PRO B 5 -16.72 11.51 -13.01
C PRO B 5 -16.87 12.17 -11.64
N LEU B 6 -17.76 13.16 -11.57
CA LEU B 6 -17.99 13.87 -10.31
C LEU B 6 -18.38 12.91 -9.21
N LEU B 7 -19.21 11.92 -9.55
CA LEU B 7 -19.66 10.94 -8.56
C LEU B 7 -18.82 9.67 -8.63
N GLN B 8 -18.40 9.19 -7.46
CA GLN B 8 -17.59 7.96 -7.40
C GLN B 8 -18.46 6.78 -6.97
N GLN B 9 -18.15 5.61 -7.51
CA GLN B 9 -18.90 4.41 -7.16
C GLN B 9 -18.81 4.13 -5.66
N GLN B 10 -17.62 4.32 -5.11
CA GLN B 10 -17.40 4.08 -3.68
C GLN B 10 -17.32 5.41 -2.93
N ARG B 11 -17.95 5.47 -1.76
CA ARG B 11 -17.94 6.69 -0.96
C ARG B 11 -16.58 6.88 -0.29
N ALA B 12 -15.96 8.03 -0.54
CA ALA B 12 -14.66 8.33 0.05
C ALA B 12 -14.79 9.41 1.12
N PRO B 13 -13.81 9.61 1.97
CA PRO B 13 -13.88 10.66 3.03
C PRO B 13 -14.30 12.01 2.46
N PHE B 14 -14.96 12.82 3.28
CA PHE B 14 -15.43 14.13 2.84
C PHE B 14 -14.25 15.00 2.41
N PRO B 15 -14.43 15.92 1.49
CA PRO B 15 -13.29 16.77 1.02
C PRO B 15 -12.66 17.55 2.16
N GLY B 16 -11.33 17.46 2.26
CA GLY B 16 -10.59 18.19 3.29
C GLY B 16 -10.28 17.37 4.54
N GLN B 17 -10.80 16.14 4.62
CA GLN B 17 -10.53 15.28 5.78
C GLN B 17 -9.55 14.17 5.41
N MET B 18 -8.38 14.17 6.06
CA MET B 18 -7.38 13.14 5.80
C MET B 18 -7.56 11.98 6.79
N PRO B 19 -7.35 10.74 6.40
CA PRO B 19 -7.46 9.59 7.36
C PRO B 19 -6.50 9.74 8.53
N ASN B 20 -6.95 9.32 9.72
CA ASN B 20 -6.12 9.44 10.91
C ASN B 20 -5.46 8.09 11.22
N LEU B 21 -4.13 8.08 11.19
CA LEU B 21 -3.38 6.86 11.49
C LEU B 21 -3.21 6.69 13.00
N PRO B 22 -3.09 5.49 13.51
CA PRO B 22 -2.78 5.28 14.95
C PRO B 22 -1.30 5.49 15.23
N LYS B 23 -0.98 6.13 16.35
CA LYS B 23 0.41 6.38 16.70
C LYS B 23 0.91 5.30 17.68
N PRO B 24 2.00 4.61 17.40
CA PRO B 24 2.61 3.70 18.41
C PRO B 24 3.38 4.49 19.49
N PRO B 25 3.54 3.95 20.67
CA PRO B 25 4.29 4.67 21.75
C PRO B 25 5.67 5.13 21.26
N LEU B 26 6.18 6.20 21.85
CA LEU B 26 7.47 6.77 21.43
C LEU B 26 8.57 5.71 21.35
N PHE B 27 8.47 4.67 22.16
CA PHE B 27 9.51 3.64 22.20
C PHE B 27 9.74 3.03 20.81
N TRP B 28 8.67 2.88 20.05
CA TRP B 28 8.75 2.28 18.72
C TRP B 28 9.66 3.10 17.82
N GLN B 29 9.46 4.42 17.80
CA GLN B 29 10.24 5.29 16.92
C GLN B 29 11.72 5.22 17.27
N GLN B 30 12.01 5.37 18.56
CA GLN B 30 13.40 5.40 19.00
C GLN B 30 14.13 4.10 18.65
N GLU B 31 13.47 2.98 18.91
CA GLU B 31 14.10 1.68 18.69
C GLU B 31 14.50 1.51 17.23
N ALA B 32 13.59 1.84 16.32
CA ALA B 32 13.85 1.66 14.90
C ALA B 32 15.04 2.49 14.45
N GLN B 33 15.05 3.76 14.83
CA GLN B 33 16.10 4.67 14.39
C GLN B 33 17.47 4.19 14.83
N LYS B 34 17.57 3.76 16.08
CA LYS B 34 18.86 3.33 16.62
C LYS B 34 19.37 2.08 15.92
N GLN B 35 18.50 1.09 15.76
CA GLN B 35 18.88 -0.17 15.14
C GLN B 35 19.49 0.06 13.76
N GLU B 36 18.82 0.88 12.96
CA GLU B 36 19.33 1.19 11.62
C GLU B 36 20.65 1.96 11.69
N ALA B 37 20.77 2.84 12.68
CA ALA B 37 22.00 3.62 12.86
C ALA B 37 23.15 2.71 13.27
N LEU B 38 24.35 3.03 12.79
CA LEU B 38 25.53 2.25 13.12
C LEU B 38 26.79 2.90 12.56
N GLY A 1 -14.84 -7.17 -24.62
CA GLY A 1 -15.42 -7.97 -23.49
C GLY A 1 -16.81 -8.47 -23.88
N PRO A 2 -17.36 -9.43 -23.17
CA PRO A 2 -18.72 -9.96 -23.49
C PRO A 2 -19.81 -8.94 -23.22
N HIS A 3 -20.86 -8.95 -24.05
CA HIS A 3 -21.96 -8.01 -23.90
C HIS A 3 -22.58 -8.14 -22.50
N MET A 4 -22.76 -9.37 -22.06
CA MET A 4 -23.34 -9.63 -20.74
C MET A 4 -22.28 -10.07 -19.75
N ALA A 5 -22.46 -9.72 -18.49
CA ALA A 5 -21.49 -10.08 -17.45
C ALA A 5 -22.23 -10.53 -16.19
N ASP A 6 -21.60 -11.42 -15.43
CA ASP A 6 -22.19 -11.93 -14.21
C ASP A 6 -21.70 -11.15 -12.99
N LEU A 7 -22.53 -11.06 -11.97
CA LEU A 7 -22.17 -10.33 -10.76
C LEU A 7 -20.92 -10.92 -10.13
N MET A 8 -20.83 -12.25 -10.12
CA MET A 8 -19.67 -12.93 -9.54
C MET A 8 -18.45 -12.74 -10.42
N ALA A 9 -17.27 -12.76 -9.80
CA ALA A 9 -16.02 -12.59 -10.53
C ALA A 9 -15.88 -13.65 -11.61
N ASP A 10 -15.28 -13.28 -12.73
CA ASP A 10 -15.10 -14.21 -13.84
C ASP A 10 -13.71 -14.05 -14.46
N GLU A 11 -13.35 -14.98 -15.33
CA GLU A 11 -12.05 -14.93 -15.98
C GLU A 11 -11.89 -13.65 -16.80
N SER A 12 -12.97 -13.20 -17.43
CA SER A 12 -12.92 -12.00 -18.26
C SER A 12 -12.40 -10.81 -17.45
N ILE A 13 -12.85 -10.70 -16.22
CA ILE A 13 -12.44 -9.59 -15.36
C ILE A 13 -10.93 -9.59 -15.17
N THR A 14 -10.38 -10.77 -14.89
CA THR A 14 -8.95 -10.89 -14.64
C THR A 14 -8.16 -10.40 -15.85
N ARG A 15 -8.58 -10.82 -17.04
CA ARG A 15 -7.89 -10.45 -18.26
C ARG A 15 -7.86 -8.94 -18.42
N MET A 16 -9.01 -8.30 -18.19
CA MET A 16 -9.10 -6.85 -18.35
C MET A 16 -8.09 -6.15 -17.45
N ASN A 17 -7.98 -6.62 -16.21
CA ASN A 17 -7.06 -6.00 -15.26
C ASN A 17 -5.63 -6.06 -15.79
N LEU A 18 -5.21 -7.25 -16.21
CA LEU A 18 -3.85 -7.42 -16.72
C LEU A 18 -3.61 -6.54 -17.96
N ALA A 19 -4.66 -6.29 -18.74
CA ALA A 19 -4.53 -5.44 -19.92
C ALA A 19 -4.14 -4.02 -19.52
N ALA A 20 -4.86 -3.46 -18.56
CA ALA A 20 -4.54 -2.12 -18.08
C ALA A 20 -3.10 -2.06 -17.56
N ILE A 21 -2.72 -3.10 -16.83
CA ILE A 21 -1.36 -3.19 -16.29
C ILE A 21 -0.31 -3.05 -17.40
N LYS A 22 -0.44 -3.84 -18.46
CA LYS A 22 0.55 -3.81 -19.54
C LYS A 22 0.72 -2.41 -20.13
N LYS A 23 -0.31 -1.57 -20.04
CA LYS A 23 -0.26 -0.24 -20.64
C LYS A 23 0.87 0.61 -20.05
N ILE A 24 1.21 0.36 -18.78
CA ILE A 24 2.22 1.15 -18.08
C ILE A 24 3.49 0.32 -17.90
N ASP A 25 3.31 -0.94 -17.52
CA ASP A 25 4.43 -1.83 -17.23
C ASP A 25 4.49 -2.98 -18.24
N PRO A 26 5.10 -2.78 -19.39
CA PRO A 26 5.15 -3.84 -20.44
C PRO A 26 5.67 -5.19 -19.93
N TYR A 27 6.44 -5.16 -18.84
CA TYR A 27 7.08 -6.38 -18.34
C TYR A 27 6.28 -7.02 -17.20
N ALA A 28 4.98 -6.73 -17.10
CA ALA A 28 4.12 -7.44 -16.15
C ALA A 28 3.19 -8.37 -16.93
N LYS A 29 3.24 -9.67 -16.61
CA LYS A 29 2.46 -10.65 -17.39
C LYS A 29 1.40 -11.36 -16.53
N GLU A 30 1.68 -11.50 -15.24
CA GLU A 30 0.74 -12.19 -14.34
C GLU A 30 0.43 -11.34 -13.11
N ILE A 31 -0.81 -11.39 -12.66
CA ILE A 31 -1.19 -10.72 -11.42
C ILE A 31 -1.23 -11.74 -10.28
N VAL A 32 -0.61 -11.38 -9.16
CA VAL A 32 -0.58 -12.27 -8.00
C VAL A 32 -1.72 -11.93 -7.04
N ASP A 33 -1.88 -10.65 -6.76
CA ASP A 33 -2.95 -10.18 -5.88
C ASP A 33 -3.31 -8.74 -6.21
N SER A 34 -4.55 -8.36 -5.91
CA SER A 34 -4.99 -6.99 -6.16
C SER A 34 -5.90 -6.52 -5.03
N SER A 35 -5.63 -5.31 -4.53
CA SER A 35 -6.46 -4.70 -3.50
C SER A 35 -7.26 -3.55 -4.10
N SER A 36 -8.57 -3.58 -3.86
CA SER A 36 -9.49 -2.65 -4.50
C SER A 36 -9.06 -1.20 -4.29
N HIS A 37 -8.55 -0.90 -3.10
CA HIS A 37 -8.13 0.46 -2.78
C HIS A 37 -7.03 0.49 -1.73
N VAL A 38 -5.95 1.17 -2.07
CA VAL A 38 -4.78 1.28 -1.20
C VAL A 38 -4.15 2.66 -1.37
N ALA A 39 -3.65 3.21 -0.26
CA ALA A 39 -3.05 4.55 -0.29
C ALA A 39 -1.67 4.53 0.37
N PHE A 40 -0.78 5.41 -0.10
CA PHE A 40 0.59 5.44 0.40
C PHE A 40 0.77 6.54 1.46
N TYR A 41 1.40 6.18 2.57
CA TYR A 41 1.66 7.13 3.66
C TYR A 41 3.12 7.09 4.07
N THR A 42 3.67 8.26 4.42
CA THR A 42 5.04 8.36 4.89
C THR A 42 5.06 8.97 6.29
N PHE A 43 6.04 8.60 7.11
CA PHE A 43 6.18 9.18 8.44
C PHE A 43 7.42 10.07 8.52
N ASN A 44 7.24 11.28 9.05
CA ASN A 44 8.36 12.20 9.24
C ASN A 44 8.74 12.23 10.72
N SER A 45 9.96 11.77 11.01
CA SER A 45 10.43 11.69 12.39
C SER A 45 10.64 13.08 13.00
N SER A 46 11.03 14.05 12.18
CA SER A 46 11.31 15.39 12.68
C SER A 46 10.07 15.99 13.34
N GLN A 47 8.91 15.76 12.74
CA GLN A 47 7.67 16.31 13.25
C GLN A 47 6.93 15.33 14.18
N ASN A 48 7.22 14.03 14.06
CA ASN A 48 6.55 13.01 14.86
C ASN A 48 5.09 12.89 14.41
N GLU A 49 4.89 12.88 13.10
CA GLU A 49 3.54 12.81 12.54
C GLU A 49 3.53 12.11 11.19
N TRP A 50 2.35 11.66 10.77
CA TRP A 50 2.21 11.02 9.47
C TRP A 50 1.77 12.04 8.42
N GLU A 51 2.35 11.93 7.23
CA GLU A 51 1.96 12.79 6.12
C GLU A 51 1.43 11.96 4.95
N LYS A 52 0.23 12.28 4.49
CA LYS A 52 -0.37 11.57 3.36
C LYS A 52 0.33 11.97 2.07
N THR A 53 0.56 11.01 1.19
CA THR A 53 1.22 11.31 -0.08
C THR A 53 0.19 11.60 -1.16
N ASP A 54 0.66 11.95 -2.34
CA ASP A 54 -0.23 12.24 -3.46
C ASP A 54 -0.59 10.98 -4.28
N VAL A 55 -0.28 9.79 -3.75
CA VAL A 55 -0.58 8.55 -4.46
C VAL A 55 -1.74 7.82 -3.79
N GLU A 56 -2.90 7.86 -4.45
CA GLU A 56 -4.07 7.12 -3.99
C GLU A 56 -4.62 6.31 -5.16
N GLY A 57 -4.53 4.99 -5.09
CA GLY A 57 -4.79 4.17 -6.26
C GLY A 57 -5.04 2.71 -5.90
N ALA A 58 -5.37 1.92 -6.90
CA ALA A 58 -5.54 0.49 -6.72
C ALA A 58 -4.17 -0.17 -6.66
N PHE A 59 -3.98 -1.09 -5.72
CA PHE A 59 -2.67 -1.71 -5.52
C PHE A 59 -2.64 -3.10 -6.18
N PHE A 60 -1.65 -3.33 -7.03
CA PHE A 60 -1.49 -4.63 -7.68
C PHE A 60 -0.05 -5.13 -7.52
N ILE A 61 0.11 -6.42 -7.31
CA ILE A 61 1.43 -7.04 -7.34
C ILE A 61 1.63 -7.74 -8.67
N TYR A 62 2.72 -7.43 -9.35
CA TYR A 62 2.98 -8.01 -10.68
C TYR A 62 4.12 -9.02 -10.62
N HIS A 63 3.94 -10.14 -11.31
CA HIS A 63 4.98 -11.14 -11.46
C HIS A 63 5.45 -11.20 -12.91
N ARG A 64 6.76 -11.41 -13.09
CA ARG A 64 7.33 -11.53 -14.42
C ARG A 64 8.42 -12.60 -14.43
N ASN A 65 8.56 -13.27 -15.57
CA ASN A 65 9.58 -14.34 -15.71
C ASN A 65 10.94 -13.78 -16.14
N ALA A 66 11.23 -12.52 -15.79
CA ALA A 66 12.49 -11.92 -16.15
C ALA A 66 12.80 -10.75 -15.22
N GLU A 67 14.03 -10.24 -15.30
CA GLU A 67 14.45 -9.14 -14.43
C GLU A 67 13.61 -7.89 -14.73
N PRO A 68 12.93 -7.26 -13.78
CA PRO A 68 12.87 -7.68 -12.34
C PRO A 68 11.90 -8.83 -12.13
N PHE A 69 12.28 -9.76 -11.26
CA PHE A 69 11.45 -10.95 -11.01
C PHE A 69 10.09 -10.55 -10.44
N HIS A 70 10.09 -9.59 -9.53
CA HIS A 70 8.84 -9.17 -8.88
C HIS A 70 8.85 -7.67 -8.63
N SER A 71 7.70 -7.04 -8.84
CA SER A 71 7.60 -5.59 -8.69
C SER A 71 6.18 -5.21 -8.27
N ILE A 72 6.06 -4.12 -7.53
CA ILE A 72 4.76 -3.66 -7.04
C ILE A 72 4.39 -2.35 -7.71
N PHE A 73 3.13 -2.23 -8.11
CA PHE A 73 2.67 -1.05 -8.83
C PHE A 73 1.37 -0.50 -8.22
N ILE A 74 1.24 0.82 -8.19
CA ILE A 74 -0.02 1.45 -7.79
C ILE A 74 -0.52 2.33 -8.93
N ASN A 75 -1.80 2.14 -9.25
CA ASN A 75 -2.47 2.90 -10.31
C ASN A 75 -3.24 4.06 -9.68
N ASN A 76 -2.63 5.25 -9.73
CA ASN A 76 -3.19 6.42 -9.07
C ASN A 76 -4.43 6.93 -9.80
N ARG A 77 -5.59 6.73 -9.20
CA ARG A 77 -6.85 6.99 -9.88
C ARG A 77 -7.12 8.49 -9.98
N LEU A 78 -6.84 9.21 -8.91
CA LEU A 78 -7.16 10.64 -8.86
C LEU A 78 -6.21 11.45 -9.74
N ASN A 79 -4.91 11.15 -9.65
CA ASN A 79 -3.92 11.93 -10.39
C ASN A 79 -3.53 11.33 -11.74
N THR A 80 -4.07 10.15 -12.09
CA THR A 80 -3.80 9.53 -13.38
C THR A 80 -2.29 9.46 -13.66
N THR A 81 -1.54 9.09 -12.62
CA THR A 81 -0.10 8.99 -12.72
C THR A 81 0.38 7.62 -12.24
N SER A 82 1.29 7.02 -12.99
CA SER A 82 1.79 5.69 -12.66
C SER A 82 2.94 5.76 -11.66
N PHE A 83 2.92 4.88 -10.66
CA PHE A 83 4.03 4.80 -9.70
C PHE A 83 4.45 3.34 -9.51
N VAL A 84 5.72 3.05 -9.77
CA VAL A 84 6.24 1.69 -9.66
C VAL A 84 7.46 1.63 -8.74
N GLU A 85 7.65 0.49 -8.08
CA GLU A 85 8.85 0.29 -7.27
C GLU A 85 9.25 -1.20 -7.27
N PRO A 86 10.52 -1.54 -7.42
CA PRO A 86 10.96 -2.97 -7.40
C PRO A 86 10.97 -3.57 -6.00
N ILE A 87 10.75 -4.88 -5.90
CA ILE A 87 10.79 -5.54 -4.59
C ILE A 87 12.20 -6.05 -4.31
N THR A 88 12.74 -5.65 -3.17
CA THR A 88 14.06 -6.13 -2.75
C THR A 88 13.92 -7.27 -1.75
N GLY A 89 14.98 -8.06 -1.60
CA GLY A 89 14.94 -9.22 -0.72
C GLY A 89 15.18 -8.87 0.75
N SER A 90 15.81 -7.74 1.02
CA SER A 90 16.14 -7.34 2.39
C SER A 90 15.00 -6.58 3.09
N LEU A 91 13.81 -6.53 2.48
CA LEU A 91 12.70 -5.79 3.06
C LEU A 91 12.24 -6.41 4.36
N GLU A 92 12.08 -5.58 5.39
CA GLU A 92 11.55 -6.06 6.68
C GLU A 92 10.18 -5.44 6.93
N LEU A 93 9.24 -6.27 7.40
CA LEU A 93 7.86 -5.82 7.58
C LEU A 93 7.43 -5.95 9.04
N GLN A 94 6.42 -5.17 9.41
CA GLN A 94 5.87 -5.22 10.76
C GLN A 94 4.36 -5.02 10.70
N SER A 95 3.62 -5.84 11.45
CA SER A 95 2.16 -5.76 11.42
C SER A 95 1.63 -4.93 12.57
N GLN A 96 1.12 -3.74 12.26
CA GLN A 96 0.43 -2.91 13.25
C GLN A 96 -1.08 -2.95 12.97
N PRO A 97 -1.93 -3.22 13.93
CA PRO A 97 -3.40 -3.26 13.66
C PRO A 97 -4.01 -1.86 13.60
N PRO A 98 -4.77 -1.47 12.60
CA PRO A 98 -5.05 -2.21 11.31
C PRO A 98 -4.18 -1.73 10.15
N PHE A 99 -3.07 -1.06 10.45
CA PHE A 99 -2.26 -0.40 9.42
C PHE A 99 -0.90 -1.08 9.26
N LEU A 100 -0.51 -1.35 8.01
CA LEU A 100 0.69 -2.13 7.76
C LEU A 100 1.92 -1.23 7.66
N LEU A 101 3.00 -1.63 8.31
CA LEU A 101 4.21 -0.80 8.36
C LEU A 101 5.41 -1.57 7.84
N TYR A 102 6.30 -0.87 7.13
CA TYR A 102 7.53 -1.49 6.66
C TYR A 102 8.68 -0.48 6.73
N ARG A 103 9.89 -0.99 6.90
CA ARG A 103 11.06 -0.13 7.05
C ARG A 103 11.89 -0.11 5.76
N ASN A 104 12.46 1.05 5.45
CA ASN A 104 13.23 1.22 4.21
C ASN A 104 14.61 1.81 4.48
N GLU A 105 15.46 1.76 3.47
CA GLU A 105 16.85 2.22 3.59
C GLU A 105 16.94 3.60 4.23
N ARG A 106 18.03 3.82 4.94
CA ARG A 106 18.28 5.09 5.64
C ARG A 106 17.23 5.37 6.71
N SER A 107 16.68 4.32 7.32
CA SER A 107 15.90 4.47 8.55
C SER A 107 14.62 5.27 8.30
N ARG A 108 14.03 5.09 7.13
CA ARG A 108 12.79 5.79 6.79
C ARG A 108 11.60 4.87 7.06
N ILE A 109 10.48 5.45 7.47
CA ILE A 109 9.30 4.64 7.80
C ILE A 109 8.17 4.95 6.83
N ARG A 110 7.67 3.90 6.18
CA ARG A 110 6.58 4.06 5.22
C ARG A 110 5.58 2.94 5.43
N GLY A 111 4.32 3.21 5.13
CA GLY A 111 3.26 2.24 5.39
C GLY A 111 2.15 2.30 4.36
N PHE A 112 1.27 1.31 4.41
CA PHE A 112 0.16 1.21 3.46
C PHE A 112 -1.16 1.11 4.19
N TRP A 113 -2.15 1.86 3.69
CA TRP A 113 -3.51 1.81 4.24
C TRP A 113 -4.41 1.06 3.28
N PHE A 114 -5.10 0.03 3.78
CA PHE A 114 -5.98 -0.77 2.94
C PHE A 114 -7.44 -0.59 3.37
N TYR A 115 -8.34 -0.64 2.40
CA TYR A 115 -9.77 -0.55 2.70
C TYR A 115 -10.20 -1.55 3.76
N ASN A 116 -9.60 -2.73 3.74
CA ASN A 116 -9.91 -3.77 4.72
C ASN A 116 -8.63 -4.38 5.29
N SER A 117 -8.58 -4.52 6.60
CA SER A 117 -7.39 -5.06 7.27
C SER A 117 -7.09 -6.48 6.81
N GLU A 118 -8.14 -7.28 6.65
CA GLU A 118 -7.98 -8.66 6.19
C GLU A 118 -7.35 -8.68 4.80
N GLU A 119 -7.82 -7.79 3.93
CA GLU A 119 -7.29 -7.70 2.58
C GLU A 119 -5.78 -7.43 2.62
N CYS A 120 -5.40 -6.51 3.49
CA CYS A 120 -3.98 -6.20 3.67
C CYS A 120 -3.21 -7.44 4.12
N ASP A 121 -3.83 -8.24 4.99
CA ASP A 121 -3.17 -9.42 5.52
C ASP A 121 -2.75 -10.36 4.39
N ARG A 122 -3.66 -10.59 3.46
CA ARG A 122 -3.39 -11.49 2.34
C ARG A 122 -2.19 -11.00 1.54
N ILE A 123 -2.19 -9.71 1.20
CA ILE A 123 -1.09 -9.14 0.41
C ILE A 123 0.23 -9.34 1.14
N SER A 124 0.24 -9.06 2.44
CA SER A 124 1.47 -9.16 3.22
C SER A 124 2.03 -10.58 3.17
N GLY A 125 1.15 -11.57 3.33
CA GLY A 125 1.58 -12.96 3.32
C GLY A 125 2.30 -13.29 2.02
N LEU A 126 1.75 -12.82 0.91
CA LEU A 126 2.34 -13.10 -0.39
C LEU A 126 3.77 -12.58 -0.46
N VAL A 127 3.95 -11.33 -0.06
CA VAL A 127 5.27 -10.70 -0.13
C VAL A 127 6.27 -11.51 0.70
N ASN A 128 5.85 -11.94 1.88
CA ASN A 128 6.74 -12.69 2.76
C ASN A 128 7.22 -13.96 2.08
N GLY A 129 6.31 -14.65 1.40
CA GLY A 129 6.65 -15.89 0.71
C GLY A 129 7.69 -15.65 -0.38
N LEU A 130 7.57 -14.54 -1.09
CA LEU A 130 8.52 -14.20 -2.14
C LEU A 130 9.92 -13.96 -1.58
N LEU A 131 9.99 -13.21 -0.48
CA LEU A 131 11.27 -12.85 0.11
C LEU A 131 12.06 -14.09 0.51
N LYS A 132 11.38 -15.04 1.15
CA LYS A 132 12.05 -16.24 1.63
C LYS A 132 12.41 -17.18 0.47
N SER A 133 11.52 -17.26 -0.52
CA SER A 133 11.74 -18.13 -1.66
C SER A 133 12.95 -17.66 -2.49
N LYS A 134 13.46 -18.55 -3.32
CA LYS A 134 14.62 -18.22 -4.15
C LYS A 134 14.44 -18.79 -5.56
N GLY B 1 -31.80 21.97 30.80
CA GLY B 1 -31.30 22.55 29.51
C GLY B 1 -31.01 21.44 28.49
N PRO B 2 -31.92 20.52 28.27
CA PRO B 2 -31.65 19.37 27.35
C PRO B 2 -31.47 19.82 25.90
N GLN B 3 -30.55 19.16 25.19
CA GLN B 3 -30.29 19.51 23.80
C GLN B 3 -30.97 18.52 22.86
N ASP B 4 -31.42 19.02 21.71
CA ASP B 4 -32.09 18.16 20.73
C ASP B 4 -31.07 17.32 19.97
N PRO B 5 -31.46 16.18 19.44
CA PRO B 5 -30.50 15.31 18.68
C PRO B 5 -30.23 15.82 17.27
N LEU B 6 -31.20 16.53 16.70
CA LEU B 6 -31.07 17.05 15.34
C LEU B 6 -29.82 17.93 15.23
N LEU B 7 -29.57 18.73 16.26
CA LEU B 7 -28.40 19.61 16.27
C LEU B 7 -27.26 19.00 17.07
N GLN B 8 -26.09 18.93 16.46
CA GLN B 8 -24.91 18.37 17.12
C GLN B 8 -23.76 19.36 17.11
N GLN B 9 -23.14 19.57 18.27
CA GLN B 9 -22.03 20.49 18.38
C GLN B 9 -20.84 20.02 17.55
N GLN B 10 -20.58 18.72 17.58
CA GLN B 10 -19.45 18.15 16.84
C GLN B 10 -19.93 17.52 15.54
N ARG B 11 -19.02 17.37 14.58
CA ARG B 11 -19.34 16.78 13.29
C ARG B 11 -18.67 15.41 13.15
N ALA B 12 -19.34 14.51 12.43
CA ALA B 12 -18.80 13.17 12.21
C ALA B 12 -17.92 13.15 10.97
N PRO B 13 -17.01 12.19 10.84
CA PRO B 13 -16.13 12.11 9.64
C PRO B 13 -16.95 12.00 8.35
N PHE B 14 -16.36 12.45 7.24
CA PHE B 14 -17.05 12.43 5.96
C PHE B 14 -16.10 12.02 4.84
N PRO B 15 -16.61 11.52 3.73
CA PRO B 15 -15.73 11.08 2.60
C PRO B 15 -14.84 12.21 2.11
N GLY B 16 -13.55 11.93 2.01
CA GLY B 16 -12.58 12.93 1.53
C GLY B 16 -11.73 13.53 2.66
N GLN B 17 -12.01 13.19 3.92
CA GLN B 17 -11.17 13.66 5.02
C GLN B 17 -9.99 12.72 5.22
N MET B 18 -8.81 13.30 5.49
CA MET B 18 -7.61 12.50 5.67
C MET B 18 -7.77 11.56 6.86
N PRO B 19 -7.72 10.24 6.69
CA PRO B 19 -7.79 9.30 7.85
C PRO B 19 -6.67 9.58 8.85
N ASN B 20 -6.98 9.40 10.14
CA ASN B 20 -5.99 9.64 11.19
C ASN B 20 -5.34 8.34 11.62
N LEU B 21 -4.11 8.11 11.15
CA LEU B 21 -3.39 6.90 11.51
C LEU B 21 -3.13 6.88 13.02
N PRO B 22 -3.01 5.73 13.63
CA PRO B 22 -2.63 5.65 15.08
C PRO B 22 -1.13 5.84 15.27
N LYS B 23 -0.76 6.59 16.31
CA LYS B 23 0.65 6.82 16.59
C LYS B 23 1.13 5.83 17.66
N PRO B 24 2.20 5.07 17.44
CA PRO B 24 2.71 4.14 18.50
C PRO B 24 3.52 4.88 19.56
N PRO B 25 3.82 4.26 20.68
CA PRO B 25 4.66 4.91 21.73
C PRO B 25 6.04 5.26 21.21
N LEU B 26 6.70 6.24 21.83
CA LEU B 26 8.00 6.70 21.36
C LEU B 26 8.98 5.55 21.15
N PHE B 27 8.84 4.48 21.91
CA PHE B 27 9.77 3.35 21.82
C PHE B 27 9.86 2.80 20.40
N TRP B 28 8.73 2.79 19.70
CA TRP B 28 8.65 2.22 18.36
C TRP B 28 9.58 2.98 17.41
N GLN B 29 9.50 4.30 17.43
CA GLN B 29 10.31 5.11 16.54
C GLN B 29 11.80 4.95 16.86
N GLN B 30 12.14 5.08 18.14
CA GLN B 30 13.53 5.02 18.56
C GLN B 30 14.17 3.70 18.14
N GLU B 31 13.44 2.60 18.34
CA GLU B 31 13.98 1.28 18.05
C GLU B 31 14.37 1.17 16.58
N ALA B 32 13.46 1.59 15.70
CA ALA B 32 13.71 1.48 14.27
C ALA B 32 14.97 2.24 13.88
N GLN B 33 15.09 3.47 14.37
CA GLN B 33 16.22 4.32 14.02
C GLN B 33 17.54 3.70 14.46
N LYS B 34 17.56 3.14 15.66
CA LYS B 34 18.79 2.57 16.22
C LYS B 34 19.27 1.40 15.37
N GLN B 35 18.35 0.52 15.00
CA GLN B 35 18.72 -0.66 14.21
C GLN B 35 19.34 -0.25 12.88
N GLU B 36 18.68 0.67 12.17
CA GLU B 36 19.19 1.14 10.89
C GLU B 36 20.29 2.21 11.03
N ALA B 37 20.86 2.36 12.24
CA ALA B 37 21.92 3.33 12.45
C ALA B 37 23.27 2.64 12.55
N LEU B 38 24.28 3.23 11.91
CA LEU B 38 25.63 2.67 11.94
C LEU B 38 26.52 3.45 12.90
N GLY A 1 -15.82 -16.05 10.18
CA GLY A 1 -16.99 -15.16 10.43
C GLY A 1 -18.03 -15.34 9.33
N PRO A 2 -17.82 -14.79 8.15
CA PRO A 2 -18.79 -14.93 7.03
C PRO A 2 -18.89 -16.37 6.55
N HIS A 3 -20.09 -16.79 6.19
CA HIS A 3 -20.31 -18.16 5.71
C HIS A 3 -19.46 -18.44 4.48
N MET A 4 -19.38 -17.46 3.58
CA MET A 4 -18.60 -17.61 2.36
C MET A 4 -17.76 -16.36 2.10
N ALA A 5 -16.73 -16.51 1.28
CA ALA A 5 -15.84 -15.40 0.94
C ALA A 5 -15.41 -15.48 -0.52
N ASP A 6 -15.08 -14.34 -1.10
CA ASP A 6 -14.66 -14.30 -2.49
C ASP A 6 -13.20 -14.72 -2.62
N LEU A 7 -12.97 -15.97 -3.00
CA LEU A 7 -11.62 -16.48 -3.16
C LEU A 7 -11.08 -16.14 -4.55
N MET A 8 -11.89 -16.42 -5.56
CA MET A 8 -11.50 -16.15 -6.95
C MET A 8 -12.41 -15.10 -7.57
N ALA A 9 -12.07 -14.65 -8.77
CA ALA A 9 -12.87 -13.65 -9.47
C ALA A 9 -13.14 -14.10 -10.90
N ASP A 10 -14.14 -13.49 -11.52
CA ASP A 10 -14.51 -13.83 -12.89
C ASP A 10 -13.31 -13.65 -13.82
N GLU A 11 -13.18 -14.55 -14.79
CA GLU A 11 -12.05 -14.50 -15.71
C GLU A 11 -12.06 -13.21 -16.54
N SER A 12 -13.24 -12.76 -16.92
CA SER A 12 -13.36 -11.58 -17.76
C SER A 12 -12.71 -10.38 -17.06
N ILE A 13 -13.04 -10.20 -15.79
CA ILE A 13 -12.50 -9.08 -15.03
C ILE A 13 -10.98 -9.15 -14.99
N THR A 14 -10.45 -10.36 -14.81
CA THR A 14 -9.01 -10.54 -14.70
C THR A 14 -8.32 -10.06 -15.98
N ARG A 15 -8.87 -10.44 -17.12
CA ARG A 15 -8.27 -10.06 -18.40
C ARG A 15 -8.21 -8.54 -18.54
N MET A 16 -9.31 -7.88 -18.22
CA MET A 16 -9.38 -6.43 -18.34
C MET A 16 -8.29 -5.77 -17.49
N ASN A 17 -8.13 -6.27 -16.28
CA ASN A 17 -7.15 -5.71 -15.36
C ASN A 17 -5.75 -5.80 -15.96
N LEU A 18 -5.39 -6.98 -16.45
CA LEU A 18 -4.06 -7.18 -17.02
C LEU A 18 -3.82 -6.24 -18.21
N ALA A 19 -4.86 -5.94 -18.97
CA ALA A 19 -4.74 -5.05 -20.11
C ALA A 19 -4.31 -3.66 -19.66
N ALA A 20 -5.01 -3.12 -18.67
CA ALA A 20 -4.68 -1.79 -18.14
C ALA A 20 -3.25 -1.77 -17.61
N ILE A 21 -2.87 -2.84 -16.92
CA ILE A 21 -1.53 -2.98 -16.38
C ILE A 21 -0.48 -2.79 -17.49
N LYS A 22 -0.61 -3.54 -18.58
CA LYS A 22 0.36 -3.47 -19.66
C LYS A 22 0.59 -2.04 -20.17
N LYS A 23 -0.40 -1.16 -19.99
CA LYS A 23 -0.29 0.20 -20.48
C LYS A 23 0.90 0.94 -19.87
N ILE A 24 1.23 0.61 -18.62
CA ILE A 24 2.31 1.29 -17.90
C ILE A 24 3.51 0.36 -17.74
N ASP A 25 3.22 -0.90 -17.40
CA ASP A 25 4.26 -1.89 -17.19
C ASP A 25 4.10 -3.03 -18.22
N PRO A 26 4.52 -2.82 -19.46
CA PRO A 26 4.29 -3.84 -20.54
C PRO A 26 4.87 -5.22 -20.19
N TYR A 27 5.81 -5.27 -19.25
CA TYR A 27 6.49 -6.54 -18.94
C TYR A 27 5.79 -7.35 -17.85
N ALA A 28 4.58 -6.97 -17.43
CA ALA A 28 3.83 -7.74 -16.45
C ALA A 28 3.09 -8.87 -17.17
N LYS A 29 3.30 -10.11 -16.69
CA LYS A 29 2.71 -11.27 -17.36
C LYS A 29 1.43 -11.70 -16.67
N GLU A 30 1.44 -11.66 -15.34
CA GLU A 30 0.26 -12.06 -14.58
C GLU A 30 0.20 -11.36 -13.22
N ILE A 31 -1.01 -11.26 -12.67
CA ILE A 31 -1.19 -10.66 -11.35
C ILE A 31 -1.15 -11.74 -10.27
N VAL A 32 -0.48 -11.44 -9.16
CA VAL A 32 -0.43 -12.36 -8.04
C VAL A 32 -1.59 -12.07 -7.08
N ASP A 33 -1.79 -10.78 -6.79
CA ASP A 33 -2.88 -10.36 -5.93
C ASP A 33 -3.24 -8.90 -6.21
N SER A 34 -4.45 -8.51 -5.87
CA SER A 34 -4.89 -7.13 -6.11
C SER A 34 -5.77 -6.61 -4.98
N SER A 35 -5.45 -5.42 -4.51
CA SER A 35 -6.24 -4.76 -3.48
C SER A 35 -7.06 -3.63 -4.10
N SER A 36 -8.37 -3.68 -3.90
CA SER A 36 -9.29 -2.77 -4.58
C SER A 36 -8.89 -1.31 -4.35
N HIS A 37 -8.43 -1.01 -3.15
CA HIS A 37 -8.06 0.37 -2.82
C HIS A 37 -6.95 0.42 -1.77
N VAL A 38 -5.88 1.12 -2.10
CA VAL A 38 -4.71 1.24 -1.25
C VAL A 38 -4.11 2.64 -1.38
N ALA A 39 -3.70 3.22 -0.26
CA ALA A 39 -3.14 4.58 -0.26
C ALA A 39 -1.78 4.60 0.41
N PHE A 40 -0.92 5.51 -0.03
CA PHE A 40 0.44 5.60 0.48
C PHE A 40 0.58 6.69 1.55
N TYR A 41 1.15 6.32 2.69
CA TYR A 41 1.38 7.26 3.79
C TYR A 41 2.85 7.28 4.19
N THR A 42 3.35 8.46 4.54
CA THR A 42 4.73 8.61 4.98
C THR A 42 4.75 9.22 6.38
N PHE A 43 5.73 8.84 7.20
CA PHE A 43 5.86 9.42 8.53
C PHE A 43 7.07 10.35 8.59
N ASN A 44 6.86 11.56 9.12
CA ASN A 44 7.95 12.52 9.27
C ASN A 44 8.39 12.58 10.74
N SER A 45 9.64 12.18 10.98
CA SER A 45 10.17 12.12 12.34
C SER A 45 10.34 13.52 12.95
N SER A 46 10.64 14.51 12.11
CA SER A 46 10.86 15.87 12.60
C SER A 46 9.61 16.41 13.28
N GLN A 47 8.45 16.11 12.71
CA GLN A 47 7.18 16.60 13.26
C GLN A 47 6.54 15.60 14.22
N ASN A 48 6.90 14.31 14.12
CA ASN A 48 6.30 13.26 14.95
C ASN A 48 4.84 13.06 14.56
N GLU A 49 4.60 13.03 13.25
CA GLU A 49 3.23 12.89 12.74
C GLU A 49 3.21 12.22 11.38
N TRP A 50 2.04 11.73 10.98
CA TRP A 50 1.89 11.12 9.67
C TRP A 50 1.41 12.13 8.64
N GLU A 51 1.93 12.05 7.42
CA GLU A 51 1.49 12.92 6.34
C GLU A 51 1.00 12.09 5.17
N LYS A 52 -0.17 12.42 4.65
CA LYS A 52 -0.72 11.70 3.51
C LYS A 52 0.00 12.13 2.22
N THR A 53 0.26 11.16 1.35
CA THR A 53 0.92 11.47 0.08
C THR A 53 -0.12 11.72 -1.00
N ASP A 54 0.33 12.17 -2.17
CA ASP A 54 -0.58 12.41 -3.28
C ASP A 54 -0.82 11.14 -4.11
N VAL A 55 -0.45 9.97 -3.59
CA VAL A 55 -0.64 8.71 -4.31
C VAL A 55 -1.80 7.93 -3.71
N GLU A 56 -2.91 7.91 -4.43
CA GLU A 56 -4.08 7.13 -4.03
C GLU A 56 -4.54 6.31 -5.23
N GLY A 57 -4.44 4.99 -5.12
CA GLY A 57 -4.64 4.14 -6.29
C GLY A 57 -4.91 2.69 -5.92
N ALA A 58 -5.17 1.89 -6.94
CA ALA A 58 -5.36 0.45 -6.74
C ALA A 58 -4.00 -0.22 -6.65
N PHE A 59 -3.83 -1.12 -5.70
CA PHE A 59 -2.53 -1.78 -5.49
C PHE A 59 -2.53 -3.16 -6.15
N PHE A 60 -1.51 -3.42 -6.96
CA PHE A 60 -1.37 -4.72 -7.61
C PHE A 60 0.06 -5.23 -7.45
N ILE A 61 0.20 -6.54 -7.26
CA ILE A 61 1.52 -7.17 -7.27
C ILE A 61 1.73 -7.84 -8.63
N TYR A 62 2.86 -7.54 -9.27
CA TYR A 62 3.11 -8.05 -10.62
C TYR A 62 4.20 -9.11 -10.60
N HIS A 63 3.95 -10.19 -11.35
CA HIS A 63 4.93 -11.26 -11.50
C HIS A 63 5.38 -11.37 -12.95
N ARG A 64 6.66 -11.65 -13.14
CA ARG A 64 7.22 -11.80 -14.48
C ARG A 64 8.24 -12.94 -14.50
N ASN A 65 8.33 -13.63 -15.63
CA ASN A 65 9.30 -14.72 -15.78
C ASN A 65 10.66 -14.22 -16.25
N ALA A 66 11.00 -12.97 -15.93
CA ALA A 66 12.29 -12.40 -16.32
C ALA A 66 12.62 -11.22 -15.40
N GLU A 67 13.87 -10.79 -15.43
CA GLU A 67 14.29 -9.71 -14.55
C GLU A 67 13.55 -8.41 -14.89
N PRO A 68 12.95 -7.69 -13.96
CA PRO A 68 12.86 -8.04 -12.51
C PRO A 68 11.87 -9.18 -12.28
N PHE A 69 12.23 -10.08 -11.36
CA PHE A 69 11.39 -11.24 -11.10
C PHE A 69 10.06 -10.84 -10.47
N HIS A 70 10.12 -9.91 -9.52
CA HIS A 70 8.92 -9.48 -8.80
C HIS A 70 8.96 -7.97 -8.53
N SER A 71 7.83 -7.33 -8.75
CA SER A 71 7.74 -5.88 -8.56
C SER A 71 6.33 -5.48 -8.17
N ILE A 72 6.23 -4.38 -7.44
CA ILE A 72 4.93 -3.87 -6.99
C ILE A 72 4.58 -2.60 -7.75
N PHE A 73 3.31 -2.48 -8.11
CA PHE A 73 2.84 -1.35 -8.90
C PHE A 73 1.58 -0.75 -8.29
N ILE A 74 1.47 0.58 -8.32
CA ILE A 74 0.25 1.25 -7.89
C ILE A 74 -0.26 2.18 -8.99
N ASN A 75 -1.54 2.05 -9.29
CA ASN A 75 -2.19 2.85 -10.32
C ASN A 75 -2.93 4.02 -9.68
N ASN A 76 -2.30 5.19 -9.72
CA ASN A 76 -2.85 6.39 -9.09
C ASN A 76 -4.03 6.94 -9.88
N ARG A 77 -5.23 6.76 -9.33
CA ARG A 77 -6.45 7.08 -10.07
C ARG A 77 -6.63 8.58 -10.22
N LEU A 78 -6.51 9.31 -9.11
CA LEU A 78 -6.78 10.74 -9.13
C LEU A 78 -5.74 11.50 -9.95
N ASN A 79 -4.47 11.16 -9.74
CA ASN A 79 -3.38 11.89 -10.39
C ASN A 79 -2.91 11.26 -11.71
N THR A 80 -3.46 10.10 -12.09
CA THR A 80 -3.12 9.42 -13.34
C THR A 80 -1.61 9.38 -13.57
N THR A 81 -0.88 9.11 -12.49
CA THR A 81 0.58 9.01 -12.54
C THR A 81 1.00 7.63 -12.06
N SER A 82 1.97 7.03 -12.76
CA SER A 82 2.42 5.69 -12.44
C SER A 82 3.41 5.69 -11.28
N PHE A 83 3.19 4.80 -10.31
CA PHE A 83 4.15 4.62 -9.23
C PHE A 83 4.67 3.19 -9.23
N VAL A 84 5.98 3.03 -9.34
CA VAL A 84 6.58 1.68 -9.40
C VAL A 84 7.65 1.53 -8.32
N GLU A 85 7.77 0.31 -7.78
CA GLU A 85 8.84 0.01 -6.83
C GLU A 85 9.28 -1.46 -6.97
N PRO A 86 10.55 -1.78 -7.17
CA PRO A 86 10.99 -3.20 -7.25
C PRO A 86 11.05 -3.87 -5.88
N ILE A 87 10.83 -5.19 -5.84
CA ILE A 87 10.93 -5.92 -4.58
C ILE A 87 12.33 -6.50 -4.41
N THR A 88 12.88 -6.36 -3.21
CA THR A 88 14.19 -6.91 -2.89
C THR A 88 14.13 -7.68 -1.57
N GLY A 89 15.06 -8.60 -1.36
CA GLY A 89 15.07 -9.39 -0.14
C GLY A 89 15.88 -8.74 0.97
N SER A 90 15.87 -7.41 1.01
CA SER A 90 16.48 -6.65 2.10
C SER A 90 15.42 -5.95 2.96
N LEU A 91 14.22 -5.74 2.41
CA LEU A 91 13.17 -5.00 3.11
C LEU A 91 12.65 -5.79 4.31
N GLU A 92 12.28 -5.08 5.37
CA GLU A 92 11.69 -5.71 6.53
C GLU A 92 10.30 -5.13 6.80
N LEU A 93 9.34 -5.99 7.10
CA LEU A 93 7.96 -5.57 7.30
C LEU A 93 7.54 -5.80 8.76
N GLN A 94 6.50 -5.08 9.18
CA GLN A 94 5.96 -5.23 10.52
C GLN A 94 4.47 -4.96 10.48
N SER A 95 3.68 -5.73 11.25
CA SER A 95 2.24 -5.57 11.24
C SER A 95 1.75 -4.91 12.53
N GLN A 96 1.31 -3.66 12.42
CA GLN A 96 0.64 -2.99 13.52
C GLN A 96 -0.86 -2.90 13.20
N PRO A 97 -1.73 -3.72 13.77
CA PRO A 97 -3.14 -3.78 13.30
C PRO A 97 -3.88 -2.45 13.51
N PRO A 98 -4.79 -2.03 12.65
CA PRO A 98 -5.17 -2.72 11.37
C PRO A 98 -4.41 -2.18 10.15
N PHE A 99 -3.29 -1.51 10.39
CA PHE A 99 -2.51 -0.88 9.32
C PHE A 99 -1.19 -1.61 9.12
N LEU A 100 -0.55 -1.45 7.96
CA LEU A 100 0.70 -2.16 7.68
C LEU A 100 1.89 -1.20 7.64
N LEU A 101 2.97 -1.57 8.31
CA LEU A 101 4.14 -0.70 8.44
C LEU A 101 5.38 -1.39 7.89
N TYR A 102 6.23 -0.63 7.19
CA TYR A 102 7.48 -1.18 6.68
C TYR A 102 8.59 -0.14 6.78
N ARG A 103 9.84 -0.60 6.79
CA ARG A 103 10.97 0.31 6.91
C ARG A 103 11.64 0.53 5.55
N ASN A 104 12.17 1.73 5.35
CA ASN A 104 12.79 2.09 4.08
C ASN A 104 14.19 2.67 4.28
N GLU A 105 14.98 2.65 3.20
CA GLU A 105 16.36 3.10 3.24
C GLU A 105 16.50 4.47 3.93
N ARG A 106 17.64 4.67 4.57
CA ARG A 106 17.94 5.93 5.26
C ARG A 106 16.98 6.18 6.43
N SER A 107 16.51 5.11 7.06
CA SER A 107 15.85 5.23 8.37
C SER A 107 14.52 5.99 8.26
N ARG A 108 13.81 5.78 7.15
CA ARG A 108 12.52 6.42 6.95
C ARG A 108 11.41 5.42 7.23
N ILE A 109 10.25 5.90 7.67
CA ILE A 109 9.13 5.02 7.98
C ILE A 109 8.00 5.29 7.00
N ARG A 110 7.53 4.23 6.35
CA ARG A 110 6.46 4.34 5.37
C ARG A 110 5.48 3.19 5.55
N GLY A 111 4.22 3.43 5.23
CA GLY A 111 3.19 2.42 5.47
C GLY A 111 2.08 2.49 4.43
N PHE A 112 1.23 1.46 4.44
CA PHE A 112 0.12 1.37 3.49
C PHE A 112 -1.21 1.21 4.22
N TRP A 113 -2.21 1.91 3.72
CA TRP A 113 -3.57 1.81 4.25
C TRP A 113 -4.45 1.03 3.28
N PHE A 114 -5.09 -0.02 3.79
CA PHE A 114 -5.95 -0.85 2.95
C PHE A 114 -7.41 -0.69 3.34
N TYR A 115 -8.30 -0.74 2.35
CA TYR A 115 -9.74 -0.64 2.60
C TYR A 115 -10.19 -1.65 3.66
N ASN A 116 -9.62 -2.85 3.63
CA ASN A 116 -9.97 -3.89 4.59
C ASN A 116 -8.71 -4.51 5.18
N SER A 117 -8.71 -4.68 6.50
CA SER A 117 -7.55 -5.22 7.20
C SER A 117 -7.23 -6.64 6.73
N GLU A 118 -8.28 -7.44 6.56
CA GLU A 118 -8.11 -8.82 6.11
C GLU A 118 -7.44 -8.83 4.74
N GLU A 119 -7.89 -7.94 3.86
CA GLU A 119 -7.33 -7.82 2.53
C GLU A 119 -5.83 -7.55 2.61
N CYS A 120 -5.47 -6.64 3.51
CA CYS A 120 -4.06 -6.32 3.72
C CYS A 120 -3.28 -7.56 4.15
N ASP A 121 -3.87 -8.38 5.00
CA ASP A 121 -3.18 -9.55 5.52
C ASP A 121 -2.79 -10.49 4.38
N ARG A 122 -3.70 -10.70 3.45
CA ARG A 122 -3.44 -11.61 2.33
C ARG A 122 -2.24 -11.13 1.53
N ILE A 123 -2.25 -9.85 1.17
CA ILE A 123 -1.16 -9.29 0.37
C ILE A 123 0.17 -9.46 1.10
N SER A 124 0.17 -9.17 2.39
CA SER A 124 1.39 -9.25 3.18
C SER A 124 1.97 -10.66 3.16
N GLY A 125 1.10 -11.65 3.30
CA GLY A 125 1.54 -13.04 3.33
C GLY A 125 2.28 -13.39 2.04
N LEU A 126 1.74 -12.94 0.92
CA LEU A 126 2.34 -13.24 -0.38
C LEU A 126 3.77 -12.70 -0.44
N VAL A 127 3.92 -11.43 -0.08
CA VAL A 127 5.24 -10.80 -0.14
C VAL A 127 6.22 -11.56 0.75
N ASN A 128 5.78 -11.95 1.93
CA ASN A 128 6.65 -12.65 2.87
C ASN A 128 7.19 -13.93 2.23
N GLY A 129 6.32 -14.66 1.54
CA GLY A 129 6.71 -15.91 0.90
C GLY A 129 7.81 -15.67 -0.13
N LEU A 130 7.63 -14.63 -0.95
CA LEU A 130 8.60 -14.31 -1.98
C LEU A 130 9.98 -14.06 -1.36
N LEU A 131 9.98 -13.33 -0.24
CA LEU A 131 11.23 -13.02 0.45
C LEU A 131 11.94 -14.30 0.87
N LYS A 132 11.18 -15.26 1.38
CA LYS A 132 11.75 -16.53 1.84
C LYS A 132 11.64 -17.64 0.78
N SER A 133 11.27 -17.31 -0.45
CA SER A 133 11.15 -18.30 -1.51
C SER A 133 11.99 -17.90 -2.72
N LYS A 134 12.66 -18.87 -3.34
CA LYS A 134 13.48 -18.60 -4.51
C LYS A 134 12.72 -18.93 -5.79
N GLY B 1 -20.02 34.47 3.49
CA GLY B 1 -19.63 33.06 3.21
C GLY B 1 -20.82 32.27 2.65
N PRO B 2 -21.52 32.77 1.64
CA PRO B 2 -22.74 32.08 1.12
C PRO B 2 -22.41 30.73 0.51
N GLN B 3 -23.29 29.75 0.74
CA GLN B 3 -23.08 28.40 0.21
C GLN B 3 -24.26 28.00 -0.68
N ASP B 4 -23.97 27.18 -1.69
CA ASP B 4 -25.01 26.73 -2.60
C ASP B 4 -25.76 25.53 -2.00
N PRO B 5 -26.98 25.28 -2.42
CA PRO B 5 -27.77 24.13 -1.88
C PRO B 5 -27.49 22.82 -2.62
N LEU B 6 -26.29 22.69 -3.17
CA LEU B 6 -25.91 21.48 -3.89
C LEU B 6 -25.92 20.27 -2.95
N LEU B 7 -25.45 20.48 -1.72
CA LEU B 7 -25.39 19.39 -0.75
C LEU B 7 -26.77 19.17 -0.13
N GLN B 8 -27.06 17.91 0.20
CA GLN B 8 -28.35 17.56 0.79
C GLN B 8 -28.44 18.07 2.23
N GLN B 9 -29.66 18.28 2.71
CA GLN B 9 -29.87 18.77 4.06
C GLN B 9 -29.20 17.84 5.08
N GLN B 10 -29.28 16.54 4.84
CA GLN B 10 -28.67 15.57 5.74
C GLN B 10 -27.16 15.70 5.71
N ARG B 11 -26.53 15.45 6.86
CA ARG B 11 -25.08 15.57 6.96
C ARG B 11 -24.41 14.33 6.36
N ALA B 12 -23.57 14.57 5.34
CA ALA B 12 -22.87 13.48 4.68
C ALA B 12 -21.38 13.52 5.03
N PRO B 13 -20.64 12.44 4.82
CA PRO B 13 -19.18 12.44 5.13
C PRO B 13 -18.45 13.60 4.47
N PHE B 14 -17.26 13.92 4.97
CA PHE B 14 -16.49 15.02 4.42
C PHE B 14 -15.51 14.52 3.37
N PRO B 15 -15.80 14.64 2.09
CA PRO B 15 -14.87 14.15 1.02
C PRO B 15 -13.50 14.81 1.13
N GLY B 16 -12.45 14.00 1.14
CA GLY B 16 -11.09 14.51 1.23
C GLY B 16 -10.50 14.45 2.65
N GLN B 17 -11.30 14.05 3.65
CA GLN B 17 -10.79 13.93 5.01
C GLN B 17 -9.72 12.85 5.09
N MET B 18 -8.65 13.14 5.82
CA MET B 18 -7.56 12.18 5.95
C MET B 18 -7.75 11.32 7.21
N PRO B 19 -7.90 10.01 7.11
CA PRO B 19 -8.03 9.15 8.33
C PRO B 19 -6.88 9.38 9.30
N ASN B 20 -7.19 9.36 10.59
CA ASN B 20 -6.17 9.57 11.61
C ASN B 20 -5.51 8.25 11.98
N LEU B 21 -4.26 8.09 11.56
CA LEU B 21 -3.52 6.86 11.86
C LEU B 21 -3.21 6.79 13.35
N PRO B 22 -3.09 5.61 13.93
CA PRO B 22 -2.68 5.49 15.36
C PRO B 22 -1.16 5.66 15.52
N LYS B 23 -0.74 6.36 16.56
CA LYS B 23 0.67 6.56 16.80
C LYS B 23 1.19 5.54 17.82
N PRO B 24 2.23 4.77 17.53
CA PRO B 24 2.85 3.87 18.55
C PRO B 24 3.67 4.64 19.58
N PRO B 25 3.86 4.11 20.77
CA PRO B 25 4.69 4.80 21.80
C PRO B 25 6.08 5.16 21.26
N LEU B 26 6.69 6.19 21.84
CA LEU B 26 7.99 6.67 21.36
C LEU B 26 9.01 5.53 21.21
N PHE B 27 8.88 4.49 22.01
CA PHE B 27 9.85 3.40 21.99
C PHE B 27 9.96 2.80 20.58
N TRP B 28 8.84 2.71 19.88
CA TRP B 28 8.79 2.12 18.56
C TRP B 28 9.69 2.91 17.59
N GLN B 29 9.54 4.23 17.60
CA GLN B 29 10.29 5.08 16.69
C GLN B 29 11.79 4.94 16.93
N GLN B 30 12.19 5.05 18.19
CA GLN B 30 13.61 5.02 18.53
C GLN B 30 14.25 3.70 18.11
N GLU B 31 13.57 2.60 18.42
CA GLU B 31 14.12 1.28 18.16
C GLU B 31 14.41 1.11 16.67
N ALA B 32 13.45 1.51 15.83
CA ALA B 32 13.59 1.33 14.39
C ALA B 32 14.80 2.10 13.87
N GLN B 33 14.91 3.37 14.25
CA GLN B 33 15.96 4.23 13.73
C GLN B 33 17.34 3.68 14.05
N LYS B 34 17.52 3.21 15.28
CA LYS B 34 18.81 2.71 15.72
C LYS B 34 19.20 1.43 14.99
N GLN B 35 18.28 0.47 14.95
CA GLN B 35 18.56 -0.82 14.35
C GLN B 35 19.05 -0.66 12.90
N GLU B 36 18.32 0.12 12.12
CA GLU B 36 18.68 0.33 10.72
C GLU B 36 19.98 1.13 10.60
N ALA B 37 20.16 2.10 11.48
CA ALA B 37 21.36 2.94 11.45
C ALA B 37 22.62 2.09 11.52
N LEU B 38 23.63 2.50 10.76
CA LEU B 38 24.90 1.76 10.74
C LEU B 38 25.55 1.79 12.13
N GLY A 1 -17.01 -10.46 0.92
CA GLY A 1 -15.94 -11.02 0.05
C GLY A 1 -15.70 -12.49 0.40
N PRO A 2 -15.00 -12.78 1.48
CA PRO A 2 -14.74 -14.20 1.88
C PRO A 2 -16.01 -14.92 2.30
N HIS A 3 -16.93 -14.18 2.91
CA HIS A 3 -18.19 -14.76 3.37
C HIS A 3 -18.93 -15.40 2.20
N MET A 4 -18.92 -14.73 1.06
CA MET A 4 -19.60 -15.26 -0.13
C MET A 4 -18.60 -15.98 -1.04
N ALA A 5 -18.89 -17.23 -1.36
CA ALA A 5 -18.02 -18.02 -2.22
C ALA A 5 -18.61 -18.13 -3.63
N ASP A 6 -17.77 -17.87 -4.63
CA ASP A 6 -18.22 -17.94 -6.02
C ASP A 6 -17.93 -19.32 -6.60
N LEU A 7 -18.96 -19.94 -7.16
CA LEU A 7 -18.80 -21.27 -7.76
C LEU A 7 -17.73 -21.26 -8.83
N MET A 8 -17.72 -20.21 -9.64
CA MET A 8 -16.74 -20.08 -10.71
C MET A 8 -16.31 -18.62 -10.86
N ALA A 9 -15.00 -18.40 -10.99
CA ALA A 9 -14.48 -17.05 -11.15
C ALA A 9 -14.63 -16.58 -12.58
N ASP A 10 -14.90 -15.28 -12.75
CA ASP A 10 -15.06 -14.71 -14.08
C ASP A 10 -13.70 -14.37 -14.69
N GLU A 11 -13.32 -15.11 -15.72
CA GLU A 11 -12.04 -14.89 -16.39
C GLU A 11 -11.98 -13.51 -17.06
N SER A 12 -13.12 -13.04 -17.56
CA SER A 12 -13.16 -11.77 -18.28
C SER A 12 -12.60 -10.64 -17.42
N ILE A 13 -12.96 -10.65 -16.14
CA ILE A 13 -12.52 -9.60 -15.22
C ILE A 13 -10.99 -9.57 -15.15
N THR A 14 -10.39 -10.75 -14.98
CA THR A 14 -8.94 -10.83 -14.84
C THR A 14 -8.26 -10.25 -16.08
N ARG A 15 -8.78 -10.61 -17.25
CA ARG A 15 -8.18 -10.14 -18.51
C ARG A 15 -8.19 -8.62 -18.56
N MET A 16 -9.31 -8.01 -18.20
CA MET A 16 -9.44 -6.57 -18.25
C MET A 16 -8.37 -5.90 -17.39
N ASN A 17 -8.17 -6.43 -16.19
CA ASN A 17 -7.20 -5.86 -15.27
C ASN A 17 -5.81 -5.90 -15.88
N LEU A 18 -5.41 -7.05 -16.41
CA LEU A 18 -4.09 -7.19 -17.00
C LEU A 18 -3.90 -6.23 -18.17
N ALA A 19 -4.96 -5.95 -18.91
CA ALA A 19 -4.89 -5.03 -20.04
C ALA A 19 -4.50 -3.63 -19.56
N ALA A 20 -5.20 -3.13 -18.55
CA ALA A 20 -4.89 -1.80 -18.02
C ALA A 20 -3.45 -1.73 -17.53
N ILE A 21 -3.01 -2.79 -16.86
CA ILE A 21 -1.64 -2.89 -16.36
C ILE A 21 -0.65 -2.67 -17.50
N LYS A 22 -0.79 -3.43 -18.59
CA LYS A 22 0.14 -3.31 -19.72
C LYS A 22 0.27 -1.87 -20.23
N LYS A 23 -0.71 -1.02 -19.94
CA LYS A 23 -0.68 0.36 -20.42
C LYS A 23 0.57 1.10 -19.95
N ILE A 24 1.03 0.78 -18.74
CA ILE A 24 2.19 1.46 -18.16
C ILE A 24 3.37 0.51 -18.03
N ASP A 25 3.08 -0.73 -17.64
CA ASP A 25 4.11 -1.75 -17.44
C ASP A 25 3.90 -2.91 -18.42
N PRO A 26 4.28 -2.75 -19.67
CA PRO A 26 4.03 -3.81 -20.71
C PRO A 26 4.61 -5.17 -20.34
N TYR A 27 5.60 -5.18 -19.45
CA TYR A 27 6.29 -6.43 -19.12
C TYR A 27 5.64 -7.22 -17.98
N ALA A 28 4.47 -6.80 -17.51
CA ALA A 28 3.75 -7.57 -16.51
C ALA A 28 2.99 -8.71 -17.20
N LYS A 29 3.26 -9.94 -16.78
CA LYS A 29 2.68 -11.10 -17.47
C LYS A 29 1.44 -11.60 -16.74
N GLU A 30 1.50 -11.61 -15.41
CA GLU A 30 0.36 -12.07 -14.62
C GLU A 30 0.29 -11.36 -13.27
N ILE A 31 -0.92 -11.27 -12.74
CA ILE A 31 -1.13 -10.65 -11.43
C ILE A 31 -1.11 -11.72 -10.34
N VAL A 32 -0.43 -11.41 -9.24
CA VAL A 32 -0.37 -12.34 -8.11
C VAL A 32 -1.53 -12.04 -7.15
N ASP A 33 -1.73 -10.75 -6.87
CA ASP A 33 -2.83 -10.33 -5.99
C ASP A 33 -3.18 -8.88 -6.28
N SER A 34 -4.41 -8.49 -5.94
CA SER A 34 -4.85 -7.12 -6.17
C SER A 34 -5.74 -6.63 -5.04
N SER A 35 -5.45 -5.41 -4.57
CA SER A 35 -6.26 -4.78 -3.54
C SER A 35 -7.06 -3.63 -4.16
N SER A 36 -8.37 -3.66 -3.95
CA SER A 36 -9.27 -2.75 -4.63
C SER A 36 -8.87 -1.29 -4.40
N HIS A 37 -8.40 -0.99 -3.19
CA HIS A 37 -8.02 0.38 -2.86
C HIS A 37 -6.91 0.42 -1.81
N VAL A 38 -5.83 1.13 -2.16
CA VAL A 38 -4.67 1.23 -1.29
C VAL A 38 -4.05 2.62 -1.42
N ALA A 39 -3.54 3.15 -0.31
CA ALA A 39 -2.92 4.47 -0.33
C ALA A 39 -1.56 4.43 0.37
N PHE A 40 -0.65 5.31 -0.07
CA PHE A 40 0.70 5.32 0.47
C PHE A 40 0.87 6.42 1.52
N TYR A 41 1.44 6.05 2.66
CA TYR A 41 1.68 7.01 3.74
C TYR A 41 3.15 7.01 4.14
N THR A 42 3.70 8.19 4.41
CA THR A 42 5.08 8.34 4.84
C THR A 42 5.11 9.00 6.21
N PHE A 43 6.09 8.63 7.05
CA PHE A 43 6.25 9.28 8.36
C PHE A 43 7.45 10.20 8.34
N ASN A 44 7.27 11.42 8.83
CA ASN A 44 8.35 12.39 8.91
C ASN A 44 8.81 12.52 10.36
N SER A 45 10.06 12.13 10.61
CA SER A 45 10.62 12.14 11.96
C SER A 45 10.79 13.57 12.49
N SER A 46 11.08 14.50 11.60
CA SER A 46 11.32 15.89 12.02
C SER A 46 10.07 16.48 12.67
N GLN A 47 8.90 16.15 12.14
CA GLN A 47 7.65 16.67 12.67
C GLN A 47 7.01 15.73 13.70
N ASN A 48 7.36 14.44 13.67
CA ASN A 48 6.79 13.45 14.57
C ASN A 48 5.32 13.21 14.21
N GLU A 49 5.05 13.12 12.91
CA GLU A 49 3.68 12.95 12.44
C GLU A 49 3.64 12.21 11.11
N TRP A 50 2.46 11.73 10.73
CA TRP A 50 2.29 11.06 9.46
C TRP A 50 1.82 12.05 8.39
N GLU A 51 2.34 11.89 7.17
CA GLU A 51 1.92 12.73 6.05
C GLU A 51 1.45 11.85 4.90
N LYS A 52 0.24 12.12 4.42
CA LYS A 52 -0.29 11.36 3.28
C LYS A 52 0.43 11.80 2.00
N THR A 53 0.70 10.85 1.13
CA THR A 53 1.41 11.16 -0.11
C THR A 53 0.42 11.45 -1.22
N ASP A 54 0.94 11.79 -2.40
CA ASP A 54 0.08 12.09 -3.54
C ASP A 54 -0.27 10.83 -4.35
N VAL A 55 -0.04 9.64 -3.78
CA VAL A 55 -0.36 8.40 -4.48
C VAL A 55 -1.54 7.71 -3.82
N GLU A 56 -2.69 7.77 -4.48
CA GLU A 56 -3.88 7.05 -4.04
C GLU A 56 -4.44 6.27 -5.22
N GLY A 57 -4.36 4.95 -5.16
CA GLY A 57 -4.64 4.14 -6.34
C GLY A 57 -4.91 2.68 -5.98
N ALA A 58 -5.23 1.90 -7.01
CA ALA A 58 -5.42 0.47 -6.83
C ALA A 58 -4.04 -0.20 -6.76
N PHE A 59 -3.86 -1.11 -5.82
CA PHE A 59 -2.56 -1.74 -5.62
C PHE A 59 -2.54 -3.12 -6.27
N PHE A 60 -1.54 -3.37 -7.10
CA PHE A 60 -1.39 -4.67 -7.73
C PHE A 60 0.05 -5.18 -7.59
N ILE A 61 0.20 -6.47 -7.38
CA ILE A 61 1.54 -7.08 -7.39
C ILE A 61 1.75 -7.78 -8.74
N TYR A 62 2.86 -7.46 -9.39
CA TYR A 62 3.12 -7.98 -10.74
C TYR A 62 4.24 -9.03 -10.71
N HIS A 63 4.02 -10.10 -11.46
CA HIS A 63 5.02 -11.14 -11.61
C HIS A 63 5.44 -11.26 -13.08
N ARG A 64 6.72 -11.53 -13.30
CA ARG A 64 7.26 -11.67 -14.64
C ARG A 64 8.30 -12.79 -14.67
N ASN A 65 8.39 -13.48 -15.81
CA ASN A 65 9.38 -14.55 -15.97
C ASN A 65 10.74 -14.03 -16.44
N ALA A 66 11.05 -12.78 -16.11
CA ALA A 66 12.34 -12.18 -16.49
C ALA A 66 12.66 -11.02 -15.56
N GLU A 67 13.91 -10.58 -15.57
CA GLU A 67 14.34 -9.51 -14.68
C GLU A 67 13.59 -8.21 -15.03
N PRO A 68 12.97 -7.50 -14.10
CA PRO A 68 12.88 -7.85 -12.65
C PRO A 68 11.90 -9.01 -12.41
N PHE A 69 12.26 -9.90 -11.50
CA PHE A 69 11.44 -11.07 -11.22
C PHE A 69 10.10 -10.67 -10.62
N HIS A 70 10.14 -9.75 -9.65
CA HIS A 70 8.92 -9.34 -8.96
C HIS A 70 8.95 -7.84 -8.66
N SER A 71 7.82 -7.19 -8.87
CA SER A 71 7.73 -5.74 -8.67
C SER A 71 6.32 -5.35 -8.27
N ILE A 72 6.20 -4.25 -7.53
CA ILE A 72 4.90 -3.78 -7.07
C ILE A 72 4.54 -2.48 -7.78
N PHE A 73 3.28 -2.36 -8.18
CA PHE A 73 2.82 -1.20 -8.93
C PHE A 73 1.54 -0.63 -8.34
N ILE A 74 1.42 0.68 -8.34
CA ILE A 74 0.17 1.34 -7.94
C ILE A 74 -0.33 2.24 -9.06
N ASN A 75 -1.62 2.11 -9.36
CA ASN A 75 -2.28 2.89 -10.39
C ASN A 75 -3.05 4.04 -9.75
N ASN A 76 -2.46 5.23 -9.76
CA ASN A 76 -3.03 6.39 -9.09
C ASN A 76 -4.26 6.90 -9.84
N ARG A 77 -5.44 6.69 -9.27
CA ARG A 77 -6.69 6.96 -9.96
C ARG A 77 -6.96 8.47 -10.04
N LEU A 78 -6.65 9.18 -8.98
CA LEU A 78 -6.94 10.61 -8.92
C LEU A 78 -6.03 11.41 -9.83
N ASN A 79 -4.73 11.11 -9.78
CA ASN A 79 -3.75 11.88 -10.54
C ASN A 79 -3.41 11.27 -11.90
N THR A 80 -3.96 10.10 -12.23
CA THR A 80 -3.72 9.47 -13.53
C THR A 80 -2.23 9.36 -13.81
N THR A 81 -1.48 8.98 -12.79
CA THR A 81 -0.04 8.82 -12.90
C THR A 81 0.37 7.45 -12.39
N SER A 82 1.44 6.89 -12.96
CA SER A 82 1.88 5.55 -12.58
C SER A 82 3.09 5.61 -11.65
N PHE A 83 3.13 4.67 -10.71
CA PHE A 83 4.26 4.59 -9.79
C PHE A 83 4.67 3.12 -9.58
N VAL A 84 5.93 2.81 -9.87
CA VAL A 84 6.43 1.44 -9.75
C VAL A 84 7.67 1.39 -8.87
N GLU A 85 7.85 0.28 -8.17
CA GLU A 85 9.05 0.07 -7.36
C GLU A 85 9.43 -1.42 -7.32
N PRO A 86 10.69 -1.79 -7.47
CA PRO A 86 11.09 -3.23 -7.42
C PRO A 86 11.09 -3.79 -6.00
N ILE A 87 10.85 -5.10 -5.86
CA ILE A 87 10.87 -5.72 -4.54
C ILE A 87 12.27 -6.24 -4.22
N THR A 88 12.81 -5.79 -3.09
CA THR A 88 14.11 -6.28 -2.63
C THR A 88 13.91 -7.33 -1.55
N GLY A 89 14.94 -8.13 -1.32
CA GLY A 89 14.84 -9.22 -0.34
C GLY A 89 15.43 -8.88 1.04
N SER A 90 15.85 -7.63 1.23
CA SER A 90 16.38 -7.20 2.53
C SER A 90 15.36 -6.42 3.38
N LEU A 91 14.15 -6.21 2.86
CA LEU A 91 13.14 -5.45 3.58
C LEU A 91 12.64 -6.20 4.81
N GLU A 92 12.44 -5.47 5.90
CA GLU A 92 11.86 -6.04 7.11
C GLU A 92 10.46 -5.45 7.34
N LEU A 93 9.51 -6.31 7.68
CA LEU A 93 8.12 -5.89 7.82
C LEU A 93 7.65 -5.97 9.28
N GLN A 94 6.63 -5.19 9.59
CA GLN A 94 6.05 -5.18 10.93
C GLN A 94 4.53 -5.03 10.81
N SER A 95 3.79 -5.75 11.64
CA SER A 95 2.33 -5.66 11.60
C SER A 95 1.79 -4.83 12.77
N GLN A 96 1.31 -3.64 12.44
CA GLN A 96 0.57 -2.83 13.41
C GLN A 96 -0.92 -2.86 13.05
N PRO A 97 -1.77 -3.60 13.72
CA PRO A 97 -3.18 -3.75 13.25
C PRO A 97 -3.98 -2.45 13.41
N PRO A 98 -4.86 -2.08 12.49
CA PRO A 98 -5.15 -2.79 11.21
C PRO A 98 -4.29 -2.32 10.03
N PHE A 99 -3.26 -1.53 10.32
CA PHE A 99 -2.39 -0.97 9.29
C PHE A 99 -1.20 -1.90 9.02
N LEU A 100 -0.43 -1.62 7.97
CA LEU A 100 0.80 -2.36 7.71
C LEU A 100 2.00 -1.40 7.70
N LEU A 101 3.10 -1.80 8.35
CA LEU A 101 4.26 -0.94 8.48
C LEU A 101 5.51 -1.67 8.01
N TYR A 102 6.40 -0.96 7.31
CA TYR A 102 7.66 -1.54 6.89
C TYR A 102 8.78 -0.51 6.94
N ARG A 103 10.01 -0.97 7.08
CA ARG A 103 11.16 -0.08 7.19
C ARG A 103 11.91 0.02 5.86
N ASN A 104 12.45 1.19 5.57
CA ASN A 104 13.15 1.42 4.30
C ASN A 104 14.54 2.00 4.54
N GLU A 105 15.38 1.93 3.50
CA GLU A 105 16.76 2.38 3.58
C GLU A 105 16.88 3.76 4.23
N ARG A 106 17.98 3.96 4.95
CA ARG A 106 18.26 5.21 5.64
C ARG A 106 17.24 5.50 6.76
N SER A 107 16.71 4.44 7.37
CA SER A 107 15.97 4.59 8.63
C SER A 107 14.68 5.39 8.43
N ARG A 108 14.03 5.20 7.28
CA ARG A 108 12.78 5.89 6.99
C ARG A 108 11.62 4.93 7.26
N ILE A 109 10.47 5.48 7.64
CA ILE A 109 9.31 4.65 7.94
C ILE A 109 8.20 4.93 6.92
N ARG A 110 7.69 3.85 6.32
CA ARG A 110 6.62 3.97 5.36
C ARG A 110 5.60 2.87 5.60
N GLY A 111 4.33 3.17 5.36
CA GLY A 111 3.26 2.20 5.63
C GLY A 111 2.18 2.27 4.57
N PHE A 112 1.29 1.29 4.60
CA PHE A 112 0.21 1.20 3.61
C PHE A 112 -1.14 1.12 4.30
N TRP A 113 -2.12 1.84 3.73
CA TRP A 113 -3.49 1.79 4.21
C TRP A 113 -4.33 0.96 3.25
N PHE A 114 -5.03 -0.04 3.78
CA PHE A 114 -5.85 -0.92 2.96
C PHE A 114 -7.33 -0.76 3.32
N TYR A 115 -8.19 -0.79 2.31
CA TYR A 115 -9.63 -0.69 2.53
C TYR A 115 -10.12 -1.68 3.60
N ASN A 116 -9.55 -2.88 3.60
CA ASN A 116 -9.93 -3.90 4.57
C ASN A 116 -8.68 -4.54 5.18
N SER A 117 -8.70 -4.75 6.49
CA SER A 117 -7.55 -5.32 7.19
C SER A 117 -7.25 -6.73 6.68
N GLU A 118 -8.30 -7.52 6.48
CA GLU A 118 -8.14 -8.89 6.00
C GLU A 118 -7.46 -8.88 4.63
N GLU A 119 -7.89 -7.97 3.77
CA GLU A 119 -7.31 -7.82 2.44
C GLU A 119 -5.81 -7.55 2.55
N CYS A 120 -5.45 -6.67 3.49
CA CYS A 120 -4.04 -6.38 3.74
C CYS A 120 -3.30 -7.65 4.15
N ASP A 121 -3.94 -8.49 4.95
CA ASP A 121 -3.29 -9.70 5.45
C ASP A 121 -2.84 -10.58 4.29
N ARG A 122 -3.72 -10.78 3.32
CA ARG A 122 -3.41 -11.65 2.19
C ARG A 122 -2.20 -11.13 1.42
N ILE A 123 -2.24 -9.84 1.07
CA ILE A 123 -1.14 -9.25 0.30
C ILE A 123 0.18 -9.41 1.05
N SER A 124 0.13 -9.14 2.36
CA SER A 124 1.34 -9.21 3.18
C SER A 124 1.95 -10.61 3.14
N GLY A 125 1.10 -11.62 3.27
CA GLY A 125 1.58 -13.00 3.27
C GLY A 125 2.36 -13.30 1.99
N LEU A 126 1.81 -12.86 0.86
CA LEU A 126 2.45 -13.11 -0.42
C LEU A 126 3.86 -12.53 -0.45
N VAL A 127 3.98 -11.28 -0.03
CA VAL A 127 5.27 -10.61 -0.03
C VAL A 127 6.26 -11.38 0.83
N ASN A 128 5.81 -11.82 2.00
CA ASN A 128 6.67 -12.55 2.93
C ASN A 128 7.27 -13.78 2.25
N GLY A 129 6.44 -14.49 1.50
CA GLY A 129 6.89 -15.70 0.81
C GLY A 129 7.98 -15.38 -0.19
N LEU A 130 7.79 -14.31 -0.95
CA LEU A 130 8.79 -13.90 -1.94
C LEU A 130 10.13 -13.60 -1.28
N LEU A 131 10.08 -12.91 -0.15
CA LEU A 131 11.29 -12.52 0.56
C LEU A 131 12.09 -13.74 1.01
N LYS A 132 11.39 -14.73 1.55
CA LYS A 132 12.06 -15.93 2.06
C LYS A 132 12.47 -16.90 0.95
N SER A 133 11.82 -16.81 -0.21
CA SER A 133 12.13 -17.70 -1.33
C SER A 133 12.93 -16.96 -2.40
N LYS A 134 13.80 -17.69 -3.09
CA LYS A 134 14.62 -17.09 -4.14
C LYS A 134 15.30 -18.18 -4.96
N GLY B 1 -18.22 0.45 28.83
CA GLY B 1 -19.00 1.58 29.40
C GLY B 1 -18.57 2.89 28.72
N PRO B 2 -17.32 3.27 28.82
CA PRO B 2 -16.84 4.54 28.19
C PRO B 2 -17.27 4.65 26.73
N GLN B 3 -17.62 5.86 26.31
CA GLN B 3 -18.05 6.09 24.93
C GLN B 3 -16.94 6.78 24.14
N ASP B 4 -16.90 6.50 22.84
CA ASP B 4 -15.88 7.09 21.97
C ASP B 4 -16.05 8.61 21.91
N PRO B 5 -14.99 9.36 21.66
CA PRO B 5 -15.09 10.84 21.58
C PRO B 5 -15.50 11.32 20.19
N LEU B 6 -16.79 11.40 19.95
CA LEU B 6 -17.30 11.84 18.66
C LEU B 6 -16.79 13.25 18.35
N LEU B 7 -16.79 14.11 19.36
CA LEU B 7 -16.32 15.48 19.18
C LEU B 7 -14.92 15.65 19.77
N GLN B 8 -14.08 16.39 19.07
CA GLN B 8 -12.71 16.62 19.52
C GLN B 8 -12.32 18.08 19.33
N GLN B 9 -11.21 18.48 19.95
CA GLN B 9 -10.73 19.84 19.83
C GLN B 9 -10.51 20.22 18.38
N GLN B 10 -9.96 19.28 17.60
CA GLN B 10 -9.71 19.53 16.18
C GLN B 10 -10.94 19.17 15.35
N ARG B 11 -10.85 19.38 14.05
CA ARG B 11 -11.97 19.07 13.15
C ARG B 11 -12.36 17.60 13.27
N ALA B 12 -13.66 17.33 13.22
CA ALA B 12 -14.15 15.97 13.32
C ALA B 12 -13.97 15.23 11.99
N PRO B 13 -13.94 13.91 11.99
CA PRO B 13 -13.78 13.14 10.72
C PRO B 13 -14.96 13.31 9.79
N PHE B 14 -14.68 13.57 8.51
CA PHE B 14 -15.73 13.76 7.52
C PHE B 14 -15.25 13.33 6.14
N PRO B 15 -16.15 13.04 5.22
CA PRO B 15 -15.74 12.57 3.86
C PRO B 15 -14.83 13.58 3.16
N GLY B 16 -13.69 13.10 2.66
CA GLY B 16 -12.75 13.97 1.95
C GLY B 16 -11.58 14.43 2.82
N GLN B 17 -11.58 14.10 4.12
CA GLN B 17 -10.47 14.47 5.00
C GLN B 17 -9.43 13.37 5.05
N MET B 18 -8.18 13.75 5.28
CA MET B 18 -7.09 12.79 5.35
C MET B 18 -7.27 11.85 6.55
N PRO B 19 -7.38 10.54 6.38
CA PRO B 19 -7.52 9.61 7.54
C PRO B 19 -6.47 9.87 8.60
N ASN B 20 -6.82 9.63 9.86
CA ASN B 20 -5.88 9.85 10.96
C ASN B 20 -5.28 8.53 11.42
N LEU B 21 -3.96 8.44 11.39
CA LEU B 21 -3.27 7.23 11.83
C LEU B 21 -2.96 7.32 13.32
N PRO B 22 -2.94 6.23 14.05
CA PRO B 22 -2.52 6.25 15.48
C PRO B 22 -1.00 6.31 15.62
N LYS B 23 -0.51 7.10 16.56
CA LYS B 23 0.91 7.19 16.82
C LYS B 23 1.29 6.27 17.98
N PRO B 24 2.24 5.35 17.85
CA PRO B 24 2.64 4.47 18.99
C PRO B 24 3.55 5.21 19.98
N PRO B 25 3.69 4.72 21.19
CA PRO B 25 4.60 5.37 22.19
C PRO B 25 5.99 5.62 21.60
N LEU B 26 6.71 6.57 22.19
CA LEU B 26 8.03 6.94 21.67
C LEU B 26 8.94 5.73 21.46
N PHE B 27 8.68 4.63 22.16
CA PHE B 27 9.54 3.45 22.07
C PHE B 27 9.63 2.94 20.63
N TRP B 28 8.52 3.03 19.89
CA TRP B 28 8.45 2.45 18.55
C TRP B 28 9.42 3.16 17.60
N GLN B 29 9.39 4.50 17.59
CA GLN B 29 10.23 5.26 16.66
C GLN B 29 11.70 5.16 17.06
N GLN B 30 11.98 5.21 18.35
CA GLN B 30 13.36 5.14 18.83
C GLN B 30 14.01 3.82 18.42
N GLU B 31 13.28 2.73 18.63
CA GLU B 31 13.81 1.40 18.35
C GLU B 31 14.20 1.28 16.87
N ALA B 32 13.28 1.69 16.00
CA ALA B 32 13.52 1.55 14.57
C ALA B 32 14.79 2.32 14.15
N GLN B 33 14.90 3.55 14.61
CA GLN B 33 16.00 4.41 14.20
C GLN B 33 17.35 3.81 14.61
N LYS B 34 17.43 3.31 15.83
CA LYS B 34 18.68 2.76 16.34
C LYS B 34 19.09 1.51 15.58
N GLN B 35 18.15 0.60 15.37
CA GLN B 35 18.44 -0.66 14.69
C GLN B 35 19.06 -0.41 13.32
N GLU B 36 18.43 0.46 12.54
CA GLU B 36 18.96 0.78 11.21
C GLU B 36 20.32 1.48 11.31
N ALA B 37 20.48 2.33 12.32
CA ALA B 37 21.74 3.06 12.50
C ALA B 37 22.78 2.16 13.15
N LEU B 38 24.06 2.47 12.91
CA LEU B 38 25.15 1.68 13.48
C LEU B 38 25.04 1.65 15.00
N GLY A 1 -24.36 -14.01 -5.28
CA GLY A 1 -23.71 -14.91 -6.28
C GLY A 1 -24.66 -16.03 -6.70
N PRO A 2 -25.88 -15.72 -7.09
CA PRO A 2 -26.89 -16.78 -7.44
C PRO A 2 -26.48 -17.57 -8.68
N HIS A 3 -25.84 -16.88 -9.63
CA HIS A 3 -25.40 -17.53 -10.86
C HIS A 3 -23.94 -17.95 -10.75
N MET A 4 -23.12 -17.07 -10.19
CA MET A 4 -21.69 -17.36 -10.02
C MET A 4 -21.36 -17.59 -8.56
N ALA A 5 -20.38 -18.46 -8.31
CA ALA A 5 -19.97 -18.77 -6.95
C ALA A 5 -18.96 -17.75 -6.44
N ASP A 6 -19.24 -17.17 -5.28
CA ASP A 6 -18.34 -16.18 -4.69
C ASP A 6 -16.95 -16.77 -4.44
N LEU A 7 -16.92 -18.03 -4.00
CA LEU A 7 -15.65 -18.70 -3.71
C LEU A 7 -14.74 -18.67 -4.93
N MET A 8 -15.32 -18.87 -6.11
CA MET A 8 -14.53 -18.87 -7.34
C MET A 8 -14.57 -17.50 -8.00
N ALA A 9 -13.43 -17.07 -8.54
CA ALA A 9 -13.34 -15.77 -9.19
C ALA A 9 -13.48 -15.93 -10.71
N ASP A 10 -14.14 -14.96 -11.34
CA ASP A 10 -14.35 -15.00 -12.78
C ASP A 10 -13.04 -14.73 -13.51
N GLU A 11 -12.77 -15.50 -14.56
CA GLU A 11 -11.55 -15.34 -15.34
C GLU A 11 -11.56 -14.04 -16.14
N SER A 12 -12.73 -13.64 -16.61
CA SER A 12 -12.84 -12.44 -17.43
C SER A 12 -12.29 -11.23 -16.69
N ILE A 13 -12.61 -11.14 -15.40
CA ILE A 13 -12.16 -10.00 -14.59
C ILE A 13 -10.64 -9.96 -14.56
N THR A 14 -10.01 -11.11 -14.35
CA THR A 14 -8.56 -11.17 -14.26
C THR A 14 -7.91 -10.65 -15.54
N ARG A 15 -8.44 -11.07 -16.67
CA ARG A 15 -7.89 -10.66 -17.97
C ARG A 15 -7.96 -9.14 -18.11
N MET A 16 -9.10 -8.56 -17.77
CA MET A 16 -9.28 -7.12 -17.90
C MET A 16 -8.23 -6.38 -17.10
N ASN A 17 -7.97 -6.85 -15.89
CA ASN A 17 -7.00 -6.20 -15.01
C ASN A 17 -5.63 -6.19 -15.66
N LEU A 18 -5.18 -7.36 -16.12
CA LEU A 18 -3.87 -7.46 -16.75
C LEU A 18 -3.77 -6.57 -17.98
N ALA A 19 -4.89 -6.33 -18.67
CA ALA A 19 -4.90 -5.46 -19.84
C ALA A 19 -4.55 -4.03 -19.46
N ALA A 20 -5.26 -3.50 -18.47
CA ALA A 20 -4.98 -2.13 -18.00
C ALA A 20 -3.53 -2.00 -17.55
N ILE A 21 -3.04 -3.02 -16.86
CA ILE A 21 -1.67 -3.05 -16.39
C ILE A 21 -0.69 -2.83 -17.55
N LYS A 22 -0.82 -3.61 -18.62
CA LYS A 22 0.08 -3.47 -19.77
C LYS A 22 0.17 -2.03 -20.27
N LYS A 23 -0.86 -1.22 -20.03
CA LYS A 23 -0.87 0.15 -20.52
C LYS A 23 0.31 0.96 -19.99
N ILE A 24 0.71 0.67 -18.76
CA ILE A 24 1.79 1.41 -18.10
C ILE A 24 3.05 0.54 -18.05
N ASP A 25 2.86 -0.72 -17.67
CA ASP A 25 3.97 -1.67 -17.54
C ASP A 25 3.75 -2.83 -18.54
N PRO A 26 4.04 -2.62 -19.81
CA PRO A 26 3.76 -3.66 -20.85
C PRO A 26 4.40 -5.01 -20.55
N TYR A 27 5.43 -5.03 -19.70
CA TYR A 27 6.17 -6.27 -19.46
C TYR A 27 5.60 -7.12 -18.32
N ALA A 28 4.49 -6.70 -17.70
CA ALA A 28 3.84 -7.51 -16.68
C ALA A 28 3.03 -8.61 -17.36
N LYS A 29 3.21 -9.86 -16.91
CA LYS A 29 2.57 -10.98 -17.57
C LYS A 29 1.45 -11.57 -16.72
N GLU A 30 1.68 -11.62 -15.41
CA GLU A 30 0.72 -12.25 -14.50
C GLU A 30 0.44 -11.36 -13.30
N ILE A 31 -0.80 -11.41 -12.81
CA ILE A 31 -1.15 -10.73 -11.57
C ILE A 31 -1.19 -11.75 -10.42
N VAL A 32 -0.55 -11.40 -9.31
CA VAL A 32 -0.51 -12.28 -8.15
C VAL A 32 -1.67 -11.97 -7.21
N ASP A 33 -1.87 -10.69 -6.93
CA ASP A 33 -2.96 -10.26 -6.06
C ASP A 33 -3.30 -8.80 -6.35
N SER A 34 -4.52 -8.40 -6.01
CA SER A 34 -4.95 -7.02 -6.24
C SER A 34 -5.85 -6.51 -5.12
N SER A 35 -5.53 -5.32 -4.63
CA SER A 35 -6.35 -4.67 -3.61
C SER A 35 -7.14 -3.53 -4.23
N SER A 36 -8.45 -3.54 -4.03
CA SER A 36 -9.35 -2.61 -4.70
C SER A 36 -8.91 -1.17 -4.47
N HIS A 37 -8.47 -0.87 -3.25
CA HIS A 37 -8.07 0.49 -2.92
C HIS A 37 -6.96 0.52 -1.87
N VAL A 38 -5.88 1.22 -2.20
CA VAL A 38 -4.72 1.32 -1.32
C VAL A 38 -4.10 2.70 -1.45
N ALA A 39 -3.64 3.27 -0.33
CA ALA A 39 -3.06 4.60 -0.34
C ALA A 39 -1.71 4.62 0.37
N PHE A 40 -0.83 5.52 -0.07
CA PHE A 40 0.53 5.58 0.48
C PHE A 40 0.66 6.68 1.54
N TYR A 41 1.24 6.30 2.68
CA TYR A 41 1.49 7.24 3.76
C TYR A 41 2.96 7.19 4.19
N THR A 42 3.52 8.35 4.48
CA THR A 42 4.91 8.45 4.93
C THR A 42 4.96 9.12 6.30
N PHE A 43 5.89 8.70 7.16
CA PHE A 43 6.05 9.34 8.47
C PHE A 43 7.34 10.14 8.51
N ASN A 44 7.23 11.39 8.97
CA ASN A 44 8.40 12.24 9.14
C ASN A 44 8.80 12.29 10.60
N SER A 45 9.99 11.76 10.90
CA SER A 45 10.46 11.69 12.28
C SER A 45 10.79 13.08 12.85
N SER A 46 11.22 14.00 12.00
CA SER A 46 11.58 15.34 12.44
C SER A 46 10.39 16.06 13.06
N GLN A 47 9.21 15.86 12.47
CA GLN A 47 8.01 16.52 12.95
C GLN A 47 7.19 15.65 13.91
N ASN A 48 7.38 14.33 13.87
CA ASN A 48 6.63 13.41 14.71
C ASN A 48 5.17 13.37 14.26
N GLU A 49 4.99 13.26 12.96
CA GLU A 49 3.65 13.27 12.37
C GLU A 49 3.61 12.54 11.04
N TRP A 50 2.46 11.97 10.71
CA TRP A 50 2.28 11.31 9.42
C TRP A 50 1.82 12.31 8.37
N GLU A 51 2.33 12.16 7.14
CA GLU A 51 1.91 13.00 6.03
C GLU A 51 1.36 12.13 4.91
N LYS A 52 0.17 12.47 4.43
CA LYS A 52 -0.43 11.73 3.32
C LYS A 52 0.26 12.09 2.02
N THR A 53 0.54 11.08 1.19
CA THR A 53 1.23 11.32 -0.07
C THR A 53 0.22 11.54 -1.19
N ASP A 54 0.71 11.96 -2.35
CA ASP A 54 -0.17 12.21 -3.49
C ASP A 54 -0.48 10.92 -4.27
N VAL A 55 -0.14 9.76 -3.73
CA VAL A 55 -0.41 8.49 -4.42
C VAL A 55 -1.64 7.82 -3.81
N GLU A 56 -2.74 7.85 -4.54
CA GLU A 56 -3.96 7.16 -4.14
C GLU A 56 -4.47 6.36 -5.33
N GLY A 57 -4.40 5.04 -5.23
CA GLY A 57 -4.63 4.21 -6.40
C GLY A 57 -4.93 2.76 -6.04
N ALA A 58 -5.21 1.97 -7.06
CA ALA A 58 -5.42 0.54 -6.87
C ALA A 58 -4.06 -0.15 -6.79
N PHE A 59 -3.89 -1.05 -5.83
CA PHE A 59 -2.60 -1.70 -5.63
C PHE A 59 -2.59 -3.08 -6.27
N PHE A 60 -1.59 -3.35 -7.10
CA PHE A 60 -1.45 -4.65 -7.74
C PHE A 60 -0.02 -5.17 -7.60
N ILE A 61 0.13 -6.47 -7.40
CA ILE A 61 1.44 -7.08 -7.42
C ILE A 61 1.67 -7.78 -8.76
N TYR A 62 2.78 -7.48 -9.41
CA TYR A 62 3.04 -8.02 -10.75
C TYR A 62 4.15 -9.06 -10.72
N HIS A 63 3.95 -10.15 -11.47
CA HIS A 63 4.96 -11.18 -11.64
C HIS A 63 5.43 -11.23 -13.10
N ARG A 64 6.72 -11.48 -13.28
CA ARG A 64 7.27 -11.61 -14.64
C ARG A 64 8.31 -12.71 -14.69
N ASN A 65 8.47 -13.31 -15.87
CA ASN A 65 9.41 -14.42 -16.06
C ASN A 65 10.83 -13.92 -16.38
N ALA A 66 11.17 -12.72 -15.91
CA ALA A 66 12.50 -12.17 -16.18
C ALA A 66 12.86 -11.16 -15.10
N GLU A 67 14.16 -11.00 -14.85
CA GLU A 67 14.61 -10.12 -13.79
C GLU A 67 14.22 -8.66 -14.09
N PRO A 68 13.66 -7.88 -13.17
CA PRO A 68 13.33 -8.30 -11.77
C PRO A 68 12.21 -9.32 -11.75
N PHE A 69 12.32 -10.31 -10.86
CA PHE A 69 11.35 -11.39 -10.80
C PHE A 69 9.98 -10.88 -10.34
N HIS A 70 9.99 -9.94 -9.39
CA HIS A 70 8.75 -9.44 -8.81
C HIS A 70 8.82 -7.95 -8.55
N SER A 71 7.71 -7.26 -8.81
CA SER A 71 7.66 -5.82 -8.65
C SER A 71 6.26 -5.39 -8.28
N ILE A 72 6.15 -4.29 -7.55
CA ILE A 72 4.85 -3.79 -7.10
C ILE A 72 4.51 -2.51 -7.84
N PHE A 73 3.24 -2.38 -8.21
CA PHE A 73 2.78 -1.22 -8.98
C PHE A 73 1.53 -0.63 -8.35
N ILE A 74 1.41 0.69 -8.36
CA ILE A 74 0.18 1.36 -7.95
C ILE A 74 -0.33 2.26 -9.09
N ASN A 75 -1.61 2.08 -9.41
CA ASN A 75 -2.27 2.84 -10.45
C ASN A 75 -2.98 4.05 -9.83
N ASN A 76 -2.34 5.21 -9.92
CA ASN A 76 -2.84 6.42 -9.26
C ASN A 76 -4.02 7.00 -10.03
N ARG A 77 -5.22 6.85 -9.46
CA ARG A 77 -6.44 7.20 -10.17
C ARG A 77 -6.60 8.71 -10.29
N LEU A 78 -6.34 9.42 -9.20
CA LEU A 78 -6.58 10.85 -9.16
C LEU A 78 -5.58 11.62 -10.03
N ASN A 79 -4.31 11.26 -9.93
CA ASN A 79 -3.26 11.99 -10.65
C ASN A 79 -2.89 11.37 -11.99
N THR A 80 -3.47 10.22 -12.35
CA THR A 80 -3.21 9.58 -13.63
C THR A 80 -1.70 9.45 -13.89
N THR A 81 -0.98 9.06 -12.85
CA THR A 81 0.47 8.91 -12.93
C THR A 81 0.88 7.53 -12.43
N SER A 82 1.93 6.98 -13.03
CA SER A 82 2.39 5.65 -12.66
C SER A 82 3.40 5.71 -11.52
N PHE A 83 3.21 4.86 -10.53
CA PHE A 83 4.18 4.74 -9.43
C PHE A 83 4.66 3.30 -9.31
N VAL A 84 5.98 3.10 -9.44
CA VAL A 84 6.53 1.74 -9.45
C VAL A 84 7.61 1.58 -8.38
N GLU A 85 7.72 0.38 -7.83
CA GLU A 85 8.80 0.08 -6.89
C GLU A 85 9.21 -1.40 -7.00
N PRO A 86 10.48 -1.73 -7.20
CA PRO A 86 10.91 -3.16 -7.27
C PRO A 86 10.95 -3.81 -5.88
N ILE A 87 10.74 -5.12 -5.82
CA ILE A 87 10.76 -5.83 -4.54
C ILE A 87 12.17 -6.36 -4.26
N THR A 88 12.81 -5.79 -3.24
CA THR A 88 14.12 -6.27 -2.82
C THR A 88 13.96 -7.18 -1.60
N GLY A 89 14.90 -8.10 -1.42
CA GLY A 89 14.82 -9.04 -0.30
C GLY A 89 15.66 -8.58 0.90
N SER A 90 15.76 -7.27 1.08
CA SER A 90 16.42 -6.71 2.26
C SER A 90 15.42 -6.02 3.20
N LEU A 91 14.24 -5.67 2.70
CA LEU A 91 13.26 -4.91 3.49
C LEU A 91 12.68 -5.77 4.62
N GLU A 92 12.40 -5.12 5.74
CA GLU A 92 11.76 -5.79 6.86
C GLU A 92 10.35 -5.26 7.05
N LEU A 93 9.40 -6.17 7.29
CA LEU A 93 7.99 -5.78 7.42
C LEU A 93 7.51 -5.98 8.86
N GLN A 94 6.44 -5.29 9.21
CA GLN A 94 5.87 -5.40 10.55
C GLN A 94 4.36 -5.17 10.48
N SER A 95 3.60 -5.91 11.27
CA SER A 95 2.16 -5.73 11.29
C SER A 95 1.72 -4.90 12.49
N GLN A 96 1.30 -3.67 12.21
CA GLN A 96 0.72 -2.83 13.25
C GLN A 96 -0.79 -2.75 13.02
N PRO A 97 -1.61 -3.44 13.78
CA PRO A 97 -3.07 -3.53 13.45
C PRO A 97 -3.78 -2.18 13.61
N PRO A 98 -4.72 -1.79 12.76
CA PRO A 98 -5.12 -2.52 11.51
C PRO A 98 -4.33 -2.08 10.27
N PHE A 99 -3.27 -1.32 10.47
CA PHE A 99 -2.47 -0.79 9.37
C PHE A 99 -1.31 -1.72 9.02
N LEU A 100 -0.62 -1.47 7.91
CA LEU A 100 0.58 -2.23 7.58
C LEU A 100 1.81 -1.31 7.59
N LEU A 101 2.89 -1.78 8.22
CA LEU A 101 4.07 -0.93 8.43
C LEU A 101 5.32 -1.64 7.91
N TYR A 102 6.21 -0.88 7.28
CA TYR A 102 7.48 -1.44 6.82
C TYR A 102 8.57 -0.38 6.86
N ARG A 103 9.82 -0.83 6.97
CA ARG A 103 10.94 0.11 7.09
C ARG A 103 11.72 0.20 5.78
N ASN A 104 12.28 1.38 5.52
CA ASN A 104 13.03 1.61 4.28
C ASN A 104 14.42 2.20 4.57
N GLU A 105 15.25 2.20 3.54
CA GLU A 105 16.63 2.68 3.66
C GLU A 105 16.71 4.03 4.37
N ARG A 106 17.82 4.22 5.08
CA ARG A 106 18.06 5.46 5.82
C ARG A 106 17.02 5.70 6.91
N SER A 107 16.49 4.61 7.49
CA SER A 107 15.73 4.71 8.73
C SER A 107 14.44 5.51 8.54
N ARG A 108 13.83 5.36 7.37
CA ARG A 108 12.57 6.05 7.08
C ARG A 108 11.41 5.10 7.32
N ILE A 109 10.27 5.62 7.77
CA ILE A 109 9.12 4.78 8.07
C ILE A 109 8.01 5.04 7.06
N ARG A 110 7.53 3.97 6.45
CA ARG A 110 6.47 4.08 5.45
C ARG A 110 5.41 3.02 5.72
N GLY A 111 4.16 3.34 5.40
CA GLY A 111 3.07 2.41 5.63
C GLY A 111 2.03 2.47 4.52
N PHE A 112 1.15 1.48 4.51
CA PHE A 112 0.08 1.39 3.53
C PHE A 112 -1.28 1.27 4.23
N TRP A 113 -2.27 1.95 3.67
CA TRP A 113 -3.64 1.85 4.17
C TRP A 113 -4.49 1.05 3.18
N PHE A 114 -5.20 0.05 3.68
CA PHE A 114 -6.04 -0.79 2.83
C PHE A 114 -7.51 -0.64 3.19
N TYR A 115 -8.37 -0.68 2.18
CA TYR A 115 -9.81 -0.59 2.40
C TYR A 115 -10.29 -1.60 3.45
N ASN A 116 -9.68 -2.77 3.46
CA ASN A 116 -10.04 -3.81 4.44
C ASN A 116 -8.80 -4.45 5.03
N SER A 117 -8.81 -4.65 6.35
CA SER A 117 -7.65 -5.20 7.05
C SER A 117 -7.35 -6.62 6.57
N GLU A 118 -8.39 -7.42 6.40
CA GLU A 118 -8.23 -8.78 5.92
C GLU A 118 -7.56 -8.79 4.55
N GLU A 119 -8.01 -7.89 3.68
CA GLU A 119 -7.44 -7.76 2.34
C GLU A 119 -5.95 -7.50 2.43
N CYS A 120 -5.56 -6.60 3.32
CA CYS A 120 -4.16 -6.28 3.52
C CYS A 120 -3.39 -7.52 3.98
N ASP A 121 -4.01 -8.33 4.83
CA ASP A 121 -3.34 -9.51 5.36
C ASP A 121 -2.89 -10.44 4.24
N ARG A 122 -3.80 -10.68 3.29
CA ARG A 122 -3.51 -11.58 2.19
C ARG A 122 -2.31 -11.08 1.38
N ILE A 123 -2.34 -9.80 1.03
CA ILE A 123 -1.25 -9.22 0.23
C ILE A 123 0.08 -9.39 0.97
N SER A 124 0.07 -9.09 2.27
CA SER A 124 1.30 -9.15 3.06
C SER A 124 1.89 -10.56 3.02
N GLY A 125 1.03 -11.56 3.17
CA GLY A 125 1.50 -12.94 3.17
C GLY A 125 2.25 -13.28 1.89
N LEU A 126 1.68 -12.83 0.77
CA LEU A 126 2.29 -13.10 -0.53
C LEU A 126 3.70 -12.53 -0.60
N VAL A 127 3.84 -11.28 -0.19
CA VAL A 127 5.14 -10.62 -0.24
C VAL A 127 6.16 -11.38 0.60
N ASN A 128 5.74 -11.80 1.79
CA ASN A 128 6.64 -12.52 2.68
C ASN A 128 7.17 -13.79 2.02
N GLY A 129 6.29 -14.50 1.33
CA GLY A 129 6.67 -15.74 0.67
C GLY A 129 7.74 -15.50 -0.39
N LEU A 130 7.56 -14.45 -1.18
CA LEU A 130 8.51 -14.12 -2.24
C LEU A 130 9.88 -13.80 -1.67
N LEU A 131 9.90 -13.02 -0.59
CA LEU A 131 11.15 -12.58 0.02
C LEU A 131 11.96 -13.75 0.56
N LYS A 132 11.27 -14.65 1.27
CA LYS A 132 11.96 -15.77 1.92
C LYS A 132 12.45 -16.79 0.89
N SER A 133 11.65 -17.02 -0.14
CA SER A 133 11.99 -18.01 -1.16
C SER A 133 11.63 -17.50 -2.55
N LYS A 134 12.35 -17.99 -3.56
CA LYS A 134 12.10 -17.58 -4.94
C LYS A 134 10.65 -17.83 -5.32
N GLY B 1 -0.03 35.20 -4.79
CA GLY B 1 0.38 36.08 -3.68
C GLY B 1 -0.80 36.37 -2.77
N PRO B 2 -1.80 37.11 -3.23
CA PRO B 2 -3.00 37.42 -2.38
C PRO B 2 -3.85 36.19 -2.15
N GLN B 3 -4.44 36.09 -0.96
CA GLN B 3 -5.28 34.95 -0.60
C GLN B 3 -6.75 35.30 -0.80
N ASP B 4 -7.41 34.58 -1.69
CA ASP B 4 -8.82 34.81 -1.97
C ASP B 4 -9.69 34.08 -0.93
N PRO B 5 -10.90 34.54 -0.67
CA PRO B 5 -11.79 33.88 0.31
C PRO B 5 -12.62 32.75 -0.30
N LEU B 6 -12.05 32.09 -1.32
CA LEU B 6 -12.76 31.00 -1.99
C LEU B 6 -13.06 29.88 -1.01
N LEU B 7 -12.11 29.59 -0.11
CA LEU B 7 -12.29 28.53 0.86
C LEU B 7 -12.99 29.05 2.11
N GLN B 8 -14.00 28.32 2.58
CA GLN B 8 -14.74 28.72 3.76
C GLN B 8 -13.93 28.45 5.03
N GLN B 9 -14.00 29.37 5.98
CA GLN B 9 -13.27 29.21 7.23
C GLN B 9 -13.70 27.95 7.97
N GLN B 10 -15.00 27.67 7.95
CA GLN B 10 -15.54 26.49 8.63
C GLN B 10 -15.66 25.32 7.66
N ARG B 11 -14.96 24.23 7.97
CA ARG B 11 -15.01 23.03 7.13
C ARG B 11 -15.69 21.89 7.87
N ALA B 12 -16.59 21.19 7.18
CA ALA B 12 -17.33 20.09 7.79
C ALA B 12 -16.70 18.74 7.40
N PRO B 13 -16.89 17.70 8.18
CA PRO B 13 -16.32 16.37 7.85
C PRO B 13 -17.08 15.70 6.70
N PHE B 14 -16.34 14.99 5.84
CA PHE B 14 -16.95 14.33 4.70
C PHE B 14 -16.22 13.02 4.37
N PRO B 15 -16.90 12.07 3.76
CA PRO B 15 -16.25 10.76 3.42
C PRO B 15 -15.03 10.96 2.53
N GLY B 16 -13.91 10.35 2.92
CA GLY B 16 -12.68 10.45 2.14
C GLY B 16 -11.64 11.38 2.77
N GLN B 17 -11.98 12.07 3.86
CA GLN B 17 -10.99 12.90 4.56
C GLN B 17 -9.85 12.02 5.07
N MET B 18 -8.69 12.64 5.28
CA MET B 18 -7.52 11.89 5.73
C MET B 18 -7.79 11.25 7.10
N PRO B 19 -7.76 9.94 7.25
CA PRO B 19 -7.96 9.30 8.58
C PRO B 19 -6.80 9.59 9.53
N ASN B 20 -7.06 9.47 10.83
CA ASN B 20 -6.04 9.74 11.83
C ASN B 20 -5.28 8.46 12.18
N LEU B 21 -4.02 8.39 11.78
CA LEU B 21 -3.20 7.22 12.06
C LEU B 21 -2.79 7.22 13.54
N PRO B 22 -2.89 6.13 14.28
CA PRO B 22 -2.37 6.10 15.68
C PRO B 22 -0.86 5.91 15.69
N LYS B 23 -0.19 6.63 16.60
CA LYS B 23 1.26 6.51 16.72
C LYS B 23 1.62 5.54 17.86
N PRO B 24 2.42 4.50 17.64
CA PRO B 24 2.85 3.60 18.75
C PRO B 24 3.68 4.35 19.80
N PRO B 25 3.83 3.83 20.99
CA PRO B 25 4.66 4.49 22.04
C PRO B 25 6.04 4.89 21.51
N LEU B 26 6.66 5.87 22.14
CA LEU B 26 7.95 6.40 21.68
C LEU B 26 8.97 5.29 21.42
N PHE B 27 8.85 4.17 22.15
CA PHE B 27 9.82 3.08 22.03
C PHE B 27 9.93 2.61 20.58
N TRP B 28 8.80 2.58 19.87
CA TRP B 28 8.75 2.08 18.51
C TRP B 28 9.66 2.91 17.60
N GLN B 29 9.54 4.23 17.69
CA GLN B 29 10.33 5.12 16.84
C GLN B 29 11.82 4.96 17.14
N GLN B 30 12.17 5.02 18.41
CA GLN B 30 13.57 4.95 18.82
C GLN B 30 14.22 3.66 18.34
N GLU B 31 13.51 2.56 18.47
CA GLU B 31 14.06 1.26 18.12
C GLU B 31 14.48 1.23 16.65
N ALA B 32 13.57 1.67 15.78
CA ALA B 32 13.84 1.63 14.34
C ALA B 32 15.06 2.48 14.00
N GLN B 33 15.07 3.70 14.50
CA GLN B 33 16.13 4.65 14.18
C GLN B 33 17.51 4.11 14.59
N LYS B 34 17.56 3.49 15.77
CA LYS B 34 18.82 2.97 16.29
C LYS B 34 19.36 1.83 15.43
N GLN B 35 18.49 0.87 15.12
CA GLN B 35 18.90 -0.30 14.35
C GLN B 35 19.57 0.09 13.04
N GLU B 36 18.92 0.99 12.30
CA GLU B 36 19.48 1.45 11.03
C GLU B 36 20.74 2.29 11.24
N ALA B 37 20.76 3.07 12.32
CA ALA B 37 21.91 3.93 12.61
C ALA B 37 23.15 3.09 12.87
N LEU B 38 24.30 3.60 12.42
CA LEU B 38 25.57 2.89 12.62
C LEU B 38 26.41 3.61 13.66
N GLY A 1 -8.10 -19.03 5.21
CA GLY A 1 -8.45 -19.12 3.76
C GLY A 1 -9.63 -20.08 3.58
N PRO A 2 -9.51 -21.32 4.01
CA PRO A 2 -10.62 -22.31 3.85
C PRO A 2 -11.95 -21.77 4.39
N HIS A 3 -11.88 -20.92 5.40
CA HIS A 3 -13.07 -20.35 6.01
C HIS A 3 -13.93 -19.64 4.96
N MET A 4 -13.27 -18.89 4.08
CA MET A 4 -13.97 -18.16 3.03
C MET A 4 -13.64 -18.75 1.66
N ALA A 5 -14.62 -18.74 0.77
CA ALA A 5 -14.44 -19.29 -0.57
C ALA A 5 -15.26 -18.50 -1.58
N ASP A 6 -14.79 -18.48 -2.84
CA ASP A 6 -15.51 -17.76 -3.89
C ASP A 6 -16.59 -18.65 -4.50
N LEU A 7 -17.84 -18.28 -4.28
CA LEU A 7 -18.96 -19.04 -4.81
C LEU A 7 -18.90 -19.09 -6.33
N MET A 8 -18.57 -17.96 -6.94
CA MET A 8 -18.48 -17.90 -8.40
C MET A 8 -17.29 -17.02 -8.82
N ALA A 9 -16.55 -17.50 -9.82
CA ALA A 9 -15.38 -16.77 -10.31
C ALA A 9 -15.60 -16.34 -11.76
N ASP A 10 -14.97 -15.24 -12.16
CA ASP A 10 -15.09 -14.73 -13.51
C ASP A 10 -13.73 -14.40 -14.09
N GLU A 11 -13.27 -15.24 -15.02
CA GLU A 11 -11.96 -15.04 -15.65
C GLU A 11 -11.90 -13.71 -16.40
N SER A 12 -13.03 -13.26 -16.95
CA SER A 12 -13.05 -12.04 -17.73
C SER A 12 -12.50 -10.87 -16.94
N ILE A 13 -12.86 -10.81 -15.65
CA ILE A 13 -12.41 -9.71 -14.80
C ILE A 13 -10.90 -9.68 -14.72
N THR A 14 -10.30 -10.85 -14.47
CA THR A 14 -8.85 -10.92 -14.32
C THR A 14 -8.15 -10.42 -15.59
N ARG A 15 -8.67 -10.82 -16.75
CA ARG A 15 -8.07 -10.43 -18.01
C ARG A 15 -8.08 -8.90 -18.16
N MET A 16 -9.21 -8.29 -17.84
CA MET A 16 -9.32 -6.84 -17.99
C MET A 16 -8.26 -6.13 -17.14
N ASN A 17 -8.07 -6.62 -15.92
CA ASN A 17 -7.10 -6.00 -15.02
C ASN A 17 -5.70 -6.05 -15.63
N LEU A 18 -5.30 -7.23 -16.08
CA LEU A 18 -3.97 -7.40 -16.66
C LEU A 18 -3.79 -6.51 -17.90
N ALA A 19 -4.87 -6.26 -18.63
CA ALA A 19 -4.81 -5.40 -19.80
C ALA A 19 -4.40 -3.98 -19.41
N ALA A 20 -5.09 -3.42 -18.43
CA ALA A 20 -4.76 -2.07 -17.95
C ALA A 20 -3.31 -2.00 -17.50
N ILE A 21 -2.89 -3.04 -16.79
CA ILE A 21 -1.51 -3.13 -16.30
C ILE A 21 -0.52 -2.96 -17.45
N LYS A 22 -0.67 -3.75 -18.51
CA LYS A 22 0.26 -3.69 -19.64
C LYS A 22 0.40 -2.27 -20.20
N LYS A 23 -0.60 -1.42 -20.00
CA LYS A 23 -0.57 -0.06 -20.55
C LYS A 23 0.63 0.73 -20.03
N ILE A 24 1.04 0.46 -18.78
CA ILE A 24 2.13 1.20 -18.17
C ILE A 24 3.38 0.31 -18.06
N ASP A 25 3.16 -0.95 -17.68
CA ASP A 25 4.26 -1.88 -17.44
C ASP A 25 4.23 -3.03 -18.46
N PRO A 26 4.81 -2.86 -19.63
CA PRO A 26 4.77 -3.93 -20.68
C PRO A 26 5.26 -5.28 -20.19
N TYR A 27 6.10 -5.28 -19.15
CA TYR A 27 6.70 -6.53 -18.68
C TYR A 27 5.93 -7.18 -17.51
N ALA A 28 4.66 -6.80 -17.33
CA ALA A 28 3.81 -7.47 -16.35
C ALA A 28 2.88 -8.45 -17.07
N LYS A 29 3.00 -9.73 -16.78
CA LYS A 29 2.26 -10.76 -17.52
C LYS A 29 1.21 -11.44 -16.65
N GLU A 30 1.51 -11.59 -15.36
CA GLU A 30 0.59 -12.26 -14.45
C GLU A 30 0.32 -11.39 -13.21
N ILE A 31 -0.91 -11.42 -12.74
CA ILE A 31 -1.25 -10.74 -11.49
C ILE A 31 -1.29 -11.74 -10.34
N VAL A 32 -0.59 -11.42 -9.26
CA VAL A 32 -0.54 -12.31 -8.10
C VAL A 32 -1.68 -11.96 -7.12
N ASP A 33 -1.82 -10.67 -6.85
CA ASP A 33 -2.89 -10.21 -5.96
C ASP A 33 -3.25 -8.76 -6.29
N SER A 34 -4.48 -8.37 -5.99
CA SER A 34 -4.91 -6.99 -6.25
C SER A 34 -5.82 -6.49 -5.14
N SER A 35 -5.52 -5.28 -4.66
CA SER A 35 -6.33 -4.63 -3.64
C SER A 35 -7.12 -3.49 -4.26
N SER A 36 -8.43 -3.51 -4.05
CA SER A 36 -9.33 -2.58 -4.72
C SER A 36 -8.91 -1.12 -4.48
N HIS A 37 -8.43 -0.84 -3.27
CA HIS A 37 -8.01 0.52 -2.94
C HIS A 37 -6.92 0.53 -1.88
N VAL A 38 -5.82 1.20 -2.22
CA VAL A 38 -4.66 1.28 -1.34
C VAL A 38 -4.01 2.65 -1.48
N ALA A 39 -3.52 3.19 -0.36
CA ALA A 39 -2.91 4.52 -0.36
C ALA A 39 -1.56 4.51 0.34
N PHE A 40 -0.67 5.39 -0.10
CA PHE A 40 0.69 5.43 0.46
C PHE A 40 0.82 6.50 1.53
N TYR A 41 1.39 6.11 2.68
CA TYR A 41 1.60 7.04 3.79
C TYR A 41 3.08 7.07 4.20
N THR A 42 3.57 8.25 4.53
CA THR A 42 4.95 8.41 4.99
C THR A 42 4.95 9.06 6.37
N PHE A 43 5.89 8.66 7.23
CA PHE A 43 6.00 9.27 8.55
C PHE A 43 7.23 10.17 8.62
N ASN A 44 7.03 11.40 9.10
CA ASN A 44 8.13 12.32 9.29
C ASN A 44 8.53 12.37 10.77
N SER A 45 9.74 11.91 11.05
CA SER A 45 10.23 11.84 12.43
C SER A 45 10.43 13.22 13.04
N SER A 46 10.80 14.19 12.21
CA SER A 46 11.08 15.54 12.71
C SER A 46 9.83 16.15 13.34
N GLN A 47 8.67 15.90 12.73
CA GLN A 47 7.42 16.45 13.22
C GLN A 47 6.67 15.50 14.16
N ASN A 48 6.96 14.19 14.07
CA ASN A 48 6.27 13.20 14.88
C ASN A 48 4.83 13.08 14.42
N GLU A 49 4.65 13.01 13.09
CA GLU A 49 3.31 12.96 12.53
C GLU A 49 3.32 12.27 11.17
N TRP A 50 2.21 11.63 10.82
CA TRP A 50 2.07 11.00 9.51
C TRP A 50 1.59 12.01 8.47
N GLU A 51 2.11 11.90 7.26
CA GLU A 51 1.69 12.76 6.16
C GLU A 51 1.24 11.91 4.97
N LYS A 52 0.10 12.26 4.40
CA LYS A 52 -0.40 11.53 3.24
C LYS A 52 0.39 11.91 1.99
N THR A 53 0.67 10.92 1.13
CA THR A 53 1.39 11.19 -0.10
C THR A 53 0.41 11.46 -1.23
N ASP A 54 0.94 11.87 -2.38
CA ASP A 54 0.10 12.17 -3.53
C ASP A 54 -0.25 10.91 -4.35
N VAL A 55 0.01 9.72 -3.80
CA VAL A 55 -0.31 8.48 -4.49
C VAL A 55 -1.51 7.78 -3.84
N GLU A 56 -2.65 7.84 -4.52
CA GLU A 56 -3.83 7.11 -4.08
C GLU A 56 -4.38 6.34 -5.26
N GLY A 57 -4.32 5.01 -5.20
CA GLY A 57 -4.58 4.21 -6.38
C GLY A 57 -4.87 2.75 -6.03
N ALA A 58 -5.20 1.98 -7.06
CA ALA A 58 -5.39 0.55 -6.89
C ALA A 58 -4.03 -0.14 -6.83
N PHE A 59 -3.85 -1.05 -5.87
CA PHE A 59 -2.56 -1.69 -5.68
C PHE A 59 -2.55 -3.07 -6.33
N PHE A 60 -1.56 -3.33 -7.18
CA PHE A 60 -1.42 -4.64 -7.81
C PHE A 60 0.01 -5.14 -7.69
N ILE A 61 0.17 -6.44 -7.47
CA ILE A 61 1.49 -7.06 -7.50
C ILE A 61 1.67 -7.79 -8.84
N TYR A 62 2.75 -7.48 -9.54
CA TYR A 62 2.98 -8.05 -10.87
C TYR A 62 4.11 -9.07 -10.84
N HIS A 63 3.89 -10.19 -11.53
CA HIS A 63 4.91 -11.22 -11.69
C HIS A 63 5.35 -11.32 -13.15
N ARG A 64 6.63 -11.57 -13.36
CA ARG A 64 7.17 -11.79 -14.69
C ARG A 64 8.24 -12.87 -14.65
N ASN A 65 8.35 -13.65 -15.72
CA ASN A 65 9.33 -14.74 -15.77
C ASN A 65 10.70 -14.27 -16.26
N ALA A 66 11.03 -13.00 -16.01
CA ALA A 66 12.31 -12.45 -16.43
C ALA A 66 12.65 -11.22 -15.60
N GLU A 67 13.87 -10.71 -15.73
CA GLU A 67 14.29 -9.56 -14.96
C GLU A 67 13.45 -8.33 -15.33
N PRO A 68 12.79 -7.63 -14.43
CA PRO A 68 12.75 -7.93 -12.96
C PRO A 68 11.77 -9.07 -12.64
N PHE A 69 12.17 -9.93 -11.70
CA PHE A 69 11.37 -11.10 -11.35
C PHE A 69 10.03 -10.67 -10.76
N HIS A 70 10.06 -9.72 -9.82
CA HIS A 70 8.85 -9.29 -9.14
C HIS A 70 8.88 -7.79 -8.87
N SER A 71 7.74 -7.14 -9.07
CA SER A 71 7.65 -5.70 -8.88
C SER A 71 6.24 -5.32 -8.45
N ILE A 72 6.14 -4.22 -7.71
CA ILE A 72 4.85 -3.75 -7.21
C ILE A 72 4.49 -2.42 -7.85
N PHE A 73 3.23 -2.28 -8.24
CA PHE A 73 2.78 -1.09 -8.94
C PHE A 73 1.49 -0.53 -8.34
N ILE A 74 1.39 0.79 -8.29
CA ILE A 74 0.14 1.44 -7.89
C ILE A 74 -0.35 2.34 -9.03
N ASN A 75 -1.63 2.16 -9.37
CA ASN A 75 -2.27 2.94 -10.42
C ASN A 75 -3.02 4.12 -9.79
N ASN A 76 -2.40 5.29 -9.83
CA ASN A 76 -2.94 6.48 -9.18
C ASN A 76 -4.16 7.01 -9.91
N ARG A 77 -5.33 6.79 -9.33
CA ARG A 77 -6.60 7.07 -10.01
C ARG A 77 -6.85 8.57 -10.09
N LEU A 78 -6.55 9.28 -9.01
CA LEU A 78 -6.86 10.70 -8.94
C LEU A 78 -5.95 11.53 -9.84
N ASN A 79 -4.65 11.23 -9.80
CA ASN A 79 -3.69 12.03 -10.56
C ASN A 79 -3.35 11.43 -11.93
N THR A 80 -3.89 10.26 -12.27
CA THR A 80 -3.64 9.66 -13.57
C THR A 80 -2.14 9.50 -13.83
N THR A 81 -1.43 9.05 -12.80
CA THR A 81 0.02 8.91 -12.88
C THR A 81 0.43 7.50 -12.46
N SER A 82 1.52 7.01 -13.05
CA SER A 82 2.01 5.68 -12.74
C SER A 82 3.16 5.73 -11.74
N PHE A 83 3.12 4.84 -10.74
CA PHE A 83 4.23 4.74 -9.79
C PHE A 83 4.63 3.28 -9.60
N VAL A 84 5.90 2.98 -9.87
CA VAL A 84 6.40 1.61 -9.78
C VAL A 84 7.62 1.53 -8.85
N GLU A 85 7.79 0.38 -8.20
CA GLU A 85 8.98 0.15 -7.38
C GLU A 85 9.37 -1.34 -7.41
N PRO A 86 10.62 -1.70 -7.60
CA PRO A 86 11.03 -3.14 -7.62
C PRO A 86 11.07 -3.75 -6.22
N ILE A 87 10.83 -5.05 -6.12
CA ILE A 87 10.89 -5.73 -4.82
C ILE A 87 12.31 -6.24 -4.55
N THR A 88 12.75 -6.10 -3.31
CA THR A 88 14.07 -6.58 -2.92
C THR A 88 13.96 -7.37 -1.62
N GLY A 89 14.93 -8.26 -1.37
CA GLY A 89 14.89 -9.09 -0.18
C GLY A 89 15.77 -8.51 0.94
N SER A 90 15.77 -7.19 1.05
CA SER A 90 16.47 -6.52 2.14
C SER A 90 15.49 -5.86 3.13
N LEU A 91 14.26 -5.56 2.67
CA LEU A 91 13.29 -4.85 3.49
C LEU A 91 12.81 -5.71 4.65
N GLU A 92 12.52 -5.06 5.78
CA GLU A 92 11.95 -5.75 6.94
C GLU A 92 10.54 -5.22 7.19
N LEU A 93 9.60 -6.12 7.44
CA LEU A 93 8.20 -5.74 7.61
C LEU A 93 7.75 -5.92 9.06
N GLN A 94 6.67 -5.24 9.42
CA GLN A 94 6.11 -5.34 10.76
C GLN A 94 4.59 -5.12 10.69
N SER A 95 3.84 -5.89 11.47
CA SER A 95 2.38 -5.75 11.45
C SER A 95 1.91 -4.89 12.61
N GLN A 96 1.45 -3.70 12.30
CA GLN A 96 0.80 -2.84 13.29
C GLN A 96 -0.71 -2.82 13.01
N PRO A 97 -1.54 -3.52 13.75
CA PRO A 97 -2.98 -3.66 13.38
C PRO A 97 -3.76 -2.35 13.56
N PRO A 98 -4.67 -1.96 12.68
CA PRO A 98 -4.98 -2.65 11.39
C PRO A 98 -4.12 -2.18 10.21
N PHE A 99 -3.09 -1.38 10.49
CA PHE A 99 -2.23 -0.83 9.45
C PHE A 99 -1.12 -1.81 9.08
N LEU A 100 -0.39 -1.51 8.01
CA LEU A 100 0.82 -2.27 7.67
C LEU A 100 2.03 -1.35 7.70
N LEU A 101 3.11 -1.79 8.35
CA LEU A 101 4.28 -0.94 8.55
C LEU A 101 5.53 -1.63 8.03
N TYR A 102 6.42 -0.87 7.41
CA TYR A 102 7.69 -1.42 6.93
C TYR A 102 8.78 -0.36 7.01
N ARG A 103 10.04 -0.80 7.10
CA ARG A 103 11.16 0.13 7.21
C ARG A 103 11.87 0.29 5.87
N ASN A 104 12.34 1.51 5.61
CA ASN A 104 12.99 1.81 4.34
C ASN A 104 14.39 2.40 4.56
N GLU A 105 15.18 2.38 3.48
CA GLU A 105 16.57 2.84 3.54
C GLU A 105 16.70 4.20 4.23
N ARG A 106 17.81 4.38 4.93
CA ARG A 106 18.09 5.60 5.66
C ARG A 106 17.11 5.83 6.81
N SER A 107 16.61 4.75 7.40
CA SER A 107 15.94 4.83 8.70
C SER A 107 14.63 5.63 8.61
N ARG A 108 13.94 5.49 7.49
CA ARG A 108 12.66 6.18 7.30
C ARG A 108 11.52 5.18 7.49
N ILE A 109 10.35 5.68 7.91
CA ILE A 109 9.22 4.79 8.17
C ILE A 109 8.12 5.02 7.15
N ARG A 110 7.68 3.94 6.52
CA ARG A 110 6.62 4.02 5.51
C ARG A 110 5.54 2.99 5.84
N GLY A 111 4.30 3.32 5.51
CA GLY A 111 3.19 2.43 5.81
C GLY A 111 2.14 2.45 4.70
N PHE A 112 1.25 1.47 4.72
CA PHE A 112 0.19 1.37 3.72
C PHE A 112 -1.17 1.29 4.39
N TRP A 113 -2.14 1.96 3.77
CA TRP A 113 -3.53 1.91 4.24
C TRP A 113 -4.36 1.10 3.24
N PHE A 114 -5.10 0.12 3.75
CA PHE A 114 -5.93 -0.72 2.89
C PHE A 114 -7.40 -0.57 3.27
N TYR A 115 -8.28 -0.62 2.25
CA TYR A 115 -9.71 -0.53 2.48
C TYR A 115 -10.18 -1.54 3.53
N ASN A 116 -9.59 -2.72 3.52
CA ASN A 116 -9.95 -3.78 4.47
C ASN A 116 -8.70 -4.41 5.07
N SER A 117 -8.71 -4.60 6.39
CA SER A 117 -7.55 -5.14 7.09
C SER A 117 -7.23 -6.56 6.60
N GLU A 118 -8.26 -7.36 6.40
CA GLU A 118 -8.09 -8.72 5.91
C GLU A 118 -7.41 -8.71 4.55
N GLU A 119 -7.86 -7.81 3.69
CA GLU A 119 -7.30 -7.66 2.35
C GLU A 119 -5.80 -7.40 2.45
N CYS A 120 -5.42 -6.50 3.36
CA CYS A 120 -4.02 -6.19 3.58
C CYS A 120 -3.26 -7.44 4.02
N ASP A 121 -3.89 -8.26 4.86
CA ASP A 121 -3.23 -9.44 5.38
C ASP A 121 -2.79 -10.36 4.25
N ARG A 122 -3.69 -10.57 3.28
CA ARG A 122 -3.39 -11.46 2.17
C ARG A 122 -2.17 -10.97 1.39
N ILE A 123 -2.16 -9.68 1.05
CA ILE A 123 -1.05 -9.12 0.28
C ILE A 123 0.26 -9.32 1.04
N SER A 124 0.25 -9.03 2.33
CA SER A 124 1.46 -9.13 3.13
C SER A 124 2.00 -10.55 3.11
N GLY A 125 1.12 -11.54 3.25
CA GLY A 125 1.53 -12.93 3.26
C GLY A 125 2.29 -13.28 1.99
N LEU A 126 1.76 -12.82 0.86
CA LEU A 126 2.38 -13.13 -0.44
C LEU A 126 3.81 -12.62 -0.48
N VAL A 127 3.99 -11.36 -0.09
CA VAL A 127 5.31 -10.75 -0.12
C VAL A 127 6.27 -11.55 0.77
N ASN A 128 5.80 -11.94 1.94
CA ASN A 128 6.64 -12.67 2.88
C ASN A 128 7.17 -13.95 2.25
N GLY A 129 6.30 -14.65 1.52
CA GLY A 129 6.69 -15.90 0.88
C GLY A 129 7.80 -15.67 -0.14
N LEU A 130 7.64 -14.64 -0.95
CA LEU A 130 8.63 -14.32 -1.98
C LEU A 130 10.00 -14.07 -1.34
N LEU A 131 10.00 -13.35 -0.22
CA LEU A 131 11.23 -13.06 0.49
C LEU A 131 11.94 -14.35 0.90
N LYS A 132 11.15 -15.32 1.37
CA LYS A 132 11.70 -16.59 1.79
C LYS A 132 11.65 -17.68 0.70
N SER A 133 11.35 -17.30 -0.54
CA SER A 133 11.29 -18.25 -1.64
C SER A 133 12.06 -17.73 -2.85
N LYS A 134 12.73 -18.64 -3.55
CA LYS A 134 13.52 -18.27 -4.72
C LYS A 134 13.90 -19.50 -5.53
N GLY B 1 1.54 23.15 13.51
CA GLY B 1 0.25 23.73 13.02
C GLY B 1 -0.25 24.84 13.96
N PRO B 2 0.58 25.78 14.34
CA PRO B 2 0.16 26.82 15.33
C PRO B 2 -0.96 27.71 14.80
N GLN B 3 -1.91 28.04 15.67
CA GLN B 3 -3.04 28.88 15.28
C GLN B 3 -2.93 30.26 15.93
N ASP B 4 -3.41 31.27 15.21
CA ASP B 4 -3.37 32.64 15.73
C ASP B 4 -4.57 32.89 16.66
N PRO B 5 -4.51 33.91 17.49
CA PRO B 5 -5.64 34.22 18.42
C PRO B 5 -6.93 34.55 17.66
N LEU B 6 -6.79 35.14 16.48
CA LEU B 6 -7.94 35.50 15.67
C LEU B 6 -8.83 34.29 15.41
N LEU B 7 -8.20 33.14 15.16
CA LEU B 7 -8.94 31.92 14.91
C LEU B 7 -9.44 31.30 16.22
N GLN B 8 -10.58 30.63 16.15
CA GLN B 8 -11.16 30.01 17.34
C GLN B 8 -10.31 28.81 17.77
N GLN B 9 -10.15 28.66 19.09
CA GLN B 9 -9.37 27.55 19.62
C GLN B 9 -9.93 26.21 19.17
N GLN B 10 -11.26 26.10 19.16
CA GLN B 10 -11.91 24.87 18.75
C GLN B 10 -11.74 24.64 17.25
N ARG B 11 -11.60 23.37 16.87
CA ARG B 11 -11.44 23.04 15.46
C ARG B 11 -12.79 22.75 14.81
N ALA B 12 -13.02 23.35 13.64
CA ALA B 12 -14.28 23.15 12.93
C ALA B 12 -14.22 21.87 12.09
N PRO B 13 -15.35 21.28 11.76
CA PRO B 13 -15.36 20.03 10.94
C PRO B 13 -14.87 20.29 9.52
N PHE B 14 -14.14 19.32 8.97
CA PHE B 14 -13.60 19.46 7.62
C PHE B 14 -13.95 18.21 6.78
N PRO B 15 -14.96 18.27 5.94
CA PRO B 15 -15.29 17.11 5.06
C PRO B 15 -14.12 16.70 4.18
N GLY B 16 -13.78 15.41 4.20
CA GLY B 16 -12.67 14.91 3.40
C GLY B 16 -11.31 15.00 4.11
N GLN B 17 -11.30 15.36 5.40
CA GLN B 17 -10.05 15.43 6.15
C GLN B 17 -9.26 14.13 6.05
N MET B 18 -7.94 14.24 6.10
CA MET B 18 -7.07 13.07 5.98
C MET B 18 -7.35 12.09 7.12
N PRO B 19 -7.26 10.79 6.90
CA PRO B 19 -7.44 9.80 8.00
C PRO B 19 -6.38 9.99 9.09
N ASN B 20 -6.75 9.68 10.33
CA ASN B 20 -5.83 9.82 11.45
C ASN B 20 -5.26 8.47 11.86
N LEU B 21 -4.03 8.19 11.42
CA LEU B 21 -3.36 6.95 11.79
C LEU B 21 -3.07 6.96 13.29
N PRO B 22 -3.03 5.81 13.94
CA PRO B 22 -2.65 5.76 15.39
C PRO B 22 -1.14 5.85 15.56
N LYS B 23 -0.69 6.59 16.57
CA LYS B 23 0.73 6.72 16.84
C LYS B 23 1.15 5.74 17.93
N PRO B 24 2.14 4.89 17.73
CA PRO B 24 2.68 4.03 18.83
C PRO B 24 3.54 4.86 19.81
N PRO B 25 3.68 4.44 21.04
CA PRO B 25 4.53 5.17 22.02
C PRO B 25 5.92 5.46 21.46
N LEU B 26 6.58 6.47 22.00
CA LEU B 26 7.90 6.88 21.50
C LEU B 26 8.87 5.70 21.38
N PHE B 27 8.68 4.65 22.17
CA PHE B 27 9.58 3.51 22.16
C PHE B 27 9.71 2.93 20.75
N TRP B 28 8.60 2.91 20.03
CA TRP B 28 8.58 2.33 18.68
C TRP B 28 9.54 3.09 17.77
N GLN B 29 9.46 4.42 17.78
CA GLN B 29 10.29 5.23 16.91
C GLN B 29 11.77 4.98 17.19
N GLN B 30 12.13 4.98 18.47
CA GLN B 30 13.52 4.80 18.86
C GLN B 30 14.05 3.45 18.39
N GLU B 31 13.24 2.41 18.55
CA GLU B 31 13.66 1.06 18.19
C GLU B 31 14.02 0.99 16.71
N ALA B 32 13.17 1.57 15.87
CA ALA B 32 13.36 1.48 14.43
C ALA B 32 14.67 2.17 14.02
N GLN B 33 14.83 3.42 14.44
CA GLN B 33 15.99 4.19 14.04
C GLN B 33 17.29 3.54 14.51
N LYS B 34 17.27 2.92 15.69
CA LYS B 34 18.45 2.28 16.24
C LYS B 34 18.87 1.08 15.39
N GLN B 35 17.90 0.21 15.09
CA GLN B 35 18.19 -0.99 14.30
C GLN B 35 18.84 -0.63 12.98
N GLU B 36 18.29 0.38 12.31
CA GLU B 36 18.86 0.83 11.04
C GLU B 36 20.27 1.39 11.23
N ALA B 37 20.49 2.09 12.35
CA ALA B 37 21.80 2.65 12.63
C ALA B 37 22.77 1.56 13.08
N LEU B 38 24.02 1.69 12.69
CA LEU B 38 25.03 0.71 13.06
C LEU B 38 25.71 1.10 14.37
N GLY A 1 -21.59 -1.16 -9.36
CA GLY A 1 -21.70 -1.74 -8.00
C GLY A 1 -20.32 -2.17 -7.47
N PRO A 2 -19.32 -1.31 -7.54
CA PRO A 2 -17.93 -1.69 -7.12
C PRO A 2 -17.85 -2.04 -5.64
N HIS A 3 -18.69 -1.39 -4.83
CA HIS A 3 -18.69 -1.63 -3.39
C HIS A 3 -18.91 -3.10 -3.08
N MET A 4 -19.80 -3.73 -3.85
CA MET A 4 -20.10 -5.15 -3.65
C MET A 4 -19.25 -6.02 -4.57
N ALA A 5 -18.93 -7.22 -4.11
CA ALA A 5 -18.12 -8.15 -4.90
C ALA A 5 -18.62 -9.58 -4.73
N ASP A 6 -18.31 -10.43 -5.70
CA ASP A 6 -18.74 -11.82 -5.64
C ASP A 6 -17.64 -12.70 -5.03
N LEU A 7 -18.05 -13.82 -4.44
CA LEU A 7 -17.09 -14.73 -3.83
C LEU A 7 -16.20 -15.37 -4.88
N MET A 8 -16.79 -15.74 -6.02
CA MET A 8 -16.04 -16.37 -7.09
C MET A 8 -15.59 -15.32 -8.11
N ALA A 9 -14.34 -15.42 -8.54
CA ALA A 9 -13.80 -14.48 -9.52
C ALA A 9 -13.88 -15.06 -10.92
N ASP A 10 -14.44 -14.29 -11.85
CA ASP A 10 -14.55 -14.75 -13.23
C ASP A 10 -13.26 -14.48 -14.00
N GLU A 11 -12.94 -15.35 -14.95
CA GLU A 11 -11.72 -15.20 -15.74
C GLU A 11 -11.73 -13.88 -16.51
N SER A 12 -12.90 -13.45 -16.97
CA SER A 12 -12.99 -12.23 -17.76
C SER A 12 -12.43 -11.04 -16.97
N ILE A 13 -12.77 -10.97 -15.70
CA ILE A 13 -12.30 -9.88 -14.86
C ILE A 13 -10.78 -9.84 -14.82
N THR A 14 -10.16 -11.01 -14.66
CA THR A 14 -8.71 -11.09 -14.56
C THR A 14 -8.06 -10.53 -15.82
N ARG A 15 -8.59 -10.92 -16.98
CA ARG A 15 -8.03 -10.47 -18.24
C ARG A 15 -8.07 -8.94 -18.33
N MET A 16 -9.20 -8.36 -17.97
CA MET A 16 -9.35 -6.91 -18.05
C MET A 16 -8.29 -6.21 -17.22
N ASN A 17 -8.05 -6.72 -16.02
CA ASN A 17 -7.07 -6.11 -15.12
C ASN A 17 -5.69 -6.11 -15.78
N LEU A 18 -5.29 -7.27 -16.29
CA LEU A 18 -3.97 -7.39 -16.92
C LEU A 18 -3.84 -6.42 -18.09
N ALA A 19 -4.94 -6.18 -18.81
CA ALA A 19 -4.91 -5.26 -19.95
C ALA A 19 -4.56 -3.84 -19.51
N ALA A 20 -5.26 -3.35 -18.49
CA ALA A 20 -5.00 -2.00 -18.00
C ALA A 20 -3.54 -1.87 -17.56
N ILE A 21 -3.04 -2.89 -16.87
CA ILE A 21 -1.66 -2.92 -16.41
C ILE A 21 -0.70 -2.68 -17.59
N LYS A 22 -0.85 -3.47 -18.65
CA LYS A 22 0.04 -3.34 -19.81
C LYS A 22 0.14 -1.90 -20.32
N LYS A 23 -0.89 -1.08 -20.06
CA LYS A 23 -0.90 0.30 -20.55
C LYS A 23 0.32 1.08 -20.04
N ILE A 24 0.73 0.79 -18.82
CA ILE A 24 1.86 1.49 -18.21
C ILE A 24 3.11 0.60 -18.23
N ASP A 25 2.91 -0.65 -17.81
CA ASP A 25 4.01 -1.60 -17.71
C ASP A 25 3.76 -2.78 -18.65
N PRO A 26 4.03 -2.64 -19.93
CA PRO A 26 3.72 -3.71 -20.93
C PRO A 26 4.32 -5.07 -20.59
N TYR A 27 5.36 -5.08 -19.74
CA TYR A 27 6.08 -6.33 -19.46
C TYR A 27 5.52 -7.11 -18.27
N ALA A 28 4.40 -6.66 -17.68
CA ALA A 28 3.75 -7.42 -16.63
C ALA A 28 2.91 -8.53 -17.26
N LYS A 29 3.14 -9.77 -16.87
CA LYS A 29 2.49 -10.91 -17.52
C LYS A 29 1.36 -11.47 -16.67
N GLU A 30 1.58 -11.53 -15.36
CA GLU A 30 0.61 -12.13 -14.46
C GLU A 30 0.39 -11.26 -13.22
N ILE A 31 -0.85 -11.28 -12.71
CA ILE A 31 -1.16 -10.63 -11.45
C ILE A 31 -1.23 -11.69 -10.34
N VAL A 32 -0.59 -11.40 -9.22
CA VAL A 32 -0.59 -12.33 -8.09
C VAL A 32 -1.74 -11.98 -7.13
N ASP A 33 -1.86 -10.70 -6.82
CA ASP A 33 -2.93 -10.24 -5.94
C ASP A 33 -3.28 -8.79 -6.27
N SER A 34 -4.52 -8.40 -5.97
CA SER A 34 -4.95 -7.02 -6.23
C SER A 34 -5.85 -6.52 -5.10
N SER A 35 -5.55 -5.33 -4.61
CA SER A 35 -6.37 -4.71 -3.58
C SER A 35 -7.17 -3.55 -4.18
N SER A 36 -8.48 -3.55 -3.94
CA SER A 36 -9.39 -2.61 -4.58
C SER A 36 -8.93 -1.17 -4.36
N HIS A 37 -8.42 -0.89 -3.16
CA HIS A 37 -7.99 0.47 -2.85
C HIS A 37 -6.89 0.48 -1.80
N VAL A 38 -5.80 1.17 -2.14
CA VAL A 38 -4.64 1.24 -1.27
C VAL A 38 -3.99 2.63 -1.41
N ALA A 39 -3.50 3.17 -0.29
CA ALA A 39 -2.88 4.50 -0.30
C ALA A 39 -1.53 4.47 0.39
N PHE A 40 -0.62 5.34 -0.05
CA PHE A 40 0.73 5.38 0.49
C PHE A 40 0.92 6.49 1.52
N TYR A 41 1.49 6.16 2.67
CA TYR A 41 1.73 7.12 3.73
C TYR A 41 3.20 7.11 4.15
N THR A 42 3.72 8.28 4.49
CA THR A 42 5.10 8.42 4.97
C THR A 42 5.09 9.07 6.35
N PHE A 43 6.05 8.70 7.21
CA PHE A 43 6.18 9.33 8.52
C PHE A 43 7.40 10.23 8.56
N ASN A 44 7.21 11.46 9.06
CA ASN A 44 8.31 12.39 9.21
C ASN A 44 8.71 12.48 10.68
N SER A 45 9.93 12.04 10.98
CA SER A 45 10.41 12.00 12.36
C SER A 45 10.60 13.40 12.94
N SER A 46 10.98 14.35 12.09
CA SER A 46 11.25 15.70 12.55
C SER A 46 10.02 16.33 13.20
N GLN A 47 8.86 16.05 12.61
CA GLN A 47 7.60 16.61 13.12
C GLN A 47 6.88 15.65 14.07
N ASN A 48 7.19 14.36 14.00
CA ASN A 48 6.52 13.35 14.82
C ASN A 48 5.07 13.20 14.37
N GLU A 49 4.87 13.15 13.06
CA GLU A 49 3.52 13.06 12.51
C GLU A 49 3.51 12.31 11.18
N TRP A 50 2.32 11.88 10.76
CA TRP A 50 2.18 11.18 9.49
C TRP A 50 1.74 12.16 8.41
N GLU A 51 2.31 12.00 7.21
CA GLU A 51 1.93 12.84 6.07
C GLU A 51 1.48 11.96 4.91
N LYS A 52 0.31 12.28 4.34
CA LYS A 52 -0.19 11.52 3.21
C LYS A 52 0.58 11.90 1.95
N THR A 53 0.84 10.93 1.09
CA THR A 53 1.55 11.19 -0.15
C THR A 53 0.56 11.48 -1.27
N ASP A 54 1.08 11.80 -2.45
CA ASP A 54 0.23 12.10 -3.60
C ASP A 54 -0.17 10.83 -4.37
N VAL A 55 0.05 9.65 -3.81
CA VAL A 55 -0.28 8.40 -4.49
C VAL A 55 -1.48 7.73 -3.81
N GLU A 56 -2.63 7.80 -4.47
CA GLU A 56 -3.83 7.08 -4.02
C GLU A 56 -4.39 6.31 -5.20
N GLY A 57 -4.32 4.98 -5.13
CA GLY A 57 -4.60 4.16 -6.30
C GLY A 57 -4.88 2.71 -5.95
N ALA A 58 -5.21 1.93 -6.97
CA ALA A 58 -5.40 0.50 -6.79
C ALA A 58 -4.03 -0.18 -6.73
N PHE A 59 -3.87 -1.11 -5.81
CA PHE A 59 -2.56 -1.75 -5.61
C PHE A 59 -2.55 -3.13 -6.26
N PHE A 60 -1.57 -3.37 -7.12
CA PHE A 60 -1.42 -4.68 -7.76
C PHE A 60 0.01 -5.19 -7.62
N ILE A 61 0.16 -6.49 -7.40
CA ILE A 61 1.48 -7.11 -7.42
C ILE A 61 1.68 -7.83 -8.75
N TYR A 62 2.78 -7.52 -9.45
CA TYR A 62 3.02 -8.08 -10.78
C TYR A 62 4.14 -9.11 -10.75
N HIS A 63 3.94 -10.19 -11.49
CA HIS A 63 4.96 -11.21 -11.68
C HIS A 63 5.42 -11.24 -13.14
N ARG A 64 6.72 -11.47 -13.34
CA ARG A 64 7.28 -11.54 -14.68
C ARG A 64 8.33 -12.65 -14.78
N ASN A 65 8.49 -13.19 -15.97
CA ASN A 65 9.44 -14.27 -16.21
C ASN A 65 10.85 -13.75 -16.50
N ALA A 66 11.18 -12.57 -15.99
CA ALA A 66 12.50 -11.99 -16.23
C ALA A 66 12.85 -11.02 -15.11
N GLU A 67 14.15 -10.86 -14.86
CA GLU A 67 14.59 -10.01 -13.75
C GLU A 67 14.18 -8.55 -14.00
N PRO A 68 13.62 -7.81 -13.05
CA PRO A 68 13.30 -8.29 -11.67
C PRO A 68 12.18 -9.32 -11.68
N PHE A 69 12.31 -10.34 -10.83
CA PHE A 69 11.33 -11.42 -10.79
C PHE A 69 9.96 -10.90 -10.36
N HIS A 70 9.96 -9.97 -9.40
CA HIS A 70 8.71 -9.47 -8.85
C HIS A 70 8.79 -7.97 -8.59
N SER A 71 7.68 -7.28 -8.86
CA SER A 71 7.65 -5.83 -8.70
C SER A 71 6.23 -5.39 -8.33
N ILE A 72 6.13 -4.28 -7.61
CA ILE A 72 4.84 -3.80 -7.14
C ILE A 72 4.49 -2.49 -7.84
N PHE A 73 3.23 -2.35 -8.23
CA PHE A 73 2.77 -1.16 -8.95
C PHE A 73 1.50 -0.61 -8.34
N ILE A 74 1.39 0.72 -8.30
CA ILE A 74 0.14 1.37 -7.89
C ILE A 74 -0.37 2.27 -9.02
N ASN A 75 -1.65 2.10 -9.33
CA ASN A 75 -2.32 2.87 -10.38
C ASN A 75 -3.05 4.05 -9.75
N ASN A 76 -2.43 5.23 -9.80
CA ASN A 76 -2.96 6.41 -9.14
C ASN A 76 -4.21 6.94 -9.86
N ARG A 77 -5.37 6.74 -9.25
CA ARG A 77 -6.63 7.03 -9.92
C ARG A 77 -6.88 8.53 -9.99
N LEU A 78 -6.56 9.24 -8.93
CA LEU A 78 -6.85 10.67 -8.86
C LEU A 78 -5.91 11.48 -9.75
N ASN A 79 -4.63 11.17 -9.68
CA ASN A 79 -3.62 11.94 -10.42
C ASN A 79 -3.26 11.35 -11.78
N THR A 80 -3.82 10.18 -12.13
CA THR A 80 -3.55 9.57 -13.43
C THR A 80 -2.05 9.45 -13.70
N THR A 81 -1.32 9.07 -12.66
CA THR A 81 0.13 8.93 -12.75
C THR A 81 0.55 7.51 -12.34
N SER A 82 1.63 7.04 -12.93
CA SER A 82 2.11 5.69 -12.66
C SER A 82 3.24 5.70 -11.64
N PHE A 83 3.18 4.81 -10.66
CA PHE A 83 4.27 4.67 -9.69
C PHE A 83 4.66 3.20 -9.53
N VAL A 84 5.93 2.89 -9.79
CA VAL A 84 6.42 1.52 -9.70
C VAL A 84 7.63 1.43 -8.77
N GLU A 85 7.78 0.28 -8.12
CA GLU A 85 8.96 0.04 -7.29
C GLU A 85 9.33 -1.46 -7.29
N PRO A 86 10.57 -1.84 -7.49
CA PRO A 86 10.97 -3.29 -7.47
C PRO A 86 11.03 -3.85 -6.04
N ILE A 87 10.77 -5.15 -5.89
CA ILE A 87 10.84 -5.77 -4.58
C ILE A 87 12.24 -6.31 -4.32
N THR A 88 12.85 -5.87 -3.24
CA THR A 88 14.16 -6.38 -2.84
C THR A 88 14.00 -7.44 -1.75
N GLY A 89 15.05 -8.23 -1.54
CA GLY A 89 14.99 -9.30 -0.54
C GLY A 89 15.61 -8.90 0.81
N SER A 90 15.82 -7.61 1.04
CA SER A 90 16.35 -7.14 2.33
C SER A 90 15.31 -6.34 3.14
N LEU A 91 14.08 -6.21 2.62
CA LEU A 91 13.06 -5.42 3.31
C LEU A 91 12.60 -6.11 4.59
N GLU A 92 12.37 -5.32 5.63
CA GLU A 92 11.84 -5.83 6.90
C GLU A 92 10.45 -5.28 7.13
N LEU A 93 9.53 -6.14 7.56
CA LEU A 93 8.13 -5.75 7.72
C LEU A 93 7.67 -5.91 9.16
N GLN A 94 6.61 -5.20 9.52
CA GLN A 94 6.02 -5.31 10.85
C GLN A 94 4.52 -5.02 10.75
N SER A 95 3.72 -5.75 11.51
CA SER A 95 2.27 -5.55 11.46
C SER A 95 1.76 -4.82 12.69
N GLN A 96 1.35 -3.57 12.50
CA GLN A 96 0.66 -2.83 13.55
C GLN A 96 -0.82 -2.71 13.17
N PRO A 97 -1.73 -3.46 13.76
CA PRO A 97 -3.13 -3.50 13.27
C PRO A 97 -3.86 -2.17 13.50
N PRO A 98 -4.73 -1.71 12.62
CA PRO A 98 -5.06 -2.34 11.30
C PRO A 98 -4.20 -1.83 10.14
N PHE A 99 -3.09 -1.17 10.47
CA PHE A 99 -2.19 -0.61 9.46
C PHE A 99 -1.05 -1.59 9.18
N LEU A 100 -0.36 -1.41 8.04
CA LEU A 100 0.85 -2.20 7.77
C LEU A 100 2.06 -1.28 7.73
N LEU A 101 3.14 -1.69 8.41
CA LEU A 101 4.31 -0.84 8.56
C LEU A 101 5.55 -1.56 8.04
N TYR A 102 6.41 -0.82 7.34
CA TYR A 102 7.67 -1.39 6.88
C TYR A 102 8.79 -0.35 6.97
N ARG A 103 10.03 -0.83 7.09
CA ARG A 103 11.17 0.07 7.20
C ARG A 103 11.91 0.18 5.87
N ASN A 104 12.45 1.37 5.59
CA ASN A 104 13.12 1.63 4.33
C ASN A 104 14.52 2.20 4.54
N GLU A 105 15.33 2.17 3.49
CA GLU A 105 16.71 2.65 3.55
C GLU A 105 16.83 4.00 4.23
N ARG A 106 17.93 4.18 4.95
CA ARG A 106 18.20 5.42 5.68
C ARG A 106 17.19 5.65 6.81
N SER A 107 16.69 4.57 7.40
CA SER A 107 15.96 4.67 8.67
C SER A 107 14.66 5.46 8.51
N ARG A 108 14.02 5.32 7.35
CA ARG A 108 12.77 6.01 7.10
C ARG A 108 11.61 5.07 7.36
N ILE A 109 10.45 5.62 7.76
CA ILE A 109 9.30 4.79 8.08
C ILE A 109 8.17 5.07 7.08
N ARG A 110 7.66 4.02 6.46
CA ARG A 110 6.56 4.16 5.51
C ARG A 110 5.58 3.02 5.69
N GLY A 111 4.30 3.29 5.40
CA GLY A 111 3.26 2.30 5.63
C GLY A 111 2.20 2.34 4.54
N PHE A 112 1.34 1.33 4.55
CA PHE A 112 0.26 1.22 3.57
C PHE A 112 -1.09 1.10 4.26
N TRP A 113 -2.08 1.83 3.75
CA TRP A 113 -3.44 1.75 4.26
C TRP A 113 -4.31 0.99 3.26
N PHE A 114 -5.02 -0.03 3.74
CA PHE A 114 -5.88 -0.83 2.89
C PHE A 114 -7.34 -0.66 3.29
N TYR A 115 -8.24 -0.71 2.31
CA TYR A 115 -9.67 -0.60 2.57
C TYR A 115 -10.12 -1.59 3.64
N ASN A 116 -9.52 -2.78 3.65
CA ASN A 116 -9.86 -3.81 4.63
C ASN A 116 -8.58 -4.43 5.21
N SER A 117 -8.55 -4.59 6.53
CA SER A 117 -7.37 -5.13 7.20
C SER A 117 -7.06 -6.54 6.73
N GLU A 118 -8.10 -7.34 6.57
CA GLU A 118 -7.94 -8.72 6.09
C GLU A 118 -7.31 -8.72 4.71
N GLU A 119 -7.78 -7.82 3.85
CA GLU A 119 -7.23 -7.70 2.50
C GLU A 119 -5.72 -7.43 2.57
N CYS A 120 -5.34 -6.53 3.47
CA CYS A 120 -3.93 -6.24 3.66
C CYS A 120 -3.17 -7.49 4.09
N ASP A 121 -3.78 -8.30 4.94
CA ASP A 121 -3.13 -9.50 5.45
C ASP A 121 -2.70 -10.41 4.31
N ARG A 122 -3.62 -10.63 3.37
CA ARG A 122 -3.34 -11.53 2.25
C ARG A 122 -2.15 -11.04 1.45
N ILE A 123 -2.16 -9.76 1.11
CA ILE A 123 -1.07 -9.18 0.32
C ILE A 123 0.27 -9.37 1.06
N SER A 124 0.26 -9.10 2.36
CA SER A 124 1.48 -9.20 3.15
C SER A 124 2.06 -10.60 3.09
N GLY A 125 1.20 -11.60 3.22
CA GLY A 125 1.64 -12.98 3.20
C GLY A 125 2.38 -13.30 1.90
N LEU A 126 1.81 -12.85 0.79
CA LEU A 126 2.40 -13.12 -0.51
C LEU A 126 3.82 -12.57 -0.58
N VAL A 127 3.97 -11.31 -0.17
CA VAL A 127 5.28 -10.66 -0.22
C VAL A 127 6.29 -11.44 0.62
N ASN A 128 5.87 -11.88 1.79
CA ASN A 128 6.77 -12.61 2.68
C ASN A 128 7.31 -13.86 1.99
N GLY A 129 6.44 -14.56 1.27
CA GLY A 129 6.84 -15.77 0.57
C GLY A 129 7.90 -15.47 -0.47
N LEU A 130 7.69 -14.41 -1.23
CA LEU A 130 8.64 -14.01 -2.27
C LEU A 130 10.02 -13.77 -1.66
N LEU A 131 10.04 -13.09 -0.51
CA LEU A 131 11.29 -12.80 0.17
C LEU A 131 12.03 -14.09 0.53
N LYS A 132 11.28 -15.08 0.98
CA LYS A 132 11.89 -16.37 1.35
C LYS A 132 11.82 -17.41 0.22
N SER A 133 11.46 -16.99 -1.00
CA SER A 133 11.38 -17.90 -2.14
C SER A 133 12.34 -17.44 -3.24
N LYS A 134 12.92 -18.41 -3.95
CA LYS A 134 13.85 -18.10 -5.02
C LYS A 134 14.16 -19.34 -5.85
N GLY B 1 -3.50 44.37 -3.47
CA GLY B 1 -3.21 42.94 -3.12
C GLY B 1 -4.47 42.27 -2.59
N PRO B 2 -5.60 42.36 -3.27
CA PRO B 2 -6.88 41.79 -2.74
C PRO B 2 -6.81 40.27 -2.61
N GLN B 3 -7.47 39.74 -1.58
CA GLN B 3 -7.48 38.30 -1.34
C GLN B 3 -8.90 37.77 -1.27
N ASP B 4 -9.07 36.50 -1.59
CA ASP B 4 -10.40 35.88 -1.56
C ASP B 4 -10.85 35.64 -0.11
N PRO B 5 -12.14 35.50 0.13
CA PRO B 5 -12.64 35.25 1.52
C PRO B 5 -12.25 33.87 2.03
N LEU B 6 -11.06 33.75 2.60
CA LEU B 6 -10.58 32.48 3.12
C LEU B 6 -11.47 31.98 4.25
N LEU B 7 -11.94 32.90 5.09
CA LEU B 7 -12.78 32.52 6.22
C LEU B 7 -14.20 32.18 5.77
N GLN B 8 -14.71 31.05 6.26
CA GLN B 8 -16.06 30.62 5.93
C GLN B 8 -16.94 30.62 7.17
N GLN B 9 -18.24 30.82 6.98
CA GLN B 9 -19.17 30.86 8.11
C GLN B 9 -19.16 29.55 8.87
N GLN B 10 -19.23 28.43 8.13
CA GLN B 10 -19.23 27.12 8.76
C GLN B 10 -18.56 26.09 7.85
N ARG B 11 -18.15 24.97 8.45
CA ARG B 11 -17.51 23.90 7.69
C ARG B 11 -18.40 22.66 7.68
N ALA B 12 -18.57 22.06 6.52
CA ALA B 12 -19.40 20.86 6.39
C ALA B 12 -18.52 19.62 6.13
N PRO B 13 -19.04 18.43 6.33
CA PRO B 13 -18.24 17.19 6.09
C PRO B 13 -17.56 17.20 4.72
N PHE B 14 -16.36 16.65 4.66
CA PHE B 14 -15.59 16.61 3.41
C PHE B 14 -15.37 15.17 2.96
N PRO B 15 -16.14 14.64 2.02
CA PRO B 15 -15.93 13.24 1.54
C PRO B 15 -14.53 13.07 0.95
N GLY B 16 -13.82 12.05 1.40
CA GLY B 16 -12.47 11.79 0.91
C GLY B 16 -11.38 12.30 1.87
N GLN B 17 -11.75 12.99 2.95
CA GLN B 17 -10.78 13.51 3.91
C GLN B 17 -9.83 12.41 4.39
N MET B 18 -8.57 12.77 4.59
CA MET B 18 -7.56 11.80 5.00
C MET B 18 -7.93 11.20 6.36
N PRO B 19 -7.88 9.88 6.53
CA PRO B 19 -8.11 9.27 7.87
C PRO B 19 -6.94 9.52 8.82
N ASN B 20 -7.20 9.38 10.12
CA ASN B 20 -6.14 9.60 11.11
C ASN B 20 -5.49 8.29 11.51
N LEU B 21 -4.23 8.12 11.11
CA LEU B 21 -3.48 6.92 11.46
C LEU B 21 -3.31 6.83 12.97
N PRO B 22 -3.14 5.64 13.53
CA PRO B 22 -2.82 5.51 14.98
C PRO B 22 -1.35 5.81 15.25
N LYS B 23 -1.06 6.50 16.33
CA LYS B 23 0.32 6.86 16.66
C LYS B 23 0.91 5.83 17.63
N PRO B 24 2.03 5.21 17.34
CA PRO B 24 2.71 4.32 18.33
C PRO B 24 3.48 5.12 19.38
N PRO B 25 3.68 4.60 20.57
CA PRO B 25 4.47 5.31 21.62
C PRO B 25 5.88 5.62 21.13
N LEU B 26 6.49 6.66 21.69
CA LEU B 26 7.82 7.10 21.26
C LEU B 26 8.83 5.94 21.21
N PHE B 27 8.64 4.96 22.09
CA PHE B 27 9.58 3.84 22.16
C PHE B 27 9.74 3.16 20.81
N TRP B 28 8.64 3.04 20.08
CA TRP B 28 8.65 2.36 18.79
C TRP B 28 9.58 3.08 17.81
N GLN B 29 9.45 4.40 17.72
CA GLN B 29 10.25 5.18 16.78
C GLN B 29 11.74 5.01 17.10
N GLN B 30 12.09 5.14 18.38
CA GLN B 30 13.47 5.06 18.79
C GLN B 30 14.08 3.70 18.42
N GLU B 31 13.34 2.64 18.70
CA GLU B 31 13.83 1.30 18.46
C GLU B 31 14.19 1.11 16.99
N ALA B 32 13.31 1.59 16.11
CA ALA B 32 13.54 1.44 14.67
C ALA B 32 14.84 2.14 14.26
N GLN B 33 15.00 3.37 14.71
CA GLN B 33 16.17 4.16 14.34
C GLN B 33 17.46 3.45 14.73
N LYS B 34 17.46 2.87 15.93
CA LYS B 34 18.65 2.20 16.44
C LYS B 34 19.01 0.99 15.57
N GLN B 35 18.02 0.16 15.29
CA GLN B 35 18.23 -1.05 14.50
C GLN B 35 18.89 -0.71 13.17
N GLU B 36 18.38 0.31 12.49
CA GLU B 36 18.94 0.73 11.21
C GLU B 36 20.37 1.25 11.37
N ALA B 37 20.62 1.94 12.47
CA ALA B 37 21.95 2.48 12.73
C ALA B 37 22.15 2.75 14.21
N LEU B 38 23.37 2.56 14.70
CA LEU B 38 23.68 2.79 16.11
C LEU B 38 24.54 4.04 16.27
N GLY A 1 -4.42 -21.01 -8.63
CA GLY A 1 -3.08 -21.49 -8.18
C GLY A 1 -3.01 -23.02 -8.30
N PRO A 2 -3.74 -23.75 -7.47
CA PRO A 2 -3.71 -25.24 -7.55
C PRO A 2 -4.34 -25.77 -8.83
N HIS A 3 -3.92 -26.96 -9.25
CA HIS A 3 -4.45 -27.56 -10.46
C HIS A 3 -5.97 -27.68 -10.40
N MET A 4 -6.48 -28.04 -9.22
CA MET A 4 -7.91 -28.19 -9.05
C MET A 4 -8.58 -26.83 -8.77
N ALA A 5 -9.54 -26.48 -9.60
CA ALA A 5 -10.24 -25.21 -9.44
C ALA A 5 -11.70 -25.34 -9.87
N ASP A 6 -12.56 -24.49 -9.32
CA ASP A 6 -13.98 -24.53 -9.64
C ASP A 6 -14.23 -23.91 -11.01
N LEU A 7 -15.31 -24.34 -11.65
CA LEU A 7 -15.67 -23.80 -12.97
C LEU A 7 -16.11 -22.35 -12.87
N MET A 8 -16.87 -22.04 -11.82
CA MET A 8 -17.36 -20.68 -11.63
C MET A 8 -16.21 -19.71 -11.40
N ALA A 9 -16.05 -18.77 -12.31
CA ALA A 9 -14.98 -17.78 -12.20
C ALA A 9 -15.09 -16.73 -13.31
N ASP A 10 -15.14 -15.47 -12.92
CA ASP A 10 -15.25 -14.38 -13.88
C ASP A 10 -13.89 -14.09 -14.52
N GLU A 11 -13.57 -14.83 -15.57
CA GLU A 11 -12.29 -14.66 -16.26
C GLU A 11 -12.21 -13.31 -16.97
N SER A 12 -13.34 -12.82 -17.47
CA SER A 12 -13.36 -11.56 -18.21
C SER A 12 -12.77 -10.44 -17.38
N ILE A 13 -13.11 -10.40 -16.09
CA ILE A 13 -12.63 -9.34 -15.22
C ILE A 13 -11.11 -9.36 -15.15
N THR A 14 -10.54 -10.55 -14.97
CA THR A 14 -9.09 -10.68 -14.84
C THR A 14 -8.39 -10.13 -16.09
N ARG A 15 -8.92 -10.48 -17.25
CA ARG A 15 -8.33 -10.05 -18.52
C ARG A 15 -8.29 -8.53 -18.60
N MET A 16 -9.41 -7.90 -18.25
CA MET A 16 -9.50 -6.44 -18.33
C MET A 16 -8.42 -5.80 -17.47
N ASN A 17 -8.24 -6.32 -16.27
CA ASN A 17 -7.26 -5.76 -15.34
C ASN A 17 -5.86 -5.82 -15.95
N LEU A 18 -5.49 -6.98 -16.47
CA LEU A 18 -4.16 -7.14 -17.06
C LEU A 18 -3.95 -6.19 -18.22
N ALA A 19 -5.01 -5.90 -18.97
CA ALA A 19 -4.91 -4.98 -20.11
C ALA A 19 -4.50 -3.59 -19.64
N ALA A 20 -5.21 -3.08 -18.62
CA ALA A 20 -4.89 -1.75 -18.09
C ALA A 20 -3.46 -1.69 -17.60
N ILE A 21 -3.04 -2.76 -16.92
CA ILE A 21 -1.68 -2.87 -16.41
C ILE A 21 -0.67 -2.66 -17.54
N LYS A 22 -0.81 -3.41 -18.63
CA LYS A 22 0.13 -3.31 -19.75
C LYS A 22 0.29 -1.86 -20.25
N LYS A 23 -0.69 -1.00 -19.99
CA LYS A 23 -0.65 0.37 -20.48
C LYS A 23 0.61 1.10 -19.98
N ILE A 24 1.04 0.79 -18.77
CA ILE A 24 2.19 1.46 -18.16
C ILE A 24 3.36 0.51 -17.99
N ASP A 25 3.06 -0.75 -17.65
CA ASP A 25 4.09 -1.75 -17.41
C ASP A 25 3.97 -2.89 -18.42
N PRO A 26 4.42 -2.70 -19.65
CA PRO A 26 4.28 -3.75 -20.70
C PRO A 26 4.87 -5.11 -20.29
N TYR A 27 5.76 -5.11 -19.31
CA TYR A 27 6.46 -6.34 -18.94
C TYR A 27 5.77 -7.11 -17.81
N ALA A 28 4.50 -6.80 -17.52
CA ALA A 28 3.73 -7.58 -16.56
C ALA A 28 3.02 -8.72 -17.28
N LYS A 29 3.24 -9.95 -16.83
CA LYS A 29 2.67 -11.11 -17.51
C LYS A 29 1.38 -11.56 -16.83
N GLU A 30 1.39 -11.54 -15.49
CA GLU A 30 0.22 -11.97 -14.74
C GLU A 30 0.15 -11.29 -13.37
N ILE A 31 -1.05 -11.23 -12.82
CA ILE A 31 -1.25 -10.64 -11.50
C ILE A 31 -1.23 -11.72 -10.42
N VAL A 32 -0.57 -11.42 -9.31
CA VAL A 32 -0.54 -12.35 -8.17
C VAL A 32 -1.69 -12.03 -7.22
N ASP A 33 -1.85 -10.75 -6.91
CA ASP A 33 -2.93 -10.31 -6.04
C ASP A 33 -3.30 -8.86 -6.33
N SER A 34 -4.51 -8.47 -5.99
CA SER A 34 -4.96 -7.10 -6.23
C SER A 34 -5.85 -6.60 -5.10
N SER A 35 -5.56 -5.40 -4.62
CA SER A 35 -6.35 -4.77 -3.57
C SER A 35 -7.15 -3.61 -4.16
N SER A 36 -8.46 -3.62 -3.90
CA SER A 36 -9.37 -2.68 -4.54
C SER A 36 -8.93 -1.24 -4.31
N HIS A 37 -8.43 -0.96 -3.11
CA HIS A 37 -8.01 0.40 -2.78
C HIS A 37 -6.90 0.41 -1.74
N VAL A 38 -5.81 1.10 -2.08
CA VAL A 38 -4.63 1.17 -1.22
C VAL A 38 -4.00 2.56 -1.36
N ALA A 39 -3.53 3.11 -0.24
CA ALA A 39 -2.92 4.44 -0.25
C ALA A 39 -1.56 4.42 0.43
N PHE A 40 -0.66 5.30 -0.01
CA PHE A 40 0.71 5.33 0.50
C PHE A 40 0.90 6.46 1.51
N TYR A 41 1.48 6.11 2.67
CA TYR A 41 1.75 7.08 3.72
C TYR A 41 3.23 7.05 4.11
N THR A 42 3.78 8.23 4.38
CA THR A 42 5.17 8.34 4.81
C THR A 42 5.22 9.04 6.17
N PHE A 43 6.19 8.67 7.01
CA PHE A 43 6.37 9.36 8.29
C PHE A 43 7.58 10.29 8.23
N ASN A 44 7.38 11.52 8.68
CA ASN A 44 8.46 12.50 8.72
C ASN A 44 8.96 12.68 10.15
N SER A 45 10.22 12.32 10.37
CA SER A 45 10.81 12.38 11.71
C SER A 45 10.98 13.80 12.20
N SER A 46 11.22 14.74 11.28
CA SER A 46 11.45 16.13 11.66
C SER A 46 10.20 16.72 12.32
N GLN A 47 9.03 16.36 11.82
CA GLN A 47 7.79 16.87 12.37
C GLN A 47 7.18 15.94 13.44
N ASN A 48 7.56 14.66 13.44
CA ASN A 48 7.01 13.68 14.38
C ASN A 48 5.55 13.41 14.06
N GLU A 49 5.24 13.28 12.77
CA GLU A 49 3.86 13.08 12.34
C GLU A 49 3.80 12.33 11.01
N TRP A 50 2.62 11.83 10.66
CA TRP A 50 2.43 11.16 9.38
C TRP A 50 2.00 12.16 8.32
N GLU A 51 2.50 11.96 7.10
CA GLU A 51 2.13 12.81 5.97
C GLU A 51 1.61 11.94 4.83
N LYS A 52 0.41 12.26 4.33
CA LYS A 52 -0.14 11.53 3.21
C LYS A 52 0.61 11.90 1.93
N THR A 53 0.86 10.91 1.09
CA THR A 53 1.58 11.15 -0.16
C THR A 53 0.60 11.45 -1.28
N ASP A 54 1.13 11.72 -2.47
CA ASP A 54 0.29 12.02 -3.62
C ASP A 54 -0.11 10.75 -4.40
N VAL A 55 0.06 9.57 -3.80
CA VAL A 55 -0.29 8.32 -4.47
C VAL A 55 -1.49 7.66 -3.79
N GLU A 56 -2.65 7.73 -4.44
CA GLU A 56 -3.84 7.02 -3.98
C GLU A 56 -4.42 6.25 -5.15
N GLY A 57 -4.34 4.92 -5.08
CA GLY A 57 -4.64 4.10 -6.25
C GLY A 57 -4.90 2.65 -5.88
N ALA A 58 -5.24 1.87 -6.89
CA ALA A 58 -5.42 0.44 -6.70
C ALA A 58 -4.06 -0.24 -6.64
N PHE A 59 -3.88 -1.17 -5.71
CA PHE A 59 -2.57 -1.81 -5.54
C PHE A 59 -2.57 -3.19 -6.22
N PHE A 60 -1.58 -3.43 -7.06
CA PHE A 60 -1.44 -4.73 -7.72
C PHE A 60 -0.01 -5.24 -7.59
N ILE A 61 0.13 -6.54 -7.41
CA ILE A 61 1.45 -7.16 -7.43
C ILE A 61 1.67 -7.84 -8.78
N TYR A 62 2.78 -7.52 -9.43
CA TYR A 62 3.04 -8.02 -10.78
C TYR A 62 4.14 -9.09 -10.77
N HIS A 63 3.92 -10.15 -11.53
CA HIS A 63 4.90 -11.21 -11.69
C HIS A 63 5.34 -11.31 -13.15
N ARG A 64 6.62 -11.60 -13.35
CA ARG A 64 7.17 -11.74 -14.70
C ARG A 64 8.15 -12.91 -14.74
N ASN A 65 8.22 -13.59 -15.89
CA ASN A 65 9.14 -14.71 -16.04
C ASN A 65 10.53 -14.26 -16.49
N ALA A 66 10.92 -13.04 -16.13
CA ALA A 66 12.24 -12.51 -16.49
C ALA A 66 12.60 -11.38 -15.54
N GLU A 67 13.89 -11.09 -15.41
CA GLU A 67 14.33 -10.07 -14.47
C GLU A 67 13.78 -8.69 -14.87
N PRO A 68 13.25 -7.87 -13.98
CA PRO A 68 13.04 -8.18 -12.53
C PRO A 68 12.00 -9.28 -12.34
N PHE A 69 12.24 -10.17 -11.39
CA PHE A 69 11.34 -11.30 -11.17
C PHE A 69 10.00 -10.84 -10.63
N HIS A 70 10.03 -9.90 -9.69
CA HIS A 70 8.80 -9.45 -9.04
C HIS A 70 8.86 -7.95 -8.75
N SER A 71 7.73 -7.28 -8.95
CA SER A 71 7.66 -5.83 -8.76
C SER A 71 6.26 -5.43 -8.33
N ILE A 72 6.16 -4.33 -7.60
CA ILE A 72 4.87 -3.86 -7.10
C ILE A 72 4.50 -2.55 -7.80
N PHE A 73 3.24 -2.44 -8.19
CA PHE A 73 2.76 -1.28 -8.94
C PHE A 73 1.49 -0.71 -8.32
N ILE A 74 1.37 0.61 -8.32
CA ILE A 74 0.12 1.26 -7.91
C ILE A 74 -0.38 2.17 -9.03
N ASN A 75 -1.68 2.05 -9.30
CA ASN A 75 -2.34 2.85 -10.33
C ASN A 75 -3.11 3.99 -9.67
N ASN A 76 -2.52 5.18 -9.68
CA ASN A 76 -3.09 6.34 -9.02
C ASN A 76 -4.31 6.87 -9.77
N ARG A 77 -5.48 6.67 -9.18
CA ARG A 77 -6.73 6.97 -9.89
C ARG A 77 -6.98 8.46 -9.96
N LEU A 78 -6.68 9.17 -8.87
CA LEU A 78 -6.96 10.59 -8.80
C LEU A 78 -6.03 11.40 -9.70
N ASN A 79 -4.75 11.08 -9.65
CA ASN A 79 -3.75 11.85 -10.40
C ASN A 79 -3.42 11.25 -11.78
N THR A 80 -4.00 10.10 -12.12
CA THR A 80 -3.75 9.48 -13.43
C THR A 80 -2.26 9.37 -13.73
N THR A 81 -1.51 8.97 -12.70
CA THR A 81 -0.07 8.80 -12.82
C THR A 81 0.33 7.41 -12.32
N SER A 82 1.38 6.85 -12.89
CA SER A 82 1.81 5.51 -12.53
C SER A 82 3.02 5.55 -11.60
N PHE A 83 3.08 4.60 -10.67
CA PHE A 83 4.22 4.51 -9.76
C PHE A 83 4.61 3.05 -9.57
N VAL A 84 5.87 2.73 -9.88
CA VAL A 84 6.37 1.37 -9.77
C VAL A 84 7.62 1.31 -8.90
N GLU A 85 7.80 0.19 -8.19
CA GLU A 85 9.01 -0.02 -7.40
C GLU A 85 9.39 -1.51 -7.39
N PRO A 86 10.65 -1.87 -7.54
CA PRO A 86 11.07 -3.31 -7.53
C PRO A 86 11.08 -3.90 -6.12
N ILE A 87 10.84 -5.21 -6.02
CA ILE A 87 10.88 -5.87 -4.72
C ILE A 87 12.29 -6.40 -4.44
N THR A 88 12.73 -6.21 -3.20
CA THR A 88 14.04 -6.72 -2.77
C THR A 88 13.90 -7.44 -1.44
N GLY A 89 14.81 -8.36 -1.16
CA GLY A 89 14.76 -9.12 0.08
C GLY A 89 15.64 -8.53 1.18
N SER A 90 15.79 -7.21 1.16
CA SER A 90 16.51 -6.52 2.23
C SER A 90 15.54 -5.87 3.23
N LEU A 91 14.33 -5.54 2.78
CA LEU A 91 13.37 -4.85 3.62
C LEU A 91 12.87 -5.75 4.75
N GLU A 92 12.57 -5.13 5.90
CA GLU A 92 11.99 -5.85 7.02
C GLU A 92 10.58 -5.31 7.31
N LEU A 93 9.64 -6.22 7.53
CA LEU A 93 8.24 -5.83 7.70
C LEU A 93 7.79 -6.00 9.15
N GLN A 94 6.71 -5.30 9.52
CA GLN A 94 6.15 -5.39 10.86
C GLN A 94 4.65 -5.19 10.79
N SER A 95 3.89 -5.93 11.59
CA SER A 95 2.44 -5.80 11.59
C SER A 95 1.98 -4.92 12.74
N GLN A 96 1.51 -3.72 12.40
CA GLN A 96 0.88 -2.86 13.38
C GLN A 96 -0.63 -2.83 13.11
N PRO A 97 -1.45 -3.52 13.89
CA PRO A 97 -2.90 -3.66 13.51
C PRO A 97 -3.66 -2.34 13.70
N PRO A 98 -4.58 -1.95 12.82
CA PRO A 98 -4.91 -2.65 11.54
C PRO A 98 -4.08 -2.20 10.34
N PHE A 99 -3.03 -1.42 10.60
CA PHE A 99 -2.18 -0.87 9.54
C PHE A 99 -1.09 -1.88 9.15
N LEU A 100 -0.36 -1.59 8.08
CA LEU A 100 0.84 -2.37 7.75
C LEU A 100 2.05 -1.45 7.75
N LEU A 101 3.13 -1.88 8.40
CA LEU A 101 4.30 -1.04 8.59
C LEU A 101 5.55 -1.72 8.04
N TYR A 102 6.42 -0.95 7.39
CA TYR A 102 7.69 -1.48 6.92
C TYR A 102 8.78 -0.41 7.00
N ARG A 103 10.02 -0.86 7.21
CA ARG A 103 11.13 0.07 7.36
C ARG A 103 12.02 0.05 6.12
N ASN A 104 12.62 1.21 5.82
CA ASN A 104 13.44 1.36 4.62
C ASN A 104 14.81 1.96 4.95
N GLU A 105 15.73 1.85 4.00
CA GLU A 105 17.10 2.32 4.18
C GLU A 105 17.14 3.74 4.75
N ARG A 106 18.18 4.01 5.54
CA ARG A 106 18.38 5.30 6.18
C ARG A 106 17.28 5.60 7.21
N SER A 107 16.74 4.56 7.84
CA SER A 107 15.93 4.76 9.05
C SER A 107 14.64 5.52 8.74
N ARG A 108 14.08 5.28 7.57
CA ARG A 108 12.83 5.95 7.19
C ARG A 108 11.67 5.00 7.41
N ILE A 109 10.51 5.53 7.80
CA ILE A 109 9.34 4.70 8.06
C ILE A 109 8.26 4.98 7.03
N ARG A 110 7.72 3.92 6.45
CA ARG A 110 6.64 4.04 5.49
C ARG A 110 5.60 2.95 5.75
N GLY A 111 4.34 3.26 5.49
CA GLY A 111 3.27 2.31 5.76
C GLY A 111 2.20 2.35 4.69
N PHE A 112 1.32 1.36 4.72
CA PHE A 112 0.25 1.25 3.74
C PHE A 112 -1.12 1.18 4.43
N TRP A 113 -2.09 1.85 3.83
CA TRP A 113 -3.47 1.80 4.31
C TRP A 113 -4.32 0.97 3.34
N PHE A 114 -4.97 -0.06 3.86
CA PHE A 114 -5.80 -0.93 3.03
C PHE A 114 -7.27 -0.78 3.41
N TYR A 115 -8.15 -0.80 2.41
CA TYR A 115 -9.59 -0.72 2.66
C TYR A 115 -10.05 -1.73 3.70
N ASN A 116 -9.44 -2.91 3.69
CA ASN A 116 -9.80 -3.95 4.65
C ASN A 116 -8.54 -4.61 5.22
N SER A 117 -8.52 -4.81 6.54
CA SER A 117 -7.35 -5.37 7.20
C SER A 117 -7.05 -6.78 6.71
N GLU A 118 -8.11 -7.57 6.52
CA GLU A 118 -7.96 -8.94 6.02
C GLU A 118 -7.31 -8.92 4.64
N GLU A 119 -7.76 -8.00 3.80
CA GLU A 119 -7.22 -7.84 2.46
C GLU A 119 -5.71 -7.60 2.53
N CYS A 120 -5.32 -6.72 3.43
CA CYS A 120 -3.92 -6.41 3.64
C CYS A 120 -3.14 -7.66 4.06
N ASP A 121 -3.77 -8.49 4.88
CA ASP A 121 -3.10 -9.69 5.40
C ASP A 121 -2.69 -10.59 4.25
N ARG A 122 -3.60 -10.82 3.32
CA ARG A 122 -3.33 -11.71 2.19
C ARG A 122 -2.13 -11.20 1.38
N ILE A 123 -2.16 -9.91 1.06
CA ILE A 123 -1.08 -9.33 0.26
C ILE A 123 0.26 -9.51 0.97
N SER A 124 0.28 -9.25 2.27
CA SER A 124 1.51 -9.33 3.04
C SER A 124 2.09 -10.75 2.98
N GLY A 125 1.23 -11.74 3.12
CA GLY A 125 1.68 -13.13 3.10
C GLY A 125 2.40 -13.45 1.79
N LEU A 126 1.82 -12.99 0.68
CA LEU A 126 2.40 -13.25 -0.63
C LEU A 126 3.81 -12.69 -0.70
N VAL A 127 3.96 -11.44 -0.28
CA VAL A 127 5.27 -10.79 -0.34
C VAL A 127 6.29 -11.59 0.46
N ASN A 128 5.90 -12.03 1.66
CA ASN A 128 6.81 -12.77 2.52
C ASN A 128 7.32 -14.02 1.81
N GLY A 129 6.42 -14.72 1.12
CA GLY A 129 6.79 -15.95 0.42
C GLY A 129 7.85 -15.69 -0.65
N LEU A 130 7.66 -14.60 -1.40
CA LEU A 130 8.59 -14.25 -2.47
C LEU A 130 9.97 -13.91 -1.90
N LEU A 131 9.99 -13.16 -0.81
CA LEU A 131 11.25 -12.70 -0.22
C LEU A 131 12.08 -13.88 0.28
N LYS A 132 11.43 -14.81 0.97
CA LYS A 132 12.16 -15.96 1.55
C LYS A 132 12.61 -16.92 0.45
N SER A 133 11.79 -17.10 -0.56
CA SER A 133 12.12 -18.00 -1.66
C SER A 133 12.89 -17.25 -2.75
N LYS A 134 13.62 -17.99 -3.57
CA LYS A 134 14.40 -17.39 -4.65
C LYS A 134 13.62 -17.41 -5.95
N GLY B 1 -18.11 43.27 -13.66
CA GLY B 1 -19.33 42.63 -13.08
C GLY B 1 -18.98 41.99 -11.74
N PRO B 2 -19.92 41.85 -10.82
CA PRO B 2 -19.64 41.24 -9.50
C PRO B 2 -18.91 39.90 -9.63
N GLN B 3 -17.97 39.64 -8.73
CA GLN B 3 -17.22 38.40 -8.74
C GLN B 3 -17.58 37.53 -7.54
N ASP B 4 -17.51 36.22 -7.72
CA ASP B 4 -17.82 35.29 -6.64
C ASP B 4 -16.78 35.38 -5.53
N PRO B 5 -17.14 35.07 -4.30
CA PRO B 5 -16.17 35.14 -3.17
C PRO B 5 -15.18 33.97 -3.19
N LEU B 6 -13.89 34.29 -3.08
CA LEU B 6 -12.86 33.27 -3.08
C LEU B 6 -13.01 32.34 -1.88
N LEU B 7 -13.33 32.93 -0.72
CA LEU B 7 -13.51 32.14 0.51
C LEU B 7 -15.00 31.95 0.81
N GLN B 8 -15.35 30.73 1.20
CA GLN B 8 -16.74 30.43 1.53
C GLN B 8 -16.96 30.45 3.04
N GLN B 9 -17.93 31.24 3.48
CA GLN B 9 -18.23 31.34 4.90
C GLN B 9 -18.60 29.98 5.49
N GLN B 10 -19.37 29.21 4.72
CA GLN B 10 -19.78 27.88 5.17
C GLN B 10 -18.84 26.81 4.64
N ARG B 11 -18.49 25.86 5.49
CA ARG B 11 -17.58 24.77 5.10
C ARG B 11 -18.37 23.50 4.86
N ALA B 12 -18.10 22.83 3.74
CA ALA B 12 -18.77 21.59 3.39
C ALA B 12 -17.81 20.41 3.53
N PRO B 13 -18.31 19.18 3.57
CA PRO B 13 -17.42 17.98 3.69
C PRO B 13 -16.28 18.01 2.69
N PHE B 14 -15.16 17.38 3.04
CA PHE B 14 -14.00 17.35 2.16
C PHE B 14 -13.83 15.95 1.54
N PRO B 15 -14.24 15.72 0.32
CA PRO B 15 -14.06 14.38 -0.33
C PRO B 15 -12.59 13.98 -0.38
N GLY B 16 -12.30 12.77 0.10
CA GLY B 16 -10.94 12.26 0.10
C GLY B 16 -10.07 12.87 1.21
N GLN B 17 -10.68 13.43 2.25
CA GLN B 17 -9.93 13.97 3.37
C GLN B 17 -8.97 12.93 3.95
N MET B 18 -7.79 13.40 4.34
CA MET B 18 -6.76 12.50 4.87
C MET B 18 -7.22 11.88 6.19
N PRO B 19 -7.37 10.57 6.31
CA PRO B 19 -7.65 9.94 7.63
C PRO B 19 -6.49 10.11 8.60
N ASN B 20 -6.77 10.03 9.89
CA ASN B 20 -5.73 10.20 10.90
C ASN B 20 -5.21 8.85 11.38
N LEU B 21 -3.96 8.55 11.03
CA LEU B 21 -3.33 7.31 11.47
C LEU B 21 -3.14 7.35 12.98
N PRO B 22 -3.13 6.22 13.66
CA PRO B 22 -2.80 6.19 15.12
C PRO B 22 -1.30 6.30 15.36
N LYS B 23 -0.91 7.07 16.37
CA LYS B 23 0.50 7.21 16.70
C LYS B 23 0.87 6.25 17.84
N PRO B 24 1.88 5.41 17.70
CA PRO B 24 2.31 4.53 18.83
C PRO B 24 3.16 5.29 19.85
N PRO B 25 3.43 4.72 21.00
CA PRO B 25 4.31 5.40 22.01
C PRO B 25 5.69 5.69 21.45
N LEU B 26 6.35 6.73 21.97
CA LEU B 26 7.64 7.15 21.45
C LEU B 26 8.64 5.99 21.33
N PHE B 27 8.45 4.93 22.12
CA PHE B 27 9.38 3.81 22.12
C PHE B 27 9.55 3.23 20.72
N TRP B 28 8.46 3.19 19.96
CA TRP B 28 8.48 2.60 18.63
C TRP B 28 9.44 3.37 17.72
N GLN B 29 9.34 4.69 17.72
CA GLN B 29 10.16 5.50 16.83
C GLN B 29 11.64 5.31 17.15
N GLN B 30 11.98 5.43 18.42
CA GLN B 30 13.38 5.36 18.84
C GLN B 30 13.98 4.02 18.49
N GLU B 31 13.26 2.94 18.79
CA GLU B 31 13.78 1.60 18.57
C GLU B 31 14.14 1.38 17.10
N ALA B 32 13.24 1.76 16.22
CA ALA B 32 13.44 1.54 14.79
C ALA B 32 14.68 2.27 14.29
N GLN B 33 14.76 3.56 14.61
CA GLN B 33 15.84 4.40 14.11
C GLN B 33 17.21 3.86 14.54
N LYS B 34 17.30 3.44 15.80
CA LYS B 34 18.57 2.98 16.35
C LYS B 34 19.01 1.66 15.70
N GLN B 35 18.10 0.70 15.65
CA GLN B 35 18.44 -0.63 15.14
C GLN B 35 18.96 -0.57 13.70
N GLU B 36 18.24 0.14 12.84
CA GLU B 36 18.62 0.21 11.43
C GLU B 36 19.84 1.09 11.23
N ALA B 37 19.93 2.17 11.99
CA ALA B 37 21.06 3.11 11.87
C ALA B 37 21.76 3.29 13.21
N LEU B 38 23.08 3.10 13.21
CA LEU B 38 23.86 3.25 14.44
C LEU B 38 23.67 4.65 15.02
N GLY A 1 -25.19 0.66 -11.10
CA GLY A 1 -25.59 -0.73 -11.44
C GLY A 1 -24.49 -1.69 -11.02
N PRO A 2 -23.39 -1.76 -11.75
CA PRO A 2 -22.27 -2.69 -11.40
C PRO A 2 -21.28 -2.05 -10.41
N HIS A 3 -21.79 -1.17 -9.56
CA HIS A 3 -20.93 -0.51 -8.57
C HIS A 3 -20.27 -1.54 -7.66
N MET A 4 -21.03 -2.55 -7.27
CA MET A 4 -20.51 -3.59 -6.39
C MET A 4 -19.89 -4.72 -7.21
N ALA A 5 -18.79 -5.29 -6.70
CA ALA A 5 -18.11 -6.37 -7.40
C ALA A 5 -18.51 -7.72 -6.81
N ASP A 6 -18.59 -8.73 -7.67
CA ASP A 6 -18.96 -10.07 -7.23
C ASP A 6 -17.88 -10.66 -6.33
N LEU A 7 -18.31 -11.41 -5.32
CA LEU A 7 -17.36 -12.03 -4.40
C LEU A 7 -16.39 -12.95 -5.14
N MET A 8 -16.91 -13.68 -6.11
CA MET A 8 -16.08 -14.59 -6.90
C MET A 8 -15.42 -13.85 -8.06
N ALA A 9 -14.13 -14.08 -8.25
CA ALA A 9 -13.39 -13.43 -9.33
C ALA A 9 -13.50 -14.25 -10.61
N ASP A 10 -14.10 -13.67 -11.65
CA ASP A 10 -14.25 -14.35 -12.92
C ASP A 10 -12.97 -14.21 -13.76
N GLU A 11 -12.75 -15.17 -14.66
CA GLU A 11 -11.56 -15.14 -15.50
C GLU A 11 -11.53 -13.88 -16.35
N SER A 12 -12.69 -13.46 -16.83
CA SER A 12 -12.77 -12.26 -17.67
C SER A 12 -12.22 -11.05 -16.93
N ILE A 13 -12.55 -10.94 -15.64
CA ILE A 13 -12.08 -9.83 -14.83
C ILE A 13 -10.56 -9.80 -14.80
N THR A 14 -9.96 -10.98 -14.61
CA THR A 14 -8.51 -11.07 -14.52
C THR A 14 -7.85 -10.53 -15.79
N ARG A 15 -8.38 -10.94 -16.93
CA ARG A 15 -7.83 -10.52 -18.21
C ARG A 15 -7.85 -9.01 -18.33
N MET A 16 -8.98 -8.41 -17.99
CA MET A 16 -9.13 -6.96 -18.10
C MET A 16 -8.06 -6.25 -17.28
N ASN A 17 -7.83 -6.73 -16.07
CA ASN A 17 -6.85 -6.12 -15.18
C ASN A 17 -5.47 -6.15 -15.83
N LEU A 18 -5.08 -7.32 -16.31
CA LEU A 18 -3.75 -7.47 -16.93
C LEU A 18 -3.60 -6.52 -18.12
N ALA A 19 -4.68 -6.25 -18.85
CA ALA A 19 -4.63 -5.36 -19.99
C ALA A 19 -4.26 -3.95 -19.56
N ALA A 20 -4.96 -3.42 -18.55
CA ALA A 20 -4.68 -2.08 -18.07
C ALA A 20 -3.23 -1.97 -17.60
N ILE A 21 -2.76 -3.01 -16.92
CA ILE A 21 -1.38 -3.07 -16.44
C ILE A 21 -0.40 -2.85 -17.60
N LYS A 22 -0.54 -3.62 -18.67
CA LYS A 22 0.35 -3.50 -19.82
C LYS A 22 0.47 -2.06 -20.32
N LYS A 23 -0.53 -1.22 -20.06
CA LYS A 23 -0.52 0.15 -20.55
C LYS A 23 0.69 0.93 -20.05
N ILE A 24 1.15 0.62 -18.84
CA ILE A 24 2.27 1.35 -18.25
C ILE A 24 3.50 0.44 -18.15
N ASP A 25 3.26 -0.81 -17.76
CA ASP A 25 4.35 -1.78 -17.61
C ASP A 25 4.17 -2.93 -18.61
N PRO A 26 4.54 -2.74 -19.86
CA PRO A 26 4.33 -3.79 -20.91
C PRO A 26 4.91 -5.15 -20.54
N TYR A 27 5.85 -5.18 -19.59
CA TYR A 27 6.54 -6.43 -19.26
C TYR A 27 5.94 -7.14 -18.05
N ALA A 28 4.72 -6.78 -17.64
CA ALA A 28 4.02 -7.51 -16.60
C ALA A 28 3.14 -8.59 -17.24
N LYS A 29 3.30 -9.83 -16.80
CA LYS A 29 2.63 -10.96 -17.47
C LYS A 29 1.51 -11.52 -16.60
N GLU A 30 1.75 -11.57 -15.29
CA GLU A 30 0.79 -12.19 -14.38
C GLU A 30 0.54 -11.31 -13.16
N ILE A 31 -0.70 -11.32 -12.67
CA ILE A 31 -1.02 -10.66 -11.41
C ILE A 31 -1.07 -11.69 -10.29
N VAL A 32 -0.43 -11.39 -9.17
CA VAL A 32 -0.44 -12.29 -8.02
C VAL A 32 -1.61 -11.96 -7.11
N ASP A 33 -1.79 -10.68 -6.81
CA ASP A 33 -2.88 -10.23 -5.97
C ASP A 33 -3.25 -8.79 -6.30
N SER A 34 -4.48 -8.40 -6.00
CA SER A 34 -4.92 -7.03 -6.26
C SER A 34 -5.84 -6.53 -5.16
N SER A 35 -5.55 -5.33 -4.68
CA SER A 35 -6.38 -4.68 -3.66
C SER A 35 -7.16 -3.53 -4.28
N SER A 36 -8.47 -3.54 -4.07
CA SER A 36 -9.37 -2.60 -4.74
C SER A 36 -8.93 -1.17 -4.49
N HIS A 37 -8.47 -0.89 -3.28
CA HIS A 37 -8.06 0.49 -2.94
C HIS A 37 -6.97 0.49 -1.87
N VAL A 38 -5.87 1.18 -2.19
CA VAL A 38 -4.71 1.25 -1.31
C VAL A 38 -4.08 2.64 -1.45
N ALA A 39 -3.64 3.20 -0.33
CA ALA A 39 -3.04 4.54 -0.32
C ALA A 39 -1.71 4.54 0.42
N PHE A 40 -0.81 5.43 0.00
CA PHE A 40 0.52 5.50 0.57
C PHE A 40 0.62 6.58 1.66
N TYR A 41 1.23 6.21 2.79
CA TYR A 41 1.44 7.14 3.89
C TYR A 41 2.92 7.17 4.29
N THR A 42 3.42 8.36 4.59
CA THR A 42 4.81 8.51 5.04
C THR A 42 4.83 9.19 6.40
N PHE A 43 5.77 8.80 7.26
CA PHE A 43 5.92 9.46 8.56
C PHE A 43 7.15 10.37 8.54
N ASN A 44 6.96 11.60 8.98
CA ASN A 44 8.07 12.54 9.08
C ASN A 44 8.53 12.66 10.52
N SER A 45 9.76 12.24 10.78
CA SER A 45 10.30 12.23 12.14
C SER A 45 10.50 13.65 12.67
N SER A 46 10.84 14.59 11.78
CA SER A 46 11.11 15.96 12.20
C SER A 46 9.87 16.58 12.83
N GLN A 47 8.69 16.28 12.29
CA GLN A 47 7.45 16.84 12.80
C GLN A 47 6.76 15.93 13.82
N ASN A 48 7.07 14.63 13.80
CA ASN A 48 6.43 13.67 14.69
C ASN A 48 4.97 13.50 14.29
N GLU A 49 4.74 13.35 12.99
CA GLU A 49 3.38 13.24 12.48
C GLU A 49 3.35 12.51 11.14
N TRP A 50 2.23 11.85 10.86
CA TRP A 50 2.05 11.18 9.58
C TRP A 50 1.54 12.17 8.54
N GLU A 51 2.02 12.02 7.30
CA GLU A 51 1.55 12.87 6.20
C GLU A 51 1.05 11.99 5.06
N LYS A 52 -0.14 12.31 4.55
CA LYS A 52 -0.69 11.57 3.43
C LYS A 52 0.02 11.95 2.14
N THR A 53 0.33 10.95 1.31
CA THR A 53 1.02 11.20 0.06
C THR A 53 0.01 11.39 -1.07
N ASP A 54 0.49 11.87 -2.21
CA ASP A 54 -0.38 12.06 -3.37
C ASP A 54 -0.77 10.75 -4.05
N VAL A 55 -0.02 9.68 -3.80
CA VAL A 55 -0.31 8.39 -4.43
C VAL A 55 -1.53 7.73 -3.81
N GLU A 56 -2.65 7.76 -4.54
CA GLU A 56 -3.86 7.06 -4.12
C GLU A 56 -4.41 6.28 -5.30
N GLY A 57 -4.34 4.96 -5.22
CA GLY A 57 -4.61 4.14 -6.38
C GLY A 57 -4.89 2.69 -6.02
N ALA A 58 -5.22 1.91 -7.03
CA ALA A 58 -5.41 0.47 -6.84
C ALA A 58 -4.05 -0.20 -6.76
N PHE A 59 -3.87 -1.11 -5.81
CA PHE A 59 -2.57 -1.75 -5.60
C PHE A 59 -2.55 -3.12 -6.26
N PHE A 60 -1.54 -3.37 -7.09
CA PHE A 60 -1.38 -4.67 -7.74
C PHE A 60 0.05 -5.17 -7.56
N ILE A 61 0.19 -6.47 -7.37
CA ILE A 61 1.52 -7.09 -7.36
C ILE A 61 1.75 -7.78 -8.70
N TYR A 62 2.87 -7.47 -9.35
CA TYR A 62 3.14 -8.01 -10.68
C TYR A 62 4.25 -9.05 -10.66
N HIS A 63 4.02 -10.14 -11.38
CA HIS A 63 5.03 -11.18 -11.54
C HIS A 63 5.51 -11.22 -12.99
N ARG A 64 6.81 -11.48 -13.16
CA ARG A 64 7.40 -11.59 -14.48
C ARG A 64 8.43 -12.71 -14.51
N ASN A 65 8.55 -13.38 -15.65
CA ASN A 65 9.53 -14.46 -15.80
C ASN A 65 10.91 -13.94 -16.23
N ALA A 66 11.23 -12.70 -15.88
CA ALA A 66 12.51 -12.12 -16.23
C ALA A 66 12.84 -10.96 -15.29
N GLU A 67 14.07 -10.47 -15.36
CA GLU A 67 14.49 -9.38 -14.48
C GLU A 67 13.67 -8.11 -14.80
N PRO A 68 13.00 -7.46 -13.86
CA PRO A 68 12.91 -7.87 -12.42
C PRO A 68 11.92 -9.01 -12.21
N PHE A 69 12.27 -9.94 -11.33
CA PHE A 69 11.43 -11.10 -11.08
C PHE A 69 10.09 -10.69 -10.47
N HIS A 70 10.15 -9.74 -9.53
CA HIS A 70 8.94 -9.32 -8.83
C HIS A 70 8.97 -7.81 -8.56
N SER A 71 7.83 -7.17 -8.79
CA SER A 71 7.73 -5.72 -8.62
C SER A 71 6.32 -5.33 -8.21
N ILE A 72 6.20 -4.21 -7.50
CA ILE A 72 4.91 -3.74 -7.03
C ILE A 72 4.54 -2.46 -7.76
N PHE A 73 3.27 -2.36 -8.16
CA PHE A 73 2.80 -1.21 -8.92
C PHE A 73 1.52 -0.65 -8.33
N ILE A 74 1.39 0.68 -8.35
CA ILE A 74 0.13 1.33 -7.95
C ILE A 74 -0.37 2.22 -9.08
N ASN A 75 -1.66 2.07 -9.39
CA ASN A 75 -2.30 2.86 -10.43
C ASN A 75 -3.06 4.02 -9.78
N ASN A 76 -2.45 5.21 -9.80
CA ASN A 76 -3.00 6.38 -9.13
C ASN A 76 -4.16 6.96 -9.93
N ARG A 77 -5.37 6.76 -9.40
CA ARG A 77 -6.58 7.10 -10.14
C ARG A 77 -6.79 8.60 -10.21
N LEU A 78 -6.45 9.32 -9.14
CA LEU A 78 -6.74 10.73 -9.05
C LEU A 78 -5.87 11.57 -10.00
N ASN A 79 -4.57 11.27 -10.03
CA ASN A 79 -3.66 12.06 -10.87
C ASN A 79 -3.39 11.43 -12.25
N THR A 80 -3.93 10.24 -12.52
CA THR A 80 -3.74 9.61 -13.82
C THR A 80 -2.26 9.41 -14.09
N THR A 81 -1.54 8.94 -13.08
CA THR A 81 -0.10 8.75 -13.17
C THR A 81 0.29 7.38 -12.60
N SER A 82 1.35 6.81 -13.14
CA SER A 82 1.79 5.48 -12.71
C SER A 82 2.99 5.58 -11.78
N PHE A 83 3.04 4.67 -10.81
CA PHE A 83 4.16 4.61 -9.87
C PHE A 83 4.60 3.17 -9.65
N VAL A 84 5.86 2.88 -9.92
CA VAL A 84 6.38 1.51 -9.79
C VAL A 84 7.61 1.47 -8.89
N GLU A 85 7.79 0.35 -8.19
CA GLU A 85 8.97 0.16 -7.35
C GLU A 85 9.37 -1.33 -7.32
N PRO A 86 10.61 -1.70 -7.53
CA PRO A 86 11.02 -3.14 -7.49
C PRO A 86 11.11 -3.68 -6.07
N ILE A 87 10.86 -4.98 -5.90
CA ILE A 87 10.94 -5.59 -4.58
C ILE A 87 12.35 -6.11 -4.30
N THR A 88 12.96 -5.64 -3.22
CA THR A 88 14.26 -6.14 -2.80
C THR A 88 14.09 -7.15 -1.67
N GLY A 89 15.04 -8.06 -1.53
CA GLY A 89 14.95 -9.08 -0.49
C GLY A 89 15.64 -8.67 0.81
N SER A 90 15.78 -7.37 1.04
CA SER A 90 16.33 -6.85 2.30
C SER A 90 15.29 -6.13 3.16
N LEU A 91 14.10 -5.87 2.61
CA LEU A 91 13.08 -5.12 3.32
C LEU A 91 12.54 -5.90 4.50
N GLU A 92 12.30 -5.20 5.62
CA GLU A 92 11.72 -5.81 6.80
C GLU A 92 10.33 -5.23 7.04
N LEU A 93 9.37 -6.10 7.36
CA LEU A 93 7.98 -5.68 7.54
C LEU A 93 7.55 -5.86 8.99
N GLN A 94 6.47 -5.18 9.37
CA GLN A 94 5.94 -5.29 10.72
C GLN A 94 4.43 -5.05 10.68
N SER A 95 3.68 -5.78 11.51
CA SER A 95 2.25 -5.61 11.56
C SER A 95 1.84 -4.73 12.74
N GLN A 96 1.40 -3.52 12.43
CA GLN A 96 0.86 -2.64 13.45
C GLN A 96 -0.66 -2.57 13.27
N PRO A 97 -1.46 -3.23 14.09
CA PRO A 97 -2.93 -3.32 13.82
C PRO A 97 -3.63 -1.96 13.98
N PRO A 98 -4.57 -1.57 13.14
CA PRO A 98 -5.01 -2.30 11.91
C PRO A 98 -4.24 -1.92 10.65
N PHE A 99 -3.18 -1.13 10.81
CA PHE A 99 -2.41 -0.62 9.67
C PHE A 99 -1.29 -1.59 9.30
N LEU A 100 -0.60 -1.32 8.19
CA LEU A 100 0.59 -2.09 7.82
C LEU A 100 1.82 -1.18 7.84
N LEU A 101 2.92 -1.66 8.40
CA LEU A 101 4.11 -0.83 8.58
C LEU A 101 5.35 -1.54 8.04
N TYR A 102 6.23 -0.78 7.39
CA TYR A 102 7.50 -1.33 6.93
C TYR A 102 8.60 -0.28 7.01
N ARG A 103 9.85 -0.73 7.06
CA ARG A 103 10.97 0.19 7.18
C ARG A 103 11.67 0.37 5.83
N ASN A 104 12.15 1.58 5.57
CA ASN A 104 12.77 1.90 4.28
C ASN A 104 14.16 2.52 4.45
N GLU A 105 14.93 2.50 3.36
CA GLU A 105 16.30 3.00 3.37
C GLU A 105 16.41 4.37 4.05
N ARG A 106 17.57 4.60 4.65
CA ARG A 106 17.86 5.86 5.34
C ARG A 106 16.91 6.07 6.53
N SER A 107 16.47 4.99 7.16
CA SER A 107 15.82 5.08 8.47
C SER A 107 14.49 5.83 8.39
N ARG A 108 13.79 5.66 7.28
CA ARG A 108 12.50 6.32 7.10
C ARG A 108 11.38 5.33 7.39
N ILE A 109 10.23 5.81 7.84
CA ILE A 109 9.11 4.93 8.17
C ILE A 109 7.98 5.15 7.16
N ARG A 110 7.53 4.06 6.56
CA ARG A 110 6.46 4.14 5.57
C ARG A 110 5.39 3.09 5.89
N GLY A 111 4.15 3.43 5.61
CA GLY A 111 3.04 2.53 5.92
C GLY A 111 1.99 2.55 4.82
N PHE A 112 1.07 1.60 4.87
CA PHE A 112 0.03 1.48 3.86
C PHE A 112 -1.36 1.41 4.51
N TRP A 113 -2.31 2.07 3.86
CA TRP A 113 -3.71 2.02 4.28
C TRP A 113 -4.50 1.16 3.31
N PHE A 114 -5.19 0.15 3.83
CA PHE A 114 -5.99 -0.75 2.99
C PHE A 114 -7.47 -0.60 3.32
N TYR A 115 -8.31 -0.63 2.29
CA TYR A 115 -9.76 -0.52 2.48
C TYR A 115 -10.26 -1.53 3.51
N ASN A 116 -9.68 -2.72 3.52
CA ASN A 116 -10.09 -3.75 4.47
C ASN A 116 -8.85 -4.41 5.09
N SER A 117 -8.89 -4.60 6.41
CA SER A 117 -7.76 -5.17 7.13
C SER A 117 -7.44 -6.57 6.63
N GLU A 118 -8.48 -7.36 6.40
CA GLU A 118 -8.30 -8.73 5.90
C GLU A 118 -7.58 -8.70 4.55
N GLU A 119 -8.00 -7.78 3.69
CA GLU A 119 -7.39 -7.62 2.37
C GLU A 119 -5.89 -7.37 2.51
N CYS A 120 -5.55 -6.49 3.44
CA CYS A 120 -4.14 -6.20 3.71
C CYS A 120 -3.39 -7.46 4.13
N ASP A 121 -4.05 -8.28 4.95
CA ASP A 121 -3.40 -9.49 5.46
C ASP A 121 -2.96 -10.39 4.31
N ARG A 122 -3.83 -10.57 3.33
CA ARG A 122 -3.55 -11.45 2.21
C ARG A 122 -2.31 -10.97 1.45
N ILE A 123 -2.30 -9.68 1.11
CA ILE A 123 -1.18 -9.13 0.35
C ILE A 123 0.13 -9.33 1.12
N SER A 124 0.09 -9.05 2.42
CA SER A 124 1.28 -9.16 3.25
C SER A 124 1.84 -10.58 3.22
N GLY A 125 0.94 -11.56 3.35
CA GLY A 125 1.37 -12.96 3.36
C GLY A 125 2.14 -13.29 2.09
N LEU A 126 1.63 -12.84 0.96
CA LEU A 126 2.26 -13.13 -0.33
C LEU A 126 3.70 -12.61 -0.35
N VAL A 127 3.87 -11.36 0.04
CA VAL A 127 5.20 -10.74 0.03
C VAL A 127 6.15 -11.54 0.91
N ASN A 128 5.69 -11.94 2.08
CA ASN A 128 6.51 -12.68 3.02
C ASN A 128 7.03 -13.97 2.38
N GLY A 129 6.15 -14.65 1.66
CA GLY A 129 6.52 -15.91 1.00
C GLY A 129 7.63 -15.70 -0.01
N LEU A 130 7.52 -14.62 -0.78
CA LEU A 130 8.54 -14.30 -1.79
C LEU A 130 9.90 -14.06 -1.13
N LEU A 131 9.90 -13.32 -0.03
CA LEU A 131 11.14 -12.95 0.64
C LEU A 131 11.86 -14.18 1.18
N LYS A 132 11.12 -15.08 1.82
CA LYS A 132 11.74 -16.26 2.43
C LYS A 132 12.23 -17.24 1.37
N SER A 133 11.48 -17.36 0.28
CA SER A 133 11.84 -18.28 -0.79
C SER A 133 13.17 -17.87 -1.41
N LYS A 134 13.79 -18.78 -2.15
CA LYS A 134 15.07 -18.51 -2.79
C LYS A 134 15.08 -19.05 -4.21
N GLY B 1 -24.34 23.73 5.00
CA GLY B 1 -25.80 23.45 5.21
C GLY B 1 -26.38 22.86 3.93
N PRO B 2 -26.65 23.67 2.92
CA PRO B 2 -27.23 23.16 1.64
C PRO B 2 -26.24 22.27 0.89
N GLN B 3 -26.76 21.21 0.27
CA GLN B 3 -25.92 20.29 -0.48
C GLN B 3 -26.33 20.26 -1.95
N ASP B 4 -25.36 19.97 -2.81
CA ASP B 4 -25.63 19.91 -4.25
C ASP B 4 -26.53 18.71 -4.57
N PRO B 5 -27.23 18.72 -5.69
CA PRO B 5 -28.12 17.58 -6.06
C PRO B 5 -27.35 16.27 -6.24
N LEU B 6 -26.11 16.38 -6.70
CA LEU B 6 -25.27 15.21 -6.90
C LEU B 6 -25.09 14.44 -5.61
N LEU B 7 -24.88 15.18 -4.52
CA LEU B 7 -24.70 14.56 -3.21
C LEU B 7 -25.97 13.86 -2.74
N GLN B 8 -27.11 14.49 -3.02
CA GLN B 8 -28.39 13.91 -2.62
C GLN B 8 -28.57 12.51 -3.19
N GLN B 9 -28.15 12.33 -4.44
CA GLN B 9 -28.29 11.03 -5.08
C GLN B 9 -27.43 9.98 -4.39
N GLN B 10 -26.19 10.34 -4.09
CA GLN B 10 -25.28 9.41 -3.43
C GLN B 10 -24.35 10.14 -2.47
N ARG B 11 -23.99 9.48 -1.37
CA ARG B 11 -23.11 10.09 -0.38
C ARG B 11 -21.68 9.56 -0.55
N ALA B 12 -20.78 10.43 -0.98
CA ALA B 12 -19.38 10.05 -1.18
C ALA B 12 -18.50 10.69 -0.10
N PRO B 13 -17.36 10.11 0.21
CA PRO B 13 -16.43 10.70 1.24
C PRO B 13 -16.15 12.17 0.97
N PHE B 14 -16.06 12.96 2.04
CA PHE B 14 -15.78 14.39 1.90
C PHE B 14 -14.32 14.61 1.47
N PRO B 15 -14.04 15.12 0.29
CA PRO B 15 -12.62 15.31 -0.15
C PRO B 15 -11.85 16.20 0.82
N GLY B 16 -10.68 15.73 1.23
CA GLY B 16 -9.83 16.48 2.16
C GLY B 16 -9.85 15.92 3.59
N GLN B 17 -10.68 14.91 3.87
CA GLN B 17 -10.66 14.26 5.18
C GLN B 17 -9.44 13.35 5.29
N MET B 18 -8.57 13.66 6.25
CA MET B 18 -7.36 12.87 6.44
C MET B 18 -7.59 11.77 7.49
N PRO B 19 -7.48 10.50 7.15
CA PRO B 19 -7.56 9.42 8.18
C PRO B 19 -6.55 9.63 9.31
N ASN B 20 -6.95 9.31 10.54
CA ASN B 20 -6.07 9.49 11.68
C ASN B 20 -5.38 8.19 12.05
N LEU B 21 -4.07 8.12 11.78
CA LEU B 21 -3.30 6.93 12.10
C LEU B 21 -2.94 6.92 13.59
N PRO B 22 -2.88 5.79 14.24
CA PRO B 22 -2.46 5.73 15.67
C PRO B 22 -0.94 5.81 15.79
N LYS B 23 -0.46 6.56 16.79
CA LYS B 23 0.97 6.67 17.01
C LYS B 23 1.42 5.69 18.10
N PRO B 24 2.39 4.83 17.86
CA PRO B 24 2.95 3.96 18.95
C PRO B 24 3.85 4.75 19.91
N PRO B 25 4.06 4.27 21.12
CA PRO B 25 4.96 4.98 22.09
C PRO B 25 6.34 5.25 21.49
N LEU B 26 7.03 6.24 22.04
CA LEU B 26 8.34 6.65 21.53
C LEU B 26 9.29 5.45 21.35
N PHE B 27 9.11 4.40 22.14
CA PHE B 27 9.99 3.24 22.08
C PHE B 27 10.07 2.68 20.66
N TRP B 28 8.94 2.70 19.97
CA TRP B 28 8.85 2.16 18.61
C TRP B 28 9.80 2.92 17.68
N GLN B 29 9.76 4.24 17.74
CA GLN B 29 10.58 5.06 16.86
C GLN B 29 12.06 4.75 17.08
N GLN B 30 12.46 4.71 18.34
CA GLN B 30 13.86 4.48 18.68
C GLN B 30 14.34 3.14 18.12
N GLU B 31 13.53 2.10 18.31
CA GLU B 31 13.90 0.76 17.86
C GLU B 31 14.18 0.76 16.36
N ALA B 32 13.31 1.41 15.60
CA ALA B 32 13.45 1.43 14.15
C ALA B 32 14.78 2.07 13.75
N GLN B 33 15.08 3.20 14.34
CA GLN B 33 16.30 3.94 13.99
C GLN B 33 17.54 3.06 14.20
N LYS B 34 17.55 2.35 15.32
CA LYS B 34 18.70 1.51 15.65
C LYS B 34 18.88 0.38 14.64
N GLN B 35 17.80 -0.31 14.34
CA GLN B 35 17.84 -1.44 13.42
C GLN B 35 18.45 -1.05 12.09
N GLU B 36 18.00 0.08 11.54
CA GLU B 36 18.51 0.55 10.25
C GLU B 36 19.99 0.91 10.34
N ALA B 37 20.40 1.48 11.47
CA ALA B 37 21.80 1.88 11.64
C ALA B 37 22.21 1.77 13.11
N LEU B 38 23.39 1.23 13.34
CA LEU B 38 23.90 1.07 14.70
C LEU B 38 24.42 2.40 15.24
N GLY A 1 -23.29 -19.39 -19.39
CA GLY A 1 -23.10 -20.76 -18.83
C GLY A 1 -23.76 -20.83 -17.45
N PRO A 2 -23.11 -20.35 -16.42
CA PRO A 2 -23.69 -20.41 -15.04
C PRO A 2 -25.11 -19.87 -15.00
N HIS A 3 -25.99 -20.61 -14.32
CA HIS A 3 -27.39 -20.20 -14.21
C HIS A 3 -27.57 -19.17 -13.10
N MET A 4 -26.86 -19.38 -11.99
CA MET A 4 -26.96 -18.46 -10.86
C MET A 4 -26.08 -17.24 -11.07
N ALA A 5 -26.36 -16.17 -10.32
CA ALA A 5 -25.60 -14.94 -10.44
C ALA A 5 -24.12 -15.19 -10.14
N ASP A 6 -23.26 -14.40 -10.76
CA ASP A 6 -21.82 -14.55 -10.56
C ASP A 6 -21.39 -13.91 -9.24
N LEU A 7 -21.17 -14.73 -8.22
CA LEU A 7 -20.76 -14.24 -6.91
C LEU A 7 -19.29 -13.85 -6.92
N MET A 8 -18.46 -14.67 -7.57
CA MET A 8 -17.03 -14.43 -7.62
C MET A 8 -16.63 -13.84 -8.97
N ALA A 9 -15.46 -13.20 -9.01
CA ALA A 9 -14.98 -12.60 -10.25
C ALA A 9 -14.81 -13.65 -11.33
N ASP A 10 -15.06 -13.25 -12.58
CA ASP A 10 -14.94 -14.17 -13.70
C ASP A 10 -13.58 -14.00 -14.39
N GLU A 11 -13.25 -14.94 -15.28
CA GLU A 11 -11.99 -14.88 -16.01
C GLU A 11 -11.89 -13.60 -16.83
N SER A 12 -13.01 -13.17 -17.40
CA SER A 12 -13.03 -11.97 -18.24
C SER A 12 -12.50 -10.77 -17.45
N ILE A 13 -12.90 -10.68 -16.19
CA ILE A 13 -12.47 -9.56 -15.34
C ILE A 13 -10.95 -9.55 -15.22
N THR A 14 -10.37 -10.72 -15.00
CA THR A 14 -8.92 -10.82 -14.83
C THR A 14 -8.21 -10.29 -16.07
N ARG A 15 -8.67 -10.70 -17.24
CA ARG A 15 -8.04 -10.29 -18.49
C ARG A 15 -8.05 -8.78 -18.61
N MET A 16 -9.19 -8.16 -18.32
CA MET A 16 -9.32 -6.71 -18.44
C MET A 16 -8.29 -6.01 -17.57
N ASN A 17 -8.12 -6.50 -16.35
CA ASN A 17 -7.18 -5.89 -15.41
C ASN A 17 -5.78 -5.91 -16.00
N LEU A 18 -5.36 -7.08 -16.49
CA LEU A 18 -4.03 -7.21 -17.06
C LEU A 18 -3.83 -6.27 -18.25
N ALA A 19 -4.89 -6.00 -19.01
CA ALA A 19 -4.81 -5.11 -20.15
C ALA A 19 -4.43 -3.71 -19.69
N ALA A 20 -5.13 -3.20 -18.69
CA ALA A 20 -4.85 -1.86 -18.18
C ALA A 20 -3.40 -1.78 -17.67
N ILE A 21 -2.98 -2.84 -16.98
CA ILE A 21 -1.62 -2.92 -16.47
C ILE A 21 -0.60 -2.71 -17.60
N LYS A 22 -0.72 -3.47 -18.68
CA LYS A 22 0.22 -3.37 -19.78
C LYS A 22 0.40 -1.93 -20.27
N LYS A 23 -0.61 -1.09 -20.10
CA LYS A 23 -0.54 0.28 -20.59
C LYS A 23 0.62 1.06 -19.98
N ILE A 24 0.97 0.73 -18.74
CA ILE A 24 2.04 1.43 -18.03
C ILE A 24 3.27 0.54 -17.94
N ASP A 25 3.05 -0.72 -17.59
CA ASP A 25 4.14 -1.67 -17.41
C ASP A 25 4.03 -2.82 -18.44
N PRO A 26 4.43 -2.61 -19.66
CA PRO A 26 4.24 -3.64 -20.74
C PRO A 26 4.83 -5.00 -20.37
N TYR A 27 5.75 -5.04 -19.42
CA TYR A 27 6.45 -6.29 -19.09
C TYR A 27 5.80 -7.08 -17.96
N ALA A 28 4.55 -6.75 -17.60
CA ALA A 28 3.81 -7.55 -16.62
C ALA A 28 3.21 -8.77 -17.30
N LYS A 29 3.46 -9.95 -16.73
CA LYS A 29 2.99 -11.19 -17.36
C LYS A 29 1.69 -11.65 -16.70
N GLU A 30 1.61 -11.52 -15.38
CA GLU A 30 0.40 -11.92 -14.67
C GLU A 30 0.31 -11.24 -13.30
N ILE A 31 -0.90 -11.20 -12.76
CA ILE A 31 -1.13 -10.59 -11.45
C ILE A 31 -1.12 -11.68 -10.37
N VAL A 32 -0.48 -11.36 -9.25
CA VAL A 32 -0.45 -12.28 -8.11
C VAL A 32 -1.63 -11.98 -7.18
N ASP A 33 -1.82 -10.70 -6.87
CA ASP A 33 -2.93 -10.27 -6.02
C ASP A 33 -3.31 -8.83 -6.34
N SER A 34 -4.53 -8.45 -5.99
CA SER A 34 -4.98 -7.08 -6.24
C SER A 34 -5.88 -6.58 -5.12
N SER A 35 -5.61 -5.37 -4.66
CA SER A 35 -6.43 -4.74 -3.63
C SER A 35 -7.21 -3.58 -4.24
N SER A 36 -8.53 -3.58 -4.02
CA SER A 36 -9.43 -2.65 -4.68
C SER A 36 -8.98 -1.20 -4.44
N HIS A 37 -8.53 -0.91 -3.23
CA HIS A 37 -8.13 0.45 -2.89
C HIS A 37 -7.03 0.47 -1.84
N VAL A 38 -5.94 1.16 -2.16
CA VAL A 38 -4.77 1.24 -1.30
C VAL A 38 -4.13 2.63 -1.44
N ALA A 39 -3.64 3.16 -0.33
CA ALA A 39 -3.04 4.49 -0.34
C ALA A 39 -1.68 4.48 0.35
N PHE A 40 -0.79 5.36 -0.10
CA PHE A 40 0.58 5.41 0.42
C PHE A 40 0.74 6.50 1.47
N TYR A 41 1.34 6.13 2.61
CA TYR A 41 1.56 7.08 3.70
C TYR A 41 3.03 7.10 4.11
N THR A 42 3.52 8.28 4.47
CA THR A 42 4.90 8.45 4.94
C THR A 42 4.88 9.03 6.35
N PHE A 43 5.88 8.67 7.17
CA PHE A 43 5.99 9.25 8.51
C PHE A 43 7.18 10.19 8.58
N ASN A 44 6.96 11.39 9.10
CA ASN A 44 8.03 12.36 9.31
C ASN A 44 8.46 12.36 10.77
N SER A 45 9.67 11.90 11.02
CA SER A 45 10.19 11.78 12.38
C SER A 45 10.40 13.14 13.04
N SER A 46 10.76 14.14 12.24
CA SER A 46 11.04 15.47 12.77
C SER A 46 9.79 16.07 13.44
N GLN A 47 8.64 15.83 12.84
CA GLN A 47 7.38 16.38 13.36
C GLN A 47 6.64 15.41 14.28
N ASN A 48 6.93 14.11 14.16
CA ASN A 48 6.24 13.08 14.94
C ASN A 48 4.78 12.99 14.48
N GLU A 49 4.60 12.96 13.16
CA GLU A 49 3.27 12.94 12.59
C GLU A 49 3.25 12.23 11.24
N TRP A 50 2.11 11.64 10.90
CA TRP A 50 1.96 10.97 9.61
C TRP A 50 1.49 11.96 8.55
N GLU A 51 2.02 11.82 7.35
CA GLU A 51 1.62 12.69 6.24
C GLU A 51 1.15 11.84 5.06
N LYS A 52 -0.02 12.17 4.51
CA LYS A 52 -0.53 11.45 3.36
C LYS A 52 0.20 11.89 2.09
N THR A 53 0.51 10.94 1.21
CA THR A 53 1.22 11.26 -0.02
C THR A 53 0.22 11.53 -1.14
N ASP A 54 0.73 11.89 -2.31
CA ASP A 54 -0.13 12.16 -3.46
C ASP A 54 -0.45 10.90 -4.27
N VAL A 55 -0.17 9.71 -3.71
CA VAL A 55 -0.45 8.47 -4.41
C VAL A 55 -1.66 7.76 -3.79
N GLU A 56 -2.79 7.81 -4.49
CA GLU A 56 -3.98 7.09 -4.08
C GLU A 56 -4.50 6.29 -5.27
N GLY A 57 -4.42 4.96 -5.17
CA GLY A 57 -4.67 4.13 -6.35
C GLY A 57 -4.96 2.69 -5.98
N ALA A 58 -5.25 1.90 -7.00
CA ALA A 58 -5.45 0.47 -6.80
C ALA A 58 -4.09 -0.22 -6.72
N PHE A 59 -3.93 -1.12 -5.75
CA PHE A 59 -2.63 -1.78 -5.54
C PHE A 59 -2.63 -3.15 -6.22
N PHE A 60 -1.60 -3.41 -7.02
CA PHE A 60 -1.45 -4.70 -7.68
C PHE A 60 -0.02 -5.20 -7.51
N ILE A 61 0.13 -6.51 -7.34
CA ILE A 61 1.45 -7.13 -7.33
C ILE A 61 1.71 -7.78 -8.68
N TYR A 62 2.84 -7.46 -9.30
CA TYR A 62 3.13 -7.94 -10.64
C TYR A 62 4.23 -9.00 -10.62
N HIS A 63 4.01 -10.07 -11.38
CA HIS A 63 5.00 -11.13 -11.54
C HIS A 63 5.45 -11.21 -12.99
N ARG A 64 6.75 -11.50 -13.18
CA ARG A 64 7.30 -11.62 -14.51
C ARG A 64 8.33 -12.75 -14.55
N ASN A 65 8.44 -13.41 -15.71
CA ASN A 65 9.39 -14.51 -15.86
C ASN A 65 10.78 -14.00 -16.29
N ALA A 66 11.12 -12.76 -15.91
CA ALA A 66 12.41 -12.19 -16.25
C ALA A 66 12.75 -11.07 -15.28
N GLU A 67 14.03 -10.69 -15.22
CA GLU A 67 14.45 -9.67 -14.28
C GLU A 67 13.79 -8.32 -14.62
N PRO A 68 13.17 -7.60 -13.70
CA PRO A 68 13.03 -7.98 -12.26
C PRO A 68 12.01 -9.10 -12.08
N PHE A 69 12.31 -10.02 -11.17
CA PHE A 69 11.43 -11.17 -10.95
C PHE A 69 10.09 -10.74 -10.39
N HIS A 70 10.12 -9.81 -9.44
CA HIS A 70 8.89 -9.37 -8.77
C HIS A 70 8.93 -7.88 -8.51
N SER A 71 7.80 -7.23 -8.72
CA SER A 71 7.71 -5.78 -8.54
C SER A 71 6.29 -5.37 -8.14
N ILE A 72 6.18 -4.28 -7.40
CA ILE A 72 4.88 -3.80 -6.95
C ILE A 72 4.51 -2.54 -7.71
N PHE A 73 3.24 -2.44 -8.09
CA PHE A 73 2.75 -1.32 -8.89
C PHE A 73 1.48 -0.73 -8.30
N ILE A 74 1.36 0.59 -8.35
CA ILE A 74 0.13 1.25 -7.94
C ILE A 74 -0.38 2.18 -9.05
N ASN A 75 -1.65 2.02 -9.37
CA ASN A 75 -2.30 2.82 -10.40
C ASN A 75 -3.03 4.00 -9.76
N ASN A 76 -2.40 5.16 -9.80
CA ASN A 76 -2.93 6.37 -9.15
C ASN A 76 -4.15 6.89 -9.91
N ARG A 77 -5.34 6.66 -9.34
CA ARG A 77 -6.57 6.93 -10.05
C ARG A 77 -6.86 8.42 -10.16
N LEU A 78 -6.55 9.16 -9.11
CA LEU A 78 -6.87 10.58 -9.06
C LEU A 78 -5.92 11.39 -9.92
N ASN A 79 -4.63 11.12 -9.83
CA ASN A 79 -3.63 11.91 -10.54
C ASN A 79 -3.23 11.31 -11.89
N THR A 80 -3.74 10.13 -12.25
CA THR A 80 -3.43 9.53 -13.54
C THR A 80 -1.93 9.40 -13.74
N THR A 81 -1.25 8.98 -12.68
CA THR A 81 0.21 8.85 -12.71
C THR A 81 0.63 7.44 -12.30
N SER A 82 1.74 6.98 -12.86
CA SER A 82 2.25 5.64 -12.55
C SER A 82 3.29 5.69 -11.43
N PHE A 83 3.12 4.84 -10.43
CA PHE A 83 4.11 4.71 -9.37
C PHE A 83 4.58 3.26 -9.26
N VAL A 84 5.88 3.06 -9.40
CA VAL A 84 6.46 1.71 -9.40
C VAL A 84 7.56 1.58 -8.35
N GLU A 85 7.68 0.39 -7.77
CA GLU A 85 8.76 0.11 -6.83
C GLU A 85 9.21 -1.35 -6.93
N PRO A 86 10.48 -1.66 -7.14
CA PRO A 86 10.94 -3.09 -7.21
C PRO A 86 11.00 -3.75 -5.84
N ILE A 87 10.81 -5.06 -5.80
CA ILE A 87 10.89 -5.79 -4.53
C ILE A 87 12.29 -6.35 -4.34
N THR A 88 12.79 -6.25 -3.11
CA THR A 88 14.10 -6.80 -2.76
C THR A 88 13.99 -7.62 -1.48
N GLY A 89 14.92 -8.54 -1.27
CA GLY A 89 14.88 -9.39 -0.08
C GLY A 89 15.68 -8.79 1.09
N SER A 90 15.70 -7.47 1.16
CA SER A 90 16.32 -6.77 2.29
C SER A 90 15.27 -6.06 3.17
N LEU A 91 14.07 -5.83 2.64
CA LEU A 91 13.05 -5.08 3.35
C LEU A 91 12.56 -5.86 4.57
N GLU A 92 12.31 -5.13 5.66
CA GLU A 92 11.76 -5.73 6.87
C GLU A 92 10.34 -5.21 7.09
N LEU A 93 9.42 -6.12 7.44
CA LEU A 93 8.02 -5.76 7.61
C LEU A 93 7.57 -5.94 9.05
N GLN A 94 6.51 -5.22 9.44
CA GLN A 94 5.96 -5.33 10.77
C GLN A 94 4.46 -5.07 10.71
N SER A 95 3.69 -5.81 11.51
CA SER A 95 2.24 -5.63 11.52
C SER A 95 1.81 -4.76 12.69
N GLN A 96 1.39 -3.54 12.38
CA GLN A 96 0.80 -2.66 13.39
C GLN A 96 -0.71 -2.59 13.13
N PRO A 97 -1.55 -3.25 13.90
CA PRO A 97 -3.00 -3.34 13.56
C PRO A 97 -3.72 -1.99 13.72
N PRO A 98 -4.63 -1.59 12.85
CA PRO A 98 -5.02 -2.31 11.60
C PRO A 98 -4.20 -1.90 10.37
N PHE A 99 -3.12 -1.14 10.59
CA PHE A 99 -2.29 -0.63 9.50
C PHE A 99 -1.19 -1.63 9.15
N LEU A 100 -0.48 -1.38 8.05
CA LEU A 100 0.71 -2.16 7.72
C LEU A 100 1.94 -1.25 7.73
N LEU A 101 3.02 -1.69 8.37
CA LEU A 101 4.20 -0.85 8.53
C LEU A 101 5.44 -1.56 7.99
N TYR A 102 6.31 -0.83 7.30
CA TYR A 102 7.56 -1.39 6.83
C TYR A 102 8.68 -0.35 6.90
N ARG A 103 9.90 -0.83 7.06
CA ARG A 103 11.05 0.07 7.21
C ARG A 103 11.87 0.09 5.91
N ASN A 104 12.42 1.26 5.59
CA ASN A 104 13.17 1.44 4.35
C ASN A 104 14.53 2.07 4.60
N GLU A 105 15.39 2.01 3.58
CA GLU A 105 16.75 2.51 3.68
C GLU A 105 16.81 3.91 4.29
N ARG A 106 17.91 4.17 4.99
CA ARG A 106 18.14 5.46 5.64
C ARG A 106 17.10 5.75 6.73
N SER A 107 16.58 4.71 7.38
CA SER A 107 15.82 4.89 8.61
C SER A 107 14.51 5.64 8.36
N ARG A 108 13.90 5.41 7.21
CA ARG A 108 12.64 6.06 6.88
C ARG A 108 11.49 5.10 7.15
N ILE A 109 10.35 5.63 7.58
CA ILE A 109 9.20 4.79 7.91
C ILE A 109 8.06 5.08 6.95
N ARG A 110 7.54 4.02 6.33
CA ARG A 110 6.43 4.15 5.40
C ARG A 110 5.42 3.05 5.65
N GLY A 111 4.15 3.33 5.37
CA GLY A 111 3.09 2.39 5.68
C GLY A 111 2.03 2.38 4.58
N PHE A 112 1.14 1.41 4.66
CA PHE A 112 0.08 1.25 3.66
C PHE A 112 -1.29 1.21 4.33
N TRP A 113 -2.24 1.90 3.69
CA TRP A 113 -3.62 1.94 4.14
C TRP A 113 -4.48 1.09 3.22
N PHE A 114 -5.14 0.07 3.78
CA PHE A 114 -5.97 -0.82 2.99
C PHE A 114 -7.44 -0.66 3.35
N TYR A 115 -8.31 -0.69 2.34
CA TYR A 115 -9.75 -0.58 2.58
C TYR A 115 -10.24 -1.58 3.62
N ASN A 116 -9.66 -2.78 3.60
CA ASN A 116 -10.05 -3.82 4.56
C ASN A 116 -8.80 -4.47 5.17
N SER A 117 -8.82 -4.66 6.48
CA SER A 117 -7.68 -5.23 7.19
C SER A 117 -7.36 -6.64 6.67
N GLU A 118 -8.40 -7.43 6.47
CA GLU A 118 -8.23 -8.79 5.95
C GLU A 118 -7.53 -8.76 4.60
N GLU A 119 -7.97 -7.83 3.75
CA GLU A 119 -7.38 -7.67 2.42
C GLU A 119 -5.88 -7.42 2.55
N CYS A 120 -5.52 -6.55 3.47
CA CYS A 120 -4.11 -6.25 3.72
C CYS A 120 -3.36 -7.51 4.14
N ASP A 121 -3.99 -8.34 4.95
CA ASP A 121 -3.34 -9.55 5.46
C ASP A 121 -2.92 -10.46 4.31
N ARG A 122 -3.81 -10.65 3.34
CA ARG A 122 -3.53 -11.54 2.22
C ARG A 122 -2.32 -11.06 1.45
N ILE A 123 -2.30 -9.78 1.11
CA ILE A 123 -1.20 -9.21 0.33
C ILE A 123 0.12 -9.41 1.09
N SER A 124 0.11 -9.14 2.39
CA SER A 124 1.31 -9.24 3.20
C SER A 124 1.86 -10.67 3.15
N GLY A 125 0.98 -11.64 3.28
CA GLY A 125 1.40 -13.04 3.28
C GLY A 125 2.17 -13.38 2.01
N LEU A 126 1.64 -12.91 0.88
CA LEU A 126 2.25 -13.19 -0.41
C LEU A 126 3.69 -12.66 -0.44
N VAL A 127 3.86 -11.42 -0.02
CA VAL A 127 5.19 -10.80 -0.03
C VAL A 127 6.15 -11.61 0.83
N ASN A 128 5.69 -12.05 1.99
CA ASN A 128 6.54 -12.81 2.92
C ASN A 128 7.05 -14.08 2.24
N GLY A 129 6.18 -14.75 1.50
CA GLY A 129 6.55 -15.97 0.81
C GLY A 129 7.65 -15.73 -0.21
N LEU A 130 7.54 -14.63 -0.94
CA LEU A 130 8.54 -14.28 -1.94
C LEU A 130 9.91 -14.03 -1.30
N LEU A 131 9.91 -13.27 -0.21
CA LEU A 131 11.16 -12.89 0.44
C LEU A 131 11.90 -14.12 0.97
N LYS A 132 11.18 -15.02 1.62
CA LYS A 132 11.80 -16.21 2.18
C LYS A 132 12.27 -17.17 1.10
N SER A 133 11.51 -17.27 0.01
CA SER A 133 11.87 -18.14 -1.09
C SER A 133 13.09 -17.60 -1.82
N LYS A 134 13.78 -18.48 -2.54
CA LYS A 134 14.97 -18.08 -3.28
C LYS A 134 15.49 -19.23 -4.12
N GLY B 1 18.98 27.87 0.17
CA GLY B 1 18.63 26.44 0.41
C GLY B 1 17.11 26.28 0.43
N PRO B 2 16.43 26.74 1.46
CA PRO B 2 14.94 26.61 1.53
C PRO B 2 14.27 27.09 0.25
N GLN B 3 13.22 26.38 -0.16
CA GLN B 3 12.48 26.74 -1.38
C GLN B 3 11.03 27.05 -1.03
N ASP B 4 10.43 27.97 -1.79
CA ASP B 4 9.05 28.36 -1.54
C ASP B 4 8.09 27.35 -2.19
N PRO B 5 6.89 27.20 -1.68
CA PRO B 5 5.90 26.24 -2.25
C PRO B 5 5.07 26.87 -3.37
N LEU B 6 5.73 27.23 -4.46
CA LEU B 6 5.03 27.84 -5.58
C LEU B 6 3.92 26.93 -6.10
N LEU B 7 4.20 25.64 -6.16
CA LEU B 7 3.21 24.66 -6.63
C LEU B 7 3.01 23.57 -5.58
N GLN B 8 1.75 23.29 -5.28
CA GLN B 8 1.43 22.25 -4.30
C GLN B 8 1.47 20.87 -4.94
N GLN B 9 2.57 20.16 -4.73
CA GLN B 9 2.75 18.83 -5.31
C GLN B 9 1.83 17.82 -4.63
N GLN B 10 1.68 17.95 -3.31
CA GLN B 10 0.86 17.01 -2.55
C GLN B 10 -0.59 17.47 -2.50
N ARG B 11 -1.51 16.52 -2.54
CA ARG B 11 -2.93 16.83 -2.45
C ARG B 11 -3.37 16.88 -0.99
N ALA B 12 -4.36 17.71 -0.70
CA ALA B 12 -4.86 17.86 0.66
C ALA B 12 -5.92 16.78 0.96
N PRO B 13 -6.05 16.32 2.18
CA PRO B 13 -7.10 15.32 2.53
C PRO B 13 -8.50 15.88 2.33
N PHE B 14 -9.52 15.06 2.62
CA PHE B 14 -10.89 15.52 2.53
C PHE B 14 -11.11 16.70 3.49
N PRO B 15 -12.00 17.63 3.18
CA PRO B 15 -12.12 18.87 3.99
C PRO B 15 -12.40 18.59 5.47
N GLY B 16 -11.60 19.20 6.33
CA GLY B 16 -11.83 19.15 7.77
C GLY B 16 -11.48 17.80 8.41
N GLN B 17 -11.11 16.80 7.61
CA GLN B 17 -10.79 15.48 8.17
C GLN B 17 -9.53 14.90 7.53
N MET B 18 -8.51 14.67 8.35
CA MET B 18 -7.32 13.97 7.88
C MET B 18 -7.46 12.47 8.19
N PRO B 19 -7.00 11.57 7.34
CA PRO B 19 -6.96 10.11 7.69
C PRO B 19 -6.31 9.89 9.06
N ASN B 20 -6.93 9.04 9.87
CA ASN B 20 -6.47 8.83 11.24
C ASN B 20 -5.67 7.53 11.38
N LEU B 21 -4.35 7.66 11.44
CA LEU B 21 -3.50 6.51 11.73
C LEU B 21 -3.22 6.45 13.23
N PRO B 22 -2.99 5.29 13.79
CA PRO B 22 -2.61 5.19 15.23
C PRO B 22 -1.14 5.53 15.44
N LYS B 23 -0.84 6.27 16.50
CA LYS B 23 0.54 6.62 16.81
C LYS B 23 1.11 5.65 17.85
N PRO B 24 2.24 4.99 17.62
CA PRO B 24 2.86 4.12 18.66
C PRO B 24 3.62 4.94 19.71
N PRO B 25 4.03 4.34 20.81
CA PRO B 25 4.85 5.07 21.83
C PRO B 25 6.22 5.44 21.26
N LEU B 26 6.84 6.48 21.81
CA LEU B 26 8.12 6.97 21.31
C LEU B 26 9.15 5.84 21.15
N PHE B 27 9.05 4.81 21.98
CA PHE B 27 10.03 3.73 21.96
C PHE B 27 10.15 3.12 20.56
N TRP B 28 9.03 3.03 19.86
CA TRP B 28 9.00 2.41 18.53
C TRP B 28 9.91 3.16 17.56
N GLN B 29 9.78 4.48 17.54
CA GLN B 29 10.57 5.29 16.61
C GLN B 29 12.06 5.14 16.92
N GLN B 30 12.41 5.28 18.19
CA GLN B 30 13.82 5.24 18.59
C GLN B 30 14.45 3.91 18.20
N GLU B 31 13.73 2.82 18.47
CA GLU B 31 14.27 1.49 18.22
C GLU B 31 14.62 1.32 16.74
N ALA B 32 13.71 1.74 15.87
CA ALA B 32 13.93 1.58 14.43
C ALA B 32 15.18 2.32 14.00
N GLN B 33 15.31 3.57 14.44
CA GLN B 33 16.43 4.41 14.03
C GLN B 33 17.76 3.76 14.40
N LYS B 34 17.84 3.22 15.61
CA LYS B 34 19.08 2.62 16.09
C LYS B 34 19.45 1.39 15.28
N GLN B 35 18.47 0.52 15.04
CA GLN B 35 18.72 -0.72 14.31
C GLN B 35 19.35 -0.44 12.95
N GLU B 36 18.80 0.54 12.23
CA GLU B 36 19.35 0.91 10.93
C GLU B 36 20.76 1.47 11.06
N ALA B 37 21.01 2.23 12.13
CA ALA B 37 22.33 2.80 12.35
C ALA B 37 23.32 1.71 12.74
N LEU B 38 24.54 1.82 12.23
CA LEU B 38 25.58 0.84 12.52
C LEU B 38 26.88 1.54 12.92
N GLY A 1 -14.08 -28.17 -9.29
CA GLY A 1 -13.18 -29.34 -9.20
C GLY A 1 -11.74 -28.87 -8.90
N PRO A 2 -11.01 -28.41 -9.89
CA PRO A 2 -9.60 -27.93 -9.65
C PRO A 2 -9.52 -26.92 -8.52
N HIS A 3 -8.60 -27.15 -7.60
CA HIS A 3 -8.42 -26.25 -6.46
C HIS A 3 -8.09 -24.84 -6.94
N MET A 4 -7.23 -24.75 -7.96
CA MET A 4 -6.83 -23.46 -8.50
C MET A 4 -8.05 -22.66 -8.96
N ALA A 5 -9.01 -23.35 -9.56
CA ALA A 5 -10.21 -22.69 -10.06
C ALA A 5 -11.17 -22.40 -8.92
N ASP A 6 -11.54 -21.12 -8.76
CA ASP A 6 -12.46 -20.72 -7.70
C ASP A 6 -13.89 -21.12 -8.06
N LEU A 7 -14.71 -21.35 -7.05
CA LEU A 7 -16.10 -21.73 -7.27
C LEU A 7 -16.82 -20.68 -8.11
N MET A 8 -16.54 -19.41 -7.83
CA MET A 8 -17.15 -18.31 -8.57
C MET A 8 -16.12 -17.24 -8.89
N ALA A 9 -16.04 -16.85 -10.16
CA ALA A 9 -15.10 -15.83 -10.57
C ALA A 9 -15.25 -15.55 -12.07
N ASP A 10 -15.28 -14.27 -12.43
CA ASP A 10 -15.41 -13.89 -13.83
C ASP A 10 -14.04 -13.72 -14.48
N GLU A 11 -13.73 -14.60 -15.42
CA GLU A 11 -12.45 -14.54 -16.12
C GLU A 11 -12.30 -13.23 -16.90
N SER A 12 -13.40 -12.73 -17.46
CA SER A 12 -13.36 -11.52 -18.25
C SER A 12 -12.76 -10.36 -17.45
N ILE A 13 -13.14 -10.28 -16.18
CA ILE A 13 -12.65 -9.21 -15.32
C ILE A 13 -11.13 -9.25 -15.22
N THR A 14 -10.60 -10.45 -15.02
CA THR A 14 -9.15 -10.62 -14.87
C THR A 14 -8.42 -10.11 -16.11
N ARG A 15 -8.94 -10.48 -17.28
CA ARG A 15 -8.31 -10.07 -18.53
C ARG A 15 -8.25 -8.55 -18.64
N MET A 16 -9.36 -7.90 -18.33
CA MET A 16 -9.42 -6.43 -18.43
C MET A 16 -8.35 -5.79 -17.56
N ASN A 17 -8.20 -6.32 -16.34
CA ASN A 17 -7.23 -5.75 -15.41
C ASN A 17 -5.83 -5.84 -16.00
N LEU A 18 -5.47 -7.02 -16.50
CA LEU A 18 -4.14 -7.21 -17.06
C LEU A 18 -3.90 -6.27 -18.24
N ALA A 19 -4.94 -5.97 -19.00
CA ALA A 19 -4.82 -5.07 -20.14
C ALA A 19 -4.38 -3.68 -19.69
N ALA A 20 -5.07 -3.15 -18.68
CA ALA A 20 -4.72 -1.82 -18.15
C ALA A 20 -3.29 -1.81 -17.65
N ILE A 21 -2.90 -2.88 -16.97
CA ILE A 21 -1.54 -3.03 -16.45
C ILE A 21 -0.52 -2.87 -17.58
N LYS A 22 -0.68 -3.62 -18.66
CA LYS A 22 0.27 -3.56 -19.77
C LYS A 22 0.48 -2.13 -20.28
N LYS A 23 -0.48 -1.24 -20.06
CA LYS A 23 -0.39 0.13 -20.55
C LYS A 23 0.87 0.83 -20.01
N ILE A 24 1.25 0.51 -18.78
CA ILE A 24 2.40 1.14 -18.15
C ILE A 24 3.56 0.16 -18.06
N ASP A 25 3.24 -1.08 -17.70
CA ASP A 25 4.25 -2.13 -17.56
C ASP A 25 3.98 -3.26 -18.56
N PRO A 26 4.31 -3.07 -19.82
CA PRO A 26 3.97 -4.07 -20.88
C PRO A 26 4.49 -5.48 -20.57
N TYR A 27 5.50 -5.58 -19.71
CA TYR A 27 6.15 -6.88 -19.46
C TYR A 27 5.46 -7.70 -18.36
N ALA A 28 4.42 -7.15 -17.72
CA ALA A 28 3.69 -7.91 -16.71
C ALA A 28 2.98 -9.09 -17.35
N LYS A 29 3.20 -10.29 -16.83
CA LYS A 29 2.64 -11.49 -17.44
C LYS A 29 1.36 -11.90 -16.73
N GLU A 30 1.35 -11.80 -15.40
CA GLU A 30 0.16 -12.16 -14.63
C GLU A 30 0.12 -11.41 -13.30
N ILE A 31 -1.08 -11.28 -12.74
CA ILE A 31 -1.24 -10.64 -11.45
C ILE A 31 -1.23 -11.69 -10.34
N VAL A 32 -0.52 -11.39 -9.26
CA VAL A 32 -0.47 -12.28 -8.10
C VAL A 32 -1.64 -11.97 -7.17
N ASP A 33 -1.87 -10.69 -6.92
CA ASP A 33 -2.97 -10.26 -6.07
C ASP A 33 -3.33 -8.80 -6.37
N SER A 34 -4.54 -8.40 -6.04
CA SER A 34 -4.98 -7.04 -6.30
C SER A 34 -5.86 -6.51 -5.17
N SER A 35 -5.56 -5.30 -4.72
CA SER A 35 -6.37 -4.63 -3.70
C SER A 35 -7.12 -3.46 -4.33
N SER A 36 -8.43 -3.46 -4.15
CA SER A 36 -9.30 -2.49 -4.82
C SER A 36 -8.85 -1.06 -4.56
N HIS A 37 -8.41 -0.80 -3.32
CA HIS A 37 -7.99 0.54 -2.95
C HIS A 37 -6.89 0.52 -1.89
N VAL A 38 -5.79 1.19 -2.20
CA VAL A 38 -4.64 1.25 -1.32
C VAL A 38 -3.97 2.62 -1.43
N ALA A 39 -3.53 3.16 -0.30
CA ALA A 39 -2.93 4.50 -0.28
C ALA A 39 -1.59 4.49 0.45
N PHE A 40 -0.70 5.40 0.04
CA PHE A 40 0.65 5.45 0.59
C PHE A 40 0.78 6.58 1.62
N TYR A 41 1.32 6.23 2.80
CA TYR A 41 1.51 7.20 3.87
C TYR A 41 2.97 7.21 4.34
N THR A 42 3.45 8.40 4.69
CA THR A 42 4.81 8.56 5.19
C THR A 42 4.76 9.23 6.57
N PHE A 43 5.69 8.88 7.45
CA PHE A 43 5.78 9.52 8.76
C PHE A 43 7.00 10.42 8.84
N ASN A 44 6.80 11.64 9.32
CA ASN A 44 7.90 12.58 9.50
C ASN A 44 8.23 12.70 10.99
N SER A 45 9.43 12.26 11.36
CA SER A 45 9.83 12.23 12.77
C SER A 45 10.09 13.63 13.33
N SER A 46 10.50 14.56 12.47
CA SER A 46 10.83 15.90 12.92
C SER A 46 9.62 16.56 13.58
N GLN A 47 8.44 16.33 13.01
CA GLN A 47 7.21 16.93 13.54
C GLN A 47 6.40 15.95 14.39
N ASN A 48 6.65 14.64 14.27
CA ASN A 48 5.93 13.64 15.04
C ASN A 48 4.49 13.55 14.54
N GLU A 49 4.34 13.48 13.22
CA GLU A 49 3.02 13.41 12.62
C GLU A 49 3.07 12.69 11.27
N TRP A 50 1.96 12.06 10.90
CA TRP A 50 1.87 11.37 9.62
C TRP A 50 1.41 12.33 8.53
N GLU A 51 1.96 12.17 7.33
CA GLU A 51 1.56 12.99 6.19
C GLU A 51 1.14 12.08 5.04
N LYS A 52 -0.03 12.34 4.46
CA LYS A 52 -0.49 11.57 3.31
C LYS A 52 0.28 11.99 2.06
N THR A 53 0.60 11.01 1.22
CA THR A 53 1.36 11.30 0.01
C THR A 53 0.40 11.56 -1.15
N ASP A 54 0.95 11.92 -2.31
CA ASP A 54 0.13 12.18 -3.48
C ASP A 54 -0.18 10.90 -4.27
N VAL A 55 0.07 9.73 -3.69
CA VAL A 55 -0.21 8.47 -4.37
C VAL A 55 -1.43 7.79 -3.73
N GLU A 56 -2.55 7.82 -4.45
CA GLU A 56 -3.75 7.11 -4.03
C GLU A 56 -4.30 6.34 -5.23
N GLY A 57 -4.23 5.02 -5.16
CA GLY A 57 -4.50 4.22 -6.34
C GLY A 57 -4.80 2.76 -5.99
N ALA A 58 -5.12 1.99 -7.01
CA ALA A 58 -5.32 0.55 -6.84
C ALA A 58 -3.97 -0.15 -6.77
N PHE A 59 -3.81 -1.07 -5.82
CA PHE A 59 -2.52 -1.73 -5.63
C PHE A 59 -2.54 -3.10 -6.31
N PHE A 60 -1.54 -3.35 -7.15
CA PHE A 60 -1.42 -4.64 -7.82
C PHE A 60 -0.01 -5.19 -7.69
N ILE A 61 0.12 -6.49 -7.51
CA ILE A 61 1.43 -7.13 -7.50
C ILE A 61 1.65 -7.81 -8.84
N TYR A 62 2.81 -7.54 -9.46
CA TYR A 62 3.08 -8.06 -10.79
C TYR A 62 4.16 -9.16 -10.74
N HIS A 63 3.93 -10.22 -11.50
CA HIS A 63 4.90 -11.31 -11.62
C HIS A 63 5.30 -11.50 -13.08
N ARG A 64 6.58 -11.82 -13.29
CA ARG A 64 7.09 -12.07 -14.62
C ARG A 64 8.10 -13.22 -14.60
N ASN A 65 8.23 -13.89 -15.73
CA ASN A 65 9.15 -15.03 -15.84
C ASN A 65 10.57 -14.59 -16.22
N ALA A 66 10.95 -13.36 -15.85
CA ALA A 66 12.27 -12.86 -16.17
C ALA A 66 12.66 -11.77 -15.17
N GLU A 67 13.97 -11.61 -14.96
CA GLU A 67 14.45 -10.64 -13.98
C GLU A 67 14.06 -9.21 -14.40
N PRO A 68 13.53 -8.35 -13.55
CA PRO A 68 13.23 -8.64 -12.11
C PRO A 68 12.09 -9.66 -11.97
N PHE A 69 12.22 -10.55 -11.01
CA PHE A 69 11.24 -11.62 -10.84
C PHE A 69 9.89 -11.06 -10.38
N HIS A 70 9.93 -10.09 -9.49
CA HIS A 70 8.70 -9.55 -8.92
C HIS A 70 8.81 -8.04 -8.70
N SER A 71 7.70 -7.35 -8.93
CA SER A 71 7.67 -5.90 -8.79
C SER A 71 6.27 -5.45 -8.38
N ILE A 72 6.19 -4.33 -7.68
CA ILE A 72 4.90 -3.84 -7.19
C ILE A 72 4.55 -2.53 -7.91
N PHE A 73 3.28 -2.40 -8.29
CA PHE A 73 2.82 -1.22 -9.02
C PHE A 73 1.56 -0.65 -8.41
N ILE A 74 1.45 0.68 -8.39
CA ILE A 74 0.21 1.34 -7.98
C ILE A 74 -0.28 2.25 -9.09
N ASN A 75 -1.58 2.13 -9.39
CA ASN A 75 -2.22 2.92 -10.42
C ASN A 75 -2.95 4.10 -9.76
N ASN A 76 -2.31 5.27 -9.81
CA ASN A 76 -2.84 6.46 -9.14
C ASN A 76 -4.06 7.00 -9.87
N ARG A 77 -5.23 6.82 -9.27
CA ARG A 77 -6.48 7.13 -9.95
C ARG A 77 -6.70 8.64 -10.05
N LEU A 78 -6.40 9.35 -8.97
CA LEU A 78 -6.66 10.78 -8.90
C LEU A 78 -5.73 11.56 -9.82
N ASN A 79 -4.44 11.23 -9.78
CA ASN A 79 -3.45 11.97 -10.55
C ASN A 79 -3.13 11.35 -11.91
N THR A 80 -3.72 10.20 -12.24
CA THR A 80 -3.50 9.55 -13.53
C THR A 80 -2.00 9.41 -13.83
N THR A 81 -1.25 9.04 -12.79
CA THR A 81 0.19 8.88 -12.90
C THR A 81 0.60 7.47 -12.45
N SER A 82 1.67 6.96 -13.05
CA SER A 82 2.13 5.61 -12.72
C SER A 82 3.27 5.64 -11.71
N PHE A 83 3.22 4.74 -10.74
CA PHE A 83 4.31 4.63 -9.76
C PHE A 83 4.70 3.16 -9.59
N VAL A 84 5.97 2.86 -9.84
CA VAL A 84 6.47 1.48 -9.75
C VAL A 84 7.67 1.39 -8.82
N GLU A 85 7.84 0.23 -8.18
CA GLU A 85 9.01 -0.01 -7.35
C GLU A 85 9.39 -1.50 -7.38
N PRO A 86 10.63 -1.87 -7.58
CA PRO A 86 11.03 -3.33 -7.59
C PRO A 86 11.07 -3.93 -6.19
N ILE A 87 10.81 -5.23 -6.08
CA ILE A 87 10.89 -5.90 -4.79
C ILE A 87 12.30 -6.44 -4.55
N THR A 88 12.80 -6.25 -3.34
CA THR A 88 14.12 -6.76 -2.97
C THR A 88 14.03 -7.48 -1.62
N GLY A 89 15.00 -8.36 -1.36
CA GLY A 89 15.00 -9.11 -0.10
C GLY A 89 15.86 -8.46 0.96
N SER A 90 15.87 -7.14 0.98
CA SER A 90 16.55 -6.38 2.04
C SER A 90 15.54 -5.68 2.97
N LEU A 91 14.33 -5.44 2.47
CA LEU A 91 13.33 -4.71 3.25
C LEU A 91 12.85 -5.54 4.45
N GLU A 92 12.51 -4.86 5.54
CA GLU A 92 11.95 -5.51 6.71
C GLU A 92 10.55 -4.98 6.98
N LEU A 93 9.62 -5.88 7.28
CA LEU A 93 8.22 -5.51 7.49
C LEU A 93 7.80 -5.75 8.94
N GLN A 94 6.72 -5.11 9.35
CA GLN A 94 6.19 -5.28 10.70
C GLN A 94 4.68 -5.08 10.66
N SER A 95 3.95 -5.86 11.45
CA SER A 95 2.49 -5.72 11.49
C SER A 95 2.07 -4.88 12.70
N GLN A 96 1.61 -3.66 12.42
CA GLN A 96 1.01 -2.83 13.46
C GLN A 96 -0.50 -2.79 13.22
N PRO A 97 -1.31 -3.49 13.97
CA PRO A 97 -2.77 -3.61 13.63
C PRO A 97 -3.52 -2.28 13.86
N PRO A 98 -4.48 -1.91 13.04
CA PRO A 98 -4.92 -2.63 11.80
C PRO A 98 -4.18 -2.16 10.53
N PHE A 99 -3.08 -1.43 10.70
CA PHE A 99 -2.33 -0.88 9.58
C PHE A 99 -1.14 -1.78 9.23
N LEU A 100 -0.46 -1.49 8.12
CA LEU A 100 0.78 -2.20 7.79
C LEU A 100 1.97 -1.25 7.85
N LEU A 101 3.06 -1.69 8.48
CA LEU A 101 4.21 -0.81 8.69
C LEU A 101 5.48 -1.46 8.18
N TYR A 102 6.34 -0.67 7.54
CA TYR A 102 7.63 -1.17 7.09
C TYR A 102 8.69 -0.09 7.18
N ARG A 103 9.97 -0.49 7.17
CA ARG A 103 11.06 0.46 7.28
C ARG A 103 11.69 0.70 5.90
N ASN A 104 12.15 1.92 5.67
CA ASN A 104 12.71 2.29 4.37
C ASN A 104 14.10 2.92 4.52
N GLU A 105 14.81 2.99 3.40
CA GLU A 105 16.18 3.49 3.39
C GLU A 105 16.33 4.81 4.16
N ARG A 106 17.49 5.00 4.76
CA ARG A 106 17.80 6.20 5.53
C ARG A 106 16.88 6.37 6.74
N SER A 107 16.43 5.24 7.31
CA SER A 107 15.80 5.26 8.64
C SER A 107 14.47 6.02 8.61
N ARG A 108 13.75 5.89 7.51
CA ARG A 108 12.45 6.55 7.38
C ARG A 108 11.34 5.53 7.63
N ILE A 109 10.19 6.01 8.10
CA ILE A 109 9.07 5.11 8.40
C ILE A 109 7.96 5.34 7.38
N ARG A 110 7.49 4.25 6.78
CA ARG A 110 6.41 4.34 5.80
C ARG A 110 5.42 3.21 6.02
N GLY A 111 4.15 3.45 5.68
CA GLY A 111 3.12 2.47 5.92
C GLY A 111 2.07 2.48 4.81
N PHE A 112 1.21 1.48 4.81
CA PHE A 112 0.17 1.35 3.79
C PHE A 112 -1.21 1.23 4.43
N TRP A 113 -2.18 1.89 3.81
CA TRP A 113 -3.58 1.81 4.24
C TRP A 113 -4.38 0.98 3.25
N PHE A 114 -5.10 -0.02 3.74
CA PHE A 114 -5.92 -0.87 2.89
C PHE A 114 -7.40 -0.69 3.25
N TYR A 115 -8.26 -0.70 2.23
CA TYR A 115 -9.69 -0.57 2.44
C TYR A 115 -10.21 -1.55 3.48
N ASN A 116 -9.67 -2.77 3.47
CA ASN A 116 -10.07 -3.80 4.43
C ASN A 116 -8.85 -4.47 5.03
N SER A 117 -8.88 -4.70 6.34
CA SER A 117 -7.74 -5.29 7.04
C SER A 117 -7.41 -6.66 6.48
N GLU A 118 -8.45 -7.45 6.21
CA GLU A 118 -8.27 -8.77 5.63
C GLU A 118 -7.53 -8.68 4.30
N GLU A 119 -7.90 -7.68 3.50
CA GLU A 119 -7.25 -7.44 2.23
C GLU A 119 -5.75 -7.23 2.43
N CYS A 120 -5.43 -6.41 3.43
CA CYS A 120 -4.04 -6.17 3.78
C CYS A 120 -3.33 -7.47 4.15
N ASP A 121 -4.04 -8.38 4.82
CA ASP A 121 -3.43 -9.60 5.32
C ASP A 121 -2.92 -10.47 4.18
N ARG A 122 -3.78 -10.74 3.20
CA ARG A 122 -3.40 -11.65 2.12
C ARG A 122 -2.25 -11.08 1.29
N ILE A 123 -2.30 -9.79 0.98
CA ILE A 123 -1.23 -9.19 0.18
C ILE A 123 0.10 -9.33 0.91
N SER A 124 0.11 -8.99 2.19
CA SER A 124 1.35 -9.03 2.97
C SER A 124 1.93 -10.43 2.98
N GLY A 125 1.08 -11.43 3.15
CA GLY A 125 1.52 -12.81 3.21
C GLY A 125 2.26 -13.18 1.92
N LEU A 126 1.69 -12.77 0.79
CA LEU A 126 2.29 -13.07 -0.51
C LEU A 126 3.71 -12.55 -0.58
N VAL A 127 3.88 -11.29 -0.19
CA VAL A 127 5.20 -10.66 -0.23
C VAL A 127 6.18 -11.44 0.62
N ASN A 128 5.74 -11.83 1.82
CA ASN A 128 6.61 -12.56 2.74
C ASN A 128 7.13 -13.84 2.08
N GLY A 129 6.25 -14.54 1.39
CA GLY A 129 6.62 -15.79 0.73
C GLY A 129 7.72 -15.57 -0.30
N LEU A 130 7.54 -14.53 -1.12
CA LEU A 130 8.52 -14.22 -2.16
C LEU A 130 9.89 -13.98 -1.54
N LEU A 131 9.91 -13.24 -0.43
CA LEU A 131 11.16 -12.94 0.26
C LEU A 131 11.86 -14.20 0.70
N LYS A 132 11.08 -15.17 1.19
CA LYS A 132 11.65 -16.43 1.66
C LYS A 132 11.64 -17.53 0.59
N SER A 133 11.35 -17.18 -0.67
CA SER A 133 11.32 -18.16 -1.76
C SER A 133 12.39 -17.83 -2.79
N LYS A 134 12.94 -18.87 -3.41
CA LYS A 134 13.98 -18.68 -4.43
C LYS A 134 14.16 -19.95 -5.25
N GLY B 1 -21.78 12.77 42.96
CA GLY B 1 -23.04 12.80 42.15
C GLY B 1 -22.70 12.46 40.70
N PRO B 2 -23.65 11.96 39.92
CA PRO B 2 -23.38 11.61 38.49
C PRO B 2 -22.70 12.74 37.74
N GLN B 3 -21.87 12.39 36.76
CA GLN B 3 -21.15 13.38 35.98
C GLN B 3 -21.92 13.70 34.69
N ASP B 4 -22.21 14.97 34.47
CA ASP B 4 -22.93 15.39 33.28
C ASP B 4 -22.11 15.13 32.02
N PRO B 5 -22.73 14.94 30.88
CA PRO B 5 -21.98 14.69 29.61
C PRO B 5 -21.58 15.98 28.90
N LEU B 6 -21.29 17.02 29.68
CA LEU B 6 -20.90 18.30 29.11
C LEU B 6 -19.67 18.14 28.22
N LEU B 7 -18.73 17.30 28.65
CA LEU B 7 -17.52 17.07 27.86
C LEU B 7 -17.76 16.00 26.81
N GLN B 8 -17.16 16.18 25.65
CA GLN B 8 -17.33 15.23 24.55
C GLN B 8 -16.26 14.15 24.61
N GLN B 9 -16.68 12.91 24.83
CA GLN B 9 -15.75 11.79 24.90
C GLN B 9 -15.02 11.61 23.57
N GLN B 10 -15.75 11.76 22.47
CA GLN B 10 -15.17 11.62 21.14
C GLN B 10 -15.80 12.61 20.16
N ARG B 11 -15.17 12.76 19.01
CA ARG B 11 -15.68 13.68 17.99
C ARG B 11 -16.48 12.92 16.93
N ALA B 12 -17.56 13.55 16.46
CA ALA B 12 -18.41 12.93 15.45
C ALA B 12 -17.65 12.74 14.13
N PRO B 13 -18.05 11.81 13.30
CA PRO B 13 -17.35 11.57 12.00
C PRO B 13 -17.52 12.74 11.03
N PHE B 14 -16.49 12.99 10.23
CA PHE B 14 -16.51 14.07 9.26
C PHE B 14 -16.19 13.53 7.86
N PRO B 15 -17.17 13.28 7.01
CA PRO B 15 -16.88 12.72 5.64
C PRO B 15 -15.92 13.62 4.86
N GLY B 16 -14.87 13.01 4.32
CA GLY B 16 -13.85 13.76 3.58
C GLY B 16 -12.58 14.02 4.39
N GLN B 17 -12.56 13.67 5.68
CA GLN B 17 -11.36 13.85 6.49
C GLN B 17 -10.41 12.66 6.31
N MET B 18 -9.12 12.94 6.38
CA MET B 18 -8.12 11.89 6.21
C MET B 18 -8.18 10.91 7.38
N PRO B 19 -7.98 9.62 7.16
CA PRO B 19 -8.00 8.64 8.29
C PRO B 19 -6.97 8.98 9.36
N ASN B 20 -7.20 8.49 10.58
CA ASN B 20 -6.29 8.77 11.69
C ASN B 20 -5.43 7.55 12.00
N LEU B 21 -4.13 7.67 11.72
CA LEU B 21 -3.19 6.60 12.01
C LEU B 21 -2.82 6.64 13.50
N PRO B 22 -2.88 5.54 14.23
CA PRO B 22 -2.42 5.55 15.65
C PRO B 22 -0.89 5.47 15.74
N LYS B 23 -0.30 6.23 16.65
CA LYS B 23 1.14 6.21 16.82
C LYS B 23 1.53 5.28 17.98
N PRO B 24 2.41 4.30 17.80
CA PRO B 24 2.87 3.45 18.93
C PRO B 24 3.64 4.27 19.97
N PRO B 25 3.91 3.73 21.15
CA PRO B 25 4.68 4.47 22.19
C PRO B 25 6.05 4.91 21.66
N LEU B 26 6.62 5.94 22.28
CA LEU B 26 7.90 6.49 21.83
C LEU B 26 8.97 5.42 21.62
N PHE B 27 8.88 4.33 22.38
CA PHE B 27 9.88 3.27 22.30
C PHE B 27 10.01 2.75 20.86
N TRP B 28 8.88 2.67 20.17
CA TRP B 28 8.85 2.15 18.81
C TRP B 28 9.74 3.00 17.90
N GLN B 29 9.59 4.32 17.97
CA GLN B 29 10.34 5.21 17.11
C GLN B 29 11.84 5.07 17.37
N GLN B 30 12.23 5.10 18.63
CA GLN B 30 13.63 5.04 18.99
C GLN B 30 14.27 3.75 18.47
N GLU B 31 13.58 2.63 18.66
CA GLU B 31 14.12 1.34 18.28
C GLU B 31 14.43 1.30 16.78
N ALA B 32 13.49 1.78 15.98
CA ALA B 32 13.66 1.74 14.53
C ALA B 32 14.89 2.54 14.11
N GLN B 33 15.02 3.75 14.63
CA GLN B 33 16.11 4.63 14.25
C GLN B 33 17.46 3.99 14.56
N LYS B 34 17.57 3.38 15.74
CA LYS B 34 18.82 2.77 16.16
C LYS B 34 19.21 1.61 15.26
N GLN B 35 18.26 0.74 14.97
CA GLN B 35 18.52 -0.43 14.13
C GLN B 35 19.11 -0.02 12.79
N GLU B 36 18.50 0.96 12.14
CA GLU B 36 18.99 1.44 10.85
C GLU B 36 20.37 2.07 10.98
N ALA B 37 20.61 2.78 12.08
CA ALA B 37 21.89 3.44 12.30
C ALA B 37 22.43 3.11 13.69
N LEU B 38 23.53 2.36 13.72
CA LEU B 38 24.15 1.97 14.98
C LEU B 38 24.50 3.21 15.81
N GLY A 1 -24.28 -11.71 -13.87
CA GLY A 1 -23.12 -11.45 -12.97
C GLY A 1 -23.49 -10.35 -11.97
N PRO A 2 -22.79 -10.24 -10.85
CA PRO A 2 -23.11 -9.18 -9.85
C PRO A 2 -22.79 -7.78 -10.36
N HIS A 3 -23.74 -6.87 -10.19
CA HIS A 3 -23.56 -5.49 -10.64
C HIS A 3 -22.33 -4.87 -10.00
N MET A 4 -22.13 -5.14 -8.71
CA MET A 4 -20.99 -4.59 -7.99
C MET A 4 -19.80 -5.54 -8.04
N ALA A 5 -18.61 -4.98 -8.17
CA ALA A 5 -17.40 -5.79 -8.24
C ALA A 5 -17.13 -6.46 -6.90
N ASP A 6 -16.53 -7.65 -6.95
CA ASP A 6 -16.22 -8.40 -5.74
C ASP A 6 -14.84 -9.02 -5.84
N LEU A 7 -14.38 -9.63 -4.74
CA LEU A 7 -13.07 -10.25 -4.72
C LEU A 7 -12.97 -11.32 -5.81
N MET A 8 -14.03 -12.09 -5.98
CA MET A 8 -14.07 -13.12 -7.01
C MET A 8 -14.93 -12.68 -8.19
N ALA A 9 -14.41 -12.88 -9.40
CA ALA A 9 -15.14 -12.48 -10.60
C ALA A 9 -14.78 -13.38 -11.77
N ASP A 10 -15.55 -13.27 -12.85
CA ASP A 10 -15.32 -14.09 -14.03
C ASP A 10 -13.91 -13.87 -14.56
N GLU A 11 -13.44 -14.81 -15.39
CA GLU A 11 -12.09 -14.70 -15.96
C GLU A 11 -11.93 -13.44 -16.80
N SER A 12 -13.01 -13.00 -17.45
CA SER A 12 -12.95 -11.81 -18.29
C SER A 12 -12.44 -10.61 -17.51
N ILE A 13 -12.89 -10.48 -16.26
CA ILE A 13 -12.46 -9.38 -15.42
C ILE A 13 -10.95 -9.39 -15.26
N THR A 14 -10.40 -10.56 -14.99
CA THR A 14 -8.96 -10.69 -14.77
C THR A 14 -8.19 -10.20 -15.99
N ARG A 15 -8.64 -10.60 -17.17
CA ARG A 15 -7.97 -10.21 -18.39
C ARG A 15 -7.94 -8.70 -18.53
N MET A 16 -9.08 -8.06 -18.28
CA MET A 16 -9.18 -6.62 -18.42
C MET A 16 -8.15 -5.92 -17.53
N ASN A 17 -8.01 -6.42 -16.31
CA ASN A 17 -7.08 -5.81 -15.37
C ASN A 17 -5.66 -5.86 -15.91
N LEU A 18 -5.24 -7.03 -16.37
CA LEU A 18 -3.89 -7.19 -16.91
C LEU A 18 -3.66 -6.28 -18.13
N ALA A 19 -4.72 -6.02 -18.89
CA ALA A 19 -4.62 -5.12 -20.04
C ALA A 19 -4.24 -3.71 -19.61
N ALA A 20 -4.98 -3.17 -18.64
CA ALA A 20 -4.69 -1.83 -18.15
C ALA A 20 -3.27 -1.75 -17.60
N ILE A 21 -2.85 -2.79 -16.91
CA ILE A 21 -1.50 -2.88 -16.38
C ILE A 21 -0.47 -2.66 -17.48
N LYS A 22 -0.56 -3.41 -18.57
CA LYS A 22 0.39 -3.29 -19.66
C LYS A 22 0.56 -1.85 -20.14
N LYS A 23 -0.43 -0.99 -19.89
CA LYS A 23 -0.36 0.40 -20.34
C LYS A 23 0.87 1.12 -19.79
N ILE A 24 1.25 0.79 -18.56
CA ILE A 24 2.38 1.44 -17.90
C ILE A 24 3.56 0.48 -17.81
N ASP A 25 3.27 -0.76 -17.46
CA ASP A 25 4.31 -1.79 -17.27
C ASP A 25 4.12 -2.93 -18.27
N PRO A 26 4.50 -2.73 -19.53
CA PRO A 26 4.26 -3.78 -20.58
C PRO A 26 4.84 -5.15 -20.21
N TYR A 27 5.82 -5.18 -19.32
CA TYR A 27 6.50 -6.43 -18.99
C TYR A 27 5.83 -7.21 -17.86
N ALA A 28 4.64 -6.80 -17.43
CA ALA A 28 3.89 -7.57 -16.43
C ALA A 28 3.02 -8.58 -17.15
N LYS A 29 3.17 -9.86 -16.81
CA LYS A 29 2.48 -10.92 -17.55
C LYS A 29 1.30 -11.46 -16.74
N GLU A 30 1.50 -11.62 -15.44
CA GLU A 30 0.48 -12.21 -14.59
C GLU A 30 0.25 -11.38 -13.34
N ILE A 31 -1.00 -11.34 -12.88
CA ILE A 31 -1.31 -10.70 -11.60
C ILE A 31 -1.37 -11.74 -10.50
N VAL A 32 -0.64 -11.50 -9.41
CA VAL A 32 -0.59 -12.43 -8.29
C VAL A 32 -1.71 -12.10 -7.30
N ASP A 33 -1.82 -10.82 -6.97
CA ASP A 33 -2.88 -10.36 -6.08
C ASP A 33 -3.19 -8.89 -6.34
N SER A 34 -4.44 -8.50 -6.11
CA SER A 34 -4.84 -7.11 -6.32
C SER A 34 -5.74 -6.62 -5.19
N SER A 35 -5.42 -5.46 -4.66
CA SER A 35 -6.24 -4.83 -3.62
C SER A 35 -7.05 -3.69 -4.22
N SER A 36 -8.36 -3.73 -4.01
CA SER A 36 -9.27 -2.81 -4.66
C SER A 36 -8.85 -1.35 -4.44
N HIS A 37 -8.37 -1.06 -3.25
CA HIS A 37 -7.97 0.31 -2.93
C HIS A 37 -6.87 0.36 -1.87
N VAL A 38 -5.80 1.07 -2.21
CA VAL A 38 -4.64 1.18 -1.33
C VAL A 38 -4.03 2.58 -1.46
N ALA A 39 -3.66 3.17 -0.33
CA ALA A 39 -3.11 4.52 -0.32
C ALA A 39 -1.76 4.57 0.39
N PHE A 40 -0.90 5.48 -0.04
CA PHE A 40 0.45 5.59 0.51
C PHE A 40 0.54 6.65 1.61
N TYR A 41 1.16 6.28 2.73
CA TYR A 41 1.37 7.21 3.84
C TYR A 41 2.84 7.25 4.23
N THR A 42 3.35 8.45 4.50
CA THR A 42 4.74 8.62 4.91
C THR A 42 4.78 9.25 6.31
N PHE A 43 5.73 8.86 7.15
CA PHE A 43 5.87 9.45 8.47
C PHE A 43 7.11 10.33 8.52
N ASN A 44 6.93 11.56 9.02
CA ASN A 44 8.04 12.47 9.19
C ASN A 44 8.47 12.51 10.66
N SER A 45 9.69 12.03 10.91
CA SER A 45 10.20 11.94 12.28
C SER A 45 10.52 13.32 12.87
N SER A 46 10.82 14.30 12.02
CA SER A 46 11.20 15.62 12.50
C SER A 46 10.10 16.25 13.36
N GLN A 47 8.84 15.99 13.00
CA GLN A 47 7.70 16.58 13.71
C GLN A 47 6.84 15.54 14.44
N ASN A 48 7.05 14.24 14.17
CA ASN A 48 6.29 13.18 14.83
C ASN A 48 4.84 13.21 14.35
N GLU A 49 4.69 13.24 13.03
CA GLU A 49 3.35 13.30 12.43
C GLU A 49 3.31 12.56 11.10
N TRP A 50 2.16 11.96 10.79
CA TRP A 50 2.00 11.29 9.51
C TRP A 50 1.47 12.25 8.47
N GLU A 51 1.97 12.14 7.25
CA GLU A 51 1.50 12.96 6.13
C GLU A 51 0.96 12.08 5.02
N LYS A 52 -0.27 12.34 4.60
CA LYS A 52 -0.87 11.59 3.50
C LYS A 52 -0.23 12.02 2.19
N THR A 53 0.12 11.05 1.35
CA THR A 53 0.78 11.36 0.09
C THR A 53 -0.26 11.52 -1.03
N ASP A 54 0.15 12.15 -2.12
CA ASP A 54 -0.75 12.37 -3.25
C ASP A 54 -0.97 11.09 -4.08
N VAL A 55 -0.43 9.95 -3.63
CA VAL A 55 -0.60 8.70 -4.36
C VAL A 55 -1.74 7.89 -3.77
N GLU A 56 -2.85 7.85 -4.49
CA GLU A 56 -4.01 7.05 -4.09
C GLU A 56 -4.48 6.25 -5.29
N GLY A 57 -4.39 4.92 -5.20
CA GLY A 57 -4.60 4.10 -6.38
C GLY A 57 -4.87 2.64 -6.02
N ALA A 58 -5.14 1.85 -7.06
CA ALA A 58 -5.32 0.42 -6.88
C ALA A 58 -3.95 -0.26 -6.81
N PHE A 59 -3.78 -1.18 -5.87
CA PHE A 59 -2.48 -1.83 -5.66
C PHE A 59 -2.46 -3.21 -6.29
N PHE A 60 -1.50 -3.45 -7.18
CA PHE A 60 -1.36 -4.77 -7.80
C PHE A 60 0.08 -5.27 -7.68
N ILE A 61 0.23 -6.56 -7.42
CA ILE A 61 1.55 -7.20 -7.48
C ILE A 61 1.67 -7.96 -8.79
N TYR A 62 2.75 -7.69 -9.54
CA TYR A 62 2.93 -8.34 -10.84
C TYR A 62 4.05 -9.37 -10.81
N HIS A 63 3.82 -10.48 -11.50
CA HIS A 63 4.84 -11.51 -11.68
C HIS A 63 5.32 -11.51 -13.13
N ARG A 64 6.62 -11.75 -13.31
CA ARG A 64 7.21 -11.82 -14.65
C ARG A 64 8.24 -12.94 -14.72
N ASN A 65 8.33 -13.59 -15.87
CA ASN A 65 9.28 -14.68 -16.06
C ASN A 65 10.66 -14.15 -16.52
N ALA A 66 10.99 -12.93 -16.14
CA ALA A 66 12.28 -12.33 -16.50
C ALA A 66 12.63 -11.21 -15.54
N GLU A 67 13.89 -10.79 -15.53
CA GLU A 67 14.33 -9.75 -14.61
C GLU A 67 13.60 -8.43 -14.92
N PRO A 68 12.97 -7.74 -13.99
CA PRO A 68 12.86 -8.13 -12.56
C PRO A 68 11.85 -9.26 -12.35
N PHE A 69 12.18 -10.19 -11.47
CA PHE A 69 11.32 -11.35 -11.23
C PHE A 69 9.98 -10.92 -10.67
N HIS A 70 10.00 -9.97 -9.74
CA HIS A 70 8.78 -9.52 -9.09
C HIS A 70 8.81 -8.02 -8.83
N SER A 71 7.68 -7.37 -9.08
CA SER A 71 7.61 -5.92 -8.93
C SER A 71 6.20 -5.49 -8.53
N ILE A 72 6.09 -4.38 -7.82
CA ILE A 72 4.80 -3.89 -7.35
C ILE A 72 4.47 -2.55 -8.01
N PHE A 73 3.22 -2.39 -8.38
CA PHE A 73 2.77 -1.17 -9.05
C PHE A 73 1.50 -0.61 -8.41
N ILE A 74 1.42 0.71 -8.31
CA ILE A 74 0.20 1.37 -7.88
C ILE A 74 -0.32 2.29 -8.98
N ASN A 75 -1.59 2.09 -9.34
CA ASN A 75 -2.23 2.89 -10.39
C ASN A 75 -2.98 4.04 -9.76
N ASN A 76 -2.37 5.23 -9.78
CA ASN A 76 -2.93 6.41 -9.14
C ASN A 76 -4.13 6.95 -9.93
N ARG A 77 -5.32 6.74 -9.40
CA ARG A 77 -6.54 7.02 -10.15
C ARG A 77 -6.81 8.51 -10.23
N LEU A 78 -6.58 9.22 -9.14
CA LEU A 78 -6.89 10.64 -9.07
C LEU A 78 -5.90 11.47 -9.86
N ASN A 79 -4.61 11.17 -9.71
CA ASN A 79 -3.57 11.96 -10.34
C ASN A 79 -3.09 11.39 -11.69
N THR A 80 -3.60 10.24 -12.10
CA THR A 80 -3.23 9.64 -13.39
C THR A 80 -1.72 9.57 -13.55
N THR A 81 -1.05 9.16 -12.47
CA THR A 81 0.41 9.03 -12.46
C THR A 81 0.80 7.61 -12.09
N SER A 82 1.86 7.12 -12.73
CA SER A 82 2.33 5.76 -12.49
C SER A 82 3.37 5.72 -11.38
N PHE A 83 3.14 4.84 -10.39
CA PHE A 83 4.13 4.65 -9.32
C PHE A 83 4.63 3.20 -9.35
N VAL A 84 5.94 3.02 -9.49
CA VAL A 84 6.51 1.68 -9.56
C VAL A 84 7.61 1.49 -8.51
N GLU A 85 7.74 0.28 -8.00
CA GLU A 85 8.82 -0.04 -7.07
C GLU A 85 9.21 -1.53 -7.19
N PRO A 86 10.47 -1.87 -7.41
CA PRO A 86 10.88 -3.31 -7.49
C PRO A 86 10.94 -3.97 -6.10
N ILE A 87 10.69 -5.27 -6.05
CA ILE A 87 10.74 -5.99 -4.78
C ILE A 87 12.15 -6.52 -4.52
N THR A 88 12.62 -6.36 -3.29
CA THR A 88 13.92 -6.88 -2.88
C THR A 88 13.79 -7.62 -1.57
N GLY A 89 14.69 -8.56 -1.32
CA GLY A 89 14.63 -9.35 -0.09
C GLY A 89 15.50 -8.76 1.02
N SER A 90 15.55 -7.44 1.07
CA SER A 90 16.25 -6.73 2.14
C SER A 90 15.27 -5.99 3.07
N LEU A 91 14.06 -5.71 2.59
CA LEU A 91 13.10 -4.93 3.36
C LEU A 91 12.60 -5.70 4.58
N GLU A 92 12.30 -4.97 5.65
CA GLU A 92 11.75 -5.58 6.85
C GLU A 92 10.33 -5.07 7.08
N LEU A 93 9.41 -5.97 7.41
CA LEU A 93 8.00 -5.61 7.58
C LEU A 93 7.55 -5.80 9.02
N GLN A 94 6.49 -5.11 9.40
CA GLN A 94 5.93 -5.23 10.74
C GLN A 94 4.43 -4.98 10.68
N SER A 95 3.68 -5.73 11.49
CA SER A 95 2.22 -5.55 11.50
C SER A 95 1.80 -4.69 12.69
N GLN A 96 1.37 -3.47 12.39
CA GLN A 96 0.78 -2.60 13.39
C GLN A 96 -0.73 -2.53 13.14
N PRO A 97 -1.57 -3.20 13.91
CA PRO A 97 -3.01 -3.32 13.54
C PRO A 97 -3.76 -1.99 13.72
N PRO A 98 -4.71 -1.63 12.86
CA PRO A 98 -5.10 -2.37 11.63
C PRO A 98 -4.33 -1.95 10.38
N PHE A 99 -3.24 -1.21 10.56
CA PHE A 99 -2.44 -0.69 9.45
C PHE A 99 -1.28 -1.64 9.14
N LEU A 100 -0.58 -1.38 8.03
CA LEU A 100 0.64 -2.15 7.71
C LEU A 100 1.84 -1.22 7.70
N LEU A 101 2.93 -1.63 8.35
CA LEU A 101 4.09 -0.77 8.52
C LEU A 101 5.34 -1.46 7.99
N TYR A 102 6.21 -0.71 7.32
CA TYR A 102 7.48 -1.25 6.85
C TYR A 102 8.58 -0.19 6.93
N ARG A 103 9.81 -0.65 7.09
CA ARG A 103 10.95 0.26 7.24
C ARG A 103 11.75 0.36 5.94
N ASN A 104 12.26 1.55 5.65
CA ASN A 104 12.98 1.79 4.40
C ASN A 104 14.36 2.40 4.66
N GLU A 105 15.21 2.33 3.64
CA GLU A 105 16.58 2.83 3.74
C GLU A 105 16.65 4.23 4.34
N ARG A 106 17.75 4.50 5.03
CA ARG A 106 17.98 5.78 5.68
C ARG A 106 16.95 6.07 6.77
N SER A 107 16.45 5.03 7.43
CA SER A 107 15.71 5.20 8.68
C SER A 107 14.40 5.94 8.46
N ARG A 108 13.76 5.69 7.32
CA ARG A 108 12.48 6.32 7.02
C ARG A 108 11.34 5.35 7.30
N ILE A 109 10.20 5.86 7.72
CA ILE A 109 9.07 5.00 8.06
C ILE A 109 7.94 5.24 7.06
N ARG A 110 7.47 4.15 6.46
CA ARG A 110 6.42 4.23 5.46
C ARG A 110 5.40 3.13 5.71
N GLY A 111 4.14 3.40 5.39
CA GLY A 111 3.08 2.42 5.62
C GLY A 111 2.02 2.47 4.52
N PHE A 112 1.14 1.47 4.53
CA PHE A 112 0.06 1.39 3.56
C PHE A 112 -1.29 1.24 4.27
N TRP A 113 -2.30 1.89 3.71
CA TRP A 113 -3.66 1.77 4.21
C TRP A 113 -4.48 0.93 3.23
N PHE A 114 -5.08 -0.14 3.73
CA PHE A 114 -5.88 -1.03 2.90
C PHE A 114 -7.36 -0.89 3.24
N TYR A 115 -8.21 -0.91 2.22
CA TYR A 115 -9.65 -0.81 2.42
C TYR A 115 -10.16 -1.81 3.47
N ASN A 116 -9.57 -3.00 3.47
CA ASN A 116 -9.96 -4.03 4.43
C ASN A 116 -8.71 -4.67 5.06
N SER A 117 -8.75 -4.86 6.38
CA SER A 117 -7.60 -5.41 7.10
C SER A 117 -7.28 -6.81 6.61
N GLU A 118 -8.31 -7.63 6.42
CA GLU A 118 -8.13 -8.99 5.94
C GLU A 118 -7.44 -8.98 4.57
N GLU A 119 -7.88 -8.07 3.72
CA GLU A 119 -7.29 -7.93 2.38
C GLU A 119 -5.78 -7.66 2.50
N CYS A 120 -5.44 -6.78 3.43
CA CYS A 120 -4.03 -6.47 3.68
C CYS A 120 -3.27 -7.74 4.09
N ASP A 121 -3.89 -8.56 4.91
CA ASP A 121 -3.24 -9.77 5.40
C ASP A 121 -2.84 -10.66 4.23
N ARG A 122 -3.73 -10.83 3.28
CA ARG A 122 -3.48 -11.72 2.14
C ARG A 122 -2.25 -11.25 1.37
N ILE A 123 -2.23 -9.96 1.04
CA ILE A 123 -1.12 -9.41 0.26
C ILE A 123 0.20 -9.64 1.00
N SER A 124 0.20 -9.35 2.30
CA SER A 124 1.41 -9.48 3.09
C SER A 124 1.94 -10.91 3.06
N GLY A 125 1.03 -11.88 3.17
CA GLY A 125 1.43 -13.28 3.17
C GLY A 125 2.18 -13.63 1.89
N LEU A 126 1.67 -13.15 0.76
CA LEU A 126 2.29 -13.44 -0.52
C LEU A 126 3.74 -12.95 -0.54
N VAL A 127 3.93 -11.71 -0.11
CA VAL A 127 5.27 -11.12 -0.09
C VAL A 127 6.20 -11.96 0.77
N ASN A 128 5.71 -12.40 1.93
CA ASN A 128 6.52 -13.19 2.84
C ASN A 128 7.02 -14.45 2.14
N GLY A 129 6.15 -15.09 1.36
CA GLY A 129 6.52 -16.29 0.64
C GLY A 129 7.68 -16.02 -0.31
N LEU A 130 7.58 -14.91 -1.03
CA LEU A 130 8.64 -14.52 -1.98
C LEU A 130 9.97 -14.40 -1.25
N LEU A 131 9.95 -13.78 -0.08
CA LEU A 131 11.16 -13.62 0.72
C LEU A 131 11.78 -14.97 1.04
N LYS A 132 10.94 -15.95 1.37
CA LYS A 132 11.42 -17.29 1.68
C LYS A 132 11.36 -18.25 0.49
N SER A 133 11.10 -17.74 -0.71
CA SER A 133 11.03 -18.58 -1.91
C SER A 133 12.17 -18.25 -2.86
N LYS A 134 12.68 -19.27 -3.54
CA LYS A 134 13.78 -19.08 -4.49
C LYS A 134 13.56 -19.94 -5.73
N GLY B 1 -12.61 38.80 32.43
CA GLY B 1 -12.03 37.42 32.51
C GLY B 1 -12.52 36.57 31.33
N PRO B 2 -12.41 37.04 30.11
CA PRO B 2 -12.95 36.28 28.94
C PRO B 2 -12.20 34.97 28.73
N GLN B 3 -12.94 33.93 28.33
CA GLN B 3 -12.35 32.61 28.09
C GLN B 3 -12.58 32.17 26.65
N ASP B 4 -11.70 31.30 26.16
CA ASP B 4 -11.82 30.81 24.80
C ASP B 4 -13.13 30.05 24.61
N PRO B 5 -13.66 29.98 23.40
CA PRO B 5 -14.95 29.25 23.16
C PRO B 5 -14.78 27.74 23.24
N LEU B 6 -15.69 27.10 23.98
CA LEU B 6 -15.63 25.64 24.14
C LEU B 6 -15.84 24.95 22.80
N LEU B 7 -16.74 25.48 21.97
CA LEU B 7 -17.03 24.89 20.68
C LEU B 7 -15.95 25.25 19.67
N GLN B 8 -15.56 24.27 18.84
CA GLN B 8 -14.52 24.49 17.84
C GLN B 8 -15.14 25.03 16.55
N GLN B 9 -14.58 26.13 16.04
CA GLN B 9 -15.08 26.74 14.83
C GLN B 9 -15.09 25.75 13.67
N GLN B 10 -14.05 24.92 13.59
CA GLN B 10 -13.94 23.93 12.52
C GLN B 10 -15.16 23.03 12.49
N ARG B 11 -15.56 22.61 11.30
CA ARG B 11 -16.73 21.75 11.14
C ARG B 11 -16.41 20.34 11.62
N ALA B 12 -17.41 19.69 12.22
CA ALA B 12 -17.24 18.33 12.71
C ALA B 12 -16.80 17.40 11.58
N PRO B 13 -16.29 16.22 11.88
CA PRO B 13 -15.84 15.27 10.81
C PRO B 13 -16.88 15.11 9.70
N PHE B 14 -16.40 15.00 8.48
CA PHE B 14 -17.30 14.85 7.32
C PHE B 14 -16.74 13.82 6.34
N PRO B 15 -17.54 13.32 5.42
CA PRO B 15 -17.06 12.29 4.45
C PRO B 15 -15.87 12.80 3.64
N GLY B 16 -14.80 12.00 3.60
CA GLY B 16 -13.60 12.37 2.86
C GLY B 16 -12.48 12.92 3.75
N GLN B 17 -12.74 13.11 5.05
CA GLN B 17 -11.71 13.59 5.97
C GLN B 17 -10.59 12.56 6.08
N MET B 18 -9.34 13.04 6.13
CA MET B 18 -8.20 12.16 6.23
C MET B 18 -8.28 11.34 7.54
N PRO B 19 -7.96 10.06 7.53
CA PRO B 19 -8.00 9.25 8.79
C PRO B 19 -6.85 9.59 9.73
N ASN B 20 -7.09 9.46 11.03
CA ASN B 20 -6.06 9.76 12.02
C ASN B 20 -5.32 8.50 12.43
N LEU B 21 -4.10 8.35 11.94
CA LEU B 21 -3.29 7.18 12.27
C LEU B 21 -2.84 7.27 13.73
N PRO B 22 -2.92 6.22 14.52
CA PRO B 22 -2.37 6.26 15.91
C PRO B 22 -0.86 6.07 15.91
N LYS B 23 -0.16 6.82 16.74
CA LYS B 23 1.29 6.71 16.84
C LYS B 23 1.67 5.80 18.02
N PRO B 24 2.46 4.75 17.83
CA PRO B 24 2.91 3.91 18.98
C PRO B 24 3.78 4.71 19.96
N PRO B 25 3.94 4.26 21.19
CA PRO B 25 4.80 4.97 22.18
C PRO B 25 6.17 5.32 21.59
N LEU B 26 6.83 6.32 22.16
CA LEU B 26 8.10 6.78 21.62
C LEU B 26 9.11 5.65 21.41
N PHE B 27 8.95 4.55 22.14
CA PHE B 27 9.89 3.43 22.03
C PHE B 27 9.98 2.93 20.59
N TRP B 28 8.85 2.91 19.90
CA TRP B 28 8.79 2.39 18.54
C TRP B 28 9.70 3.19 17.61
N GLN B 29 9.61 4.51 17.69
CA GLN B 29 10.39 5.37 16.81
C GLN B 29 11.88 5.21 17.08
N GLN B 30 12.25 5.28 18.36
CA GLN B 30 13.66 5.21 18.74
C GLN B 30 14.29 3.90 18.28
N GLU B 31 13.57 2.81 18.48
CA GLU B 31 14.10 1.49 18.16
C GLU B 31 14.46 1.40 16.67
N ALA B 32 13.54 1.84 15.82
CA ALA B 32 13.76 1.75 14.38
C ALA B 32 14.99 2.54 13.97
N GLN B 33 15.06 3.78 14.44
CA GLN B 33 16.15 4.67 14.05
C GLN B 33 17.51 4.09 14.43
N LYS B 34 17.58 3.52 15.63
CA LYS B 34 18.84 2.97 16.14
C LYS B 34 19.31 1.80 15.29
N GLN B 35 18.41 0.86 15.01
CA GLN B 35 18.75 -0.32 14.24
C GLN B 35 19.37 0.05 12.90
N GLU B 36 18.74 0.98 12.19
CA GLU B 36 19.26 1.43 10.91
C GLU B 36 20.60 2.14 11.07
N ALA B 37 20.76 2.89 12.15
CA ALA B 37 22.00 3.62 12.41
C ALA B 37 23.15 2.64 12.59
N LEU B 38 24.34 3.07 12.18
CA LEU B 38 25.52 2.22 12.31
C LEU B 38 26.01 2.19 13.76
N GLY A 1 -17.99 0.85 -15.18
CA GLY A 1 -17.99 -0.44 -14.43
C GLY A 1 -18.48 -0.20 -13.00
N PRO A 2 -18.98 -1.21 -12.32
CA PRO A 2 -19.49 -1.05 -10.93
C PRO A 2 -18.36 -0.73 -9.94
N HIS A 3 -18.63 0.18 -9.01
CA HIS A 3 -17.63 0.57 -8.02
C HIS A 3 -17.17 -0.65 -7.24
N MET A 4 -18.10 -1.51 -6.88
CA MET A 4 -17.78 -2.72 -6.11
C MET A 4 -17.83 -3.95 -7.01
N ALA A 5 -17.14 -5.00 -6.59
CA ALA A 5 -17.11 -6.24 -7.38
C ALA A 5 -17.15 -7.45 -6.45
N ASP A 6 -17.69 -8.56 -6.95
CA ASP A 6 -17.78 -9.79 -6.17
C ASP A 6 -16.40 -10.35 -5.90
N LEU A 7 -16.26 -11.06 -4.78
CA LEU A 7 -14.98 -11.66 -4.42
C LEU A 7 -14.48 -12.58 -5.52
N MET A 8 -15.39 -13.34 -6.10
CA MET A 8 -15.05 -14.25 -7.19
C MET A 8 -15.43 -13.65 -8.54
N ALA A 9 -14.56 -13.84 -9.53
CA ALA A 9 -14.82 -13.30 -10.86
C ALA A 9 -14.38 -14.30 -11.93
N ASP A 10 -14.97 -14.20 -13.11
CA ASP A 10 -14.63 -15.09 -14.21
C ASP A 10 -13.32 -14.66 -14.86
N GLU A 11 -12.92 -15.39 -15.90
CA GLU A 11 -11.67 -15.10 -16.60
C GLU A 11 -11.70 -13.71 -17.25
N SER A 12 -12.86 -13.27 -17.68
CA SER A 12 -12.97 -12.00 -18.39
C SER A 12 -12.41 -10.86 -17.54
N ILE A 13 -12.77 -10.85 -16.27
CA ILE A 13 -12.33 -9.78 -15.37
C ILE A 13 -10.81 -9.76 -15.30
N THR A 14 -10.20 -10.94 -15.17
CA THR A 14 -8.75 -11.02 -15.05
C THR A 14 -8.07 -10.42 -16.27
N ARG A 15 -8.58 -10.75 -17.45
CA ARG A 15 -8.00 -10.26 -18.70
C ARG A 15 -8.01 -8.74 -18.73
N MET A 16 -9.14 -8.15 -18.35
CA MET A 16 -9.28 -6.70 -18.39
C MET A 16 -8.22 -6.05 -17.52
N ASN A 17 -8.01 -6.59 -16.33
CA ASN A 17 -7.04 -6.03 -15.39
C ASN A 17 -5.65 -6.05 -16.01
N LEU A 18 -5.26 -7.20 -16.54
CA LEU A 18 -3.93 -7.34 -17.14
C LEU A 18 -3.74 -6.35 -18.29
N ALA A 19 -4.81 -6.05 -19.02
CA ALA A 19 -4.74 -5.11 -20.13
C ALA A 19 -4.36 -3.72 -19.65
N ALA A 20 -5.07 -3.22 -18.63
CA ALA A 20 -4.77 -1.90 -18.09
C ALA A 20 -3.32 -1.84 -17.60
N ILE A 21 -2.89 -2.91 -16.96
CA ILE A 21 -1.52 -3.00 -16.46
C ILE A 21 -0.52 -2.74 -17.60
N LYS A 22 -0.64 -3.47 -18.69
CA LYS A 22 0.28 -3.32 -19.81
C LYS A 22 0.42 -1.87 -20.26
N LYS A 23 -0.59 -1.03 -20.00
CA LYS A 23 -0.56 0.36 -20.43
C LYS A 23 0.64 1.12 -19.85
N ILE A 24 1.03 0.76 -18.64
CA ILE A 24 2.13 1.45 -17.96
C ILE A 24 3.34 0.54 -17.86
N ASP A 25 3.11 -0.72 -17.53
CA ASP A 25 4.17 -1.71 -17.38
C ASP A 25 4.00 -2.84 -18.40
N PRO A 26 4.34 -2.62 -19.65
CA PRO A 26 4.09 -3.65 -20.71
C PRO A 26 4.70 -5.02 -20.40
N TYR A 27 5.69 -5.05 -19.50
CA TYR A 27 6.41 -6.30 -19.23
C TYR A 27 5.79 -7.13 -18.10
N ALA A 28 4.58 -6.78 -17.66
CA ALA A 28 3.87 -7.60 -16.67
C ALA A 28 3.06 -8.67 -17.39
N LYS A 29 3.19 -9.91 -16.95
CA LYS A 29 2.52 -11.02 -17.63
C LYS A 29 1.36 -11.55 -16.82
N GLU A 30 1.53 -11.62 -15.50
CA GLU A 30 0.51 -12.20 -14.63
C GLU A 30 0.30 -11.33 -13.39
N ILE A 31 -0.94 -11.32 -12.90
CA ILE A 31 -1.24 -10.69 -11.62
C ILE A 31 -1.31 -11.76 -10.52
N VAL A 32 -0.67 -11.48 -9.39
CA VAL A 32 -0.68 -12.41 -8.27
C VAL A 32 -1.82 -12.06 -7.31
N ASP A 33 -1.94 -10.79 -6.99
CA ASP A 33 -3.02 -10.32 -6.12
C ASP A 33 -3.36 -8.87 -6.43
N SER A 34 -4.59 -8.46 -6.12
CA SER A 34 -5.00 -7.09 -6.36
C SER A 34 -5.91 -6.58 -5.25
N SER A 35 -5.60 -5.40 -4.75
CA SER A 35 -6.41 -4.75 -3.72
C SER A 35 -7.19 -3.59 -4.33
N SER A 36 -8.51 -3.62 -4.12
CA SER A 36 -9.40 -2.66 -4.77
C SER A 36 -8.96 -1.23 -4.52
N HIS A 37 -8.50 -0.95 -3.30
CA HIS A 37 -8.07 0.40 -2.96
C HIS A 37 -6.97 0.39 -1.89
N VAL A 38 -5.89 1.08 -2.21
CA VAL A 38 -4.72 1.15 -1.34
C VAL A 38 -4.08 2.54 -1.45
N ALA A 39 -3.67 3.09 -0.32
CA ALA A 39 -3.12 4.44 -0.28
C ALA A 39 -1.77 4.47 0.44
N PHE A 40 -0.91 5.39 0.04
CA PHE A 40 0.45 5.46 0.59
C PHE A 40 0.56 6.55 1.66
N TYR A 41 1.14 6.18 2.80
CA TYR A 41 1.36 7.14 3.89
C TYR A 41 2.84 7.18 4.28
N THR A 42 3.33 8.37 4.59
CA THR A 42 4.71 8.56 5.03
C THR A 42 4.71 9.18 6.42
N PHE A 43 5.70 8.83 7.24
CA PHE A 43 5.83 9.45 8.57
C PHE A 43 7.02 10.41 8.58
N ASN A 44 6.79 11.61 9.10
CA ASN A 44 7.86 12.60 9.21
C ASN A 44 8.32 12.71 10.67
N SER A 45 9.57 12.34 10.91
CA SER A 45 10.11 12.34 12.27
C SER A 45 10.25 13.75 12.83
N SER A 46 10.53 14.73 11.96
CA SER A 46 10.73 16.10 12.41
C SER A 46 9.48 16.63 13.10
N GLN A 47 8.32 16.30 12.55
CA GLN A 47 7.05 16.77 13.11
C GLN A 47 6.44 15.79 14.10
N ASN A 48 6.82 14.51 14.03
CA ASN A 48 6.26 13.48 14.90
C ASN A 48 4.80 13.23 14.52
N GLU A 49 4.54 13.16 13.21
CA GLU A 49 3.17 12.99 12.74
C GLU A 49 3.16 12.27 11.39
N TRP A 50 1.98 11.77 11.01
CA TRP A 50 1.83 11.11 9.72
C TRP A 50 1.33 12.09 8.67
N GLU A 51 1.84 11.98 7.45
CA GLU A 51 1.40 12.82 6.34
C GLU A 51 0.94 11.96 5.17
N LYS A 52 -0.28 12.21 4.70
CA LYS A 52 -0.79 11.48 3.55
C LYS A 52 -0.10 11.94 2.28
N THR A 53 0.23 11.00 1.40
CA THR A 53 0.92 11.34 0.17
C THR A 53 -0.09 11.58 -0.95
N ASP A 54 0.40 12.06 -2.09
CA ASP A 54 -0.47 12.30 -3.24
C ASP A 54 -0.70 11.03 -4.07
N VAL A 55 -0.33 9.85 -3.54
CA VAL A 55 -0.51 8.60 -4.26
C VAL A 55 -1.70 7.83 -3.69
N GLU A 56 -2.80 7.82 -4.43
CA GLU A 56 -3.98 7.06 -4.05
C GLU A 56 -4.46 6.26 -5.27
N GLY A 57 -4.38 4.94 -5.17
CA GLY A 57 -4.59 4.11 -6.36
C GLY A 57 -4.89 2.66 -6.01
N ALA A 58 -5.16 1.88 -7.04
CA ALA A 58 -5.37 0.45 -6.86
C ALA A 58 -4.01 -0.25 -6.79
N PHE A 59 -3.87 -1.17 -5.84
CA PHE A 59 -2.58 -1.83 -5.64
C PHE A 59 -2.58 -3.20 -6.31
N PHE A 60 -1.58 -3.46 -7.15
CA PHE A 60 -1.45 -4.75 -7.81
C PHE A 60 -0.02 -5.28 -7.67
N ILE A 61 0.11 -6.59 -7.48
CA ILE A 61 1.42 -7.22 -7.51
C ILE A 61 1.62 -7.91 -8.85
N TYR A 62 2.73 -7.62 -9.51
CA TYR A 62 2.98 -8.16 -10.85
C TYR A 62 4.07 -9.22 -10.84
N HIS A 63 3.81 -10.33 -11.54
CA HIS A 63 4.81 -11.37 -11.72
C HIS A 63 5.30 -11.39 -13.17
N ARG A 64 6.58 -11.66 -13.34
CA ARG A 64 7.17 -11.74 -14.68
C ARG A 64 8.20 -12.86 -14.75
N ASN A 65 8.30 -13.49 -15.91
CA ASN A 65 9.24 -14.59 -16.10
C ASN A 65 10.64 -14.08 -16.52
N ALA A 66 10.98 -12.86 -16.12
CA ALA A 66 12.28 -12.29 -16.46
C ALA A 66 12.63 -11.18 -15.46
N GLU A 67 13.90 -10.77 -15.47
CA GLU A 67 14.34 -9.74 -14.52
C GLU A 67 13.61 -8.42 -14.79
N PRO A 68 12.98 -7.76 -13.84
CA PRO A 68 12.87 -8.21 -12.42
C PRO A 68 11.85 -9.34 -12.26
N PHE A 69 12.17 -10.30 -11.40
CA PHE A 69 11.30 -11.45 -11.19
C PHE A 69 9.95 -11.00 -10.63
N HIS A 70 9.98 -10.08 -9.67
CA HIS A 70 8.76 -9.64 -9.02
C HIS A 70 8.82 -8.14 -8.72
N SER A 71 7.70 -7.46 -8.96
CA SER A 71 7.65 -6.01 -8.75
C SER A 71 6.24 -5.59 -8.36
N ILE A 72 6.15 -4.50 -7.61
CA ILE A 72 4.85 -4.00 -7.14
C ILE A 72 4.52 -2.70 -7.86
N PHE A 73 3.25 -2.54 -8.24
CA PHE A 73 2.81 -1.38 -8.99
C PHE A 73 1.56 -0.78 -8.37
N ILE A 74 1.47 0.55 -8.37
CA ILE A 74 0.25 1.23 -7.93
C ILE A 74 -0.25 2.17 -9.03
N ASN A 75 -1.53 2.02 -9.36
CA ASN A 75 -2.17 2.83 -10.40
C ASN A 75 -2.89 4.01 -9.74
N ASN A 76 -2.25 5.17 -9.78
CA ASN A 76 -2.78 6.37 -9.12
C ASN A 76 -3.95 6.95 -9.91
N ARG A 77 -5.15 6.78 -9.39
CA ARG A 77 -6.36 7.11 -10.14
C ARG A 77 -6.56 8.61 -10.24
N LEU A 78 -6.36 9.32 -9.12
CA LEU A 78 -6.64 10.75 -9.08
C LEU A 78 -5.60 11.55 -9.86
N ASN A 79 -4.32 11.21 -9.66
CA ASN A 79 -3.24 11.99 -10.27
C ASN A 79 -2.75 11.41 -11.60
N THR A 80 -3.27 10.26 -12.04
CA THR A 80 -2.91 9.68 -13.32
C THR A 80 -1.39 9.58 -13.48
N THR A 81 -0.74 9.16 -12.40
CA THR A 81 0.72 9.03 -12.38
C THR A 81 1.12 7.62 -11.96
N SER A 82 2.06 7.03 -12.70
CA SER A 82 2.50 5.67 -12.43
C SER A 82 3.50 5.65 -11.27
N PHE A 83 3.26 4.75 -10.30
CA PHE A 83 4.21 4.55 -9.22
C PHE A 83 4.71 3.11 -9.24
N VAL A 84 6.03 2.93 -9.34
CA VAL A 84 6.61 1.58 -9.43
C VAL A 84 7.66 1.39 -8.36
N GLU A 85 7.77 0.16 -7.83
CA GLU A 85 8.83 -0.17 -6.89
C GLU A 85 9.24 -1.64 -7.04
N PRO A 86 10.51 -1.97 -7.24
CA PRO A 86 10.93 -3.41 -7.33
C PRO A 86 10.96 -4.09 -5.97
N ILE A 87 10.73 -5.40 -5.95
CA ILE A 87 10.78 -6.15 -4.68
C ILE A 87 12.18 -6.71 -4.45
N THR A 88 12.69 -6.52 -3.24
CA THR A 88 14.00 -7.05 -2.86
C THR A 88 13.90 -7.77 -1.52
N GLY A 89 14.86 -8.65 -1.25
CA GLY A 89 14.85 -9.40 0.01
C GLY A 89 15.69 -8.73 1.09
N SER A 90 15.65 -7.40 1.10
CA SER A 90 16.31 -6.62 2.16
C SER A 90 15.28 -5.92 3.06
N LEU A 91 14.07 -5.70 2.56
CA LEU A 91 13.05 -4.96 3.31
C LEU A 91 12.58 -5.77 4.52
N GLU A 92 12.28 -5.05 5.61
CA GLU A 92 11.72 -5.68 6.79
C GLU A 92 10.32 -5.13 7.06
N LEU A 93 9.39 -6.03 7.39
CA LEU A 93 7.99 -5.63 7.59
C LEU A 93 7.58 -5.81 9.05
N GLN A 94 6.53 -5.11 9.45
CA GLN A 94 6.01 -5.22 10.81
C GLN A 94 4.51 -4.98 10.80
N SER A 95 3.77 -5.69 11.65
CA SER A 95 2.34 -5.48 11.73
C SER A 95 1.99 -4.59 12.92
N GLN A 96 1.58 -3.37 12.64
CA GLN A 96 1.07 -2.46 13.67
C GLN A 96 -0.45 -2.37 13.50
N PRO A 97 -1.25 -3.00 14.32
CA PRO A 97 -2.73 -3.05 14.08
C PRO A 97 -3.38 -1.67 14.24
N PRO A 98 -4.36 -1.28 13.45
CA PRO A 98 -4.88 -2.04 12.27
C PRO A 98 -4.18 -1.68 10.95
N PHE A 99 -3.05 -0.97 11.04
CA PHE A 99 -2.32 -0.52 9.85
C PHE A 99 -1.21 -1.51 9.49
N LEU A 100 -0.59 -1.33 8.32
CA LEU A 100 0.59 -2.11 7.97
C LEU A 100 1.82 -1.20 7.93
N LEU A 101 2.92 -1.64 8.53
CA LEU A 101 4.09 -0.80 8.67
C LEU A 101 5.33 -1.49 8.12
N TYR A 102 6.18 -0.73 7.43
CA TYR A 102 7.44 -1.28 6.93
C TYR A 102 8.53 -0.22 6.97
N ARG A 103 9.78 -0.66 7.01
CA ARG A 103 10.91 0.26 7.09
C ARG A 103 11.58 0.41 5.73
N ASN A 104 12.09 1.60 5.45
CA ASN A 104 12.70 1.90 4.16
C ASN A 104 14.12 2.46 4.32
N GLU A 105 14.88 2.44 3.23
CA GLU A 105 16.27 2.89 3.25
C GLU A 105 16.44 4.23 3.96
N ARG A 106 17.57 4.37 4.64
CA ARG A 106 17.89 5.59 5.39
C ARG A 106 16.92 5.81 6.56
N SER A 107 16.41 4.74 7.14
CA SER A 107 15.74 4.82 8.43
C SER A 107 14.44 5.63 8.34
N ARG A 108 13.75 5.52 7.21
CA ARG A 108 12.49 6.22 7.03
C ARG A 108 11.33 5.27 7.32
N ILE A 109 10.20 5.81 7.74
CA ILE A 109 9.06 4.96 8.09
C ILE A 109 7.91 5.22 7.12
N ARG A 110 7.40 4.15 6.53
CA ARG A 110 6.28 4.26 5.59
C ARG A 110 5.27 3.16 5.86
N GLY A 111 4.01 3.42 5.58
CA GLY A 111 2.96 2.46 5.87
C GLY A 111 1.90 2.43 4.76
N PHE A 112 1.03 1.44 4.82
CA PHE A 112 -0.02 1.27 3.81
C PHE A 112 -1.40 1.22 4.46
N TRP A 113 -2.35 1.86 3.80
CA TRP A 113 -3.75 1.82 4.22
C TRP A 113 -4.54 0.95 3.24
N PHE A 114 -5.17 -0.10 3.75
CA PHE A 114 -5.97 -0.99 2.92
C PHE A 114 -7.45 -0.85 3.26
N TYR A 115 -8.31 -0.87 2.25
CA TYR A 115 -9.75 -0.78 2.45
C TYR A 115 -10.24 -1.77 3.51
N ASN A 116 -9.66 -2.97 3.50
CA ASN A 116 -10.02 -3.99 4.48
C ASN A 116 -8.77 -4.64 5.06
N SER A 117 -8.71 -4.74 6.38
CA SER A 117 -7.56 -5.32 7.05
C SER A 117 -7.29 -6.74 6.55
N GLU A 118 -8.36 -7.49 6.31
CA GLU A 118 -8.25 -8.85 5.77
C GLU A 118 -7.51 -8.80 4.43
N GLU A 119 -7.88 -7.84 3.60
CA GLU A 119 -7.27 -7.68 2.28
C GLU A 119 -5.76 -7.48 2.45
N CYS A 120 -5.40 -6.62 3.39
CA CYS A 120 -3.99 -6.36 3.66
C CYS A 120 -3.26 -7.64 4.05
N ASP A 121 -3.93 -8.49 4.84
CA ASP A 121 -3.31 -9.71 5.32
C ASP A 121 -2.90 -10.60 4.16
N ARG A 122 -3.81 -10.77 3.20
CA ARG A 122 -3.54 -11.66 2.07
C ARG A 122 -2.31 -11.18 1.29
N ILE A 123 -2.28 -9.89 0.98
CA ILE A 123 -1.17 -9.34 0.21
C ILE A 123 0.15 -9.58 0.95
N SER A 124 0.14 -9.32 2.26
CA SER A 124 1.35 -9.46 3.05
C SER A 124 1.88 -10.89 2.99
N GLY A 125 0.98 -11.86 3.10
CA GLY A 125 1.39 -13.26 3.07
C GLY A 125 2.12 -13.59 1.78
N LEU A 126 1.59 -13.11 0.67
CA LEU A 126 2.19 -13.38 -0.63
C LEU A 126 3.63 -12.88 -0.67
N VAL A 127 3.83 -11.64 -0.22
CA VAL A 127 5.15 -11.03 -0.23
C VAL A 127 6.12 -11.88 0.60
N ASN A 128 5.66 -12.33 1.77
CA ASN A 128 6.50 -13.12 2.66
C ASN A 128 7.02 -14.37 1.94
N GLY A 129 6.14 -15.01 1.19
CA GLY A 129 6.50 -16.21 0.47
C GLY A 129 7.61 -15.94 -0.55
N LEU A 130 7.45 -14.87 -1.30
CA LEU A 130 8.44 -14.50 -2.32
C LEU A 130 9.81 -14.29 -1.67
N LEU A 131 9.82 -13.62 -0.52
CA LEU A 131 11.06 -13.34 0.18
C LEU A 131 11.78 -14.64 0.56
N LYS A 132 11.00 -15.62 1.00
CA LYS A 132 11.60 -16.91 1.40
C LYS A 132 11.74 -17.90 0.24
N SER A 133 11.38 -17.49 -0.99
CA SER A 133 11.50 -18.37 -2.15
C SER A 133 12.43 -17.75 -3.19
N LYS A 134 13.21 -18.60 -3.86
CA LYS A 134 14.14 -18.13 -4.88
C LYS A 134 13.55 -18.33 -6.27
N GLY B 1 -21.94 16.05 12.99
CA GLY B 1 -23.28 16.30 13.55
C GLY B 1 -23.79 17.68 13.09
N PRO B 2 -25.06 17.97 13.25
CA PRO B 2 -25.61 19.29 12.82
C PRO B 2 -24.77 20.46 13.34
N GLN B 3 -24.72 21.53 12.56
CA GLN B 3 -23.95 22.71 12.96
C GLN B 3 -24.86 23.77 13.57
N ASP B 4 -24.35 24.47 14.57
CA ASP B 4 -25.13 25.51 15.24
C ASP B 4 -25.36 26.69 14.30
N PRO B 5 -26.42 27.45 14.48
CA PRO B 5 -26.71 28.62 13.59
C PRO B 5 -25.71 29.75 13.79
N LEU B 6 -25.25 29.91 15.03
CA LEU B 6 -24.30 30.96 15.34
C LEU B 6 -22.99 30.76 14.58
N LEU B 7 -22.56 29.51 14.48
CA LEU B 7 -21.32 29.18 13.78
C LEU B 7 -21.62 28.66 12.37
N GLN B 8 -21.06 29.34 11.37
CA GLN B 8 -21.26 28.92 9.99
C GLN B 8 -19.99 29.18 9.17
N GLN B 9 -19.40 30.34 9.35
CA GLN B 9 -18.18 30.70 8.62
C GLN B 9 -17.06 29.69 8.91
N GLN B 10 -16.98 29.24 10.15
CA GLN B 10 -15.94 28.29 10.53
C GLN B 10 -16.00 27.04 9.67
N ARG B 11 -14.83 26.45 9.41
CA ARG B 11 -14.76 25.26 8.58
C ARG B 11 -15.33 24.04 9.31
N ALA B 12 -16.18 23.29 8.62
CA ALA B 12 -16.79 22.09 9.19
C ALA B 12 -16.19 20.84 8.55
N PRO B 13 -16.30 19.68 9.17
CA PRO B 13 -15.76 18.42 8.59
C PRO B 13 -16.21 18.23 7.14
N PHE B 14 -15.28 17.82 6.28
CA PHE B 14 -15.59 17.63 4.87
C PHE B 14 -15.76 16.14 4.53
N PRO B 15 -16.58 15.79 3.56
CA PRO B 15 -16.77 14.35 3.19
C PRO B 15 -15.46 13.68 2.81
N GLY B 16 -15.18 12.54 3.44
CA GLY B 16 -13.98 11.77 3.11
C GLY B 16 -12.71 12.40 3.68
N GLN B 17 -12.83 13.19 4.76
CA GLN B 17 -11.66 13.75 5.43
C GLN B 17 -10.63 12.67 5.75
N MET B 18 -9.36 13.04 5.78
CA MET B 18 -8.28 12.08 5.99
C MET B 18 -8.43 11.39 7.36
N PRO B 19 -8.21 10.10 7.47
CA PRO B 19 -8.27 9.42 8.79
C PRO B 19 -7.04 9.69 9.64
N ASN B 20 -7.16 9.48 10.95
CA ASN B 20 -6.04 9.69 11.86
C ASN B 20 -5.40 8.35 12.23
N LEU B 21 -4.20 8.10 11.72
CA LEU B 21 -3.49 6.86 12.03
C LEU B 21 -3.17 6.80 13.52
N PRO B 22 -3.06 5.61 14.09
CA PRO B 22 -2.65 5.49 15.53
C PRO B 22 -1.15 5.63 15.69
N LYS B 23 -0.73 6.34 16.74
CA LYS B 23 0.70 6.52 16.98
C LYS B 23 1.21 5.50 18.00
N PRO B 24 2.24 4.73 17.71
CA PRO B 24 2.87 3.84 18.73
C PRO B 24 3.70 4.64 19.74
N PRO B 25 3.91 4.12 20.94
CA PRO B 25 4.73 4.85 21.96
C PRO B 25 6.09 5.26 21.39
N LEU B 26 6.68 6.31 21.97
CA LEU B 26 7.96 6.84 21.49
C LEU B 26 9.02 5.74 21.31
N PHE B 27 8.93 4.68 22.10
CA PHE B 27 9.93 3.62 22.05
C PHE B 27 10.09 3.07 20.64
N TRP B 28 8.98 2.97 19.91
CA TRP B 28 8.98 2.40 18.57
C TRP B 28 9.89 3.22 17.65
N GLN B 29 9.73 4.54 17.68
CA GLN B 29 10.52 5.41 16.81
C GLN B 29 12.01 5.29 17.13
N GLN B 30 12.32 5.38 18.41
CA GLN B 30 13.72 5.36 18.85
C GLN B 30 14.39 4.06 18.42
N GLU B 31 13.70 2.95 18.58
CA GLU B 31 14.27 1.64 18.28
C GLU B 31 14.70 1.57 16.82
N ALA B 32 13.81 1.98 15.93
CA ALA B 32 14.11 1.91 14.50
C ALA B 32 15.35 2.73 14.16
N GLN B 33 15.37 3.96 14.64
CA GLN B 33 16.47 4.88 14.33
C GLN B 33 17.81 4.31 14.79
N LYS B 34 17.82 3.73 15.99
CA LYS B 34 19.05 3.20 16.57
C LYS B 34 19.60 2.05 15.73
N GLN B 35 18.74 1.11 15.35
CA GLN B 35 19.16 -0.04 14.57
C GLN B 35 19.86 0.38 13.29
N GLU B 36 19.25 1.30 12.55
CA GLU B 36 19.84 1.79 11.31
C GLU B 36 21.15 2.54 11.56
N ALA B 37 21.22 3.27 12.68
CA ALA B 37 22.41 4.04 13.00
C ALA B 37 23.44 3.18 13.72
N LEU B 38 24.65 3.15 13.18
CA LEU B 38 25.74 2.38 13.78
C LEU B 38 26.94 3.27 14.08
N GLY A 1 -26.61 -6.81 -26.28
CA GLY A 1 -25.23 -6.29 -26.49
C GLY A 1 -24.21 -7.36 -26.09
N PRO A 2 -23.00 -6.98 -25.73
CA PRO A 2 -21.97 -7.99 -25.33
C PRO A 2 -22.48 -8.99 -24.31
N HIS A 3 -21.96 -10.21 -24.35
CA HIS A 3 -22.39 -11.25 -23.43
C HIS A 3 -21.54 -11.30 -22.14
N MET A 4 -20.68 -10.31 -21.92
CA MET A 4 -19.85 -10.28 -20.72
C MET A 4 -20.61 -9.68 -19.55
N ALA A 5 -20.78 -10.46 -18.49
CA ALA A 5 -21.49 -9.99 -17.31
C ALA A 5 -20.52 -9.44 -16.28
N ASP A 6 -20.44 -8.12 -16.19
CA ASP A 6 -19.54 -7.47 -15.23
C ASP A 6 -19.96 -7.78 -13.80
N LEU A 7 -21.27 -7.81 -13.55
CA LEU A 7 -21.79 -8.09 -12.21
C LEU A 7 -21.25 -9.43 -11.70
N MET A 8 -21.19 -10.42 -12.58
CA MET A 8 -20.71 -11.74 -12.21
C MET A 8 -19.22 -11.85 -12.46
N ALA A 9 -18.47 -12.21 -11.41
CA ALA A 9 -17.02 -12.37 -11.53
C ALA A 9 -16.69 -13.56 -12.43
N ASP A 10 -15.61 -13.43 -13.19
CA ASP A 10 -15.20 -14.49 -14.10
C ASP A 10 -13.81 -14.22 -14.66
N GLU A 11 -13.37 -15.07 -15.57
CA GLU A 11 -12.05 -14.92 -16.19
C GLU A 11 -11.92 -13.58 -16.91
N SER A 12 -13.02 -13.10 -17.48
CA SER A 12 -12.99 -11.84 -18.24
C SER A 12 -12.45 -10.71 -17.38
N ILE A 13 -12.82 -10.69 -16.11
CA ILE A 13 -12.38 -9.64 -15.21
C ILE A 13 -10.86 -9.64 -15.11
N THR A 14 -10.29 -10.82 -14.91
CA THR A 14 -8.84 -10.93 -14.75
C THR A 14 -8.12 -10.39 -15.99
N ARG A 15 -8.61 -10.75 -17.16
CA ARG A 15 -8.00 -10.32 -18.41
C ARG A 15 -7.98 -8.79 -18.49
N MET A 16 -9.10 -8.18 -18.15
CA MET A 16 -9.21 -6.73 -18.24
C MET A 16 -8.15 -6.06 -17.37
N ASN A 17 -7.97 -6.58 -16.16
CA ASN A 17 -7.00 -6.01 -15.24
C ASN A 17 -5.60 -6.05 -15.85
N LEU A 18 -5.21 -7.23 -16.34
CA LEU A 18 -3.88 -7.39 -16.93
C LEU A 18 -3.68 -6.44 -18.11
N ALA A 19 -4.74 -6.15 -18.84
CA ALA A 19 -4.65 -5.24 -19.99
C ALA A 19 -4.25 -3.84 -19.54
N ALA A 20 -4.96 -3.32 -18.54
CA ALA A 20 -4.66 -1.98 -18.03
C ALA A 20 -3.22 -1.91 -17.54
N ILE A 21 -2.79 -2.96 -16.86
CA ILE A 21 -1.42 -3.05 -16.36
C ILE A 21 -0.42 -2.85 -17.50
N LYS A 22 -0.55 -3.61 -18.57
CA LYS A 22 0.37 -3.49 -19.70
C LYS A 22 0.52 -2.05 -20.21
N LYS A 23 -0.47 -1.20 -19.96
CA LYS A 23 -0.44 0.17 -20.45
C LYS A 23 0.78 0.93 -19.93
N ILE A 24 1.20 0.61 -18.70
CA ILE A 24 2.32 1.32 -18.08
C ILE A 24 3.53 0.39 -17.97
N ASP A 25 3.27 -0.86 -17.58
CA ASP A 25 4.34 -1.83 -17.37
C ASP A 25 4.20 -3.00 -18.36
N PRO A 26 4.62 -2.85 -19.59
CA PRO A 26 4.44 -3.91 -20.63
C PRO A 26 4.97 -5.28 -20.20
N TYR A 27 5.92 -5.29 -19.26
CA TYR A 27 6.57 -6.54 -18.87
C TYR A 27 5.89 -7.26 -17.70
N ALA A 28 4.66 -6.86 -17.36
CA ALA A 28 3.89 -7.58 -16.35
C ALA A 28 3.03 -8.64 -17.04
N LYS A 29 3.22 -9.90 -16.66
CA LYS A 29 2.56 -11.00 -17.36
C LYS A 29 1.39 -11.55 -16.55
N GLU A 30 1.58 -11.65 -15.23
CA GLU A 30 0.56 -12.23 -14.37
C GLU A 30 0.34 -11.37 -13.12
N ILE A 31 -0.90 -11.37 -12.63
CA ILE A 31 -1.20 -10.72 -11.37
C ILE A 31 -1.27 -11.78 -10.26
N VAL A 32 -0.62 -11.49 -9.14
CA VAL A 32 -0.61 -12.41 -8.00
C VAL A 32 -1.75 -12.07 -7.04
N ASP A 33 -1.86 -10.78 -6.73
CA ASP A 33 -2.93 -10.32 -5.85
C ASP A 33 -3.25 -8.86 -6.16
N SER A 34 -4.50 -8.46 -5.92
CA SER A 34 -4.91 -7.09 -6.19
C SER A 34 -5.81 -6.56 -5.08
N SER A 35 -5.51 -5.36 -4.61
CA SER A 35 -6.33 -4.69 -3.59
C SER A 35 -7.11 -3.56 -4.24
N SER A 36 -8.42 -3.59 -4.04
CA SER A 36 -9.32 -2.66 -4.72
C SER A 36 -8.89 -1.22 -4.49
N HIS A 37 -8.43 -0.92 -3.27
CA HIS A 37 -8.02 0.44 -2.95
C HIS A 37 -6.93 0.46 -1.88
N VAL A 38 -5.84 1.15 -2.20
CA VAL A 38 -4.69 1.24 -1.32
C VAL A 38 -4.06 2.63 -1.45
N ALA A 39 -3.61 3.19 -0.33
CA ALA A 39 -3.03 4.54 -0.33
C ALA A 39 -1.68 4.56 0.38
N PHE A 40 -0.82 5.47 -0.04
CA PHE A 40 0.54 5.54 0.50
C PHE A 40 0.67 6.61 1.58
N TYR A 41 1.28 6.24 2.70
CA TYR A 41 1.51 7.17 3.80
C TYR A 41 2.99 7.21 4.17
N THR A 42 3.48 8.39 4.51
CA THR A 42 4.87 8.57 4.94
C THR A 42 4.89 9.17 6.35
N PHE A 43 5.87 8.76 7.16
CA PHE A 43 6.03 9.35 8.49
C PHE A 43 7.24 10.28 8.52
N ASN A 44 7.04 11.47 9.05
CA ASN A 44 8.13 12.43 9.20
C ASN A 44 8.59 12.47 10.64
N SER A 45 9.84 12.06 10.87
CA SER A 45 10.39 11.98 12.22
C SER A 45 10.58 13.37 12.83
N SER A 46 10.89 14.35 12.01
CA SER A 46 11.15 15.70 12.51
C SER A 46 9.93 16.25 13.24
N GLN A 47 8.75 15.98 12.70
CA GLN A 47 7.52 16.48 13.29
C GLN A 47 6.85 15.46 14.23
N ASN A 48 7.17 14.18 14.07
CA ASN A 48 6.56 13.12 14.89
C ASN A 48 5.10 12.96 14.51
N GLU A 49 4.82 12.96 13.20
CA GLU A 49 3.45 12.86 12.71
C GLU A 49 3.41 12.17 11.35
N TRP A 50 2.22 11.71 10.97
CA TRP A 50 2.04 11.06 9.68
C TRP A 50 1.55 12.07 8.65
N GLU A 51 2.07 11.97 7.43
CA GLU A 51 1.65 12.85 6.34
C GLU A 51 1.11 12.01 5.18
N LYS A 52 -0.07 12.37 4.68
CA LYS A 52 -0.65 11.67 3.55
C LYS A 52 0.05 12.07 2.25
N THR A 53 0.30 11.11 1.38
CA THR A 53 0.93 11.41 0.10
C THR A 53 -0.13 11.67 -0.96
N ASP A 54 0.30 12.16 -2.12
CA ASP A 54 -0.63 12.40 -3.22
C ASP A 54 -0.86 11.15 -4.08
N VAL A 55 -0.43 9.97 -3.60
CA VAL A 55 -0.60 8.74 -4.36
C VAL A 55 -1.75 7.91 -3.77
N GLU A 56 -2.87 7.89 -4.49
CA GLU A 56 -4.03 7.09 -4.09
C GLU A 56 -4.50 6.28 -5.29
N GLY A 57 -4.39 4.96 -5.20
CA GLY A 57 -4.61 4.12 -6.37
C GLY A 57 -4.88 2.68 -6.02
N ALA A 58 -5.16 1.88 -7.04
CA ALA A 58 -5.34 0.45 -6.85
C ALA A 58 -3.97 -0.22 -6.77
N PHE A 59 -3.81 -1.15 -5.82
CA PHE A 59 -2.51 -1.78 -5.60
C PHE A 59 -2.51 -3.17 -6.23
N PHE A 60 -1.54 -3.42 -7.13
CA PHE A 60 -1.39 -4.73 -7.74
C PHE A 60 0.04 -5.24 -7.61
N ILE A 61 0.19 -6.53 -7.36
CA ILE A 61 1.51 -7.16 -7.39
C ILE A 61 1.66 -7.91 -8.71
N TYR A 62 2.74 -7.63 -9.44
CA TYR A 62 2.96 -8.25 -10.75
C TYR A 62 4.10 -9.27 -10.69
N HIS A 63 3.88 -10.41 -11.36
CA HIS A 63 4.91 -11.43 -11.52
C HIS A 63 5.42 -11.45 -12.96
N ARG A 64 6.71 -11.69 -13.11
CA ARG A 64 7.31 -11.78 -14.44
C ARG A 64 8.35 -12.91 -14.46
N ASN A 65 8.46 -13.57 -15.61
CA ASN A 65 9.43 -14.67 -15.75
C ASN A 65 10.80 -14.17 -16.19
N ALA A 66 11.14 -12.93 -15.82
CA ALA A 66 12.44 -12.36 -16.17
C ALA A 66 12.77 -11.22 -15.22
N GLU A 67 14.03 -10.79 -15.23
CA GLU A 67 14.46 -9.72 -14.32
C GLU A 67 13.71 -8.41 -14.67
N PRO A 68 13.07 -7.72 -13.74
CA PRO A 68 12.94 -8.10 -12.30
C PRO A 68 11.93 -9.23 -12.10
N PHE A 69 12.25 -10.15 -11.20
CA PHE A 69 11.40 -11.30 -10.95
C PHE A 69 10.02 -10.86 -10.42
N HIS A 70 10.04 -9.89 -9.52
CA HIS A 70 8.79 -9.44 -8.90
C HIS A 70 8.83 -7.92 -8.67
N SER A 71 7.70 -7.28 -8.93
CA SER A 71 7.62 -5.83 -8.79
C SER A 71 6.20 -5.42 -8.40
N ILE A 72 6.09 -4.30 -7.70
CA ILE A 72 4.79 -3.82 -7.22
C ILE A 72 4.45 -2.50 -7.91
N PHE A 73 3.19 -2.35 -8.29
CA PHE A 73 2.74 -1.15 -8.99
C PHE A 73 1.47 -0.60 -8.38
N ILE A 74 1.36 0.72 -8.33
CA ILE A 74 0.13 1.38 -7.91
C ILE A 74 -0.39 2.29 -9.03
N ASN A 75 -1.66 2.12 -9.35
CA ASN A 75 -2.31 2.92 -10.38
C ASN A 75 -3.07 4.09 -9.75
N ASN A 76 -2.45 5.26 -9.78
CA ASN A 76 -3.00 6.44 -9.13
C ASN A 76 -4.20 6.99 -9.90
N ARG A 77 -5.40 6.77 -9.36
CA ARG A 77 -6.63 7.06 -10.10
C ARG A 77 -6.86 8.56 -10.19
N LEU A 78 -6.66 9.27 -9.09
CA LEU A 78 -6.97 10.69 -9.04
C LEU A 78 -6.00 11.51 -9.88
N ASN A 79 -4.72 11.22 -9.76
CA ASN A 79 -3.70 12.01 -10.46
C ASN A 79 -3.27 11.41 -11.81
N THR A 80 -3.79 10.23 -12.17
CA THR A 80 -3.49 9.61 -13.46
C THR A 80 -1.97 9.54 -13.68
N THR A 81 -1.26 9.14 -12.63
CA THR A 81 0.19 9.03 -12.68
C THR A 81 0.62 7.62 -12.26
N SER A 82 1.64 7.10 -12.93
CA SER A 82 2.12 5.76 -12.65
C SER A 82 3.17 5.76 -11.55
N PHE A 83 3.02 4.85 -10.58
CA PHE A 83 4.03 4.68 -9.53
C PHE A 83 4.53 3.24 -9.51
N VAL A 84 5.84 3.06 -9.67
CA VAL A 84 6.41 1.72 -9.69
C VAL A 84 7.54 1.58 -8.66
N GLU A 85 7.69 0.39 -8.09
CA GLU A 85 8.79 0.12 -7.17
C GLU A 85 9.20 -1.37 -7.25
N PRO A 86 10.45 -1.71 -7.47
CA PRO A 86 10.87 -3.14 -7.52
C PRO A 86 10.96 -3.76 -6.12
N ILE A 87 10.72 -5.06 -6.01
CA ILE A 87 10.79 -5.74 -4.72
C ILE A 87 12.21 -6.23 -4.46
N THR A 88 12.84 -5.69 -3.43
CA THR A 88 14.18 -6.13 -3.03
C THR A 88 14.07 -7.12 -1.87
N GLY A 89 15.11 -7.93 -1.68
CA GLY A 89 15.10 -8.92 -0.60
C GLY A 89 15.78 -8.42 0.67
N SER A 90 15.83 -7.11 0.85
CA SER A 90 16.37 -6.52 2.09
C SER A 90 15.29 -5.85 2.94
N LEU A 91 14.08 -5.68 2.40
CA LEU A 91 13.02 -4.98 3.11
C LEU A 91 12.54 -5.76 4.33
N GLU A 92 12.38 -5.08 5.45
CA GLU A 92 11.85 -5.69 6.67
C GLU A 92 10.46 -5.13 6.96
N LEU A 93 9.53 -6.02 7.31
CA LEU A 93 8.14 -5.61 7.53
C LEU A 93 7.74 -5.78 9.00
N GLN A 94 6.66 -5.10 9.37
CA GLN A 94 6.13 -5.21 10.72
C GLN A 94 4.62 -4.98 10.69
N SER A 95 3.87 -5.74 11.48
CA SER A 95 2.41 -5.61 11.47
C SER A 95 1.93 -4.82 12.69
N GLN A 96 1.48 -3.60 12.43
CA GLN A 96 0.80 -2.81 13.46
C GLN A 96 -0.69 -2.78 13.15
N PRO A 97 -1.54 -3.52 13.83
CA PRO A 97 -2.98 -3.61 13.43
C PRO A 97 -3.73 -2.30 13.68
N PRO A 98 -4.65 -1.86 12.83
CA PRO A 98 -5.01 -2.51 11.53
C PRO A 98 -4.19 -2.02 10.34
N PHE A 99 -3.11 -1.29 10.61
CA PHE A 99 -2.28 -0.72 9.55
C PHE A 99 -1.14 -1.68 9.19
N LEU A 100 -0.43 -1.40 8.11
CA LEU A 100 0.79 -2.15 7.77
C LEU A 100 1.99 -1.21 7.77
N LEU A 101 3.09 -1.63 8.38
CA LEU A 101 4.26 -0.78 8.52
C LEU A 101 5.50 -1.48 7.96
N TYR A 102 6.35 -0.73 7.27
CA TYR A 102 7.61 -1.28 6.78
C TYR A 102 8.70 -0.22 6.83
N ARG A 103 9.95 -0.66 6.90
CA ARG A 103 11.08 0.27 7.00
C ARG A 103 11.77 0.42 5.65
N ASN A 104 12.31 1.61 5.39
CA ASN A 104 12.94 1.90 4.11
C ASN A 104 14.34 2.49 4.30
N GLU A 105 15.11 2.52 3.21
CA GLU A 105 16.49 3.00 3.24
C GLU A 105 16.62 4.33 3.98
N ARG A 106 17.76 4.50 4.64
CA ARG A 106 18.06 5.72 5.39
C ARG A 106 17.09 5.92 6.56
N SER A 107 16.59 4.82 7.13
CA SER A 107 15.91 4.88 8.42
C SER A 107 14.60 5.67 8.34
N ARG A 108 13.92 5.54 7.20
CA ARG A 108 12.64 6.23 7.02
C ARG A 108 11.51 5.25 7.28
N ILE A 109 10.35 5.76 7.70
CA ILE A 109 9.22 4.89 8.03
C ILE A 109 8.07 5.17 7.06
N ARG A 110 7.58 4.12 6.42
CA ARG A 110 6.46 4.25 5.48
C ARG A 110 5.43 3.17 5.76
N GLY A 111 4.17 3.47 5.49
CA GLY A 111 3.09 2.54 5.78
C GLY A 111 2.04 2.53 4.69
N PHE A 112 1.16 1.54 4.74
CA PHE A 112 0.10 1.40 3.74
C PHE A 112 -1.27 1.33 4.42
N TRP A 113 -2.24 1.99 3.81
CA TRP A 113 -3.62 1.94 4.26
C TRP A 113 -4.44 1.11 3.29
N PHE A 114 -5.13 0.09 3.80
CA PHE A 114 -5.94 -0.79 2.95
C PHE A 114 -7.42 -0.62 3.28
N TYR A 115 -8.25 -0.65 2.25
CA TYR A 115 -9.71 -0.54 2.43
C TYR A 115 -10.22 -1.54 3.47
N ASN A 116 -9.62 -2.72 3.52
CA ASN A 116 -10.02 -3.74 4.48
C ASN A 116 -8.79 -4.41 5.09
N SER A 117 -8.82 -4.62 6.41
CA SER A 117 -7.68 -5.20 7.11
C SER A 117 -7.37 -6.60 6.61
N GLU A 118 -8.42 -7.40 6.38
CA GLU A 118 -8.25 -8.75 5.87
C GLU A 118 -7.51 -8.71 4.53
N GLU A 119 -7.90 -7.77 3.68
CA GLU A 119 -7.28 -7.59 2.38
C GLU A 119 -5.78 -7.36 2.56
N CYS A 120 -5.45 -6.48 3.50
CA CYS A 120 -4.05 -6.18 3.78
C CYS A 120 -3.30 -7.44 4.22
N ASP A 121 -3.98 -8.30 4.98
CA ASP A 121 -3.33 -9.49 5.52
C ASP A 121 -2.83 -10.41 4.40
N ARG A 122 -3.73 -10.71 3.45
CA ARG A 122 -3.38 -11.64 2.39
C ARG A 122 -2.21 -11.10 1.56
N ILE A 123 -2.26 -9.82 1.20
CA ILE A 123 -1.19 -9.23 0.40
C ILE A 123 0.15 -9.36 1.13
N SER A 124 0.15 -9.01 2.41
CA SER A 124 1.38 -9.05 3.19
C SER A 124 1.98 -10.45 3.19
N GLY A 125 1.15 -11.45 3.39
CA GLY A 125 1.62 -12.83 3.43
C GLY A 125 2.34 -13.20 2.14
N LEU A 126 1.77 -12.78 1.01
CA LEU A 126 2.36 -13.09 -0.28
C LEU A 126 3.78 -12.54 -0.38
N VAL A 127 3.93 -11.27 -0.02
CA VAL A 127 5.23 -10.63 -0.11
C VAL A 127 6.25 -11.39 0.75
N ASN A 128 5.85 -11.75 1.96
CA ASN A 128 6.74 -12.45 2.88
C ASN A 128 7.24 -13.75 2.26
N GLY A 129 6.34 -14.48 1.62
CA GLY A 129 6.69 -15.76 1.00
C GLY A 129 7.75 -15.59 -0.08
N LEU A 130 7.59 -14.55 -0.89
CA LEU A 130 8.54 -14.27 -1.96
C LEU A 130 9.93 -13.95 -1.40
N LEU A 131 9.97 -13.13 -0.35
CA LEU A 131 11.23 -12.69 0.22
C LEU A 131 12.03 -13.86 0.78
N LYS A 132 11.35 -14.74 1.51
CA LYS A 132 12.04 -15.87 2.14
C LYS A 132 12.48 -16.90 1.10
N SER A 133 11.65 -17.12 0.08
CA SER A 133 11.95 -18.09 -0.96
C SER A 133 12.73 -17.43 -2.09
N LYS A 134 13.42 -18.26 -2.87
CA LYS A 134 14.21 -17.74 -4.00
C LYS A 134 14.52 -18.87 -4.98
N GLY B 1 -30.27 -2.49 19.18
CA GLY B 1 -29.47 -2.35 17.92
C GLY B 1 -28.53 -1.16 18.04
N PRO B 2 -27.74 -0.87 17.02
CA PRO B 2 -26.81 0.29 17.07
C PRO B 2 -27.54 1.63 17.05
N GLN B 3 -27.01 2.61 17.77
CA GLN B 3 -27.62 3.93 17.83
C GLN B 3 -26.89 4.90 16.92
N ASP B 4 -27.61 5.92 16.44
CA ASP B 4 -27.03 6.91 15.56
C ASP B 4 -25.99 7.76 16.32
N PRO B 5 -25.03 8.35 15.63
CA PRO B 5 -23.98 9.17 16.32
C PRO B 5 -24.46 10.58 16.72
N LEU B 6 -25.72 10.91 16.39
CA LEU B 6 -26.25 12.23 16.73
C LEU B 6 -26.15 12.48 18.22
N LEU B 7 -26.46 11.46 19.02
CA LEU B 7 -26.39 11.58 20.47
C LEU B 7 -24.95 11.81 20.93
N GLN B 8 -24.00 11.13 20.29
CA GLN B 8 -22.60 11.27 20.65
C GLN B 8 -22.13 12.71 20.49
N GLN B 9 -21.47 13.23 21.51
CA GLN B 9 -20.96 14.59 21.48
C GLN B 9 -19.92 14.75 20.38
N GLN B 10 -19.06 13.74 20.22
CA GLN B 10 -18.01 13.80 19.21
C GLN B 10 -18.59 14.04 17.82
N ARG B 11 -17.86 14.77 17.00
CA ARG B 11 -18.32 15.06 15.64
C ARG B 11 -18.18 13.83 14.76
N ALA B 12 -19.20 13.59 13.93
CA ALA B 12 -19.18 12.44 13.03
C ALA B 12 -18.18 12.65 11.90
N PRO B 13 -17.69 11.60 11.27
CA PRO B 13 -16.71 11.75 10.15
C PRO B 13 -17.35 12.37 8.91
N PHE B 14 -16.66 13.36 8.34
CA PHE B 14 -17.16 14.05 7.16
C PHE B 14 -16.40 13.56 5.91
N PRO B 15 -17.05 13.37 4.79
CA PRO B 15 -16.34 12.89 3.55
C PRO B 15 -15.21 13.84 3.16
N GLY B 16 -14.03 13.28 2.95
CA GLY B 16 -12.86 14.06 2.55
C GLY B 16 -11.88 14.32 3.70
N GLN B 17 -12.21 13.91 4.92
CA GLN B 17 -11.28 14.04 6.04
C GLN B 17 -10.20 12.96 5.97
N MET B 18 -8.95 13.35 6.23
CA MET B 18 -7.85 12.40 6.16
C MET B 18 -7.97 11.37 7.29
N PRO B 19 -7.81 10.08 7.04
CA PRO B 19 -7.83 9.07 8.15
C PRO B 19 -6.79 9.39 9.22
N ASN B 20 -7.12 9.12 10.47
CA ASN B 20 -6.20 9.39 11.57
C ASN B 20 -5.48 8.12 11.99
N LEU B 21 -4.23 7.97 11.55
CA LEU B 21 -3.44 6.80 11.91
C LEU B 21 -3.15 6.82 13.41
N PRO B 22 -3.05 5.68 14.06
CA PRO B 22 -2.65 5.65 15.50
C PRO B 22 -1.14 5.79 15.65
N LYS B 23 -0.72 6.56 16.65
CA LYS B 23 0.71 6.73 16.91
C LYS B 23 1.17 5.76 18.01
N PRO B 24 2.17 4.93 17.81
CA PRO B 24 2.73 4.09 18.90
C PRO B 24 3.58 4.91 19.87
N PRO B 25 3.88 4.42 21.05
CA PRO B 25 4.75 5.15 22.02
C PRO B 25 6.14 5.41 21.42
N LEU B 26 6.83 6.42 21.94
CA LEU B 26 8.13 6.81 21.40
C LEU B 26 9.08 5.61 21.24
N PHE B 27 8.90 4.58 22.07
CA PHE B 27 9.79 3.41 22.03
C PHE B 27 9.86 2.82 20.62
N TRP B 28 8.73 2.84 19.92
CA TRP B 28 8.66 2.27 18.58
C TRP B 28 9.62 2.98 17.64
N GLN B 29 9.59 4.31 17.65
CA GLN B 29 10.44 5.10 16.77
C GLN B 29 11.92 4.81 17.06
N GLN B 30 12.27 4.81 18.33
CA GLN B 30 13.66 4.59 18.73
C GLN B 30 14.17 3.25 18.23
N GLU B 31 13.35 2.22 18.39
CA GLU B 31 13.75 0.86 18.03
C GLU B 31 14.10 0.81 16.55
N ALA B 32 13.25 1.40 15.72
CA ALA B 32 13.48 1.37 14.27
C ALA B 32 14.80 2.04 13.93
N GLN B 33 15.03 3.21 14.48
CA GLN B 33 16.23 3.97 14.18
C GLN B 33 17.49 3.17 14.51
N LYS B 34 17.46 2.48 15.64
CA LYS B 34 18.62 1.70 16.08
C LYS B 34 18.91 0.56 15.11
N GLN B 35 17.88 -0.19 14.75
CA GLN B 35 18.03 -1.33 13.85
C GLN B 35 18.72 -0.91 12.55
N GLU B 36 18.26 0.19 11.97
CA GLU B 36 18.85 0.69 10.73
C GLU B 36 20.30 1.14 10.96
N ALA B 37 20.56 1.72 12.13
CA ALA B 37 21.91 2.19 12.45
C ALA B 37 22.88 1.01 12.52
N LEU B 38 24.13 1.27 12.17
CA LEU B 38 25.15 0.22 12.20
C LEU B 38 25.45 -0.19 13.64
N GLY A 1 -16.23 0.20 -9.72
CA GLY A 1 -17.52 -0.13 -9.04
C GLY A 1 -18.66 0.64 -9.72
N PRO A 2 -18.85 1.91 -9.41
CA PRO A 2 -19.95 2.70 -10.03
C PRO A 2 -19.93 2.62 -11.56
N HIS A 3 -18.72 2.49 -12.12
CA HIS A 3 -18.58 2.42 -13.57
C HIS A 3 -19.31 1.20 -14.12
N MET A 4 -19.04 0.04 -13.54
CA MET A 4 -19.68 -1.20 -13.98
C MET A 4 -20.03 -2.08 -12.79
N ALA A 5 -21.13 -2.80 -12.89
CA ALA A 5 -21.57 -3.67 -11.81
C ALA A 5 -21.13 -5.11 -12.06
N ASP A 6 -20.74 -5.80 -10.99
CA ASP A 6 -20.29 -7.19 -11.10
C ASP A 6 -20.81 -8.01 -9.93
N LEU A 7 -21.89 -8.76 -10.16
CA LEU A 7 -22.48 -9.57 -9.11
C LEU A 7 -21.44 -10.55 -8.55
N MET A 8 -20.68 -11.17 -9.43
CA MET A 8 -19.67 -12.13 -9.01
C MET A 8 -18.41 -12.01 -9.87
N ALA A 9 -17.29 -12.49 -9.35
CA ALA A 9 -16.03 -12.45 -10.09
C ALA A 9 -16.13 -13.30 -11.35
N ASP A 10 -15.42 -12.89 -12.39
CA ASP A 10 -15.44 -13.62 -13.65
C ASP A 10 -14.09 -13.51 -14.36
N GLU A 11 -13.85 -14.41 -15.31
CA GLU A 11 -12.60 -14.40 -16.06
C GLU A 11 -12.42 -13.08 -16.82
N SER A 12 -13.52 -12.53 -17.33
CA SER A 12 -13.46 -11.29 -18.09
C SER A 12 -12.85 -10.16 -17.25
N ILE A 13 -13.18 -10.15 -15.96
CA ILE A 13 -12.65 -9.12 -15.07
C ILE A 13 -11.13 -9.24 -14.99
N THR A 14 -10.63 -10.46 -14.92
CA THR A 14 -9.19 -10.68 -14.77
C THR A 14 -8.43 -10.14 -15.99
N ARG A 15 -8.88 -10.52 -17.18
CA ARG A 15 -8.21 -10.08 -18.40
C ARG A 15 -8.25 -8.56 -18.52
N MET A 16 -9.37 -7.96 -18.13
CA MET A 16 -9.50 -6.50 -18.20
C MET A 16 -8.41 -5.84 -17.37
N ASN A 17 -8.21 -6.33 -16.15
CA ASN A 17 -7.21 -5.76 -15.25
C ASN A 17 -5.83 -5.83 -15.89
N LEU A 18 -5.47 -7.01 -16.40
CA LEU A 18 -4.16 -7.19 -17.01
C LEU A 18 -3.96 -6.25 -18.20
N ALA A 19 -5.04 -5.94 -18.92
CA ALA A 19 -4.95 -5.04 -20.05
C ALA A 19 -4.52 -3.64 -19.61
N ALA A 20 -5.19 -3.11 -18.59
CA ALA A 20 -4.84 -1.79 -18.08
C ALA A 20 -3.40 -1.76 -17.60
N ILE A 21 -2.99 -2.84 -16.92
CA ILE A 21 -1.62 -2.97 -16.44
C ILE A 21 -0.61 -2.79 -17.59
N LYS A 22 -0.79 -3.53 -18.67
CA LYS A 22 0.15 -3.46 -19.79
C LYS A 22 0.32 -2.02 -20.31
N LYS A 23 -0.65 -1.14 -20.04
CA LYS A 23 -0.59 0.23 -20.53
C LYS A 23 0.67 0.96 -20.05
N ILE A 24 1.11 0.63 -18.84
CA ILE A 24 2.28 1.29 -18.24
C ILE A 24 3.44 0.32 -18.09
N ASP A 25 3.13 -0.92 -17.70
CA ASP A 25 4.15 -1.93 -17.50
C ASP A 25 3.95 -3.10 -18.47
N PRO A 26 4.34 -2.94 -19.73
CA PRO A 26 4.09 -4.00 -20.76
C PRO A 26 4.64 -5.37 -20.37
N TYR A 27 5.61 -5.41 -19.45
CA TYR A 27 6.28 -6.66 -19.12
C TYR A 27 5.61 -7.43 -17.97
N ALA A 28 4.41 -7.01 -17.54
CA ALA A 28 3.66 -7.75 -16.54
C ALA A 28 2.87 -8.86 -17.23
N LYS A 29 3.10 -10.11 -16.83
CA LYS A 29 2.49 -11.24 -17.52
C LYS A 29 1.23 -11.70 -16.79
N GLU A 30 1.30 -11.73 -15.46
CA GLU A 30 0.16 -12.19 -14.66
C GLU A 30 0.09 -11.46 -13.33
N ILE A 31 -1.11 -11.36 -12.78
CA ILE A 31 -1.31 -10.73 -11.48
C ILE A 31 -1.31 -11.79 -10.39
N VAL A 32 -0.65 -11.48 -9.28
CA VAL A 32 -0.62 -12.39 -8.13
C VAL A 32 -1.75 -12.03 -7.16
N ASP A 33 -1.89 -10.75 -6.87
CA ASP A 33 -2.94 -10.28 -5.98
C ASP A 33 -3.30 -8.84 -6.31
N SER A 34 -4.52 -8.43 -5.99
CA SER A 34 -4.96 -7.07 -6.26
C SER A 34 -5.83 -6.54 -5.13
N SER A 35 -5.52 -5.34 -4.67
CA SER A 35 -6.30 -4.68 -3.63
C SER A 35 -7.09 -3.51 -4.24
N SER A 36 -8.40 -3.52 -4.02
CA SER A 36 -9.29 -2.57 -4.66
C SER A 36 -8.84 -1.14 -4.42
N HIS A 37 -8.36 -0.86 -3.21
CA HIS A 37 -7.92 0.49 -2.87
C HIS A 37 -6.82 0.47 -1.81
N VAL A 38 -5.72 1.14 -2.15
CA VAL A 38 -4.54 1.19 -1.28
C VAL A 38 -3.88 2.56 -1.41
N ALA A 39 -3.41 3.09 -0.28
CA ALA A 39 -2.81 4.43 -0.27
C ALA A 39 -1.45 4.41 0.43
N PHE A 40 -0.56 5.30 -0.01
CA PHE A 40 0.79 5.36 0.54
C PHE A 40 0.92 6.46 1.59
N TYR A 41 1.49 6.10 2.75
CA TYR A 41 1.66 7.05 3.84
C TYR A 41 3.13 7.10 4.27
N THR A 42 3.59 8.30 4.61
CA THR A 42 4.97 8.50 5.08
C THR A 42 4.94 9.09 6.48
N PHE A 43 5.90 8.73 7.33
CA PHE A 43 6.00 9.32 8.66
C PHE A 43 7.18 10.27 8.74
N ASN A 44 6.94 11.46 9.28
CA ASN A 44 8.00 12.44 9.46
C ASN A 44 8.39 12.50 10.94
N SER A 45 9.64 12.11 11.23
CA SER A 45 10.12 12.06 12.61
C SER A 45 10.24 13.46 13.22
N SER A 46 10.57 14.45 12.39
CA SER A 46 10.77 15.81 12.90
C SER A 46 9.49 16.34 13.56
N GLN A 47 8.35 16.04 12.95
CA GLN A 47 7.07 16.51 13.48
C GLN A 47 6.40 15.50 14.40
N ASN A 48 6.76 14.21 14.28
CA ASN A 48 6.16 13.16 15.08
C ASN A 48 4.72 12.93 14.65
N GLU A 49 4.51 12.91 13.32
CA GLU A 49 3.17 12.75 12.77
C GLU A 49 3.21 12.08 11.41
N TRP A 50 2.06 11.56 10.97
CA TRP A 50 1.97 10.95 9.64
C TRP A 50 1.48 11.96 8.62
N GLU A 51 2.05 11.88 7.42
CA GLU A 51 1.61 12.74 6.32
C GLU A 51 1.19 11.89 5.13
N LYS A 52 0.02 12.16 4.58
CA LYS A 52 -0.45 11.43 3.40
C LYS A 52 0.34 11.86 2.18
N THR A 53 0.70 10.91 1.33
CA THR A 53 1.47 11.22 0.14
C THR A 53 0.56 11.48 -1.04
N ASP A 54 1.14 11.79 -2.19
CA ASP A 54 0.37 12.08 -3.39
C ASP A 54 0.05 10.83 -4.21
N VAL A 55 0.23 9.64 -3.63
CA VAL A 55 -0.07 8.39 -4.34
C VAL A 55 -1.27 7.70 -3.70
N GLU A 56 -2.40 7.76 -4.40
CA GLU A 56 -3.60 7.04 -3.96
C GLU A 56 -4.18 6.29 -5.16
N GLY A 57 -4.13 4.97 -5.10
CA GLY A 57 -4.43 4.17 -6.29
C GLY A 57 -4.74 2.73 -5.95
N ALA A 58 -5.10 1.97 -6.98
CA ALA A 58 -5.32 0.53 -6.81
C ALA A 58 -3.96 -0.17 -6.77
N PHE A 59 -3.80 -1.11 -5.84
CA PHE A 59 -2.51 -1.77 -5.66
C PHE A 59 -2.53 -3.15 -6.32
N PHE A 60 -1.55 -3.41 -7.18
CA PHE A 60 -1.43 -4.72 -7.81
C PHE A 60 -0.01 -5.24 -7.69
N ILE A 61 0.13 -6.55 -7.48
CA ILE A 61 1.44 -7.18 -7.50
C ILE A 61 1.64 -7.89 -8.83
N TYR A 62 2.75 -7.60 -9.51
CA TYR A 62 2.98 -8.15 -10.84
C TYR A 62 4.08 -9.21 -10.81
N HIS A 63 3.85 -10.31 -11.53
CA HIS A 63 4.83 -11.37 -11.68
C HIS A 63 5.25 -11.49 -13.14
N ARG A 64 6.52 -11.79 -13.36
CA ARG A 64 7.05 -11.93 -14.70
C ARG A 64 8.06 -13.08 -14.76
N ASN A 65 8.13 -13.75 -15.90
CA ASN A 65 9.07 -14.86 -16.07
C ASN A 65 10.44 -14.38 -16.55
N ALA A 66 10.81 -13.16 -16.21
CA ALA A 66 12.10 -12.61 -16.59
C ALA A 66 12.47 -11.47 -15.65
N GLU A 67 13.76 -11.13 -15.59
CA GLU A 67 14.22 -10.10 -14.67
C GLU A 67 13.61 -8.74 -15.04
N PRO A 68 13.03 -7.97 -14.13
CA PRO A 68 12.89 -8.31 -12.68
C PRO A 68 11.86 -9.41 -12.46
N PHE A 69 12.15 -10.31 -11.53
CA PHE A 69 11.27 -11.44 -11.27
C PHE A 69 9.93 -10.98 -10.72
N HIS A 70 9.97 -10.02 -9.79
CA HIS A 70 8.74 -9.55 -9.16
C HIS A 70 8.83 -8.04 -8.90
N SER A 71 7.69 -7.37 -9.09
CA SER A 71 7.64 -5.92 -8.92
C SER A 71 6.24 -5.49 -8.49
N ILE A 72 6.17 -4.38 -7.77
CA ILE A 72 4.89 -3.88 -7.27
C ILE A 72 4.53 -2.58 -7.97
N PHE A 73 3.26 -2.44 -8.33
CA PHE A 73 2.80 -1.27 -9.07
C PHE A 73 1.54 -0.69 -8.45
N ILE A 74 1.43 0.64 -8.43
CA ILE A 74 0.21 1.30 -8.00
C ILE A 74 -0.30 2.22 -9.11
N ASN A 75 -1.59 2.13 -9.38
CA ASN A 75 -2.25 2.94 -10.39
C ASN A 75 -2.96 4.11 -9.73
N ASN A 76 -2.31 5.28 -9.75
CA ASN A 76 -2.83 6.46 -9.06
C ASN A 76 -4.04 7.03 -9.78
N ARG A 77 -5.21 6.84 -9.17
CA ARG A 77 -6.46 7.17 -9.84
C ARG A 77 -6.68 8.69 -9.90
N LEU A 78 -6.33 9.37 -8.81
CA LEU A 78 -6.59 10.80 -8.71
C LEU A 78 -5.67 11.59 -9.64
N ASN A 79 -4.38 11.25 -9.65
CA ASN A 79 -3.41 12.02 -10.41
C ASN A 79 -3.13 11.44 -11.81
N THR A 80 -3.73 10.31 -12.15
CA THR A 80 -3.56 9.74 -13.50
C THR A 80 -2.07 9.54 -13.81
N THR A 81 -1.35 9.02 -12.82
CA THR A 81 0.08 8.80 -12.96
C THR A 81 0.45 7.40 -12.48
N SER A 82 1.48 6.82 -13.09
CA SER A 82 1.90 5.46 -12.72
C SER A 82 3.12 5.51 -11.82
N PHE A 83 3.16 4.60 -10.85
CA PHE A 83 4.29 4.50 -9.94
C PHE A 83 4.69 3.04 -9.74
N VAL A 84 5.95 2.72 -10.05
CA VAL A 84 6.43 1.35 -9.96
C VAL A 84 7.69 1.27 -9.09
N GLU A 85 7.86 0.14 -8.40
CA GLU A 85 9.07 -0.08 -7.61
C GLU A 85 9.43 -1.58 -7.60
N PRO A 86 10.69 -1.96 -7.78
CA PRO A 86 11.07 -3.41 -7.77
C PRO A 86 11.10 -3.99 -6.35
N ILE A 87 10.84 -5.29 -6.24
CA ILE A 87 10.90 -5.95 -4.93
C ILE A 87 12.32 -6.48 -4.69
N THR A 88 12.80 -6.28 -3.46
CA THR A 88 14.13 -6.79 -3.08
C THR A 88 14.03 -7.52 -1.74
N GLY A 89 15.01 -8.37 -1.46
CA GLY A 89 15.00 -9.13 -0.21
C GLY A 89 15.84 -8.47 0.87
N SER A 90 15.81 -7.13 0.89
CA SER A 90 16.48 -6.37 1.95
C SER A 90 15.47 -5.70 2.89
N LEU A 91 14.23 -5.50 2.43
CA LEU A 91 13.22 -4.80 3.22
C LEU A 91 12.80 -5.62 4.43
N GLU A 92 12.52 -4.93 5.53
CA GLU A 92 12.01 -5.57 6.74
C GLU A 92 10.59 -5.09 7.02
N LEU A 93 9.71 -6.03 7.38
CA LEU A 93 8.30 -5.71 7.57
C LEU A 93 7.89 -5.92 9.03
N GLN A 94 6.81 -5.26 9.43
CA GLN A 94 6.27 -5.40 10.78
C GLN A 94 4.76 -5.19 10.75
N SER A 95 4.03 -5.98 11.52
CA SER A 95 2.58 -5.85 11.55
C SER A 95 2.14 -5.01 12.75
N GLN A 96 1.67 -3.80 12.46
CA GLN A 96 1.07 -2.96 13.48
C GLN A 96 -0.44 -2.92 13.24
N PRO A 97 -1.26 -3.63 14.00
CA PRO A 97 -2.71 -3.75 13.65
C PRO A 97 -3.48 -2.43 13.89
N PRO A 98 -4.43 -2.04 13.07
CA PRO A 98 -4.84 -2.73 11.80
C PRO A 98 -4.08 -2.25 10.56
N PHE A 99 -2.99 -1.51 10.78
CA PHE A 99 -2.22 -0.95 9.68
C PHE A 99 -1.07 -1.88 9.29
N LEU A 100 -0.36 -1.57 8.20
CA LEU A 100 0.86 -2.30 7.85
C LEU A 100 2.06 -1.35 7.92
N LEU A 101 3.16 -1.82 8.52
CA LEU A 101 4.32 -0.97 8.74
C LEU A 101 5.57 -1.64 8.18
N TYR A 102 6.43 -0.86 7.55
CA TYR A 102 7.70 -1.38 7.05
C TYR A 102 8.78 -0.31 7.08
N ARG A 103 10.04 -0.75 7.17
CA ARG A 103 11.16 0.18 7.28
C ARG A 103 11.89 0.32 5.95
N ASN A 104 12.45 1.50 5.72
CA ASN A 104 13.13 1.77 4.45
C ASN A 104 14.53 2.36 4.69
N GLU A 105 15.33 2.38 3.63
CA GLU A 105 16.71 2.85 3.70
C GLU A 105 16.83 4.18 4.44
N ARG A 106 17.93 4.32 5.18
CA ARG A 106 18.21 5.53 5.94
C ARG A 106 17.21 5.75 7.07
N SER A 107 16.67 4.67 7.64
CA SER A 107 15.92 4.75 8.89
C SER A 107 14.63 5.54 8.72
N ARG A 108 14.00 5.40 7.55
CA ARG A 108 12.75 6.10 7.28
C ARG A 108 11.59 5.14 7.52
N ILE A 109 10.42 5.68 7.87
CA ILE A 109 9.27 4.83 8.17
C ILE A 109 8.16 5.06 7.16
N ARG A 110 7.70 3.98 6.54
CA ARG A 110 6.61 4.05 5.57
C ARG A 110 5.54 3.04 5.95
N GLY A 111 4.29 3.36 5.63
CA GLY A 111 3.18 2.48 5.98
C GLY A 111 2.16 2.43 4.85
N PHE A 112 1.28 1.43 4.93
CA PHE A 112 0.26 1.23 3.90
C PHE A 112 -1.13 1.17 4.52
N TRP A 113 -2.06 1.85 3.86
CA TRP A 113 -3.47 1.84 4.26
C TRP A 113 -4.28 1.01 3.29
N PHE A 114 -5.02 0.04 3.80
CA PHE A 114 -5.84 -0.83 2.95
C PHE A 114 -7.32 -0.68 3.31
N TYR A 115 -8.18 -0.72 2.29
CA TYR A 115 -9.62 -0.62 2.51
C TYR A 115 -10.10 -1.62 3.56
N ASN A 116 -9.48 -2.79 3.59
CA ASN A 116 -9.84 -3.82 4.57
C ASN A 116 -8.60 -4.47 5.16
N SER A 117 -8.61 -4.67 6.47
CA SER A 117 -7.45 -5.25 7.16
C SER A 117 -7.15 -6.65 6.65
N GLU A 118 -8.21 -7.43 6.42
CA GLU A 118 -8.04 -8.79 5.90
C GLU A 118 -7.34 -8.75 4.54
N GLU A 119 -7.77 -7.81 3.71
CA GLU A 119 -7.18 -7.63 2.38
C GLU A 119 -5.68 -7.41 2.51
N CYS A 120 -5.31 -6.53 3.44
CA CYS A 120 -3.90 -6.24 3.68
C CYS A 120 -3.15 -7.50 4.08
N ASP A 121 -3.78 -8.33 4.91
CA ASP A 121 -3.13 -9.54 5.41
C ASP A 121 -2.70 -10.43 4.26
N ARG A 122 -3.60 -10.63 3.30
CA ARG A 122 -3.32 -11.53 2.18
C ARG A 122 -2.12 -11.03 1.39
N ILE A 123 -2.12 -9.75 1.05
CA ILE A 123 -1.02 -9.18 0.26
C ILE A 123 0.31 -9.37 0.99
N SER A 124 0.31 -9.10 2.29
CA SER A 124 1.53 -9.20 3.07
C SER A 124 2.08 -10.62 3.04
N GLY A 125 1.20 -11.60 3.19
CA GLY A 125 1.63 -12.99 3.19
C GLY A 125 2.35 -13.34 1.90
N LEU A 126 1.80 -12.89 0.78
CA LEU A 126 2.37 -13.18 -0.52
C LEU A 126 3.80 -12.67 -0.60
N VAL A 127 4.00 -11.41 -0.21
CA VAL A 127 5.31 -10.79 -0.27
C VAL A 127 6.31 -11.59 0.57
N ASN A 128 5.88 -12.00 1.76
CA ASN A 128 6.75 -12.75 2.65
C ASN A 128 7.26 -14.02 1.99
N GLY A 129 6.35 -14.72 1.29
CA GLY A 129 6.70 -15.96 0.63
C GLY A 129 7.75 -15.73 -0.46
N LEU A 130 7.58 -14.67 -1.22
CA LEU A 130 8.52 -14.35 -2.30
C LEU A 130 9.91 -14.04 -1.76
N LEU A 131 9.96 -13.31 -0.65
CA LEU A 131 11.24 -12.88 -0.08
C LEU A 131 12.08 -14.08 0.36
N LYS A 132 11.43 -15.09 0.92
CA LYS A 132 12.16 -16.24 1.45
C LYS A 132 12.50 -17.26 0.37
N SER A 133 11.61 -17.42 -0.61
CA SER A 133 11.81 -18.40 -1.66
C SER A 133 12.09 -17.73 -3.00
N LYS A 134 12.96 -18.34 -3.80
CA LYS A 134 13.31 -17.79 -5.10
C LYS A 134 12.06 -17.62 -5.96
N GLY B 1 -33.02 5.97 9.32
CA GLY B 1 -34.45 6.31 9.10
C GLY B 1 -34.59 7.82 8.88
N PRO B 2 -34.56 8.62 9.93
CA PRO B 2 -34.69 10.11 9.79
C PRO B 2 -33.74 10.66 8.72
N GLN B 3 -34.20 11.67 8.00
CA GLN B 3 -33.39 12.29 6.96
C GLN B 3 -32.75 13.58 7.46
N ASP B 4 -31.53 13.85 7.01
CA ASP B 4 -30.82 15.05 7.43
C ASP B 4 -31.46 16.30 6.83
N PRO B 5 -31.33 17.45 7.47
CA PRO B 5 -31.94 18.70 6.93
C PRO B 5 -31.06 19.37 5.89
N LEU B 6 -31.65 20.24 5.07
CA LEU B 6 -30.91 20.94 4.03
C LEU B 6 -29.75 21.72 4.63
N LEU B 7 -30.01 22.35 5.78
CA LEU B 7 -28.97 23.14 6.45
C LEU B 7 -28.38 22.35 7.61
N GLN B 8 -27.06 22.19 7.60
CA GLN B 8 -26.39 21.45 8.67
C GLN B 8 -25.72 22.42 9.64
N GLN B 9 -26.24 22.46 10.86
CA GLN B 9 -25.68 23.35 11.88
C GLN B 9 -24.28 22.91 12.29
N GLN B 10 -24.08 21.60 12.39
CA GLN B 10 -22.79 21.07 12.81
C GLN B 10 -21.91 20.81 11.58
N ARG B 11 -20.59 20.79 11.81
CA ARG B 11 -19.65 20.55 10.72
C ARG B 11 -19.47 19.06 10.47
N ALA B 12 -19.66 18.64 9.23
CA ALA B 12 -19.52 17.23 8.86
C ALA B 12 -18.24 17.02 8.03
N PRO B 13 -17.73 15.81 7.96
CA PRO B 13 -16.49 15.54 7.16
C PRO B 13 -16.74 15.69 5.66
N PHE B 14 -15.73 16.18 4.94
CA PHE B 14 -15.87 16.39 3.51
C PHE B 14 -15.29 15.21 2.73
N PRO B 15 -15.78 14.92 1.54
CA PRO B 15 -15.24 13.78 0.73
C PRO B 15 -13.75 13.93 0.48
N GLY B 16 -12.99 12.87 0.78
CA GLY B 16 -11.55 12.89 0.57
C GLY B 16 -10.75 13.21 1.84
N GLN B 17 -11.41 13.47 2.97
CA GLN B 17 -10.71 13.76 4.22
C GLN B 17 -9.67 12.69 4.54
N MET B 18 -8.48 13.14 4.92
CA MET B 18 -7.39 12.22 5.22
C MET B 18 -7.68 11.45 6.52
N PRO B 19 -7.79 10.14 6.51
CA PRO B 19 -7.98 9.36 7.77
C PRO B 19 -6.82 9.58 8.74
N ASN B 20 -7.10 9.43 10.03
CA ASN B 20 -6.06 9.63 11.05
C ASN B 20 -5.49 8.29 11.49
N LEU B 21 -4.20 8.08 11.21
CA LEU B 21 -3.54 6.85 11.61
C LEU B 21 -3.34 6.82 13.12
N PRO B 22 -3.26 5.67 13.74
CA PRO B 22 -2.92 5.60 15.20
C PRO B 22 -1.43 5.77 15.44
N LYS B 23 -1.06 6.50 16.49
CA LYS B 23 0.34 6.73 16.79
C LYS B 23 0.81 5.73 17.87
N PRO B 24 1.86 4.97 17.65
CA PRO B 24 2.42 4.09 18.73
C PRO B 24 3.25 4.91 19.73
N PRO B 25 3.41 4.46 20.95
CA PRO B 25 4.23 5.19 21.95
C PRO B 25 5.62 5.53 21.40
N LEU B 26 6.19 6.63 21.90
CA LEU B 26 7.48 7.09 21.40
C LEU B 26 8.54 5.98 21.37
N PHE B 27 8.39 4.96 22.21
CA PHE B 27 9.37 3.89 22.29
C PHE B 27 9.59 3.25 20.92
N TRP B 28 8.52 3.10 20.15
CA TRP B 28 8.59 2.45 18.86
C TRP B 28 9.53 3.23 17.92
N GLN B 29 9.33 4.54 17.85
CA GLN B 29 10.12 5.37 16.94
C GLN B 29 11.60 5.29 17.29
N GLN B 30 11.91 5.45 18.57
CA GLN B 30 13.30 5.46 19.02
C GLN B 30 13.98 4.14 18.68
N GLU B 31 13.30 3.03 18.95
CA GLU B 31 13.89 1.72 18.74
C GLU B 31 14.29 1.53 17.29
N ALA B 32 13.39 1.90 16.38
CA ALA B 32 13.66 1.73 14.95
C ALA B 32 14.89 2.51 14.52
N GLN B 33 14.95 3.77 14.92
CA GLN B 33 16.04 4.64 14.51
C GLN B 33 17.38 4.09 14.96
N LYS B 34 17.43 3.59 16.19
CA LYS B 34 18.67 3.06 16.75
C LYS B 34 19.15 1.83 15.98
N GLN B 35 18.24 0.90 15.76
CA GLN B 35 18.57 -0.34 15.07
C GLN B 35 19.23 -0.06 13.71
N GLU B 36 18.61 0.82 12.94
CA GLU B 36 19.15 1.17 11.63
C GLU B 36 20.51 1.87 11.76
N ALA B 37 20.65 2.70 12.79
CA ALA B 37 21.90 3.42 13.01
C ALA B 37 22.99 2.46 13.45
N LEU B 38 24.25 2.83 13.19
CA LEU B 38 25.38 2.00 13.57
C LEU B 38 26.44 2.83 14.29
N GLY A 1 -17.77 -25.56 -0.11
CA GLY A 1 -18.92 -25.17 0.76
C GLY A 1 -19.95 -24.41 -0.08
N PRO A 2 -21.03 -25.04 -0.51
CA PRO A 2 -22.09 -24.33 -1.27
C PRO A 2 -22.59 -23.07 -0.55
N HIS A 3 -22.56 -23.11 0.78
CA HIS A 3 -23.01 -21.97 1.58
C HIS A 3 -22.27 -20.69 1.18
N MET A 4 -20.97 -20.82 0.92
CA MET A 4 -20.17 -19.67 0.55
C MET A 4 -20.33 -19.37 -0.94
N ALA A 5 -20.53 -18.09 -1.27
CA ALA A 5 -20.67 -17.69 -2.66
C ALA A 5 -19.32 -17.70 -3.37
N ASP A 6 -19.34 -17.45 -4.67
CA ASP A 6 -18.11 -17.43 -5.45
C ASP A 6 -17.27 -16.19 -5.11
N LEU A 7 -16.21 -16.41 -4.34
CA LEU A 7 -15.32 -15.31 -3.95
C LEU A 7 -14.55 -14.78 -5.14
N MET A 8 -14.10 -15.68 -6.01
CA MET A 8 -13.34 -15.29 -7.19
C MET A 8 -14.26 -14.70 -8.25
N ALA A 9 -13.84 -13.59 -8.84
CA ALA A 9 -14.63 -12.94 -9.87
C ALA A 9 -14.51 -13.69 -11.19
N ASP A 10 -15.31 -13.27 -12.18
CA ASP A 10 -15.29 -13.92 -13.49
C ASP A 10 -13.91 -13.79 -14.12
N GLU A 11 -13.57 -14.74 -14.99
CA GLU A 11 -12.28 -14.72 -15.67
C GLU A 11 -12.11 -13.45 -16.50
N SER A 12 -13.20 -12.96 -17.09
CA SER A 12 -13.14 -11.76 -17.92
C SER A 12 -12.56 -10.59 -17.13
N ILE A 13 -12.97 -10.48 -15.87
CA ILE A 13 -12.51 -9.38 -15.02
C ILE A 13 -10.99 -9.43 -14.89
N THR A 14 -10.45 -10.62 -14.63
CA THR A 14 -9.02 -10.76 -14.44
C THR A 14 -8.26 -10.29 -15.67
N ARG A 15 -8.73 -10.71 -16.84
CA ARG A 15 -8.05 -10.35 -18.09
C ARG A 15 -8.02 -8.84 -18.25
N MET A 16 -9.14 -8.18 -17.97
CA MET A 16 -9.23 -6.73 -18.13
C MET A 16 -8.18 -6.04 -17.27
N ASN A 17 -8.03 -6.51 -16.04
CA ASN A 17 -7.08 -5.90 -15.12
C ASN A 17 -5.67 -5.98 -15.68
N LEU A 18 -5.28 -7.17 -16.13
CA LEU A 18 -3.93 -7.36 -16.67
C LEU A 18 -3.71 -6.49 -17.91
N ALA A 19 -4.77 -6.22 -18.67
CA ALA A 19 -4.66 -5.36 -19.85
C ALA A 19 -4.24 -3.96 -19.46
N ALA A 20 -4.94 -3.39 -18.48
CA ALA A 20 -4.62 -2.03 -18.00
C ALA A 20 -3.18 -1.99 -17.50
N ILE A 21 -2.78 -3.03 -16.78
CA ILE A 21 -1.42 -3.14 -16.25
C ILE A 21 -0.40 -2.99 -17.38
N LYS A 22 -0.53 -3.77 -18.45
CA LYS A 22 0.43 -3.71 -19.55
C LYS A 22 0.61 -2.29 -20.10
N LYS A 23 -0.39 -1.43 -19.91
CA LYS A 23 -0.32 -0.07 -20.45
C LYS A 23 0.87 0.71 -19.90
N ILE A 24 1.24 0.44 -18.66
CA ILE A 24 2.32 1.16 -17.99
C ILE A 24 3.56 0.26 -17.84
N ASP A 25 3.32 -1.00 -17.49
CA ASP A 25 4.40 -1.94 -17.23
C ASP A 25 4.38 -3.07 -18.26
N PRO A 26 5.01 -2.88 -19.41
CA PRO A 26 5.00 -3.94 -20.48
C PRO A 26 5.48 -5.30 -19.99
N TYR A 27 6.26 -5.32 -18.91
CA TYR A 27 6.85 -6.57 -18.42
C TYR A 27 6.05 -7.20 -17.28
N ALA A 28 4.76 -6.85 -17.16
CA ALA A 28 3.89 -7.54 -16.21
C ALA A 28 3.02 -8.55 -16.96
N LYS A 29 3.11 -9.82 -16.60
CA LYS A 29 2.41 -10.87 -17.34
C LYS A 29 1.28 -11.47 -16.52
N GLU A 30 1.50 -11.63 -15.22
CA GLU A 30 0.53 -12.26 -14.35
C GLU A 30 0.26 -11.41 -13.11
N ILE A 31 -0.97 -11.41 -12.64
CA ILE A 31 -1.31 -10.73 -11.39
C ILE A 31 -1.37 -11.76 -10.25
N VAL A 32 -0.66 -11.45 -9.17
CA VAL A 32 -0.64 -12.35 -8.01
C VAL A 32 -1.77 -11.99 -7.04
N ASP A 33 -1.88 -10.70 -6.76
CA ASP A 33 -2.94 -10.21 -5.87
C ASP A 33 -3.28 -8.76 -6.20
N SER A 34 -4.52 -8.37 -5.93
CA SER A 34 -4.95 -7.00 -6.19
C SER A 34 -5.86 -6.50 -5.08
N SER A 35 -5.56 -5.30 -4.58
CA SER A 35 -6.39 -4.66 -3.56
C SER A 35 -7.18 -3.52 -4.18
N SER A 36 -8.49 -3.53 -3.93
CA SER A 36 -9.40 -2.59 -4.58
C SER A 36 -8.95 -1.15 -4.36
N HIS A 37 -8.44 -0.85 -3.16
CA HIS A 37 -8.01 0.50 -2.85
C HIS A 37 -6.91 0.53 -1.81
N VAL A 38 -5.82 1.22 -2.15
CA VAL A 38 -4.65 1.31 -1.28
C VAL A 38 -4.02 2.69 -1.44
N ALA A 39 -3.56 3.26 -0.32
CA ALA A 39 -2.96 4.60 -0.35
C ALA A 39 -1.59 4.61 0.33
N PHE A 40 -0.72 5.50 -0.13
CA PHE A 40 0.64 5.57 0.40
C PHE A 40 0.78 6.65 1.48
N TYR A 41 1.40 6.28 2.59
CA TYR A 41 1.62 7.21 3.70
C TYR A 41 3.09 7.23 4.11
N THR A 42 3.59 8.40 4.47
CA THR A 42 4.95 8.55 4.95
C THR A 42 4.94 9.15 6.35
N PHE A 43 5.92 8.79 7.18
CA PHE A 43 6.01 9.35 8.52
C PHE A 43 7.26 10.24 8.64
N ASN A 44 7.07 11.44 9.18
CA ASN A 44 8.19 12.35 9.42
C ASN A 44 8.56 12.32 10.89
N SER A 45 9.76 11.82 11.19
CA SER A 45 10.22 11.68 12.57
C SER A 45 10.48 13.03 13.23
N SER A 46 10.88 14.02 12.44
CA SER A 46 11.20 15.34 12.99
C SER A 46 9.96 15.97 13.63
N GLN A 47 8.80 15.78 13.00
CA GLN A 47 7.56 16.37 13.51
C GLN A 47 6.78 15.40 14.40
N ASN A 48 7.03 14.10 14.27
CA ASN A 48 6.30 13.09 15.03
C ASN A 48 4.86 13.02 14.54
N GLU A 49 4.70 13.01 13.22
CA GLU A 49 3.37 13.01 12.62
C GLU A 49 3.37 12.32 11.27
N TRP A 50 2.24 11.71 10.91
CA TRP A 50 2.10 11.08 9.61
C TRP A 50 1.63 12.11 8.57
N GLU A 51 2.14 12.00 7.35
CA GLU A 51 1.71 12.85 6.26
C GLU A 51 1.22 12.00 5.09
N LYS A 52 0.00 12.25 4.63
CA LYS A 52 -0.54 11.51 3.51
C LYS A 52 0.09 12.00 2.21
N THR A 53 0.39 11.07 1.31
CA THR A 53 1.02 11.44 0.04
C THR A 53 -0.04 11.68 -1.02
N ASP A 54 0.38 12.20 -2.17
CA ASP A 54 -0.54 12.45 -3.27
C ASP A 54 -0.78 11.20 -4.14
N VAL A 55 -0.36 10.03 -3.66
CA VAL A 55 -0.54 8.79 -4.43
C VAL A 55 -1.67 7.97 -3.82
N GLU A 56 -2.81 7.95 -4.51
CA GLU A 56 -3.95 7.15 -4.07
C GLU A 56 -4.45 6.34 -5.27
N GLY A 57 -4.37 5.03 -5.17
CA GLY A 57 -4.62 4.19 -6.34
C GLY A 57 -4.90 2.74 -5.97
N ALA A 58 -5.21 1.94 -6.99
CA ALA A 58 -5.40 0.51 -6.79
C ALA A 58 -4.03 -0.17 -6.73
N PHE A 59 -3.86 -1.09 -5.79
CA PHE A 59 -2.56 -1.74 -5.59
C PHE A 59 -2.55 -3.12 -6.22
N PHE A 60 -1.58 -3.37 -7.11
CA PHE A 60 -1.43 -4.69 -7.72
C PHE A 60 0.00 -5.19 -7.59
N ILE A 61 0.15 -6.49 -7.35
CA ILE A 61 1.47 -7.11 -7.38
C ILE A 61 1.64 -7.86 -8.70
N TYR A 62 2.72 -7.58 -9.42
CA TYR A 62 2.93 -8.20 -10.74
C TYR A 62 4.07 -9.21 -10.68
N HIS A 63 3.85 -10.35 -11.34
CA HIS A 63 4.89 -11.35 -11.51
C HIS A 63 5.32 -11.44 -12.97
N ARG A 64 6.61 -11.65 -13.19
CA ARG A 64 7.13 -11.81 -14.54
C ARG A 64 8.22 -12.88 -14.57
N ASN A 65 8.33 -13.59 -15.68
CA ASN A 65 9.33 -14.64 -15.81
C ASN A 65 10.68 -14.10 -16.31
N ALA A 66 10.97 -12.84 -16.01
CA ALA A 66 12.22 -12.22 -16.45
C ALA A 66 12.53 -11.02 -15.58
N GLU A 67 13.73 -10.46 -15.74
CA GLU A 67 14.14 -9.32 -14.93
C GLU A 67 13.24 -8.10 -15.24
N PRO A 68 12.57 -7.47 -14.28
CA PRO A 68 12.58 -7.84 -12.84
C PRO A 68 11.66 -9.01 -12.54
N PHE A 69 12.11 -9.89 -11.64
CA PHE A 69 11.33 -11.08 -11.31
C PHE A 69 10.01 -10.70 -10.67
N HIS A 70 10.04 -9.75 -9.74
CA HIS A 70 8.84 -9.34 -9.03
C HIS A 70 8.85 -7.84 -8.76
N SER A 71 7.70 -7.21 -8.99
CA SER A 71 7.60 -5.77 -8.83
C SER A 71 6.19 -5.37 -8.41
N ILE A 72 6.09 -4.27 -7.67
CA ILE A 72 4.80 -3.80 -7.17
C ILE A 72 4.45 -2.47 -7.82
N PHE A 73 3.18 -2.33 -8.21
CA PHE A 73 2.74 -1.11 -8.90
C PHE A 73 1.45 -0.57 -8.30
N ILE A 74 1.34 0.75 -8.23
CA ILE A 74 0.11 1.40 -7.81
C ILE A 74 -0.39 2.31 -8.94
N ASN A 75 -1.67 2.13 -9.28
CA ASN A 75 -2.30 2.92 -10.34
C ASN A 75 -3.05 4.09 -9.72
N ASN A 76 -2.43 5.26 -9.75
CA ASN A 76 -3.00 6.46 -9.11
C ASN A 76 -4.21 6.97 -9.88
N ARG A 77 -5.39 6.73 -9.33
CA ARG A 77 -6.64 7.00 -10.04
C ARG A 77 -6.91 8.48 -10.15
N LEU A 78 -6.68 9.21 -9.06
CA LEU A 78 -7.02 10.63 -9.02
C LEU A 78 -6.09 11.46 -9.90
N ASN A 79 -4.79 11.19 -9.81
CA ASN A 79 -3.81 11.99 -10.54
C ASN A 79 -3.41 11.39 -11.90
N THR A 80 -3.92 10.20 -12.24
CA THR A 80 -3.62 9.59 -13.53
C THR A 80 -2.10 9.47 -13.72
N THR A 81 -1.43 9.03 -12.67
CA THR A 81 0.03 8.90 -12.70
C THR A 81 0.45 7.49 -12.30
N SER A 82 1.56 7.03 -12.86
CA SER A 82 2.05 5.69 -12.58
C SER A 82 3.13 5.71 -11.50
N PHE A 83 3.00 4.82 -10.52
CA PHE A 83 4.02 4.67 -9.48
C PHE A 83 4.51 3.24 -9.44
N VAL A 84 5.82 3.04 -9.63
CA VAL A 84 6.40 1.70 -9.63
C VAL A 84 7.54 1.58 -8.62
N GLU A 85 7.70 0.39 -8.05
CA GLU A 85 8.81 0.12 -7.15
C GLU A 85 9.22 -1.36 -7.23
N PRO A 86 10.46 -1.72 -7.47
CA PRO A 86 10.88 -3.15 -7.50
C PRO A 86 10.99 -3.76 -6.11
N ILE A 87 10.76 -5.07 -6.00
CA ILE A 87 10.87 -5.74 -4.71
C ILE A 87 12.29 -6.26 -4.51
N THR A 88 12.80 -6.11 -3.29
CA THR A 88 14.12 -6.61 -2.93
C THR A 88 14.03 -7.38 -1.61
N GLY A 89 14.97 -8.30 -1.39
CA GLY A 89 14.97 -9.11 -0.18
C GLY A 89 15.84 -8.51 0.91
N SER A 90 15.84 -7.18 0.99
CA SER A 90 16.52 -6.47 2.07
C SER A 90 15.53 -5.79 3.02
N LEU A 91 14.31 -5.51 2.53
CA LEU A 91 13.32 -4.78 3.33
C LEU A 91 12.83 -5.63 4.49
N GLU A 92 12.51 -4.96 5.60
CA GLU A 92 11.93 -5.63 6.76
C GLU A 92 10.52 -5.08 7.01
N LEU A 93 9.58 -5.98 7.29
CA LEU A 93 8.19 -5.59 7.46
C LEU A 93 7.74 -5.79 8.91
N GLN A 94 6.68 -5.08 9.29
CA GLN A 94 6.11 -5.21 10.63
C GLN A 94 4.60 -4.97 10.53
N SER A 95 3.82 -5.75 11.27
CA SER A 95 2.37 -5.63 11.21
C SER A 95 1.81 -4.96 12.46
N GLN A 96 1.34 -3.74 12.31
CA GLN A 96 0.58 -3.07 13.37
C GLN A 96 -0.90 -3.03 12.96
N PRO A 97 -1.76 -3.87 13.50
CA PRO A 97 -3.15 -3.98 12.96
C PRO A 97 -3.96 -2.70 13.15
N PRO A 98 -4.85 -2.30 12.25
CA PRO A 98 -5.11 -2.98 10.94
C PRO A 98 -4.29 -2.40 9.78
N PHE A 99 -3.22 -1.68 10.10
CA PHE A 99 -2.39 -1.03 9.09
C PHE A 99 -1.08 -1.79 8.91
N LEU A 100 -0.37 -1.55 7.80
CA LEU A 100 0.90 -2.25 7.56
C LEU A 100 2.06 -1.28 7.53
N LEU A 101 3.14 -1.64 8.24
CA LEU A 101 4.29 -0.75 8.37
C LEU A 101 5.56 -1.44 7.86
N TYR A 102 6.41 -0.68 7.18
CA TYR A 102 7.68 -1.23 6.71
C TYR A 102 8.79 -0.18 6.82
N ARG A 103 10.03 -0.63 6.92
CA ARG A 103 11.16 0.29 7.07
C ARG A 103 11.90 0.44 5.74
N ASN A 104 12.43 1.64 5.52
CA ASN A 104 13.12 1.95 4.26
C ASN A 104 14.51 2.51 4.52
N GLU A 105 15.34 2.50 3.47
CA GLU A 105 16.73 2.95 3.57
C GLU A 105 16.84 4.30 4.27
N ARG A 106 17.95 4.46 5.00
CA ARG A 106 18.24 5.69 5.74
C ARG A 106 17.22 5.94 6.85
N SER A 107 16.68 4.87 7.44
CA SER A 107 15.94 4.98 8.70
C SER A 107 14.64 5.76 8.53
N ARG A 108 14.00 5.60 7.38
CA ARG A 108 12.74 6.28 7.13
C ARG A 108 11.59 5.30 7.36
N ILE A 109 10.43 5.81 7.74
CA ILE A 109 9.28 4.95 8.02
C ILE A 109 8.17 5.23 7.00
N ARG A 110 7.71 4.18 6.34
CA ARG A 110 6.65 4.29 5.35
C ARG A 110 5.67 3.16 5.54
N GLY A 111 4.40 3.41 5.20
CA GLY A 111 3.36 2.42 5.44
C GLY A 111 2.27 2.48 4.38
N PHE A 112 1.40 1.47 4.39
CA PHE A 112 0.30 1.38 3.44
C PHE A 112 -1.03 1.25 4.17
N TRP A 113 -2.02 1.99 3.70
CA TRP A 113 -3.36 1.92 4.24
C TRP A 113 -4.26 1.13 3.30
N PHE A 114 -4.91 0.09 3.83
CA PHE A 114 -5.75 -0.78 3.01
C PHE A 114 -7.22 -0.63 3.41
N TYR A 115 -8.10 -0.64 2.41
CA TYR A 115 -9.54 -0.52 2.66
C TYR A 115 -10.02 -1.52 3.71
N ASN A 116 -9.51 -2.75 3.64
CA ASN A 116 -9.90 -3.79 4.58
C ASN A 116 -8.67 -4.45 5.19
N SER A 117 -8.71 -4.67 6.51
CA SER A 117 -7.58 -5.25 7.22
C SER A 117 -7.26 -6.66 6.72
N GLU A 118 -8.32 -7.45 6.49
CA GLU A 118 -8.14 -8.82 6.01
C GLU A 118 -7.43 -8.80 4.65
N GLU A 119 -7.88 -7.89 3.79
CA GLU A 119 -7.29 -7.74 2.47
C GLU A 119 -5.78 -7.46 2.60
N CYS A 120 -5.44 -6.59 3.55
CA CYS A 120 -4.05 -6.28 3.81
C CYS A 120 -3.28 -7.53 4.20
N ASP A 121 -3.90 -8.38 5.02
CA ASP A 121 -3.22 -9.57 5.51
C ASP A 121 -2.79 -10.45 4.35
N ARG A 122 -3.68 -10.64 3.38
CA ARG A 122 -3.39 -11.51 2.25
C ARG A 122 -2.17 -11.00 1.48
N ILE A 123 -2.17 -9.72 1.16
CA ILE A 123 -1.08 -9.14 0.39
C ILE A 123 0.25 -9.35 1.12
N SER A 124 0.25 -9.07 2.42
CA SER A 124 1.47 -9.17 3.21
C SER A 124 2.02 -10.60 3.18
N GLY A 125 1.12 -11.57 3.31
CA GLY A 125 1.53 -12.97 3.32
C GLY A 125 2.28 -13.32 2.03
N LEU A 126 1.75 -12.85 0.91
CA LEU A 126 2.35 -13.15 -0.38
C LEU A 126 3.79 -12.64 -0.44
N VAL A 127 3.98 -11.38 -0.08
CA VAL A 127 5.30 -10.77 -0.13
C VAL A 127 6.28 -11.56 0.75
N ASN A 128 5.83 -11.95 1.94
CA ASN A 128 6.67 -12.70 2.86
C ASN A 128 7.17 -13.99 2.23
N GLY A 129 6.26 -14.68 1.54
CA GLY A 129 6.62 -15.94 0.89
C GLY A 129 7.70 -15.76 -0.16
N LEU A 130 7.60 -14.67 -0.92
CA LEU A 130 8.61 -14.36 -1.94
C LEU A 130 9.97 -14.12 -1.30
N LEU A 131 9.99 -13.38 -0.20
CA LEU A 131 11.25 -13.03 0.45
C LEU A 131 11.97 -14.27 0.98
N LYS A 132 11.23 -15.18 1.60
CA LYS A 132 11.84 -16.37 2.19
C LYS A 132 12.27 -17.38 1.12
N SER A 133 11.50 -17.46 0.04
CA SER A 133 11.81 -18.40 -1.03
C SER A 133 12.64 -17.73 -2.12
N LYS A 134 13.54 -18.49 -2.71
CA LYS A 134 14.40 -17.96 -3.77
C LYS A 134 14.60 -19.00 -4.87
N GLY B 1 -17.20 26.20 2.68
CA GLY B 1 -18.26 25.35 3.31
C GLY B 1 -19.11 26.20 4.25
N PRO B 2 -20.36 25.83 4.49
CA PRO B 2 -21.24 26.63 5.40
C PRO B 2 -20.58 26.91 6.73
N GLN B 3 -20.81 28.11 7.26
CA GLN B 3 -20.23 28.50 8.55
C GLN B 3 -21.33 28.89 9.52
N ASP B 4 -21.09 28.61 10.81
CA ASP B 4 -22.07 28.94 11.84
C ASP B 4 -22.21 30.46 11.98
N PRO B 5 -23.31 30.96 12.51
CA PRO B 5 -23.51 32.43 12.64
C PRO B 5 -22.61 33.05 13.72
N LEU B 6 -22.62 32.45 14.90
CA LEU B 6 -21.80 32.96 16.00
C LEU B 6 -21.21 31.80 16.81
N LEU B 7 -22.06 31.07 17.51
CA LEU B 7 -21.60 29.95 18.34
C LEU B 7 -21.79 28.63 17.61
N GLN B 8 -20.94 27.66 17.95
CA GLN B 8 -21.01 26.34 17.32
C GLN B 8 -20.91 25.25 18.38
N GLN B 9 -21.56 24.12 18.13
CA GLN B 9 -21.54 23.01 19.08
C GLN B 9 -20.43 22.02 18.71
N GLN B 10 -20.56 21.37 17.57
CA GLN B 10 -19.57 20.40 17.12
C GLN B 10 -19.25 20.60 15.64
N ARG B 11 -18.08 20.13 15.23
CA ARG B 11 -17.67 20.25 13.83
C ARG B 11 -17.94 18.95 13.09
N ALA B 12 -18.55 19.07 11.91
CA ALA B 12 -18.87 17.89 11.12
C ALA B 12 -17.78 17.64 10.07
N PRO B 13 -17.60 16.41 9.62
CA PRO B 13 -16.56 16.10 8.59
C PRO B 13 -17.04 16.44 7.18
N PHE B 14 -16.09 16.55 6.25
CA PHE B 14 -16.42 16.87 4.86
C PHE B 14 -15.71 15.90 3.91
N PRO B 15 -16.23 15.70 2.71
CA PRO B 15 -15.58 14.75 1.74
C PRO B 15 -14.14 15.16 1.46
N GLY B 16 -13.23 14.20 1.59
CA GLY B 16 -11.81 14.45 1.33
C GLY B 16 -10.98 14.62 2.60
N GLN B 17 -11.61 14.62 3.78
CA GLN B 17 -10.88 14.72 5.04
C GLN B 17 -9.86 13.59 5.15
N MET B 18 -8.65 13.93 5.55
CA MET B 18 -7.58 12.93 5.66
C MET B 18 -7.80 12.05 6.89
N PRO B 19 -7.66 10.74 6.80
CA PRO B 19 -7.77 9.87 8.02
C PRO B 19 -6.64 10.13 9.00
N ASN B 20 -6.89 9.85 10.29
CA ASN B 20 -5.87 10.04 11.31
C ASN B 20 -5.32 8.69 11.76
N LEU B 21 -4.06 8.42 11.41
CA LEU B 21 -3.43 7.16 11.78
C LEU B 21 -3.14 7.13 13.28
N PRO B 22 -3.11 5.97 13.90
CA PRO B 22 -2.71 5.88 15.34
C PRO B 22 -1.20 5.94 15.50
N LYS B 23 -0.73 6.65 16.51
CA LYS B 23 0.70 6.77 16.75
C LYS B 23 1.15 5.74 17.80
N PRO B 24 2.13 4.90 17.54
CA PRO B 24 2.68 4.00 18.59
C PRO B 24 3.53 4.77 19.61
N PRO B 25 3.67 4.27 20.83
CA PRO B 25 4.52 4.95 21.86
C PRO B 25 5.91 5.27 21.33
N LEU B 26 6.57 6.26 21.92
CA LEU B 26 7.89 6.69 21.47
C LEU B 26 8.86 5.52 21.28
N PHE B 27 8.69 4.46 22.07
CA PHE B 27 9.59 3.32 22.02
C PHE B 27 9.70 2.76 20.60
N TRP B 28 8.58 2.75 19.89
CA TRP B 28 8.53 2.19 18.55
C TRP B 28 9.47 2.94 17.62
N GLN B 29 9.41 4.26 17.64
CA GLN B 29 10.23 5.08 16.76
C GLN B 29 11.71 4.85 17.05
N GLN B 30 12.08 4.89 18.32
CA GLN B 30 13.47 4.76 18.71
C GLN B 30 14.03 3.42 18.25
N GLU B 31 13.26 2.35 18.44
CA GLU B 31 13.73 1.02 18.10
C GLU B 31 14.07 0.92 16.63
N ALA B 32 13.19 1.44 15.78
CA ALA B 32 13.40 1.37 14.34
C ALA B 32 14.69 2.07 13.94
N GLN B 33 14.86 3.29 14.46
CA GLN B 33 16.02 4.10 14.10
C GLN B 33 17.32 3.38 14.45
N LYS B 34 17.35 2.77 15.64
CA LYS B 34 18.55 2.09 16.10
C LYS B 34 18.90 0.90 15.21
N GLN B 35 17.90 0.09 14.89
CA GLN B 35 18.11 -1.11 14.07
C GLN B 35 18.78 -0.75 12.75
N GLU B 36 18.25 0.28 12.09
CA GLU B 36 18.83 0.73 10.82
C GLU B 36 20.24 1.27 11.01
N ALA B 37 20.47 1.96 12.13
CA ALA B 37 21.79 2.52 12.42
C ALA B 37 22.82 1.41 12.57
N LEU B 38 24.07 1.72 12.23
CA LEU B 38 25.15 0.73 12.33
C LEU B 38 26.42 1.39 12.86
N GLY A 1 -17.37 -1.71 -17.56
CA GLY A 1 -15.96 -1.81 -17.07
C GLY A 1 -15.83 -1.17 -15.68
N PRO A 2 -16.68 -1.51 -14.73
CA PRO A 2 -16.65 -0.85 -13.38
C PRO A 2 -15.35 -1.15 -12.63
N HIS A 3 -14.82 -0.14 -11.95
CA HIS A 3 -13.58 -0.31 -11.19
C HIS A 3 -13.73 -1.43 -10.16
N MET A 4 -14.89 -1.49 -9.52
CA MET A 4 -15.14 -2.51 -8.51
C MET A 4 -15.75 -3.76 -9.15
N ALA A 5 -15.61 -4.89 -8.48
CA ALA A 5 -16.15 -6.15 -8.98
C ALA A 5 -16.74 -6.98 -7.85
N ASP A 6 -17.66 -7.87 -8.20
CA ASP A 6 -18.31 -8.72 -7.21
C ASP A 6 -17.28 -9.60 -6.51
N LEU A 7 -17.69 -10.22 -5.41
CA LEU A 7 -16.79 -11.10 -4.66
C LEU A 7 -16.22 -12.19 -5.55
N MET A 8 -17.06 -12.74 -6.42
CA MET A 8 -16.63 -13.78 -7.34
C MET A 8 -16.00 -13.17 -8.58
N ALA A 9 -14.77 -13.57 -8.87
CA ALA A 9 -14.06 -13.03 -10.02
C ALA A 9 -14.17 -13.98 -11.21
N ASP A 10 -14.44 -13.42 -12.39
CA ASP A 10 -14.55 -14.21 -13.61
C ASP A 10 -13.28 -14.08 -14.45
N GLU A 11 -13.14 -14.94 -15.44
CA GLU A 11 -11.96 -14.92 -16.31
C GLU A 11 -11.90 -13.61 -17.09
N SER A 12 -13.04 -13.15 -17.58
CA SER A 12 -13.08 -11.93 -18.36
C SER A 12 -12.53 -10.76 -17.55
N ILE A 13 -12.90 -10.69 -16.28
CA ILE A 13 -12.45 -9.60 -15.42
C ILE A 13 -10.93 -9.60 -15.33
N THR A 14 -10.35 -10.77 -15.14
CA THR A 14 -8.90 -10.88 -14.98
C THR A 14 -8.19 -10.35 -16.22
N ARG A 15 -8.69 -10.73 -17.39
CA ARG A 15 -8.08 -10.30 -18.64
C ARG A 15 -8.06 -8.77 -18.74
N MET A 16 -9.19 -8.15 -18.43
CA MET A 16 -9.30 -6.70 -18.52
C MET A 16 -8.26 -6.03 -17.65
N ASN A 17 -8.10 -6.53 -16.44
CA ASN A 17 -7.14 -5.94 -15.50
C ASN A 17 -5.73 -6.00 -16.08
N LEU A 18 -5.34 -7.16 -16.59
CA LEU A 18 -4.01 -7.33 -17.14
C LEU A 18 -3.78 -6.38 -18.32
N ALA A 19 -4.84 -6.09 -19.09
CA ALA A 19 -4.72 -5.18 -20.22
C ALA A 19 -4.32 -3.78 -19.75
N ALA A 20 -5.03 -3.27 -18.75
CA ALA A 20 -4.72 -1.94 -18.22
C ALA A 20 -3.28 -1.90 -17.71
N ILE A 21 -2.88 -2.97 -17.02
CA ILE A 21 -1.52 -3.09 -16.49
C ILE A 21 -0.49 -2.89 -17.61
N LYS A 22 -0.62 -3.63 -18.70
CA LYS A 22 0.34 -3.53 -19.79
C LYS A 22 0.52 -2.09 -20.29
N LYS A 23 -0.47 -1.23 -20.06
CA LYS A 23 -0.40 0.15 -20.55
C LYS A 23 0.80 0.89 -19.97
N ILE A 24 1.17 0.57 -18.74
CA ILE A 24 2.28 1.25 -18.06
C ILE A 24 3.48 0.31 -17.95
N ASP A 25 3.22 -0.94 -17.61
CA ASP A 25 4.27 -1.93 -17.42
C ASP A 25 4.12 -3.07 -18.45
N PRO A 26 4.51 -2.86 -19.68
CA PRO A 26 4.31 -3.89 -20.75
C PRO A 26 4.90 -5.26 -20.40
N TYR A 27 5.85 -5.29 -19.47
CA TYR A 27 6.54 -6.55 -19.16
C TYR A 27 5.86 -7.35 -18.05
N ALA A 28 4.66 -6.97 -17.62
CA ALA A 28 3.93 -7.75 -16.63
C ALA A 28 3.32 -8.98 -17.30
N LYS A 29 3.57 -10.16 -16.73
CA LYS A 29 3.09 -11.40 -17.33
C LYS A 29 1.79 -11.85 -16.68
N GLU A 30 1.71 -11.71 -15.37
CA GLU A 30 0.50 -12.10 -14.65
C GLU A 30 0.39 -11.39 -13.31
N ILE A 31 -0.84 -11.27 -12.81
CA ILE A 31 -1.06 -10.66 -11.50
C ILE A 31 -1.02 -11.74 -10.41
N VAL A 32 -0.41 -11.39 -9.29
CA VAL A 32 -0.36 -12.30 -8.15
C VAL A 32 -1.53 -12.03 -7.21
N ASP A 33 -1.76 -10.75 -6.91
CA ASP A 33 -2.87 -10.34 -6.06
C ASP A 33 -3.23 -8.89 -6.33
N SER A 34 -4.46 -8.50 -5.98
CA SER A 34 -4.90 -7.14 -6.21
C SER A 34 -5.78 -6.63 -5.08
N SER A 35 -5.51 -5.41 -4.64
CA SER A 35 -6.31 -4.76 -3.61
C SER A 35 -7.11 -3.62 -4.23
N SER A 36 -8.43 -3.67 -4.05
CA SER A 36 -9.33 -2.74 -4.72
C SER A 36 -8.94 -1.29 -4.48
N HIS A 37 -8.50 -0.99 -3.25
CA HIS A 37 -8.14 0.38 -2.91
C HIS A 37 -7.03 0.41 -1.85
N VAL A 38 -5.96 1.13 -2.19
CA VAL A 38 -4.79 1.24 -1.33
C VAL A 38 -4.19 2.64 -1.46
N ALA A 39 -3.76 3.21 -0.34
CA ALA A 39 -3.20 4.57 -0.33
C ALA A 39 -1.85 4.59 0.39
N PHE A 40 -0.98 5.50 -0.04
CA PHE A 40 0.38 5.57 0.51
C PHE A 40 0.48 6.63 1.61
N TYR A 41 1.11 6.24 2.72
CA TYR A 41 1.34 7.15 3.84
C TYR A 41 2.82 7.14 4.22
N THR A 42 3.36 8.31 4.53
CA THR A 42 4.76 8.44 4.96
C THR A 42 4.80 9.10 6.33
N PHE A 43 5.78 8.71 7.16
CA PHE A 43 5.95 9.35 8.47
C PHE A 43 7.21 10.23 8.46
N ASN A 44 7.06 11.47 8.92
CA ASN A 44 8.19 12.37 9.03
C ASN A 44 8.66 12.45 10.47
N SER A 45 9.90 12.01 10.70
CA SER A 45 10.46 11.97 12.05
C SER A 45 10.69 13.38 12.61
N SER A 46 11.04 14.32 11.73
CA SER A 46 11.34 15.68 12.17
C SER A 46 10.13 16.33 12.83
N GLN A 47 8.94 16.04 12.30
CA GLN A 47 7.72 16.64 12.83
C GLN A 47 7.02 15.73 13.84
N ASN A 48 7.29 14.42 13.80
CA ASN A 48 6.65 13.46 14.68
C ASN A 48 5.18 13.33 14.30
N GLU A 49 4.93 13.21 13.00
CA GLU A 49 3.55 13.14 12.50
C GLU A 49 3.50 12.44 11.15
N TRP A 50 2.37 11.81 10.85
CA TRP A 50 2.18 11.16 9.55
C TRP A 50 1.65 12.16 8.53
N GLU A 51 2.10 12.04 7.29
CA GLU A 51 1.61 12.87 6.20
C GLU A 51 1.07 12.01 5.07
N LYS A 52 -0.14 12.29 4.63
CA LYS A 52 -0.73 11.55 3.51
C LYS A 52 -0.09 11.99 2.20
N THR A 53 0.20 11.02 1.33
CA THR A 53 0.83 11.33 0.05
C THR A 53 -0.23 11.56 -1.02
N ASP A 54 0.19 12.09 -2.16
CA ASP A 54 -0.74 12.33 -3.27
C ASP A 54 -0.96 11.07 -4.12
N VAL A 55 -0.53 9.91 -3.64
CA VAL A 55 -0.72 8.67 -4.37
C VAL A 55 -1.89 7.88 -3.79
N GLU A 56 -3.00 7.86 -4.52
CA GLU A 56 -4.18 7.10 -4.13
C GLU A 56 -4.64 6.29 -5.33
N GLY A 57 -4.54 4.97 -5.23
CA GLY A 57 -4.75 4.13 -6.40
C GLY A 57 -5.02 2.68 -6.03
N ALA A 58 -5.28 1.87 -7.06
CA ALA A 58 -5.46 0.45 -6.86
C ALA A 58 -4.10 -0.22 -6.78
N PHE A 59 -3.92 -1.12 -5.81
CA PHE A 59 -2.62 -1.76 -5.60
C PHE A 59 -2.61 -3.14 -6.25
N PHE A 60 -1.58 -3.39 -7.06
CA PHE A 60 -1.41 -4.69 -7.70
C PHE A 60 0.02 -5.20 -7.53
N ILE A 61 0.17 -6.50 -7.35
CA ILE A 61 1.50 -7.10 -7.35
C ILE A 61 1.75 -7.77 -8.69
N TYR A 62 2.88 -7.46 -9.31
CA TYR A 62 3.18 -7.96 -10.65
C TYR A 62 4.29 -9.00 -10.61
N HIS A 63 4.08 -10.09 -11.35
CA HIS A 63 5.07 -11.15 -11.47
C HIS A 63 5.52 -11.29 -12.93
N ARG A 64 6.80 -11.58 -13.11
CA ARG A 64 7.35 -11.76 -14.46
C ARG A 64 8.38 -12.89 -14.45
N ASN A 65 8.48 -13.62 -15.56
CA ASN A 65 9.45 -14.70 -15.67
C ASN A 65 10.82 -14.21 -16.15
N ALA A 66 11.15 -12.95 -15.86
CA ALA A 66 12.43 -12.37 -16.25
C ALA A 66 12.75 -11.17 -15.38
N GLU A 67 13.98 -10.70 -15.43
CA GLU A 67 14.39 -9.57 -14.60
C GLU A 67 13.60 -8.31 -15.00
N PRO A 68 12.96 -7.58 -14.11
CA PRO A 68 12.88 -7.86 -12.64
C PRO A 68 11.94 -9.02 -12.34
N PHE A 69 12.32 -9.87 -11.39
CA PHE A 69 11.53 -11.05 -11.04
C PHE A 69 10.18 -10.65 -10.45
N HIS A 70 10.21 -9.72 -9.50
CA HIS A 70 8.98 -9.31 -8.82
C HIS A 70 8.99 -7.81 -8.54
N SER A 71 7.84 -7.17 -8.76
CA SER A 71 7.74 -5.73 -8.59
C SER A 71 6.32 -5.35 -8.21
N ILE A 72 6.19 -4.24 -7.48
CA ILE A 72 4.88 -3.75 -7.06
C ILE A 72 4.50 -2.52 -7.88
N PHE A 73 3.23 -2.43 -8.24
CA PHE A 73 2.75 -1.33 -9.05
C PHE A 73 1.49 -0.72 -8.45
N ILE A 74 1.36 0.60 -8.52
CA ILE A 74 0.13 1.27 -8.08
C ILE A 74 -0.39 2.20 -9.17
N ASN A 75 -1.68 2.07 -9.45
CA ASN A 75 -2.35 2.86 -10.47
C ASN A 75 -3.08 4.04 -9.82
N ASN A 76 -2.45 5.21 -9.85
CA ASN A 76 -3.00 6.40 -9.20
C ASN A 76 -4.19 6.95 -9.99
N ARG A 77 -5.38 6.75 -9.45
CA ARG A 77 -6.61 7.04 -10.20
C ARG A 77 -6.85 8.54 -10.30
N LEU A 78 -6.62 9.25 -9.21
CA LEU A 78 -6.93 10.68 -9.16
C LEU A 78 -5.97 11.50 -10.01
N ASN A 79 -4.67 11.20 -9.88
CA ASN A 79 -3.66 12.00 -10.58
C ASN A 79 -3.22 11.41 -11.92
N THR A 80 -3.74 10.23 -12.30
CA THR A 80 -3.43 9.66 -13.61
C THR A 80 -1.91 9.53 -13.79
N THR A 81 -1.24 9.08 -12.75
CA THR A 81 0.21 8.94 -12.77
C THR A 81 0.62 7.53 -12.36
N SER A 82 1.70 7.04 -12.98
CA SER A 82 2.18 5.70 -12.68
C SER A 82 3.20 5.70 -11.55
N PHE A 83 3.00 4.83 -10.57
CA PHE A 83 3.97 4.67 -9.48
C PHE A 83 4.51 3.24 -9.46
N VAL A 84 5.83 3.10 -9.57
CA VAL A 84 6.45 1.78 -9.63
C VAL A 84 7.52 1.64 -8.55
N GLU A 85 7.65 0.44 -8.00
CA GLU A 85 8.71 0.17 -7.03
C GLU A 85 9.17 -1.31 -7.13
N PRO A 86 10.44 -1.61 -7.31
CA PRO A 86 10.92 -3.03 -7.32
C PRO A 86 10.97 -3.62 -5.90
N ILE A 87 10.78 -4.93 -5.80
CA ILE A 87 10.83 -5.59 -4.49
C ILE A 87 12.24 -6.12 -4.22
N THR A 88 12.84 -5.63 -3.13
CA THR A 88 14.15 -6.13 -2.70
C THR A 88 13.95 -7.13 -1.57
N GLY A 89 14.91 -8.05 -1.42
CA GLY A 89 14.82 -9.07 -0.37
C GLY A 89 15.52 -8.67 0.91
N SER A 90 15.65 -7.35 1.14
CA SER A 90 16.21 -6.84 2.40
C SER A 90 15.16 -6.15 3.27
N LEU A 91 13.98 -5.86 2.71
CA LEU A 91 12.95 -5.12 3.45
C LEU A 91 12.39 -5.94 4.60
N GLU A 92 12.04 -5.26 5.68
CA GLU A 92 11.43 -5.91 6.83
C GLU A 92 10.02 -5.35 7.06
N LEU A 93 9.06 -6.24 7.32
CA LEU A 93 7.67 -5.84 7.49
C LEU A 93 7.23 -6.04 8.94
N GLN A 94 6.21 -5.27 9.34
CA GLN A 94 5.67 -5.37 10.69
C GLN A 94 4.18 -5.08 10.66
N SER A 95 3.41 -5.76 11.50
CA SER A 95 1.97 -5.54 11.54
C SER A 95 1.61 -4.64 12.71
N GLN A 96 1.22 -3.40 12.40
CA GLN A 96 0.68 -2.49 13.41
C GLN A 96 -0.83 -2.38 13.17
N PRO A 97 -1.68 -3.01 13.97
CA PRO A 97 -3.13 -3.09 13.62
C PRO A 97 -3.84 -1.74 13.78
N PRO A 98 -4.80 -1.38 12.94
CA PRO A 98 -5.24 -2.13 11.72
C PRO A 98 -4.47 -1.74 10.45
N PHE A 99 -3.36 -1.04 10.61
CA PHE A 99 -2.56 -0.56 9.48
C PHE A 99 -1.42 -1.53 9.17
N LEU A 100 -0.73 -1.32 8.04
CA LEU A 100 0.45 -2.12 7.72
C LEU A 100 1.68 -1.22 7.68
N LEU A 101 2.77 -1.67 8.32
CA LEU A 101 3.97 -0.84 8.47
C LEU A 101 5.18 -1.58 7.93
N TYR A 102 6.07 -0.85 7.25
CA TYR A 102 7.31 -1.44 6.78
C TYR A 102 8.46 -0.43 6.89
N ARG A 103 9.66 -0.94 7.09
CA ARG A 103 10.83 -0.08 7.30
C ARG A 103 11.69 0.02 6.05
N ASN A 104 12.30 1.19 5.86
CA ASN A 104 13.14 1.43 4.70
C ASN A 104 14.51 1.97 5.10
N GLU A 105 15.49 1.78 4.22
CA GLU A 105 16.87 2.19 4.49
C GLU A 105 16.94 3.63 4.99
N ARG A 106 17.95 3.90 5.82
CA ARG A 106 18.17 5.23 6.39
C ARG A 106 17.04 5.65 7.31
N SER A 107 16.39 4.70 7.98
CA SER A 107 15.53 5.01 9.12
C SER A 107 14.27 5.75 8.68
N ARG A 108 13.75 5.39 7.51
CA ARG A 108 12.52 6.00 7.02
C ARG A 108 11.35 5.05 7.30
N ILE A 109 10.20 5.60 7.70
CA ILE A 109 9.06 4.77 8.04
C ILE A 109 7.93 5.04 7.03
N ARG A 110 7.46 3.97 6.39
CA ARG A 110 6.42 4.08 5.38
C ARG A 110 5.39 2.99 5.61
N GLY A 111 4.14 3.28 5.32
CA GLY A 111 3.06 2.34 5.55
C GLY A 111 1.98 2.43 4.48
N PHE A 112 1.08 1.45 4.49
CA PHE A 112 -0.02 1.40 3.54
C PHE A 112 -1.35 1.29 4.26
N TRP A 113 -2.37 1.96 3.70
CA TRP A 113 -3.73 1.87 4.21
C TRP A 113 -4.56 1.04 3.25
N PHE A 114 -5.20 -0.02 3.77
CA PHE A 114 -6.02 -0.89 2.94
C PHE A 114 -7.49 -0.75 3.30
N TYR A 115 -8.34 -0.75 2.28
CA TYR A 115 -9.79 -0.64 2.49
C TYR A 115 -10.29 -1.65 3.52
N ASN A 116 -9.73 -2.86 3.49
CA ASN A 116 -10.14 -3.91 4.41
C ASN A 116 -8.91 -4.57 5.03
N SER A 117 -8.96 -4.80 6.35
CA SER A 117 -7.83 -5.38 7.07
C SER A 117 -7.51 -6.79 6.57
N GLU A 118 -8.56 -7.58 6.33
CA GLU A 118 -8.38 -8.93 5.82
C GLU A 118 -7.65 -8.90 4.48
N GLU A 119 -8.08 -7.98 3.62
CA GLU A 119 -7.47 -7.81 2.31
C GLU A 119 -5.97 -7.56 2.46
N CYS A 120 -5.63 -6.69 3.40
CA CYS A 120 -4.24 -6.38 3.69
C CYS A 120 -3.49 -7.65 4.10
N ASP A 121 -4.13 -8.49 4.89
CA ASP A 121 -3.49 -9.70 5.40
C ASP A 121 -3.02 -10.58 4.25
N ARG A 122 -3.89 -10.77 3.26
CA ARG A 122 -3.56 -11.65 2.14
C ARG A 122 -2.35 -11.12 1.38
N ILE A 123 -2.37 -9.84 1.03
CA ILE A 123 -1.26 -9.25 0.27
C ILE A 123 0.04 -9.41 1.04
N SER A 124 -0.01 -9.14 2.34
CA SER A 124 1.19 -9.21 3.17
C SER A 124 1.79 -10.60 3.15
N GLY A 125 0.93 -11.61 3.27
CA GLY A 125 1.41 -13.00 3.28
C GLY A 125 2.19 -13.32 2.02
N LEU A 126 1.67 -12.87 0.88
CA LEU A 126 2.32 -13.14 -0.40
C LEU A 126 3.73 -12.58 -0.42
N VAL A 127 3.86 -11.32 -0.01
CA VAL A 127 5.17 -10.67 -0.01
C VAL A 127 6.15 -11.45 0.86
N ASN A 128 5.68 -11.85 2.04
CA ASN A 128 6.54 -12.57 2.97
C ASN A 128 7.10 -13.83 2.32
N GLY A 129 6.25 -14.54 1.59
CA GLY A 129 6.66 -15.78 0.93
C GLY A 129 7.77 -15.52 -0.09
N LEU A 130 7.59 -14.48 -0.88
CA LEU A 130 8.58 -14.14 -1.90
C LEU A 130 9.95 -13.87 -1.26
N LEU A 131 9.93 -13.16 -0.14
CA LEU A 131 11.17 -12.82 0.56
C LEU A 131 11.93 -14.08 0.95
N LYS A 132 11.20 -15.10 1.41
CA LYS A 132 11.83 -16.34 1.83
C LYS A 132 11.96 -17.37 0.70
N SER A 133 11.35 -17.10 -0.47
CA SER A 133 11.42 -18.04 -1.58
C SER A 133 12.19 -17.42 -2.74
N LYS A 134 12.97 -18.25 -3.44
CA LYS A 134 13.76 -17.78 -4.56
C LYS A 134 12.86 -17.45 -5.75
N GLY B 1 6.96 28.64 12.87
CA GLY B 1 5.86 27.82 13.47
C GLY B 1 4.57 28.01 12.67
N PRO B 2 3.62 27.11 12.77
CA PRO B 2 2.34 27.25 12.02
C PRO B 2 1.50 28.41 12.52
N GLN B 3 0.80 29.08 11.60
CA GLN B 3 -0.03 30.22 11.97
C GLN B 3 -1.49 29.79 12.10
N ASP B 4 -2.07 30.01 13.27
CA ASP B 4 -3.45 29.64 13.52
C ASP B 4 -4.39 30.59 12.78
N PRO B 5 -5.60 30.16 12.44
CA PRO B 5 -6.56 31.05 11.71
C PRO B 5 -6.75 32.39 12.42
N LEU B 6 -7.06 33.42 11.65
CA LEU B 6 -7.24 34.76 12.21
C LEU B 6 -8.48 34.83 13.09
N LEU B 7 -9.58 34.27 12.61
CA LEU B 7 -10.84 34.30 13.34
C LEU B 7 -11.56 32.95 13.26
N GLN B 8 -12.00 32.45 14.41
CA GLN B 8 -12.71 31.18 14.46
C GLN B 8 -13.92 31.28 15.38
N GLN B 9 -15.08 30.89 14.87
CA GLN B 9 -16.31 30.93 15.67
C GLN B 9 -16.62 29.55 16.24
N GLN B 10 -16.95 28.61 15.37
CA GLN B 10 -17.26 27.26 15.80
C GLN B 10 -16.64 26.24 14.85
N ARG B 11 -16.25 25.09 15.40
CA ARG B 11 -15.63 24.04 14.60
C ARG B 11 -16.64 22.94 14.31
N ALA B 12 -16.92 22.70 13.03
CA ALA B 12 -17.87 21.67 12.62
C ALA B 12 -17.13 20.49 11.98
N PRO B 13 -17.75 19.33 11.88
CA PRO B 13 -17.09 18.15 11.25
C PRO B 13 -16.83 18.37 9.76
N PHE B 14 -15.70 17.87 9.28
CA PHE B 14 -15.33 18.02 7.87
C PHE B 14 -15.33 16.67 7.16
N PRO B 15 -16.37 16.32 6.42
CA PRO B 15 -16.39 15.03 5.67
C PRO B 15 -15.21 14.92 4.71
N GLY B 16 -14.48 13.82 4.78
CA GLY B 16 -13.33 13.60 3.91
C GLY B 16 -11.99 13.87 4.61
N GLN B 17 -12.01 14.35 5.85
CA GLN B 17 -10.77 14.60 6.59
C GLN B 17 -9.90 13.36 6.64
N MET B 18 -8.58 13.56 6.61
CA MET B 18 -7.65 12.44 6.61
C MET B 18 -7.82 11.61 7.89
N PRO B 19 -7.69 10.30 7.84
CA PRO B 19 -7.75 9.47 9.09
C PRO B 19 -6.60 9.80 10.04
N ASN B 20 -6.82 9.57 11.33
CA ASN B 20 -5.79 9.83 12.33
C ASN B 20 -5.05 8.54 12.69
N LEU B 21 -3.88 8.33 12.11
CA LEU B 21 -3.10 7.13 12.39
C LEU B 21 -2.61 7.17 13.84
N PRO B 22 -2.70 6.09 14.59
CA PRO B 22 -2.12 6.06 15.97
C PRO B 22 -0.62 5.83 15.92
N LYS B 23 0.11 6.54 16.78
CA LYS B 23 1.57 6.38 16.84
C LYS B 23 1.94 5.42 17.98
N PRO B 24 2.69 4.36 17.76
CA PRO B 24 3.11 3.45 18.87
C PRO B 24 3.97 4.20 19.91
N PRO B 25 4.18 3.64 21.08
CA PRO B 25 5.02 4.30 22.12
C PRO B 25 6.37 4.75 21.55
N LEU B 26 6.99 5.73 22.19
CA LEU B 26 8.24 6.30 21.71
C LEU B 26 9.28 5.22 21.38
N PHE B 27 9.22 4.09 22.08
CA PHE B 27 10.21 3.03 21.88
C PHE B 27 10.27 2.58 20.43
N TRP B 28 9.12 2.57 19.76
CA TRP B 28 9.03 2.10 18.38
C TRP B 28 9.90 2.95 17.46
N GLN B 29 9.79 4.27 17.59
CA GLN B 29 10.55 5.17 16.75
C GLN B 29 12.05 5.06 17.04
N GLN B 30 12.41 5.07 18.31
CA GLN B 30 13.82 5.03 18.70
C GLN B 30 14.50 3.79 18.15
N GLU B 31 13.82 2.65 18.27
CA GLU B 31 14.39 1.39 17.83
C GLU B 31 14.72 1.44 16.34
N ALA B 32 13.77 1.92 15.55
CA ALA B 32 13.97 1.97 14.11
C ALA B 32 15.19 2.80 13.75
N GLN B 33 15.31 3.96 14.40
CA GLN B 33 16.40 4.89 14.10
C GLN B 33 17.76 4.25 14.37
N LYS B 34 17.89 3.58 15.51
CA LYS B 34 19.17 3.01 15.91
C LYS B 34 19.63 1.95 14.92
N GLN B 35 18.72 1.05 14.58
CA GLN B 35 19.06 -0.07 13.70
C GLN B 35 19.46 0.41 12.30
N GLU B 36 18.66 1.28 11.71
CA GLU B 36 18.92 1.74 10.34
C GLU B 36 19.79 3.01 10.30
N ALA B 37 20.44 3.36 11.40
CA ALA B 37 21.30 4.54 11.42
C ALA B 37 22.54 4.29 12.27
N LEU B 38 23.63 4.96 11.93
CA LEU B 38 24.88 4.80 12.68
C LEU B 38 25.05 5.93 13.67
N GLY A 1 -24.66 -5.31 2.01
CA GLY A 1 -25.53 -4.35 1.25
C GLY A 1 -25.83 -4.93 -0.13
N PRO A 2 -24.92 -4.84 -1.07
CA PRO A 2 -25.15 -5.37 -2.46
C PRO A 2 -25.21 -6.90 -2.47
N HIS A 3 -26.24 -7.44 -3.09
CA HIS A 3 -26.42 -8.89 -3.19
C HIS A 3 -26.23 -9.36 -4.63
N MET A 4 -26.74 -8.60 -5.57
CA MET A 4 -26.64 -8.96 -6.99
C MET A 4 -25.17 -9.14 -7.38
N ALA A 5 -24.30 -8.29 -6.85
CA ALA A 5 -22.88 -8.37 -7.17
C ALA A 5 -22.32 -9.74 -6.86
N ASP A 6 -21.46 -10.25 -7.73
CA ASP A 6 -20.87 -11.57 -7.55
C ASP A 6 -19.65 -11.48 -6.64
N LEU A 7 -19.64 -12.28 -5.57
CA LEU A 7 -18.52 -12.28 -4.64
C LEU A 7 -17.22 -12.62 -5.36
N MET A 8 -17.29 -13.56 -6.28
CA MET A 8 -16.10 -13.96 -7.04
C MET A 8 -16.00 -13.17 -8.33
N ALA A 9 -14.82 -12.65 -8.62
CA ALA A 9 -14.60 -11.87 -9.84
C ALA A 9 -14.65 -12.77 -11.07
N ASP A 10 -15.32 -12.29 -12.11
CA ASP A 10 -15.43 -13.06 -13.34
C ASP A 10 -14.11 -13.03 -14.11
N GLU A 11 -13.91 -14.02 -14.97
CA GLU A 11 -12.68 -14.10 -15.77
C GLU A 11 -12.51 -12.86 -16.64
N SER A 12 -13.62 -12.35 -17.17
CA SER A 12 -13.58 -11.17 -18.04
C SER A 12 -12.92 -10.00 -17.30
N ILE A 13 -13.27 -9.84 -16.03
CA ILE A 13 -12.72 -8.76 -15.23
C ILE A 13 -11.21 -8.87 -15.15
N THR A 14 -10.72 -10.08 -14.91
CA THR A 14 -9.29 -10.30 -14.77
C THR A 14 -8.55 -9.86 -16.04
N ARG A 15 -9.09 -10.24 -17.18
CA ARG A 15 -8.46 -9.92 -18.46
C ARG A 15 -8.33 -8.40 -18.61
N MET A 16 -9.41 -7.69 -18.33
CA MET A 16 -9.43 -6.24 -18.48
C MET A 16 -8.33 -5.62 -17.62
N ASN A 17 -8.20 -6.11 -16.39
CA ASN A 17 -7.21 -5.57 -15.47
C ASN A 17 -5.81 -5.71 -16.04
N LEU A 18 -5.48 -6.90 -16.54
CA LEU A 18 -4.15 -7.14 -17.09
C LEU A 18 -3.87 -6.22 -18.28
N ALA A 19 -4.91 -5.89 -19.05
CA ALA A 19 -4.74 -5.01 -20.20
C ALA A 19 -4.28 -3.63 -19.74
N ALA A 20 -4.97 -3.06 -18.76
CA ALA A 20 -4.59 -1.75 -18.24
C ALA A 20 -3.17 -1.76 -17.70
N ILE A 21 -2.82 -2.85 -17.00
CA ILE A 21 -1.49 -3.03 -16.46
C ILE A 21 -0.43 -2.87 -17.55
N LYS A 22 -0.57 -3.62 -18.64
CA LYS A 22 0.41 -3.57 -19.72
C LYS A 22 0.67 -2.15 -20.21
N LYS A 23 -0.27 -1.24 -20.03
CA LYS A 23 -0.13 0.13 -20.52
C LYS A 23 1.08 0.83 -19.91
N ILE A 24 1.39 0.50 -18.66
CA ILE A 24 2.49 1.16 -17.95
C ILE A 24 3.67 0.19 -17.78
N ASP A 25 3.35 -1.06 -17.46
CA ASP A 25 4.37 -2.08 -17.21
C ASP A 25 4.26 -3.20 -18.25
N PRO A 26 4.76 -2.98 -19.46
CA PRO A 26 4.64 -4.01 -20.56
C PRO A 26 5.16 -5.39 -20.15
N TYR A 27 6.01 -5.45 -19.13
CA TYR A 27 6.65 -6.72 -18.76
C TYR A 27 5.89 -7.46 -17.65
N ALA A 28 4.63 -7.12 -17.41
CA ALA A 28 3.80 -7.86 -16.47
C ALA A 28 3.03 -8.95 -17.22
N LYS A 29 3.13 -10.19 -16.75
CA LYS A 29 2.49 -11.31 -17.44
C LYS A 29 1.20 -11.70 -16.73
N GLU A 30 1.23 -11.71 -15.41
CA GLU A 30 0.06 -12.09 -14.64
C GLU A 30 0.02 -11.39 -13.28
N ILE A 31 -1.18 -11.26 -12.72
CA ILE A 31 -1.33 -10.65 -11.41
C ILE A 31 -1.32 -11.72 -10.32
N VAL A 32 -0.59 -11.45 -9.24
CA VAL A 32 -0.55 -12.36 -8.10
C VAL A 32 -1.69 -12.04 -7.13
N ASP A 33 -1.85 -10.75 -6.83
CA ASP A 33 -2.93 -10.30 -5.97
C ASP A 33 -3.31 -8.87 -6.30
N SER A 34 -4.53 -8.48 -5.97
CA SER A 34 -4.99 -7.12 -6.23
C SER A 34 -5.88 -6.61 -5.11
N SER A 35 -5.58 -5.39 -4.65
CA SER A 35 -6.38 -4.74 -3.62
C SER A 35 -7.17 -3.58 -4.23
N SER A 36 -8.48 -3.60 -4.01
CA SER A 36 -9.38 -2.67 -4.67
C SER A 36 -8.95 -1.23 -4.43
N HIS A 37 -8.49 -0.94 -3.23
CA HIS A 37 -8.07 0.43 -2.89
C HIS A 37 -6.97 0.44 -1.84
N VAL A 38 -5.88 1.13 -2.17
CA VAL A 38 -4.71 1.21 -1.31
C VAL A 38 -4.08 2.60 -1.44
N ALA A 39 -3.62 3.15 -0.31
CA ALA A 39 -3.05 4.49 -0.30
C ALA A 39 -1.68 4.50 0.40
N PHE A 40 -0.81 5.40 -0.04
CA PHE A 40 0.55 5.47 0.51
C PHE A 40 0.67 6.54 1.59
N TYR A 41 1.28 6.15 2.72
CA TYR A 41 1.48 7.08 3.83
C TYR A 41 2.95 7.14 4.23
N THR A 42 3.42 8.33 4.59
CA THR A 42 4.79 8.52 5.05
C THR A 42 4.77 9.09 6.46
N PHE A 43 5.77 8.75 7.28
CA PHE A 43 5.87 9.32 8.62
C PHE A 43 7.05 10.29 8.71
N ASN A 44 6.79 11.46 9.28
CA ASN A 44 7.83 12.46 9.46
C ASN A 44 8.25 12.50 10.92
N SER A 45 9.51 12.15 11.18
CA SER A 45 10.02 12.09 12.55
C SER A 45 10.15 13.47 13.18
N SER A 46 10.43 14.48 12.37
CA SER A 46 10.62 15.83 12.89
C SER A 46 9.35 16.33 13.58
N GLN A 47 8.19 16.00 13.00
CA GLN A 47 6.92 16.45 13.55
C GLN A 47 6.28 15.40 14.47
N ASN A 48 6.66 14.13 14.34
CA ASN A 48 6.08 13.05 15.13
C ASN A 48 4.63 12.82 14.71
N GLU A 49 4.40 12.82 13.40
CA GLU A 49 3.05 12.67 12.88
C GLU A 49 3.08 12.00 11.50
N TRP A 50 1.91 11.53 11.07
CA TRP A 50 1.78 10.90 9.76
C TRP A 50 1.31 11.92 8.72
N GLU A 51 1.85 11.82 7.51
CA GLU A 51 1.43 12.70 6.42
C GLU A 51 0.98 11.85 5.23
N LYS A 52 -0.23 12.12 4.73
CA LYS A 52 -0.73 11.39 3.57
C LYS A 52 -0.05 11.89 2.31
N THR A 53 0.28 10.97 1.41
CA THR A 53 0.96 11.34 0.17
C THR A 53 -0.07 11.60 -0.93
N ASP A 54 0.40 12.08 -2.08
CA ASP A 54 -0.48 12.34 -3.21
C ASP A 54 -0.72 11.08 -4.05
N VAL A 55 -0.34 9.91 -3.55
CA VAL A 55 -0.54 8.66 -4.30
C VAL A 55 -1.71 7.87 -3.72
N GLU A 56 -2.82 7.88 -4.44
CA GLU A 56 -3.99 7.10 -4.06
C GLU A 56 -4.46 6.30 -5.26
N GLY A 57 -4.39 4.98 -5.16
CA GLY A 57 -4.60 4.14 -6.34
C GLY A 57 -4.90 2.70 -5.96
N ALA A 58 -5.17 1.89 -6.98
CA ALA A 58 -5.37 0.47 -6.78
C ALA A 58 -4.02 -0.22 -6.70
N PHE A 59 -3.87 -1.15 -5.76
CA PHE A 59 -2.59 -1.82 -5.56
C PHE A 59 -2.59 -3.18 -6.23
N PHE A 60 -1.56 -3.45 -7.02
CA PHE A 60 -1.43 -4.74 -7.69
C PHE A 60 -0.01 -5.28 -7.54
N ILE A 61 0.11 -6.58 -7.37
CA ILE A 61 1.42 -7.23 -7.38
C ILE A 61 1.64 -7.89 -8.73
N TYR A 62 2.78 -7.59 -9.37
CA TYR A 62 3.03 -8.08 -10.72
C TYR A 62 4.12 -9.17 -10.71
N HIS A 63 3.84 -10.24 -11.43
CA HIS A 63 4.82 -11.32 -11.59
C HIS A 63 5.17 -11.50 -13.06
N ARG A 64 6.45 -11.76 -13.31
CA ARG A 64 6.93 -12.02 -14.68
C ARG A 64 8.00 -13.10 -14.65
N ASN A 65 8.08 -13.87 -15.73
CA ASN A 65 9.07 -14.95 -15.82
C ASN A 65 10.42 -14.46 -16.34
N ALA A 66 10.74 -13.18 -16.11
CA ALA A 66 12.00 -12.61 -16.57
C ALA A 66 12.34 -11.38 -15.74
N GLU A 67 13.56 -10.87 -15.91
CA GLU A 67 14.00 -9.72 -15.13
C GLU A 67 13.14 -8.49 -15.48
N PRO A 68 12.52 -7.79 -14.55
CA PRO A 68 12.52 -8.10 -13.08
C PRO A 68 11.59 -9.25 -12.74
N PHE A 69 12.02 -10.11 -11.81
CA PHE A 69 11.24 -11.27 -11.44
C PHE A 69 9.93 -10.87 -10.77
N HIS A 70 10.02 -9.96 -9.79
CA HIS A 70 8.85 -9.55 -9.03
C HIS A 70 8.90 -8.06 -8.73
N SER A 71 7.76 -7.40 -8.92
CA SER A 71 7.68 -5.96 -8.71
C SER A 71 6.29 -5.55 -8.27
N ILE A 72 6.19 -4.45 -7.53
CA ILE A 72 4.90 -3.96 -7.06
C ILE A 72 4.54 -2.69 -7.83
N PHE A 73 3.27 -2.57 -8.18
CA PHE A 73 2.80 -1.43 -8.98
C PHE A 73 1.56 -0.82 -8.35
N ILE A 74 1.46 0.50 -8.39
CA ILE A 74 0.24 1.19 -7.95
C ILE A 74 -0.26 2.14 -9.04
N ASN A 75 -1.55 2.03 -9.34
CA ASN A 75 -2.19 2.85 -10.37
C ASN A 75 -2.91 4.02 -9.71
N ASN A 76 -2.28 5.18 -9.72
CA ASN A 76 -2.82 6.38 -9.07
C ASN A 76 -4.01 6.92 -9.87
N ARG A 77 -5.20 6.70 -9.35
CA ARG A 77 -6.43 6.98 -10.10
C ARG A 77 -6.68 8.47 -10.22
N LEU A 78 -6.46 9.20 -9.13
CA LEU A 78 -6.78 10.63 -9.11
C LEU A 78 -5.81 11.45 -9.95
N ASN A 79 -4.52 11.16 -9.80
CA ASN A 79 -3.50 11.96 -10.49
C ASN A 79 -3.04 11.35 -11.83
N THR A 80 -3.55 10.17 -12.20
CA THR A 80 -3.21 9.57 -13.48
C THR A 80 -1.69 9.45 -13.64
N THR A 81 -1.04 9.01 -12.57
CA THR A 81 0.41 8.89 -12.56
C THR A 81 0.82 7.46 -12.18
N SER A 82 1.86 6.96 -12.82
CA SER A 82 2.34 5.61 -12.55
C SER A 82 3.35 5.60 -11.41
N PHE A 83 3.15 4.71 -10.44
CA PHE A 83 4.11 4.53 -9.36
C PHE A 83 4.63 3.10 -9.36
N VAL A 84 5.94 2.95 -9.47
CA VAL A 84 6.55 1.61 -9.56
C VAL A 84 7.62 1.44 -8.47
N GLU A 85 7.75 0.23 -7.95
CA GLU A 85 8.82 -0.08 -7.01
C GLU A 85 9.25 -1.55 -7.14
N PRO A 86 10.52 -1.87 -7.33
CA PRO A 86 10.96 -3.30 -7.40
C PRO A 86 11.01 -3.96 -6.03
N ILE A 87 10.80 -5.28 -5.98
CA ILE A 87 10.88 -6.00 -4.71
C ILE A 87 12.29 -6.54 -4.49
N THR A 88 12.80 -6.35 -3.29
CA THR A 88 14.11 -6.87 -2.92
C THR A 88 14.03 -7.58 -1.56
N GLY A 89 14.99 -8.46 -1.30
CA GLY A 89 14.98 -9.22 -0.05
C GLY A 89 15.84 -8.56 1.02
N SER A 90 15.86 -7.23 1.02
CA SER A 90 16.53 -6.47 2.07
C SER A 90 15.53 -5.77 3.00
N LEU A 91 14.31 -5.53 2.51
CA LEU A 91 13.30 -4.80 3.28
C LEU A 91 12.83 -5.61 4.48
N GLU A 92 12.48 -4.91 5.56
CA GLU A 92 11.94 -5.56 6.75
C GLU A 92 10.52 -5.06 7.00
N LEU A 93 9.61 -5.99 7.32
CA LEU A 93 8.21 -5.63 7.52
C LEU A 93 7.79 -5.84 8.97
N GLN A 94 6.72 -5.16 9.37
CA GLN A 94 6.19 -5.29 10.72
C GLN A 94 4.67 -5.08 10.67
N SER A 95 3.94 -5.89 11.44
CA SER A 95 2.48 -5.78 11.44
C SER A 95 2.01 -4.93 12.62
N GLN A 96 1.52 -3.73 12.30
CA GLN A 96 0.88 -2.89 13.31
C GLN A 96 -0.63 -2.89 13.04
N PRO A 97 -1.44 -3.60 13.79
CA PRO A 97 -2.89 -3.76 13.43
C PRO A 97 -3.68 -2.46 13.62
N PRO A 98 -4.59 -2.09 12.74
CA PRO A 98 -4.91 -2.78 11.44
C PRO A 98 -4.07 -2.31 10.26
N PHE A 99 -3.05 -1.48 10.54
CA PHE A 99 -2.21 -0.91 9.49
C PHE A 99 -1.09 -1.88 9.09
N LEU A 100 -0.37 -1.56 8.02
CA LEU A 100 0.85 -2.29 7.68
C LEU A 100 2.04 -1.34 7.69
N LEU A 101 3.13 -1.74 8.35
CA LEU A 101 4.29 -0.86 8.52
C LEU A 101 5.54 -1.54 7.98
N TYR A 102 6.39 -0.76 7.30
CA TYR A 102 7.65 -1.29 6.81
C TYR A 102 8.74 -0.23 6.89
N ARG A 103 9.99 -0.68 7.05
CA ARG A 103 11.11 0.25 7.21
C ARG A 103 11.90 0.37 5.91
N ASN A 104 12.49 1.54 5.69
CA ASN A 104 13.24 1.81 4.47
C ASN A 104 14.61 2.42 4.77
N GLU A 105 15.47 2.42 3.77
CA GLU A 105 16.85 2.91 3.92
C GLU A 105 16.89 4.27 4.60
N ARG A 106 17.97 4.49 5.35
CA ARG A 106 18.18 5.75 6.06
C ARG A 106 17.11 5.99 7.13
N SER A 107 16.57 4.91 7.71
CA SER A 107 15.78 5.03 8.94
C SER A 107 14.48 5.79 8.69
N ARG A 108 13.90 5.58 7.51
CA ARG A 108 12.64 6.24 7.17
C ARG A 108 11.49 5.26 7.40
N ILE A 109 10.32 5.77 7.76
CA ILE A 109 9.17 4.90 8.04
C ILE A 109 8.04 5.19 7.05
N ARG A 110 7.55 4.13 6.43
CA ARG A 110 6.44 4.25 5.50
C ARG A 110 5.45 3.13 5.74
N GLY A 111 4.17 3.40 5.47
CA GLY A 111 3.13 2.41 5.73
C GLY A 111 2.07 2.43 4.64
N PHE A 112 1.19 1.43 4.68
CA PHE A 112 0.13 1.30 3.68
C PHE A 112 -1.22 1.20 4.37
N TRP A 113 -2.21 1.88 3.78
CA TRP A 113 -3.59 1.81 4.25
C TRP A 113 -4.43 1.00 3.26
N PHE A 114 -5.14 -0.01 3.77
CA PHE A 114 -5.97 -0.85 2.91
C PHE A 114 -7.43 -0.70 3.28
N TYR A 115 -8.30 -0.76 2.27
CA TYR A 115 -9.75 -0.67 2.50
C TYR A 115 -10.22 -1.66 3.56
N ASN A 116 -9.63 -2.85 3.57
CA ASN A 116 -9.99 -3.87 4.53
C ASN A 116 -8.74 -4.52 5.13
N SER A 117 -8.75 -4.71 6.45
CA SER A 117 -7.59 -5.26 7.15
C SER A 117 -7.27 -6.66 6.65
N GLU A 118 -8.31 -7.47 6.45
CA GLU A 118 -8.12 -8.83 5.95
C GLU A 118 -7.43 -8.80 4.59
N GLU A 119 -7.88 -7.88 3.74
CA GLU A 119 -7.29 -7.72 2.41
C GLU A 119 -5.79 -7.46 2.53
N CYS A 120 -5.43 -6.58 3.46
CA CYS A 120 -4.03 -6.27 3.70
C CYS A 120 -3.27 -7.51 4.11
N ASP A 121 -3.89 -8.36 4.94
CA ASP A 121 -3.21 -9.54 5.44
C ASP A 121 -2.78 -10.45 4.29
N ARG A 122 -3.68 -10.65 3.34
CA ARG A 122 -3.38 -11.53 2.21
C ARG A 122 -2.17 -11.03 1.44
N ILE A 123 -2.18 -9.75 1.10
CA ILE A 123 -1.09 -9.17 0.32
C ILE A 123 0.24 -9.36 1.07
N SER A 124 0.23 -9.08 2.36
CA SER A 124 1.45 -9.17 3.16
C SER A 124 2.01 -10.58 3.13
N GLY A 125 1.13 -11.57 3.26
CA GLY A 125 1.56 -12.96 3.26
C GLY A 125 2.31 -13.29 1.98
N LEU A 126 1.77 -12.85 0.86
CA LEU A 126 2.38 -13.13 -0.43
C LEU A 126 3.81 -12.60 -0.49
N VAL A 127 3.98 -11.34 -0.07
CA VAL A 127 5.29 -10.71 -0.11
C VAL A 127 6.28 -11.51 0.75
N ASN A 128 5.83 -11.93 1.94
CA ASN A 128 6.69 -12.67 2.84
C ASN A 128 7.22 -13.94 2.17
N GLY A 129 6.34 -14.62 1.45
CA GLY A 129 6.72 -15.85 0.77
C GLY A 129 7.80 -15.61 -0.27
N LEU A 130 7.64 -14.54 -1.03
CA LEU A 130 8.61 -14.20 -2.07
C LEU A 130 9.99 -13.92 -1.46
N LEU A 131 10.00 -13.22 -0.33
CA LEU A 131 11.25 -12.83 0.31
C LEU A 131 12.01 -14.06 0.83
N LYS A 132 11.30 -14.97 1.48
CA LYS A 132 11.95 -16.13 2.09
C LYS A 132 12.43 -17.13 1.05
N SER A 133 11.66 -17.28 -0.03
CA SER A 133 12.00 -18.24 -1.07
C SER A 133 12.53 -17.53 -2.31
N LYS A 134 13.62 -18.06 -2.87
CA LYS A 134 14.22 -17.46 -4.05
C LYS A 134 13.72 -18.15 -5.32
N GLY B 1 -21.14 2.43 11.04
CA GLY B 1 -21.56 2.19 12.45
C GLY B 1 -20.79 3.14 13.37
N PRO B 2 -19.52 2.89 13.62
CA PRO B 2 -18.72 3.77 14.51
C PRO B 2 -18.85 5.24 14.14
N GLN B 3 -18.99 6.10 15.15
CA GLN B 3 -19.12 7.53 14.91
C GLN B 3 -17.83 8.25 15.27
N ASP B 4 -17.31 9.03 14.32
CA ASP B 4 -16.07 9.77 14.55
C ASP B 4 -16.31 10.92 15.53
N PRO B 5 -15.29 11.37 16.24
CA PRO B 5 -15.46 12.50 17.22
C PRO B 5 -16.21 13.68 16.60
N LEU B 6 -17.44 13.88 17.03
CA LEU B 6 -18.24 14.99 16.51
C LEU B 6 -17.62 16.33 16.85
N LEU B 7 -17.06 16.44 18.05
CA LEU B 7 -16.42 17.68 18.48
C LEU B 7 -14.98 17.74 18.00
N GLN B 8 -14.65 18.80 17.26
CA GLN B 8 -13.30 18.98 16.75
C GLN B 8 -12.90 20.45 16.76
N GLN B 9 -11.61 20.71 16.78
CA GLN B 9 -11.12 22.09 16.78
C GLN B 9 -11.63 22.84 15.55
N GLN B 10 -11.62 22.17 14.40
CA GLN B 10 -12.09 22.77 13.15
C GLN B 10 -12.96 21.79 12.38
N ARG B 11 -14.14 22.24 11.99
CA ARG B 11 -15.07 21.39 11.24
C ARG B 11 -14.59 21.22 9.81
N ALA B 12 -14.40 19.96 9.40
CA ALA B 12 -13.96 19.67 8.04
C ALA B 12 -15.10 19.05 7.22
N PRO B 13 -15.07 19.16 5.91
CA PRO B 13 -16.14 18.57 5.06
C PRO B 13 -15.97 17.06 4.89
N PHE B 14 -17.08 16.37 4.65
CA PHE B 14 -17.03 14.91 4.48
C PHE B 14 -16.05 14.52 3.37
N PRO B 15 -16.24 14.93 2.14
CA PRO B 15 -15.34 14.51 1.02
C PRO B 15 -13.92 15.02 1.23
N GLY B 16 -12.95 14.11 1.13
CA GLY B 16 -11.55 14.48 1.31
C GLY B 16 -11.02 14.22 2.72
N GLN B 17 -11.89 13.82 3.65
CA GLN B 17 -11.46 13.56 5.03
C GLN B 17 -10.34 12.52 5.05
N MET B 18 -9.29 12.83 5.80
CA MET B 18 -8.14 11.93 5.90
C MET B 18 -8.32 11.00 7.10
N PRO B 19 -7.96 9.73 7.01
CA PRO B 19 -8.05 8.81 8.19
C PRO B 19 -6.94 9.07 9.20
N ASN B 20 -7.24 8.87 10.47
CA ASN B 20 -6.26 9.12 11.52
C ASN B 20 -5.56 7.83 11.93
N LEU B 21 -4.32 7.67 11.48
CA LEU B 21 -3.53 6.49 11.85
C LEU B 21 -3.25 6.51 13.36
N PRO B 22 -3.11 5.38 14.00
CA PRO B 22 -2.73 5.35 15.45
C PRO B 22 -1.24 5.58 15.63
N LYS B 23 -0.88 6.35 16.64
CA LYS B 23 0.54 6.61 16.92
C LYS B 23 1.03 5.67 18.03
N PRO B 24 2.09 4.91 17.84
CA PRO B 24 2.64 4.04 18.93
C PRO B 24 3.46 4.86 19.94
N PRO B 25 3.82 4.30 21.08
CA PRO B 25 4.66 5.03 22.07
C PRO B 25 6.02 5.39 21.50
N LEU B 26 6.65 6.42 22.06
CA LEU B 26 7.93 6.90 21.55
C LEU B 26 8.95 5.78 21.34
N PHE B 27 8.84 4.70 22.13
CA PHE B 27 9.81 3.61 22.06
C PHE B 27 9.93 3.06 20.64
N TRP B 28 8.80 3.01 19.93
CA TRP B 28 8.77 2.45 18.59
C TRP B 28 9.67 3.24 17.65
N GLN B 29 9.55 4.57 17.68
CA GLN B 29 10.32 5.42 16.79
C GLN B 29 11.82 5.25 17.07
N GLN B 30 12.19 5.34 18.33
CA GLN B 30 13.60 5.28 18.72
C GLN B 30 14.22 3.96 18.26
N GLU B 31 13.52 2.87 18.48
CA GLU B 31 14.04 1.55 18.16
C GLU B 31 14.37 1.45 16.68
N ALA B 32 13.43 1.89 15.84
CA ALA B 32 13.62 1.80 14.40
C ALA B 32 14.85 2.59 13.95
N GLN B 33 14.97 3.81 14.45
CA GLN B 33 16.03 4.71 13.99
C GLN B 33 17.41 4.13 14.30
N LYS B 34 17.60 3.65 15.52
CA LYS B 34 18.92 3.16 15.93
C LYS B 34 19.29 1.85 15.24
N GLN B 35 18.32 0.94 15.11
CA GLN B 35 18.59 -0.35 14.50
C GLN B 35 19.06 -0.19 13.06
N GLU B 36 18.35 0.63 12.29
CA GLU B 36 18.70 0.84 10.88
C GLU B 36 20.05 1.53 10.76
N ALA B 37 20.35 2.45 11.67
CA ALA B 37 21.62 3.16 11.64
C ALA B 37 22.01 3.62 13.04
N LEU B 38 23.31 3.74 13.27
CA LEU B 38 23.81 4.18 14.57
C LEU B 38 25.29 4.53 14.49
N GLY A 1 -14.50 -29.32 -18.64
CA GLY A 1 -14.62 -30.76 -18.32
C GLY A 1 -15.94 -31.03 -17.60
N PRO A 2 -16.05 -30.68 -16.33
CA PRO A 2 -17.32 -30.91 -15.57
C PRO A 2 -18.46 -30.03 -16.09
N HIS A 3 -19.66 -30.61 -16.17
CA HIS A 3 -20.82 -29.88 -16.64
C HIS A 3 -21.05 -28.63 -15.80
N MET A 4 -20.88 -28.76 -14.48
CA MET A 4 -21.08 -27.64 -13.57
C MET A 4 -19.75 -26.98 -13.23
N ALA A 5 -19.82 -25.79 -12.64
CA ALA A 5 -18.62 -25.06 -12.26
C ALA A 5 -18.79 -24.40 -10.90
N ASP A 6 -17.70 -23.93 -10.32
CA ASP A 6 -17.74 -23.28 -9.02
C ASP A 6 -18.68 -22.09 -9.05
N LEU A 7 -19.36 -21.85 -7.92
CA LEU A 7 -20.30 -20.74 -7.82
C LEU A 7 -19.60 -19.42 -8.14
N MET A 8 -18.38 -19.27 -7.65
CA MET A 8 -17.61 -18.05 -7.88
C MET A 8 -16.62 -18.26 -9.03
N ALA A 9 -16.62 -17.34 -9.99
CA ALA A 9 -15.71 -17.45 -11.13
C ALA A 9 -15.88 -16.26 -12.06
N ASP A 10 -14.96 -15.30 -11.99
CA ASP A 10 -15.00 -14.11 -12.82
C ASP A 10 -13.69 -13.95 -13.60
N GLU A 11 -13.50 -14.79 -14.61
CA GLU A 11 -12.27 -14.75 -15.40
C GLU A 11 -12.17 -13.46 -16.22
N SER A 12 -13.31 -12.98 -16.71
CA SER A 12 -13.32 -11.78 -17.54
C SER A 12 -12.69 -10.60 -16.80
N ILE A 13 -13.03 -10.47 -15.52
CA ILE A 13 -12.50 -9.37 -14.72
C ILE A 13 -10.98 -9.44 -14.65
N THR A 14 -10.45 -10.64 -14.44
CA THR A 14 -9.01 -10.81 -14.32
C THR A 14 -8.30 -10.33 -15.59
N ARG A 15 -8.83 -10.74 -16.73
CA ARG A 15 -8.22 -10.38 -18.01
C ARG A 15 -8.18 -8.86 -18.17
N MET A 16 -9.28 -8.21 -17.85
CA MET A 16 -9.36 -6.75 -18.00
C MET A 16 -8.27 -6.07 -17.17
N ASN A 17 -8.09 -6.55 -15.95
CA ASN A 17 -7.10 -5.96 -15.06
C ASN A 17 -5.71 -6.05 -15.68
N LEU A 18 -5.33 -7.24 -16.14
CA LEU A 18 -4.01 -7.43 -16.71
C LEU A 18 -3.80 -6.56 -17.96
N ALA A 19 -4.89 -6.28 -18.69
CA ALA A 19 -4.80 -5.43 -19.87
C ALA A 19 -4.37 -4.01 -19.48
N ALA A 20 -5.04 -3.44 -18.47
CA ALA A 20 -4.68 -2.11 -18.00
C ALA A 20 -3.23 -2.09 -17.51
N ILE A 21 -2.83 -3.14 -16.82
CA ILE A 21 -1.47 -3.27 -16.32
C ILE A 21 -0.46 -3.10 -17.45
N LYS A 22 -0.61 -3.87 -18.52
CA LYS A 22 0.35 -3.83 -19.62
C LYS A 22 0.54 -2.41 -20.18
N LYS A 23 -0.48 -1.56 -20.05
CA LYS A 23 -0.39 -0.20 -20.60
C LYS A 23 0.73 0.62 -19.98
N ILE A 24 1.05 0.33 -18.72
CA ILE A 24 2.07 1.11 -17.99
C ILE A 24 3.33 0.28 -17.78
N ASP A 25 3.14 -1.00 -17.45
CA ASP A 25 4.25 -1.90 -17.19
C ASP A 25 4.30 -3.01 -18.24
N PRO A 26 4.89 -2.77 -19.40
CA PRO A 26 4.88 -3.77 -20.50
C PRO A 26 5.42 -5.15 -20.09
N TYR A 27 6.20 -5.19 -19.01
CA TYR A 27 6.84 -6.45 -18.60
C TYR A 27 6.06 -7.19 -17.52
N ALA A 28 4.77 -6.89 -17.34
CA ALA A 28 3.93 -7.64 -16.43
C ALA A 28 3.04 -8.61 -17.22
N LYS A 29 3.02 -9.88 -16.81
CA LYS A 29 2.28 -10.90 -17.56
C LYS A 29 1.19 -11.53 -16.70
N GLU A 30 1.45 -11.69 -15.41
CA GLU A 30 0.50 -12.34 -14.50
C GLU A 30 0.26 -11.47 -13.27
N ILE A 31 -0.97 -11.50 -12.78
CA ILE A 31 -1.29 -10.81 -11.53
C ILE A 31 -1.31 -11.82 -10.37
N VAL A 32 -0.62 -11.48 -9.29
CA VAL A 32 -0.56 -12.36 -8.13
C VAL A 32 -1.69 -12.04 -7.16
N ASP A 33 -1.86 -10.75 -6.89
CA ASP A 33 -2.93 -10.31 -6.00
C ASP A 33 -3.28 -8.85 -6.28
N SER A 34 -4.49 -8.44 -5.93
CA SER A 34 -4.92 -7.07 -6.17
C SER A 34 -5.78 -6.55 -5.03
N SER A 35 -5.45 -5.35 -4.55
CA SER A 35 -6.22 -4.68 -3.53
C SER A 35 -7.04 -3.55 -4.15
N SER A 36 -8.35 -3.61 -3.94
CA SER A 36 -9.27 -2.70 -4.62
C SER A 36 -8.88 -1.24 -4.39
N HIS A 37 -8.39 -0.93 -3.20
CA HIS A 37 -8.00 0.44 -2.88
C HIS A 37 -6.89 0.48 -1.84
N VAL A 38 -5.81 1.19 -2.19
CA VAL A 38 -4.64 1.28 -1.34
C VAL A 38 -4.02 2.67 -1.48
N ALA A 39 -3.63 3.26 -0.35
CA ALA A 39 -3.05 4.60 -0.34
C ALA A 39 -1.72 4.62 0.39
N PHE A 40 -0.82 5.52 -0.02
CA PHE A 40 0.51 5.57 0.55
C PHE A 40 0.64 6.68 1.61
N TYR A 41 1.20 6.32 2.76
CA TYR A 41 1.41 7.28 3.85
C TYR A 41 2.88 7.27 4.28
N THR A 42 3.40 8.46 4.60
CA THR A 42 4.77 8.59 5.08
C THR A 42 4.77 9.26 6.45
N PHE A 43 5.70 8.85 7.32
CA PHE A 43 5.82 9.48 8.63
C PHE A 43 7.08 10.34 8.70
N ASN A 44 6.92 11.57 9.19
CA ASN A 44 8.06 12.47 9.37
C ASN A 44 8.44 12.52 10.84
N SER A 45 9.63 12.02 11.16
CA SER A 45 10.09 11.95 12.54
C SER A 45 10.36 13.34 13.12
N SER A 46 10.78 14.28 12.28
CA SER A 46 11.11 15.62 12.75
C SER A 46 9.89 16.31 13.34
N GLN A 47 8.73 16.09 12.75
CA GLN A 47 7.50 16.72 13.22
C GLN A 47 6.71 15.82 14.17
N ASN A 48 6.94 14.50 14.12
CA ASN A 48 6.20 13.56 14.96
C ASN A 48 4.75 13.48 14.48
N GLU A 49 4.59 13.38 13.17
CA GLU A 49 3.25 13.35 12.58
C GLU A 49 3.26 12.65 11.23
N TRP A 50 2.13 12.07 10.86
CA TRP A 50 2.00 11.40 9.57
C TRP A 50 1.54 12.39 8.50
N GLU A 51 2.06 12.23 7.29
CA GLU A 51 1.63 13.06 6.16
C GLU A 51 1.16 12.16 5.02
N LYS A 52 -0.04 12.46 4.52
CA LYS A 52 -0.58 11.70 3.40
C LYS A 52 0.11 12.11 2.10
N THR A 53 0.39 11.13 1.24
CA THR A 53 1.08 11.42 -0.02
C THR A 53 0.05 11.67 -1.12
N ASP A 54 0.53 12.13 -2.27
CA ASP A 54 -0.35 12.36 -3.41
C ASP A 54 -0.59 11.08 -4.23
N VAL A 55 -0.21 9.92 -3.70
CA VAL A 55 -0.40 8.66 -4.40
C VAL A 55 -1.58 7.89 -3.80
N GLU A 56 -2.68 7.88 -4.54
CA GLU A 56 -3.87 7.12 -4.14
C GLU A 56 -4.36 6.32 -5.34
N GLY A 57 -4.31 5.00 -5.24
CA GLY A 57 -4.54 4.16 -6.41
C GLY A 57 -4.86 2.72 -6.05
N ALA A 58 -5.14 1.93 -7.08
CA ALA A 58 -5.36 0.50 -6.89
C ALA A 58 -4.01 -0.20 -6.82
N PHE A 59 -3.84 -1.08 -5.85
CA PHE A 59 -2.54 -1.73 -5.65
C PHE A 59 -2.56 -3.12 -6.29
N PHE A 60 -1.55 -3.40 -7.13
CA PHE A 60 -1.43 -4.70 -7.75
C PHE A 60 0.00 -5.22 -7.63
N ILE A 61 0.15 -6.52 -7.42
CA ILE A 61 1.46 -7.15 -7.46
C ILE A 61 1.64 -7.86 -8.80
N TYR A 62 2.74 -7.57 -9.49
CA TYR A 62 2.97 -8.13 -10.82
C TYR A 62 4.07 -9.18 -10.80
N HIS A 63 3.82 -10.31 -11.47
CA HIS A 63 4.83 -11.34 -11.65
C HIS A 63 5.19 -11.48 -13.12
N ARG A 64 6.47 -11.73 -13.39
CA ARG A 64 6.91 -11.95 -14.76
C ARG A 64 7.97 -13.04 -14.80
N ASN A 65 8.03 -13.79 -15.90
CA ASN A 65 9.01 -14.87 -16.05
C ASN A 65 10.33 -14.36 -16.62
N ALA A 66 10.66 -13.09 -16.36
CA ALA A 66 11.93 -12.52 -16.81
C ALA A 66 12.26 -11.31 -15.93
N GLU A 67 13.53 -10.93 -15.90
CA GLU A 67 13.96 -9.85 -15.03
C GLU A 67 13.29 -8.53 -15.43
N PRO A 68 12.75 -7.72 -14.54
CA PRO A 68 12.66 -8.00 -13.07
C PRO A 68 11.72 -9.16 -12.77
N PHE A 69 12.10 -9.99 -11.81
CA PHE A 69 11.31 -11.18 -11.48
C PHE A 69 9.98 -10.79 -10.84
N HIS A 70 10.03 -9.90 -9.86
CA HIS A 70 8.83 -9.51 -9.14
C HIS A 70 8.87 -8.02 -8.80
N SER A 71 7.73 -7.34 -9.02
CA SER A 71 7.66 -5.91 -8.80
C SER A 71 6.26 -5.50 -8.38
N ILE A 72 6.17 -4.41 -7.63
CA ILE A 72 4.88 -3.92 -7.15
C ILE A 72 4.54 -2.61 -7.86
N PHE A 73 3.27 -2.47 -8.23
CA PHE A 73 2.81 -1.30 -8.96
C PHE A 73 1.57 -0.72 -8.33
N ILE A 74 1.48 0.60 -8.32
CA ILE A 74 0.25 1.29 -7.90
C ILE A 74 -0.24 2.21 -9.03
N ASN A 75 -1.52 2.03 -9.38
CA ASN A 75 -2.14 2.81 -10.43
C ASN A 75 -2.85 4.02 -9.80
N ASN A 76 -2.19 5.18 -9.86
CA ASN A 76 -2.70 6.39 -9.23
C ASN A 76 -3.87 6.96 -10.01
N ARG A 77 -5.07 6.79 -9.47
CA ARG A 77 -6.29 7.11 -10.20
C ARG A 77 -6.50 8.61 -10.34
N LEU A 78 -6.24 9.34 -9.25
CA LEU A 78 -6.51 10.77 -9.23
C LEU A 78 -5.49 11.54 -10.06
N ASN A 79 -4.22 11.21 -9.89
CA ASN A 79 -3.15 11.95 -10.57
C ASN A 79 -2.70 11.33 -11.90
N THR A 80 -3.26 10.18 -12.28
CA THR A 80 -2.93 9.55 -13.56
C THR A 80 -1.43 9.44 -13.76
N THR A 81 -0.74 9.03 -12.70
CA THR A 81 0.72 8.88 -12.72
C THR A 81 1.13 7.51 -12.23
N SER A 82 2.00 6.85 -12.99
CA SER A 82 2.46 5.51 -12.65
C SER A 82 3.46 5.55 -11.49
N PHE A 83 3.21 4.72 -10.48
CA PHE A 83 4.18 4.57 -9.38
C PHE A 83 4.68 3.13 -9.36
N VAL A 84 6.00 2.95 -9.48
CA VAL A 84 6.58 1.61 -9.52
C VAL A 84 7.66 1.45 -8.45
N GLU A 85 7.78 0.23 -7.91
CA GLU A 85 8.85 -0.07 -6.96
C GLU A 85 9.26 -1.55 -7.08
N PRO A 86 10.52 -1.88 -7.27
CA PRO A 86 10.94 -3.33 -7.34
C PRO A 86 10.98 -3.98 -5.96
N ILE A 87 10.75 -5.28 -5.90
CA ILE A 87 10.76 -5.99 -4.61
C ILE A 87 12.18 -6.43 -4.26
N THR A 88 12.58 -6.15 -3.02
CA THR A 88 13.87 -6.59 -2.52
C THR A 88 13.71 -7.23 -1.15
N GLY A 89 14.68 -8.06 -0.75
CA GLY A 89 14.59 -8.76 0.52
C GLY A 89 15.59 -8.22 1.54
N SER A 90 15.75 -6.91 1.54
CA SER A 90 16.55 -6.24 2.57
C SER A 90 15.64 -5.54 3.59
N LEU A 91 14.47 -5.09 3.14
CA LEU A 91 13.55 -4.36 4.01
C LEU A 91 12.91 -5.27 5.05
N GLU A 92 12.60 -4.71 6.21
CA GLU A 92 11.90 -5.47 7.25
C GLU A 92 10.45 -4.99 7.35
N LEU A 93 9.52 -5.92 7.57
CA LEU A 93 8.10 -5.58 7.64
C LEU A 93 7.59 -5.78 9.07
N GLN A 94 6.46 -5.14 9.37
CA GLN A 94 5.83 -5.29 10.68
C GLN A 94 4.33 -5.08 10.54
N SER A 95 3.55 -5.82 11.32
CA SER A 95 2.10 -5.66 11.29
C SER A 95 1.62 -4.85 12.50
N GLN A 96 1.19 -3.62 12.22
CA GLN A 96 0.56 -2.80 13.26
C GLN A 96 -0.94 -2.72 12.98
N PRO A 97 -1.79 -3.44 13.70
CA PRO A 97 -3.23 -3.54 13.31
C PRO A 97 -3.97 -2.21 13.51
N PRO A 98 -4.87 -1.80 12.62
CA PRO A 98 -5.20 -2.48 11.33
C PRO A 98 -4.34 -2.01 10.15
N PHE A 99 -3.29 -1.24 10.44
CA PHE A 99 -2.42 -0.69 9.40
C PHE A 99 -1.31 -1.68 9.04
N LEU A 100 -0.60 -1.42 7.95
CA LEU A 100 0.61 -2.17 7.63
C LEU A 100 1.82 -1.24 7.66
N LEU A 101 2.90 -1.68 8.30
CA LEU A 101 4.04 -0.81 8.53
C LEU A 101 5.33 -1.48 8.05
N TYR A 102 6.22 -0.72 7.44
CA TYR A 102 7.50 -1.24 7.01
C TYR A 102 8.57 -0.16 7.09
N ARG A 103 9.84 -0.59 7.03
CA ARG A 103 10.95 0.35 7.13
C ARG A 103 11.53 0.62 5.75
N ASN A 104 12.04 1.84 5.55
CA ASN A 104 12.57 2.24 4.26
C ASN A 104 13.97 2.83 4.39
N GLU A 105 14.67 2.92 3.25
CA GLU A 105 16.06 3.39 3.22
C GLU A 105 16.22 4.70 3.99
N ARG A 106 17.40 4.86 4.59
CA ARG A 106 17.75 6.05 5.35
C ARG A 106 16.85 6.23 6.58
N SER A 107 16.38 5.12 7.16
CA SER A 107 15.76 5.16 8.49
C SER A 107 14.44 5.91 8.46
N ARG A 108 13.70 5.78 7.36
CA ARG A 108 12.41 6.44 7.23
C ARG A 108 11.30 5.44 7.48
N ILE A 109 10.14 5.91 7.95
CA ILE A 109 9.02 5.03 8.23
C ILE A 109 7.91 5.27 7.23
N ARG A 110 7.41 4.19 6.63
CA ARG A 110 6.34 4.29 5.65
C ARG A 110 5.33 3.18 5.87
N GLY A 111 4.07 3.45 5.55
CA GLY A 111 3.01 2.48 5.79
C GLY A 111 1.97 2.54 4.68
N PHE A 112 1.08 1.54 4.67
CA PHE A 112 0.04 1.44 3.66
C PHE A 112 -1.33 1.34 4.32
N TRP A 113 -2.30 2.05 3.76
CA TRP A 113 -3.68 1.97 4.21
C TRP A 113 -4.50 1.14 3.23
N PHE A 114 -5.12 0.08 3.73
CA PHE A 114 -5.93 -0.80 2.88
C PHE A 114 -7.40 -0.68 3.26
N TYR A 115 -8.27 -0.75 2.24
CA TYR A 115 -9.72 -0.68 2.46
C TYR A 115 -10.16 -1.70 3.53
N ASN A 116 -9.53 -2.86 3.56
CA ASN A 116 -9.85 -3.88 4.55
C ASN A 116 -8.58 -4.50 5.13
N SER A 117 -8.55 -4.65 6.45
CA SER A 117 -7.38 -5.18 7.13
C SER A 117 -7.07 -6.60 6.66
N GLU A 118 -8.11 -7.41 6.52
CA GLU A 118 -7.94 -8.78 6.06
C GLU A 118 -7.31 -8.80 4.67
N GLU A 119 -7.79 -7.92 3.80
CA GLU A 119 -7.27 -7.82 2.44
C GLU A 119 -5.77 -7.55 2.47
N CYS A 120 -5.37 -6.63 3.34
CA CYS A 120 -3.96 -6.30 3.50
C CYS A 120 -3.17 -7.52 3.96
N ASP A 121 -3.77 -8.31 4.83
CA ASP A 121 -3.08 -9.48 5.38
C ASP A 121 -2.67 -10.42 4.26
N ARG A 122 -3.60 -10.69 3.35
CA ARG A 122 -3.33 -11.61 2.25
C ARG A 122 -2.14 -11.13 1.42
N ILE A 123 -2.17 -9.84 1.07
CA ILE A 123 -1.09 -9.27 0.26
C ILE A 123 0.25 -9.45 0.96
N SER A 124 0.28 -9.16 2.26
CA SER A 124 1.53 -9.22 3.02
C SER A 124 2.10 -10.64 2.98
N GLY A 125 1.23 -11.64 3.14
CA GLY A 125 1.68 -13.03 3.13
C GLY A 125 2.40 -13.35 1.83
N LEU A 126 1.83 -12.92 0.72
CA LEU A 126 2.42 -13.19 -0.59
C LEU A 126 3.83 -12.62 -0.67
N VAL A 127 3.96 -11.36 -0.28
CA VAL A 127 5.26 -10.69 -0.35
C VAL A 127 6.29 -11.45 0.49
N ASN A 128 5.88 -11.90 1.66
CA ASN A 128 6.79 -12.63 2.55
C ASN A 128 7.35 -13.86 1.84
N GLY A 129 6.49 -14.58 1.16
CA GLY A 129 6.89 -15.80 0.45
C GLY A 129 7.95 -15.50 -0.60
N LEU A 130 7.76 -14.39 -1.31
CA LEU A 130 8.71 -14.00 -2.35
C LEU A 130 10.06 -13.63 -1.75
N LEU A 131 10.04 -12.89 -0.65
CA LEU A 131 11.29 -12.41 -0.04
C LEU A 131 12.15 -13.58 0.42
N LYS A 132 11.53 -14.56 1.08
CA LYS A 132 12.29 -15.70 1.59
C LYS A 132 12.79 -16.58 0.45
N SER A 133 11.98 -16.74 -0.60
CA SER A 133 12.37 -17.56 -1.74
C SER A 133 13.41 -16.82 -2.58
N LYS A 134 14.10 -17.56 -3.43
CA LYS A 134 15.13 -16.98 -4.29
C LYS A 134 15.03 -17.52 -5.71
N GLY B 1 -31.21 8.51 12.54
CA GLY B 1 -30.99 8.18 13.98
C GLY B 1 -30.10 9.24 14.62
N PRO B 2 -28.82 9.31 14.26
CA PRO B 2 -27.90 10.33 14.85
C PRO B 2 -28.49 11.73 14.80
N GLN B 3 -28.32 12.47 15.88
CA GLN B 3 -28.84 13.84 15.96
C GLN B 3 -27.71 14.85 15.71
N ASP B 4 -27.88 15.69 14.70
CA ASP B 4 -26.89 16.69 14.39
C ASP B 4 -26.91 17.83 15.42
N PRO B 5 -25.81 18.51 15.64
CA PRO B 5 -25.77 19.63 16.63
C PRO B 5 -26.27 20.94 16.04
N LEU B 6 -27.12 21.64 16.79
CA LEU B 6 -27.65 22.92 16.33
C LEU B 6 -26.52 23.92 16.12
N LEU B 7 -25.56 23.93 17.04
CA LEU B 7 -24.43 24.83 16.95
C LEU B 7 -23.19 24.09 16.46
N GLN B 8 -22.37 24.76 15.66
CA GLN B 8 -21.15 24.15 15.14
C GLN B 8 -20.04 24.18 16.18
N GLN B 9 -19.42 23.03 16.42
CA GLN B 9 -18.35 22.94 17.40
C GLN B 9 -17.35 21.85 17.00
N GLN B 10 -17.80 20.61 17.04
CA GLN B 10 -16.95 19.47 16.69
C GLN B 10 -17.28 18.99 15.28
N ARG B 11 -16.28 18.40 14.62
CA ARG B 11 -16.46 17.88 13.26
C ARG B 11 -16.36 16.36 13.26
N ALA B 12 -17.21 15.72 12.45
CA ALA B 12 -17.21 14.26 12.35
C ALA B 12 -16.49 13.80 11.08
N PRO B 13 -16.04 12.57 11.01
CA PRO B 13 -15.34 12.07 9.79
C PRO B 13 -16.30 11.93 8.61
N PHE B 14 -15.78 12.16 7.41
CA PHE B 14 -16.60 12.06 6.20
C PHE B 14 -15.77 11.51 5.03
N PRO B 15 -16.39 10.98 4.01
CA PRO B 15 -15.63 10.41 2.86
C PRO B 15 -14.72 11.44 2.21
N GLY B 16 -13.45 11.09 2.03
CA GLY B 16 -12.48 11.98 1.41
C GLY B 16 -11.57 12.69 2.42
N GLN B 17 -11.81 12.51 3.72
CA GLN B 17 -10.95 13.12 4.73
C GLN B 17 -9.84 12.16 5.14
N MET B 18 -8.67 12.70 5.41
CA MET B 18 -7.52 11.88 5.79
C MET B 18 -7.77 11.22 7.15
N PRO B 19 -7.81 9.90 7.27
CA PRO B 19 -8.01 9.25 8.61
C PRO B 19 -6.83 9.53 9.55
N ASN B 20 -7.07 9.36 10.84
CA ASN B 20 -6.03 9.62 11.83
C ASN B 20 -5.31 8.33 12.20
N LEU B 21 -4.04 8.23 11.80
CA LEU B 21 -3.23 7.06 12.13
C LEU B 21 -2.84 7.09 13.60
N PRO B 22 -2.90 6.00 14.34
CA PRO B 22 -2.41 5.98 15.74
C PRO B 22 -0.89 5.87 15.79
N LYS B 23 -0.27 6.62 16.70
CA LYS B 23 1.18 6.56 16.86
C LYS B 23 1.56 5.61 18.00
N PRO B 24 2.41 4.61 17.81
CA PRO B 24 2.86 3.74 18.93
C PRO B 24 3.74 4.52 19.93
N PRO B 25 3.89 4.04 21.15
CA PRO B 25 4.76 4.74 22.14
C PRO B 25 6.14 5.07 21.56
N LEU B 26 6.80 6.07 22.15
CA LEU B 26 8.10 6.52 21.65
C LEU B 26 9.08 5.36 21.44
N PHE B 27 8.94 4.29 22.23
CA PHE B 27 9.86 3.17 22.14
C PHE B 27 9.94 2.62 20.71
N TRP B 28 8.80 2.60 20.03
CA TRP B 28 8.73 2.06 18.67
C TRP B 28 9.63 2.85 17.74
N GLN B 29 9.54 4.17 17.80
CA GLN B 29 10.31 5.03 16.90
C GLN B 29 11.81 4.82 17.11
N GLN B 30 12.23 4.84 18.37
CA GLN B 30 13.65 4.71 18.69
C GLN B 30 14.21 3.39 18.19
N GLU B 31 13.48 2.31 18.44
CA GLU B 31 13.95 0.98 18.08
C GLU B 31 14.23 0.89 16.58
N ALA B 32 13.30 1.39 15.78
CA ALA B 32 13.43 1.29 14.34
C ALA B 32 14.66 2.05 13.86
N GLN B 33 14.80 3.29 14.28
CA GLN B 33 15.88 4.15 13.81
C GLN B 33 17.24 3.55 14.11
N LYS B 34 17.38 2.97 15.30
CA LYS B 34 18.65 2.40 15.74
C LYS B 34 19.02 1.16 14.93
N GLN B 35 18.10 0.21 14.86
CA GLN B 35 18.37 -1.07 14.19
C GLN B 35 18.82 -0.84 12.75
N GLU B 36 18.08 -0.03 12.01
CA GLU B 36 18.42 0.23 10.61
C GLU B 36 19.68 1.08 10.48
N ALA B 37 19.84 2.03 11.40
CA ALA B 37 21.02 2.91 11.37
C ALA B 37 22.29 2.10 11.58
N LEU B 38 23.37 2.54 10.93
CA LEU B 38 24.65 1.86 11.05
C LEU B 38 25.47 2.47 12.19
N GLY A 1 -21.38 -7.96 2.57
CA GLY A 1 -20.06 -8.20 3.25
C GLY A 1 -19.79 -9.70 3.37
N PRO A 2 -19.91 -10.47 2.30
CA PRO A 2 -19.74 -11.95 2.39
C PRO A 2 -18.31 -12.35 2.74
N HIS A 3 -18.17 -13.22 3.74
CA HIS A 3 -16.86 -13.67 4.16
C HIS A 3 -16.10 -14.32 3.02
N MET A 4 -16.81 -15.10 2.22
CA MET A 4 -16.19 -15.80 1.08
C MET A 4 -16.27 -14.94 -0.17
N ALA A 5 -15.43 -15.26 -1.15
CA ALA A 5 -15.41 -14.51 -2.41
C ALA A 5 -16.79 -14.53 -3.07
N ASP A 6 -17.07 -13.50 -3.86
CA ASP A 6 -18.36 -13.40 -4.54
C ASP A 6 -18.59 -14.64 -5.42
N LEU A 7 -19.84 -15.10 -5.45
CA LEU A 7 -20.18 -16.27 -6.25
C LEU A 7 -19.82 -16.05 -7.71
N MET A 8 -20.05 -14.83 -8.21
CA MET A 8 -19.76 -14.52 -9.60
C MET A 8 -18.29 -14.12 -9.77
N ALA A 9 -17.57 -14.88 -10.59
CA ALA A 9 -16.17 -14.60 -10.84
C ALA A 9 -15.83 -14.90 -12.29
N ASP A 10 -16.10 -13.94 -13.18
CA ASP A 10 -15.84 -14.14 -14.60
C ASP A 10 -14.36 -13.94 -14.92
N GLU A 11 -13.84 -14.79 -15.79
CA GLU A 11 -12.43 -14.70 -16.22
C GLU A 11 -12.18 -13.42 -17.01
N SER A 12 -13.18 -12.94 -17.75
CA SER A 12 -13.03 -11.74 -18.57
C SER A 12 -12.53 -10.57 -17.73
N ILE A 13 -13.03 -10.46 -16.51
CA ILE A 13 -12.64 -9.36 -15.62
C ILE A 13 -11.14 -9.39 -15.39
N THR A 14 -10.61 -10.58 -15.08
CA THR A 14 -9.19 -10.71 -14.80
C THR A 14 -8.36 -10.25 -15.99
N ARG A 15 -8.77 -10.66 -17.19
CA ARG A 15 -8.05 -10.31 -18.39
C ARG A 15 -7.97 -8.80 -18.55
N MET A 16 -9.10 -8.13 -18.35
CA MET A 16 -9.15 -6.68 -18.51
C MET A 16 -8.14 -6.00 -17.60
N ASN A 17 -8.07 -6.47 -16.35
CA ASN A 17 -7.15 -5.89 -15.39
C ASN A 17 -5.71 -5.97 -15.89
N LEU A 18 -5.32 -7.17 -16.32
CA LEU A 18 -3.96 -7.37 -16.83
C LEU A 18 -3.68 -6.49 -18.06
N ALA A 19 -4.71 -6.19 -18.85
CA ALA A 19 -4.55 -5.33 -20.00
C ALA A 19 -4.12 -3.93 -19.57
N ALA A 20 -4.84 -3.36 -18.61
CA ALA A 20 -4.48 -2.04 -18.10
C ALA A 20 -3.06 -2.03 -17.56
N ILE A 21 -2.71 -3.09 -16.85
CA ILE A 21 -1.36 -3.24 -16.29
C ILE A 21 -0.30 -3.07 -17.38
N LYS A 22 -0.41 -3.83 -18.47
CA LYS A 22 0.60 -3.76 -19.53
C LYS A 22 0.81 -2.33 -20.04
N LYS A 23 -0.21 -1.48 -19.93
CA LYS A 23 -0.13 -0.11 -20.45
C LYS A 23 0.99 0.68 -19.78
N ILE A 24 1.26 0.39 -18.52
CA ILE A 24 2.26 1.16 -17.75
C ILE A 24 3.51 0.32 -17.53
N ASP A 25 3.32 -0.97 -17.24
CA ASP A 25 4.43 -1.87 -16.98
C ASP A 25 4.49 -2.97 -18.06
N PRO A 26 5.10 -2.70 -19.20
CA PRO A 26 5.12 -3.68 -20.33
C PRO A 26 5.64 -5.06 -19.92
N TYR A 27 6.38 -5.13 -18.82
CA TYR A 27 7.01 -6.39 -18.42
C TYR A 27 6.22 -7.12 -17.33
N ALA A 28 4.93 -6.83 -17.19
CA ALA A 28 4.07 -7.58 -16.27
C ALA A 28 3.09 -8.43 -17.07
N LYS A 29 3.03 -9.73 -16.78
CA LYS A 29 2.18 -10.64 -17.56
C LYS A 29 1.17 -11.38 -16.69
N GLU A 30 1.47 -11.55 -15.40
CA GLU A 30 0.58 -12.26 -14.50
C GLU A 30 0.29 -11.41 -13.25
N ILE A 31 -0.96 -11.44 -12.80
CA ILE A 31 -1.31 -10.78 -11.54
C ILE A 31 -1.34 -11.78 -10.40
N VAL A 32 -0.69 -11.44 -9.29
CA VAL A 32 -0.66 -12.33 -8.13
C VAL A 32 -1.79 -11.99 -7.18
N ASP A 33 -1.97 -10.70 -6.89
CA ASP A 33 -3.04 -10.26 -6.01
C ASP A 33 -3.41 -8.80 -6.32
N SER A 34 -4.62 -8.41 -5.98
CA SER A 34 -5.07 -7.05 -6.23
C SER A 34 -5.96 -6.54 -5.10
N SER A 35 -5.65 -5.34 -4.63
CA SER A 35 -6.44 -4.70 -3.58
C SER A 35 -7.25 -3.55 -4.19
N SER A 36 -8.56 -3.59 -3.97
CA SER A 36 -9.48 -2.66 -4.62
C SER A 36 -9.06 -1.22 -4.38
N HIS A 37 -8.58 -0.93 -3.17
CA HIS A 37 -8.17 0.44 -2.85
C HIS A 37 -7.06 0.45 -1.79
N VAL A 38 -5.98 1.15 -2.14
CA VAL A 38 -4.82 1.24 -1.27
C VAL A 38 -4.18 2.63 -1.40
N ALA A 39 -3.73 3.18 -0.28
CA ALA A 39 -3.14 4.52 -0.28
C ALA A 39 -1.79 4.52 0.43
N PHE A 40 -0.91 5.42 0.00
CA PHE A 40 0.45 5.48 0.54
C PHE A 40 0.58 6.54 1.62
N TYR A 41 1.22 6.17 2.73
CA TYR A 41 1.44 7.10 3.85
C TYR A 41 2.92 7.13 4.22
N THR A 42 3.41 8.32 4.56
CA THR A 42 4.80 8.49 4.99
C THR A 42 4.82 9.06 6.41
N PHE A 43 5.82 8.69 7.20
CA PHE A 43 5.97 9.26 8.54
C PHE A 43 7.17 10.20 8.60
N ASN A 44 6.94 11.39 9.16
CA ASN A 44 8.01 12.36 9.32
C ASN A 44 8.46 12.41 10.78
N SER A 45 9.71 12.03 11.01
CA SER A 45 10.25 11.95 12.37
C SER A 45 10.41 13.34 13.00
N SER A 46 10.70 14.34 12.18
CA SER A 46 10.92 15.69 12.70
C SER A 46 9.68 16.20 13.42
N GLN A 47 8.50 15.92 12.87
CA GLN A 47 7.25 16.38 13.45
C GLN A 47 6.62 15.34 14.38
N ASN A 48 6.97 14.07 14.22
CA ASN A 48 6.39 13.00 15.03
C ASN A 48 4.92 12.79 14.63
N GLU A 49 4.68 12.78 13.33
CA GLU A 49 3.32 12.65 12.82
C GLU A 49 3.30 11.99 11.44
N TRP A 50 2.15 11.50 11.05
CA TRP A 50 1.99 10.89 9.72
C TRP A 50 1.47 11.92 8.73
N GLU A 51 1.98 11.84 7.50
CA GLU A 51 1.49 12.70 6.43
C GLU A 51 1.03 11.85 5.24
N LYS A 52 -0.20 12.08 4.80
CA LYS A 52 -0.72 11.34 3.65
C LYS A 52 -0.09 11.86 2.37
N THR A 53 0.23 10.94 1.46
CA THR A 53 0.88 11.32 0.21
C THR A 53 -0.16 11.57 -0.87
N ASP A 54 0.28 12.08 -2.00
CA ASP A 54 -0.62 12.33 -3.13
C ASP A 54 -0.86 11.07 -3.98
N VAL A 55 -0.44 9.90 -3.49
CA VAL A 55 -0.62 8.66 -4.24
C VAL A 55 -1.80 7.87 -3.67
N GLU A 56 -2.91 7.87 -4.41
CA GLU A 56 -4.09 7.11 -4.04
C GLU A 56 -4.56 6.30 -5.24
N GLY A 57 -4.49 4.99 -5.14
CA GLY A 57 -4.70 4.14 -6.32
C GLY A 57 -5.01 2.70 -5.96
N ALA A 58 -5.28 1.91 -6.99
CA ALA A 58 -5.49 0.49 -6.81
C ALA A 58 -4.13 -0.20 -6.73
N PHE A 59 -3.97 -1.11 -5.77
CA PHE A 59 -2.67 -1.77 -5.56
C PHE A 59 -2.67 -3.13 -6.23
N PHE A 60 -1.67 -3.38 -7.06
CA PHE A 60 -1.53 -4.68 -7.72
C PHE A 60 -0.10 -5.20 -7.58
N ILE A 61 0.04 -6.50 -7.39
CA ILE A 61 1.36 -7.13 -7.41
C ILE A 61 1.56 -7.82 -8.75
N TYR A 62 2.68 -7.52 -9.42
CA TYR A 62 2.93 -8.05 -10.76
C TYR A 62 4.03 -9.10 -10.73
N HIS A 63 3.81 -10.19 -11.45
CA HIS A 63 4.80 -11.25 -11.60
C HIS A 63 5.26 -11.33 -13.06
N ARG A 64 6.56 -11.58 -13.24
CA ARG A 64 7.12 -11.76 -14.58
C ARG A 64 8.20 -12.84 -14.54
N ASN A 65 8.32 -13.59 -15.63
CA ASN A 65 9.32 -14.66 -15.70
C ASN A 65 10.69 -14.14 -16.18
N ALA A 66 10.98 -12.87 -15.93
CA ALA A 66 12.24 -12.28 -16.35
C ALA A 66 12.55 -11.05 -15.50
N GLU A 67 13.74 -10.48 -15.66
CA GLU A 67 14.13 -9.34 -14.87
C GLU A 67 13.22 -8.14 -15.19
N PRO A 68 12.56 -7.50 -14.24
CA PRO A 68 12.56 -7.85 -12.77
C PRO A 68 11.64 -9.02 -12.49
N PHE A 69 12.07 -9.91 -11.59
CA PHE A 69 11.29 -11.10 -11.28
C PHE A 69 9.95 -10.72 -10.63
N HIS A 70 10.00 -9.81 -9.67
CA HIS A 70 8.79 -9.41 -8.96
C HIS A 70 8.81 -7.91 -8.66
N SER A 71 7.67 -7.27 -8.88
CA SER A 71 7.58 -5.82 -8.68
C SER A 71 6.18 -5.43 -8.27
N ILE A 72 6.07 -4.34 -7.52
CA ILE A 72 4.78 -3.86 -7.05
C ILE A 72 4.43 -2.56 -7.75
N PHE A 73 3.16 -2.41 -8.11
CA PHE A 73 2.71 -1.25 -8.86
C PHE A 73 1.44 -0.67 -8.23
N ILE A 74 1.34 0.65 -8.23
CA ILE A 74 0.11 1.32 -7.81
C ILE A 74 -0.38 2.25 -8.91
N ASN A 75 -1.65 2.07 -9.27
CA ASN A 75 -2.29 2.86 -10.32
C ASN A 75 -3.02 4.04 -9.69
N ASN A 76 -2.38 5.22 -9.72
CA ASN A 76 -2.91 6.41 -9.08
C ASN A 76 -4.08 6.99 -9.87
N ARG A 77 -5.28 6.80 -9.35
CA ARG A 77 -6.49 7.13 -10.11
C ARG A 77 -6.68 8.64 -10.23
N LEU A 78 -6.44 9.35 -9.14
CA LEU A 78 -6.72 10.78 -9.10
C LEU A 78 -5.71 11.58 -9.92
N ASN A 79 -4.42 11.26 -9.75
CA ASN A 79 -3.38 12.03 -10.42
C ASN A 79 -2.91 11.43 -11.75
N THR A 80 -3.44 10.26 -12.13
CA THR A 80 -3.10 9.66 -13.42
C THR A 80 -1.58 9.55 -13.59
N THR A 81 -0.92 9.13 -12.51
CA THR A 81 0.53 9.00 -12.51
C THR A 81 0.95 7.62 -12.03
N SER A 82 1.87 6.99 -12.77
CA SER A 82 2.34 5.65 -12.42
C SER A 82 3.32 5.70 -11.25
N PHE A 83 3.08 4.85 -10.25
CA PHE A 83 4.03 4.70 -9.15
C PHE A 83 4.55 3.26 -9.14
N VAL A 84 5.87 3.09 -9.24
CA VAL A 84 6.46 1.75 -9.30
C VAL A 84 7.53 1.57 -8.22
N GLU A 85 7.64 0.35 -7.71
CA GLU A 85 8.71 0.03 -6.76
C GLU A 85 9.14 -1.44 -6.93
N PRO A 86 10.41 -1.75 -7.12
CA PRO A 86 10.86 -3.18 -7.23
C PRO A 86 10.90 -3.87 -5.87
N ILE A 87 10.70 -5.19 -5.86
CA ILE A 87 10.78 -5.94 -4.61
C ILE A 87 12.19 -6.50 -4.42
N THR A 88 12.70 -6.36 -3.20
CA THR A 88 14.01 -6.89 -2.86
C THR A 88 13.93 -7.66 -1.54
N GLY A 89 14.87 -8.57 -1.32
CA GLY A 89 14.87 -9.36 -0.09
C GLY A 89 15.73 -8.76 1.01
N SER A 90 15.75 -7.42 1.05
CA SER A 90 16.44 -6.70 2.14
C SER A 90 15.44 -5.98 3.06
N LEU A 91 14.23 -5.72 2.57
CA LEU A 91 13.24 -4.96 3.33
C LEU A 91 12.75 -5.76 4.54
N GLU A 92 12.39 -5.04 5.60
CA GLU A 92 11.83 -5.67 6.79
C GLU A 92 10.39 -5.19 6.99
N LEU A 93 9.50 -6.12 7.31
CA LEU A 93 8.08 -5.79 7.46
C LEU A 93 7.62 -5.99 8.90
N GLN A 94 6.57 -5.28 9.28
CA GLN A 94 6.00 -5.40 10.63
C GLN A 94 4.50 -5.15 10.56
N SER A 95 3.74 -5.89 11.36
CA SER A 95 2.29 -5.72 11.37
C SER A 95 1.83 -4.94 12.60
N GLN A 96 1.41 -3.70 12.38
CA GLN A 96 0.77 -2.91 13.43
C GLN A 96 -0.73 -2.84 13.15
N PRO A 97 -1.58 -3.57 13.83
CA PRO A 97 -3.02 -3.64 13.44
C PRO A 97 -3.74 -2.30 13.70
N PRO A 98 -4.66 -1.85 12.86
CA PRO A 98 -5.05 -2.49 11.56
C PRO A 98 -4.22 -2.01 10.36
N PHE A 99 -3.14 -1.29 10.63
CA PHE A 99 -2.29 -0.74 9.57
C PHE A 99 -1.18 -1.73 9.19
N LEU A 100 -0.49 -1.47 8.09
CA LEU A 100 0.71 -2.24 7.74
C LEU A 100 1.92 -1.31 7.70
N LEU A 101 3.04 -1.75 8.29
CA LEU A 101 4.21 -0.90 8.42
C LEU A 101 5.44 -1.62 7.87
N TYR A 102 6.29 -0.88 7.15
CA TYR A 102 7.53 -1.43 6.66
C TYR A 102 8.64 -0.39 6.71
N ARG A 103 9.87 -0.84 6.93
CA ARG A 103 10.99 0.08 7.10
C ARG A 103 11.85 0.13 5.84
N ASN A 104 12.48 1.28 5.61
CA ASN A 104 13.34 1.48 4.44
C ASN A 104 14.70 2.04 4.83
N GLU A 105 15.66 1.92 3.92
CA GLU A 105 17.02 2.35 4.17
C GLU A 105 17.06 3.78 4.74
N ARG A 106 18.07 4.03 5.56
CA ARG A 106 18.28 5.34 6.20
C ARG A 106 17.14 5.67 7.17
N SER A 107 16.55 4.66 7.79
CA SER A 107 15.68 4.89 8.95
C SER A 107 14.40 5.64 8.57
N ARG A 108 13.90 5.37 7.37
CA ARG A 108 12.67 6.02 6.91
C ARG A 108 11.50 5.06 7.13
N ILE A 109 10.34 5.60 7.50
CA ILE A 109 9.19 4.75 7.83
C ILE A 109 8.04 5.03 6.86
N ARG A 110 7.57 3.96 6.23
CA ARG A 110 6.44 4.07 5.30
C ARG A 110 5.40 3.02 5.64
N GLY A 111 4.13 3.35 5.40
CA GLY A 111 3.04 2.45 5.73
C GLY A 111 1.97 2.46 4.64
N PHE A 112 1.09 1.47 4.69
CA PHE A 112 0.02 1.34 3.72
C PHE A 112 -1.34 1.27 4.43
N TRP A 113 -2.32 1.95 3.84
CA TRP A 113 -3.70 1.89 4.30
C TRP A 113 -4.53 1.07 3.33
N PHE A 114 -5.20 0.04 3.82
CA PHE A 114 -6.03 -0.81 2.98
C PHE A 114 -7.50 -0.67 3.35
N TYR A 115 -8.36 -0.72 2.34
CA TYR A 115 -9.81 -0.65 2.56
C TYR A 115 -10.27 -1.64 3.62
N ASN A 116 -9.65 -2.82 3.64
CA ASN A 116 -10.00 -3.86 4.61
C ASN A 116 -8.74 -4.49 5.19
N SER A 117 -8.71 -4.65 6.51
CA SER A 117 -7.54 -5.19 7.19
C SER A 117 -7.24 -6.60 6.69
N GLU A 118 -8.28 -7.41 6.52
CA GLU A 118 -8.12 -8.77 6.03
C GLU A 118 -7.46 -8.77 4.65
N GLU A 119 -7.92 -7.85 3.80
CA GLU A 119 -7.36 -7.72 2.46
C GLU A 119 -5.86 -7.47 2.53
N CYS A 120 -5.47 -6.57 3.44
CA CYS A 120 -4.06 -6.27 3.64
C CYS A 120 -3.30 -7.52 4.06
N ASP A 121 -3.91 -8.34 4.91
CA ASP A 121 -3.24 -9.52 5.42
C ASP A 121 -2.84 -10.45 4.28
N ARG A 122 -3.76 -10.67 3.34
CA ARG A 122 -3.50 -11.58 2.23
C ARG A 122 -2.29 -11.09 1.42
N ILE A 123 -2.29 -9.81 1.09
CA ILE A 123 -1.20 -9.24 0.29
C ILE A 123 0.14 -9.45 1.01
N SER A 124 0.15 -9.16 2.31
CA SER A 124 1.38 -9.26 3.08
C SER A 124 1.93 -10.68 3.04
N GLY A 125 1.04 -11.66 3.18
CA GLY A 125 1.45 -13.05 3.18
C GLY A 125 2.19 -13.40 1.89
N LEU A 126 1.64 -12.95 0.77
CA LEU A 126 2.22 -13.23 -0.53
C LEU A 126 3.67 -12.73 -0.59
N VAL A 127 3.84 -11.47 -0.20
CA VAL A 127 5.17 -10.85 -0.24
C VAL A 127 6.14 -11.66 0.62
N ASN A 128 5.69 -12.06 1.80
CA ASN A 128 6.54 -12.81 2.72
C ASN A 128 7.06 -14.08 2.05
N GLY A 129 6.18 -14.76 1.32
CA GLY A 129 6.56 -15.99 0.65
C GLY A 129 7.66 -15.75 -0.36
N LEU A 130 7.52 -14.69 -1.15
CA LEU A 130 8.51 -14.34 -2.16
C LEU A 130 9.87 -14.11 -1.51
N LEU A 131 9.86 -13.42 -0.38
CA LEU A 131 11.10 -13.12 0.34
C LEU A 131 11.82 -14.40 0.75
N LYS A 132 11.06 -15.38 1.22
CA LYS A 132 11.64 -16.64 1.66
C LYS A 132 11.78 -17.68 0.53
N SER A 133 11.41 -17.31 -0.71
CA SER A 133 11.52 -18.22 -1.84
C SER A 133 12.52 -17.68 -2.86
N LYS A 134 13.19 -18.58 -3.57
CA LYS A 134 14.18 -18.18 -4.56
C LYS A 134 14.67 -19.39 -5.35
N GLY B 1 -5.46 32.00 29.73
CA GLY B 1 -6.54 31.78 30.73
C GLY B 1 -7.88 32.28 30.17
N PRO B 2 -8.00 33.56 29.87
CA PRO B 2 -9.28 34.12 29.32
C PRO B 2 -9.79 33.30 28.16
N GLN B 3 -11.12 33.15 28.08
CA GLN B 3 -11.74 32.38 27.01
C GLN B 3 -12.26 33.32 25.92
N ASP B 4 -11.83 33.08 24.68
CA ASP B 4 -12.25 33.91 23.57
C ASP B 4 -13.62 33.42 23.05
N PRO B 5 -14.63 34.25 22.94
CA PRO B 5 -15.96 33.79 22.41
C PRO B 5 -15.94 33.54 20.91
N LEU B 6 -15.10 34.28 20.19
CA LEU B 6 -15.00 34.12 18.75
C LEU B 6 -14.68 32.68 18.36
N LEU B 7 -13.80 32.06 19.13
CA LEU B 7 -13.42 30.68 18.88
C LEU B 7 -14.30 29.71 19.66
N GLN B 8 -14.66 28.60 19.03
CA GLN B 8 -15.50 27.60 19.69
C GLN B 8 -14.64 26.45 20.22
N GLN B 9 -14.93 26.03 21.45
CA GLN B 9 -14.18 24.94 22.06
C GLN B 9 -14.32 23.65 21.23
N GLN B 10 -15.53 23.40 20.72
CA GLN B 10 -15.78 22.22 19.92
C GLN B 10 -16.49 22.59 18.63
N ARG B 11 -15.92 22.19 17.50
CA ARG B 11 -16.51 22.49 16.19
C ARG B 11 -16.97 21.20 15.52
N ALA B 12 -18.02 21.31 14.71
CA ALA B 12 -18.57 20.15 14.02
C ALA B 12 -17.49 19.46 13.17
N PRO B 13 -17.61 18.17 12.92
CA PRO B 13 -16.59 17.45 12.11
C PRO B 13 -16.35 18.10 10.75
N PHE B 14 -15.17 17.84 10.18
CA PHE B 14 -14.84 18.40 8.87
C PHE B 14 -14.88 17.31 7.80
N PRO B 15 -15.94 17.21 7.01
CA PRO B 15 -16.01 16.15 5.95
C PRO B 15 -14.85 16.26 4.98
N GLY B 16 -14.17 15.14 4.76
CA GLY B 16 -13.02 15.12 3.85
C GLY B 16 -11.67 15.19 4.57
N GLN B 17 -11.67 15.36 5.90
CA GLN B 17 -10.43 15.41 6.66
C GLN B 17 -9.58 14.17 6.41
N MET B 18 -8.27 14.34 6.41
CA MET B 18 -7.35 13.23 6.17
C MET B 18 -7.54 12.16 7.24
N PRO B 19 -7.43 10.88 6.92
CA PRO B 19 -7.55 9.80 7.95
C PRO B 19 -6.49 9.95 9.04
N ASN B 20 -6.83 9.53 10.26
CA ASN B 20 -5.90 9.62 11.38
C ASN B 20 -5.35 8.25 11.74
N LEU B 21 -4.04 8.06 11.54
CA LEU B 21 -3.39 6.81 11.88
C LEU B 21 -3.10 6.76 13.38
N PRO B 22 -3.02 5.59 13.99
CA PRO B 22 -2.62 5.49 15.41
C PRO B 22 -1.12 5.63 15.59
N LYS B 23 -0.71 6.34 16.64
CA LYS B 23 0.72 6.53 16.89
C LYS B 23 1.20 5.51 17.94
N PRO B 24 2.23 4.73 17.69
CA PRO B 24 2.77 3.79 18.72
C PRO B 24 3.64 4.52 19.75
N PRO B 25 3.88 3.93 20.91
CA PRO B 25 4.76 4.58 21.93
C PRO B 25 6.08 5.02 21.34
N LEU B 26 6.67 6.08 21.89
CA LEU B 26 7.91 6.64 21.35
C LEU B 26 8.99 5.57 21.14
N PHE B 27 8.95 4.50 21.92
CA PHE B 27 9.98 3.46 21.84
C PHE B 27 10.10 2.92 20.42
N TRP B 28 8.96 2.78 19.75
CA TRP B 28 8.92 2.20 18.41
C TRP B 28 9.75 3.04 17.44
N GLN B 29 9.55 4.35 17.47
CA GLN B 29 10.24 5.25 16.55
C GLN B 29 11.74 5.22 16.80
N GLN B 30 12.14 5.36 18.06
CA GLN B 30 13.56 5.43 18.39
C GLN B 30 14.28 4.16 17.95
N GLU B 31 13.69 3.01 18.22
CA GLU B 31 14.33 1.74 17.91
C GLU B 31 14.60 1.64 16.42
N ALA B 32 13.59 1.95 15.61
CA ALA B 32 13.73 1.84 14.16
C ALA B 32 14.88 2.71 13.65
N GLN B 33 14.92 3.95 14.11
CA GLN B 33 15.92 4.90 13.63
C GLN B 33 17.34 4.40 13.93
N LYS B 34 17.55 3.90 15.15
CA LYS B 34 18.87 3.45 15.56
C LYS B 34 19.35 2.28 14.71
N GLN B 35 18.48 1.30 14.51
CA GLN B 35 18.85 0.11 13.73
C GLN B 35 19.29 0.49 12.32
N GLU B 36 18.50 1.31 11.65
CA GLU B 36 18.83 1.75 10.30
C GLU B 36 19.65 3.04 10.27
N ALA B 37 20.23 3.43 11.41
CA ALA B 37 21.05 4.64 11.47
C ALA B 37 21.83 4.70 12.78
N LEU B 38 23.15 4.80 12.66
CA LEU B 38 24.02 4.87 13.84
C LEU B 38 24.73 6.22 13.89
#